data_7XXD
#
_entry.id   7XXD
#
_cell.length_a   103.936
_cell.length_b   108.867
_cell.length_c   134.726
_cell.angle_alpha   90.016
_cell.angle_beta   90.000
_cell.angle_gamma   83.304
#
_symmetry.space_group_name_H-M   'P 1'
#
loop_
_entity.id
_entity.type
_entity.pdbx_description
1 polymer 'N-formimidoyl fortimicin A synthase'
2 non-polymer 'FLAVIN-ADENINE DINUCLEOTIDE'
3 non-polymer SARCOSINE
4 water water
#
_entity_poly.entity_id   1
_entity_poly.type   'polypeptide(L)'
_entity_poly.pdbx_seq_one_letter_code
;MGSSHHHHHHSSGLVPRGSHMMSKTADAPGQTDVIVVGNGVLGLSVGVEIARTRPDVRVTLLGKPARQYGATPAAGAMLG
AFGEVTAHALASEHGRKKHALAVQAQRLWPEWIESLEATGTAADGRIKTADDTVVLLNTVGHSALDDANFAAVLTALKEA
NAPHEEIAVESVDWIDPDPNSRPLRALHIEGEGSVDSGILLAALERSFLQAGGRLHPVDATEIRASHGRVEGVVTDDGDF
LPAGHVVVAAGARSQRLVAALPGLAHRIPRIYDGVGVSALVDTWDGSGPATVLRTSNRAFACGLHLVPRAGGSVYIGATN
AVCLEPRGAASIEETVFLFNCATHQLHRGLNGSELRKVQVGSRPAPIDGFPLIGGTSVEGLWMLSGTYRDGLHMSPLLAR
HVVSLMDGGTGVDGLREFRPERDLISAWSREEILDDVVRHTMATGYEFPWRLPLEWPHMMETFLQGPFAELADRLSDTYT
PPADLMTAIMFSEREQQDELIAYYADVHREWH
;
_entity_poly.pdbx_strand_id   A,B,C,D,E,F,G,H
#
loop_
_chem_comp.id
_chem_comp.type
_chem_comp.name
_chem_comp.formula
FAD non-polymer 'FLAVIN-ADENINE DINUCLEOTIDE' 'C27 H33 N9 O15 P2'
#
# COMPACT_ATOMS: atom_id res chain seq x y z
N GLN A 31 19.91 -73.75 -51.47
CA GLN A 31 19.90 -73.84 -49.96
C GLN A 31 18.47 -74.11 -49.48
N THR A 32 18.34 -74.47 -48.20
CA THR A 32 17.09 -74.97 -47.56
C THR A 32 16.59 -73.92 -46.55
N ASP A 33 15.50 -73.23 -46.89
CA ASP A 33 15.10 -71.94 -46.26
C ASP A 33 14.61 -72.18 -44.81
N VAL A 34 15.05 -71.29 -43.91
CA VAL A 34 14.53 -71.21 -42.52
C VAL A 34 13.83 -69.86 -42.34
N ILE A 35 12.61 -69.89 -41.79
CA ILE A 35 11.86 -68.68 -41.34
C ILE A 35 11.85 -68.67 -39.81
N VAL A 36 12.38 -67.62 -39.19
CA VAL A 36 12.19 -67.32 -37.74
C VAL A 36 11.01 -66.37 -37.61
N VAL A 37 9.96 -66.77 -36.90
CA VAL A 37 8.76 -65.92 -36.63
C VAL A 37 8.96 -65.24 -35.28
N GLY A 38 9.29 -63.94 -35.29
CA GLY A 38 9.42 -63.14 -34.07
C GLY A 38 10.77 -62.48 -33.99
N ASN A 39 10.78 -61.21 -33.57
CA ASN A 39 11.98 -60.33 -33.62
C ASN A 39 12.30 -59.82 -32.23
N GLY A 40 11.97 -60.59 -31.19
CA GLY A 40 12.45 -60.36 -29.83
C GLY A 40 13.84 -60.93 -29.66
N VAL A 41 14.30 -61.00 -28.42
CA VAL A 41 15.64 -61.57 -28.08
C VAL A 41 15.75 -63.03 -28.56
N LEU A 42 14.70 -63.82 -28.44
CA LEU A 42 14.79 -65.29 -28.69
C LEU A 42 14.86 -65.53 -30.21
N GLY A 43 13.96 -64.91 -30.98
CA GLY A 43 13.95 -64.97 -32.45
C GLY A 43 15.26 -64.51 -33.03
N LEU A 44 15.72 -63.33 -32.64
CA LEU A 44 16.97 -62.73 -33.17
C LEU A 44 18.17 -63.55 -32.72
N SER A 45 18.17 -64.09 -31.49
CA SER A 45 19.32 -64.85 -30.96
C SER A 45 19.45 -66.16 -31.76
N VAL A 46 18.34 -66.82 -32.05
CA VAL A 46 18.33 -68.10 -32.82
C VAL A 46 18.66 -67.75 -34.27
N GLY A 47 18.13 -66.65 -34.80
CA GLY A 47 18.45 -66.12 -36.14
C GLY A 47 19.95 -65.96 -36.32
N VAL A 48 20.61 -65.28 -35.37
CA VAL A 48 22.06 -65.02 -35.40
C VAL A 48 22.80 -66.37 -35.40
N GLU A 49 22.42 -67.30 -34.53
CA GLU A 49 23.12 -68.60 -34.37
C GLU A 49 22.93 -69.46 -35.62
N ILE A 50 21.74 -69.45 -36.24
CA ILE A 50 21.49 -70.23 -37.49
C ILE A 50 22.33 -69.61 -38.62
N ALA A 51 22.22 -68.30 -38.82
CA ALA A 51 22.94 -67.58 -39.90
C ALA A 51 24.45 -67.81 -39.76
N ARG A 52 25.00 -67.75 -38.54
CA ARG A 52 26.46 -67.88 -38.30
C ARG A 52 26.94 -69.32 -38.51
N THR A 53 26.14 -70.35 -38.22
CA THR A 53 26.62 -71.76 -38.17
C THR A 53 26.19 -72.53 -39.42
N ARG A 54 25.27 -72.00 -40.23
CA ARG A 54 24.65 -72.77 -41.34
C ARG A 54 24.77 -71.94 -42.62
N PRO A 55 25.95 -71.95 -43.28
CA PRO A 55 26.12 -71.34 -44.60
C PRO A 55 25.21 -71.94 -45.70
N ASP A 56 24.70 -73.15 -45.47
CA ASP A 56 23.80 -73.91 -46.39
C ASP A 56 22.33 -73.43 -46.27
N VAL A 57 22.00 -72.56 -45.31
CA VAL A 57 20.60 -72.08 -45.11
C VAL A 57 20.52 -70.58 -45.42
N ARG A 58 19.49 -70.18 -46.16
CA ARG A 58 18.93 -68.81 -46.21
C ARG A 58 17.98 -68.65 -45.01
N VAL A 59 18.30 -67.77 -44.06
CA VAL A 59 17.42 -67.56 -42.86
C VAL A 59 16.79 -66.17 -42.95
N THR A 60 15.46 -66.14 -42.92
CA THR A 60 14.59 -64.93 -42.95
C THR A 60 13.90 -64.79 -41.59
N LEU A 61 13.92 -63.59 -41.01
CA LEU A 61 13.31 -63.31 -39.68
C LEU A 61 12.15 -62.31 -39.86
N LEU A 62 10.96 -62.69 -39.42
CA LEU A 62 9.70 -61.91 -39.50
C LEU A 62 9.51 -61.12 -38.20
N GLY A 63 8.75 -60.03 -38.29
CA GLY A 63 8.47 -59.15 -37.14
C GLY A 63 8.70 -57.70 -37.52
N LYS A 64 7.97 -56.79 -36.88
CA LYS A 64 7.90 -55.35 -37.25
C LYS A 64 8.72 -54.53 -36.27
N PRO A 65 9.24 -53.35 -36.68
CA PRO A 65 9.99 -52.48 -35.76
C PRO A 65 9.17 -52.05 -34.52
N ALA A 66 7.86 -51.94 -34.63
CA ALA A 66 6.93 -51.56 -33.53
C ALA A 66 7.04 -52.57 -32.36
N ARG A 67 7.32 -53.84 -32.67
CA ARG A 67 7.44 -54.93 -31.66
C ARG A 67 6.24 -54.86 -30.72
N GLN A 68 5.04 -54.94 -31.27
CA GLN A 68 3.78 -54.89 -30.50
C GLN A 68 3.81 -55.95 -29.39
N TYR A 69 3.48 -55.55 -28.16
CA TYR A 69 3.43 -56.38 -26.93
C TYR A 69 4.80 -56.95 -26.58
N GLY A 70 5.87 -56.47 -27.22
CA GLY A 70 7.22 -57.05 -27.12
C GLY A 70 7.77 -57.01 -25.70
N ALA A 71 8.18 -58.17 -25.15
CA ALA A 71 8.75 -58.27 -23.79
C ALA A 71 10.14 -57.63 -23.78
N THR A 72 10.96 -57.94 -24.77
CA THR A 72 12.41 -57.64 -24.77
C THR A 72 12.64 -56.13 -24.65
N PRO A 73 11.97 -55.27 -25.46
CA PRO A 73 12.21 -53.82 -25.39
C PRO A 73 11.84 -53.18 -24.04
N ALA A 74 10.93 -53.81 -23.27
CA ALA A 74 10.46 -53.31 -21.96
C ALA A 74 11.36 -53.81 -20.83
N ALA A 75 12.36 -54.65 -21.14
CA ALA A 75 13.25 -55.28 -20.13
C ALA A 75 14.43 -54.36 -19.82
N GLY A 76 15.00 -54.45 -18.62
CA GLY A 76 16.06 -53.57 -18.12
C GLY A 76 17.37 -53.67 -18.91
N ALA A 77 17.98 -54.85 -18.93
CA ALA A 77 17.48 -56.07 -18.33
C ALA A 77 18.55 -56.67 -17.42
N MET A 78 18.13 -57.30 -16.34
CA MET A 78 19.02 -58.02 -15.42
C MET A 78 19.39 -59.36 -16.05
N LEU A 79 20.66 -59.76 -15.94
CA LEU A 79 21.09 -61.14 -16.29
C LEU A 79 20.86 -61.99 -15.04
N GLY A 80 19.59 -62.26 -14.77
CA GLY A 80 19.08 -62.77 -13.50
C GLY A 80 19.19 -64.28 -13.44
N ALA A 81 19.97 -64.76 -12.47
CA ALA A 81 20.15 -66.18 -12.13
C ALA A 81 19.90 -66.33 -10.61
N PHE A 82 20.87 -65.95 -9.78
CA PHE A 82 20.75 -66.04 -8.30
C PHE A 82 19.72 -65.03 -7.79
N GLY A 83 19.66 -63.82 -8.36
CA GLY A 83 18.65 -62.81 -7.96
C GLY A 83 17.22 -63.30 -8.19
N GLU A 84 17.03 -64.22 -9.13
CA GLU A 84 15.69 -64.75 -9.51
C GLU A 84 15.28 -65.92 -8.60
N VAL A 85 16.14 -66.33 -7.68
CA VAL A 85 15.83 -67.49 -6.78
C VAL A 85 14.69 -67.10 -5.85
N THR A 86 13.69 -67.97 -5.76
CA THR A 86 12.65 -67.94 -4.70
C THR A 86 12.60 -69.30 -4.01
N ALA A 87 12.24 -69.31 -2.72
CA ALA A 87 12.00 -70.55 -1.96
C ALA A 87 11.02 -71.43 -2.75
N HIS A 88 9.92 -70.89 -3.26
CA HIS A 88 8.86 -71.66 -3.99
C HIS A 88 9.42 -72.34 -5.26
N ALA A 89 10.21 -71.63 -6.07
CA ALA A 89 10.81 -72.16 -7.32
C ALA A 89 11.73 -73.35 -6.98
N LEU A 90 12.64 -73.18 -6.01
CA LEU A 90 13.66 -74.20 -5.64
C LEU A 90 13.05 -75.37 -4.84
N ALA A 91 11.77 -75.31 -4.49
CA ALA A 91 11.04 -76.39 -3.79
C ALA A 91 10.50 -77.43 -4.80
N SER A 92 10.51 -77.14 -6.11
CA SER A 92 10.04 -78.09 -7.14
C SER A 92 11.22 -78.57 -7.99
N GLU A 93 11.15 -79.81 -8.49
CA GLU A 93 12.21 -80.39 -9.36
C GLU A 93 12.33 -79.52 -10.62
N HIS A 94 11.20 -79.13 -11.23
CA HIS A 94 11.16 -78.36 -12.49
C HIS A 94 11.81 -76.98 -12.24
N GLY A 95 11.53 -76.35 -11.10
CA GLY A 95 12.13 -75.07 -10.71
C GLY A 95 13.64 -75.19 -10.52
N ARG A 96 14.10 -76.27 -9.89
CA ARG A 96 15.56 -76.51 -9.70
C ARG A 96 16.23 -76.68 -11.07
N LYS A 97 15.57 -77.35 -12.02
CA LYS A 97 16.10 -77.58 -13.40
C LYS A 97 16.24 -76.22 -14.10
N LYS A 98 15.18 -75.40 -14.06
CA LYS A 98 15.17 -74.04 -14.63
C LYS A 98 16.33 -73.23 -14.04
N HIS A 99 16.54 -73.29 -12.72
CA HIS A 99 17.62 -72.52 -12.06
C HIS A 99 18.99 -72.93 -12.61
N ALA A 100 19.23 -74.25 -12.74
CA ALA A 100 20.51 -74.80 -13.25
C ALA A 100 20.82 -74.19 -14.63
N LEU A 101 19.84 -74.15 -15.51
CA LEU A 101 19.96 -73.56 -16.88
C LEU A 101 20.33 -72.06 -16.78
N ALA A 102 19.70 -71.31 -15.88
CA ALA A 102 20.00 -69.88 -15.66
C ALA A 102 21.48 -69.73 -15.27
N VAL A 103 21.99 -70.61 -14.41
CA VAL A 103 23.41 -70.52 -13.96
C VAL A 103 24.34 -70.84 -15.15
N GLN A 104 23.97 -71.81 -15.99
CA GLN A 104 24.75 -72.19 -17.19
C GLN A 104 24.77 -71.03 -18.19
N ALA A 105 23.62 -70.39 -18.44
CA ALA A 105 23.47 -69.27 -19.39
C ALA A 105 24.40 -68.10 -18.98
N GLN A 106 24.55 -67.83 -17.69
CA GLN A 106 25.36 -66.70 -17.20
C GLN A 106 26.80 -66.81 -17.75
N ARG A 107 27.31 -68.02 -17.90
CA ARG A 107 28.72 -68.26 -18.31
C ARG A 107 28.89 -67.92 -19.80
N LEU A 108 27.82 -67.96 -20.60
CA LEU A 108 27.89 -67.70 -22.06
C LEU A 108 27.93 -66.19 -22.36
N TRP A 109 27.52 -65.34 -21.44
CA TRP A 109 27.20 -63.92 -21.77
C TRP A 109 28.45 -63.14 -22.19
N PRO A 110 29.60 -63.22 -21.49
CA PRO A 110 30.77 -62.42 -21.85
C PRO A 110 31.22 -62.59 -23.31
N GLU A 111 31.33 -63.84 -23.80
CA GLU A 111 31.78 -64.16 -25.19
C GLU A 111 30.65 -63.80 -26.16
N TRP A 112 29.39 -64.01 -25.77
CA TRP A 112 28.22 -63.68 -26.61
C TRP A 112 28.21 -62.18 -26.90
N ILE A 113 28.38 -61.35 -25.86
CA ILE A 113 28.41 -59.86 -25.99
C ILE A 113 29.60 -59.48 -26.89
N GLU A 114 30.77 -60.05 -26.62
CA GLU A 114 32.01 -59.82 -27.44
C GLU A 114 31.70 -60.03 -28.93
N SER A 115 31.06 -61.15 -29.25
CA SER A 115 30.73 -61.57 -30.64
C SER A 115 29.69 -60.63 -31.26
N LEU A 116 28.84 -59.99 -30.45
CA LEU A 116 27.79 -59.08 -30.99
C LEU A 116 28.36 -57.67 -31.17
N GLU A 117 29.17 -57.20 -30.22
CA GLU A 117 29.80 -55.86 -30.27
C GLU A 117 30.83 -55.83 -31.42
N ALA A 118 31.45 -56.98 -31.74
CA ALA A 118 32.49 -57.11 -32.79
C ALA A 118 31.93 -56.68 -34.16
N THR A 119 30.63 -56.77 -34.39
CA THR A 119 29.98 -56.45 -35.69
C THR A 119 29.64 -54.95 -35.76
N GLY A 120 29.92 -54.19 -34.71
CA GLY A 120 29.61 -52.76 -34.63
C GLY A 120 30.84 -51.91 -34.35
N THR A 121 30.62 -50.65 -33.99
CA THR A 121 31.67 -49.64 -33.67
C THR A 121 31.34 -49.01 -32.32
N ALA A 122 32.31 -48.32 -31.70
CA ALA A 122 32.19 -47.66 -30.38
C ALA A 122 30.86 -46.90 -30.27
N ALA A 123 30.43 -46.26 -31.36
CA ALA A 123 29.27 -45.34 -31.42
C ALA A 123 27.94 -46.11 -31.34
N ASP A 124 27.97 -47.44 -31.48
CA ASP A 124 26.77 -48.30 -31.32
C ASP A 124 26.43 -48.45 -29.83
N GLY A 125 27.35 -48.12 -28.93
CA GLY A 125 27.12 -48.22 -27.47
C GLY A 125 27.43 -49.60 -26.94
N ARG A 126 27.40 -49.75 -25.62
CA ARG A 126 27.86 -50.96 -24.93
C ARG A 126 26.64 -51.77 -24.47
N ILE A 127 26.66 -53.08 -24.70
CA ILE A 127 25.55 -53.99 -24.32
C ILE A 127 25.49 -54.07 -22.79
N LYS A 128 26.64 -54.29 -22.13
CA LYS A 128 26.72 -54.51 -20.66
C LYS A 128 26.63 -53.16 -19.95
N THR A 129 25.75 -53.02 -18.96
CA THR A 129 25.59 -51.76 -18.19
C THR A 129 26.02 -51.96 -16.74
N ALA A 130 26.18 -53.19 -16.28
CA ALA A 130 26.65 -53.46 -14.89
C ALA A 130 27.19 -54.88 -14.83
N ASP A 131 28.18 -55.11 -13.97
CA ASP A 131 28.77 -56.46 -13.76
C ASP A 131 28.16 -57.11 -12.52
N ASP A 132 27.74 -56.32 -11.53
CA ASP A 132 27.32 -56.84 -10.20
C ASP A 132 25.88 -56.42 -9.86
N THR A 133 25.29 -57.09 -8.89
CA THR A 133 23.92 -56.87 -8.38
C THR A 133 24.00 -56.75 -6.85
N VAL A 134 23.27 -55.80 -6.28
CA VAL A 134 22.98 -55.77 -4.82
C VAL A 134 21.49 -56.09 -4.62
N VAL A 135 21.19 -57.10 -3.81
CA VAL A 135 19.82 -57.51 -3.39
C VAL A 135 19.57 -56.84 -2.03
N LEU A 136 18.47 -56.10 -1.92
CA LEU A 136 18.12 -55.36 -0.69
C LEU A 136 16.95 -56.07 -0.01
N LEU A 137 16.98 -56.15 1.30
CA LEU A 137 15.85 -56.65 2.13
C LEU A 137 15.31 -55.49 2.95
N ASN A 138 14.07 -55.10 2.67
CA ASN A 138 13.32 -54.07 3.43
C ASN A 138 12.04 -54.72 3.96
N THR A 139 11.21 -53.97 4.70
CA THR A 139 9.97 -54.53 5.29
C THR A 139 8.72 -54.05 4.53
N VAL A 140 8.89 -53.61 3.28
CA VAL A 140 7.73 -53.17 2.45
C VAL A 140 7.28 -54.36 1.62
N GLY A 141 6.84 -55.39 2.33
CA GLY A 141 6.48 -56.67 1.74
C GLY A 141 6.10 -57.68 2.77
N HIS A 142 5.69 -58.85 2.32
CA HIS A 142 5.29 -59.99 3.16
C HIS A 142 6.55 -60.69 3.66
N SER A 143 6.67 -60.92 4.97
CA SER A 143 7.75 -61.74 5.55
C SER A 143 7.79 -63.14 4.90
N ALA A 144 6.64 -63.72 4.59
CA ALA A 144 6.54 -65.10 4.05
C ALA A 144 7.11 -65.18 2.63
N LEU A 145 7.21 -64.06 1.90
CA LEU A 145 7.91 -64.04 0.60
C LEU A 145 9.33 -63.50 0.79
N ASP A 146 9.46 -62.23 1.17
CA ASP A 146 10.77 -61.50 1.16
C ASP A 146 11.77 -62.20 2.10
N ASP A 147 11.39 -62.57 3.31
CA ASP A 147 12.36 -63.17 4.28
C ASP A 147 12.75 -64.56 3.74
N ALA A 148 11.78 -65.38 3.30
CA ALA A 148 12.05 -66.74 2.78
C ALA A 148 12.92 -66.64 1.52
N ASN A 149 12.66 -65.65 0.66
CA ASN A 149 13.36 -65.53 -0.64
C ASN A 149 14.79 -65.07 -0.40
N PHE A 150 15.02 -64.13 0.51
CA PHE A 150 16.39 -63.64 0.83
C PHE A 150 17.24 -64.82 1.32
N ALA A 151 16.70 -65.66 2.22
CA ALA A 151 17.38 -66.87 2.75
C ALA A 151 17.65 -67.84 1.59
N ALA A 152 16.71 -68.03 0.67
CA ALA A 152 16.82 -68.98 -0.47
C ALA A 152 17.92 -68.52 -1.42
N VAL A 153 18.06 -67.20 -1.63
CA VAL A 153 19.12 -66.62 -2.51
C VAL A 153 20.48 -66.92 -1.86
N LEU A 154 20.64 -66.61 -0.57
CA LEU A 154 21.89 -66.86 0.20
C LEU A 154 22.27 -68.35 0.08
N THR A 155 21.30 -69.24 0.26
CA THR A 155 21.52 -70.71 0.24
C THR A 155 21.96 -71.12 -1.17
N ALA A 156 21.28 -70.65 -2.22
CA ALA A 156 21.57 -71.03 -3.61
C ALA A 156 22.98 -70.56 -4.00
N LEU A 157 23.39 -69.36 -3.55
CA LEU A 157 24.76 -68.83 -3.80
C LEU A 157 25.81 -69.74 -3.14
N LYS A 158 25.62 -70.08 -1.87
CA LYS A 158 26.57 -70.94 -1.10
C LYS A 158 26.65 -72.33 -1.76
N GLU A 159 25.51 -72.95 -2.08
CA GLU A 159 25.45 -74.27 -2.75
C GLU A 159 26.21 -74.24 -4.09
N ALA A 160 26.18 -73.14 -4.85
CA ALA A 160 26.83 -73.02 -6.17
C ALA A 160 28.30 -72.61 -6.01
N ASN A 161 28.75 -72.30 -4.80
CA ASN A 161 30.09 -71.70 -4.54
C ASN A 161 30.28 -70.44 -5.39
N ALA A 162 29.20 -69.68 -5.62
CA ALA A 162 29.20 -68.43 -6.40
C ALA A 162 29.80 -67.32 -5.54
N PRO A 163 30.59 -66.39 -6.12
CA PRO A 163 31.13 -65.28 -5.33
C PRO A 163 30.02 -64.28 -4.95
N HIS A 164 29.97 -63.91 -3.67
CA HIS A 164 28.95 -63.03 -3.06
C HIS A 164 29.41 -62.65 -1.66
N GLU A 165 28.83 -61.60 -1.09
CA GLU A 165 28.92 -61.33 0.36
C GLU A 165 27.75 -60.47 0.82
N GLU A 166 27.26 -60.82 1.99
CA GLU A 166 26.31 -59.99 2.74
C GLU A 166 27.09 -58.77 3.22
N ILE A 167 26.61 -57.58 2.90
CA ILE A 167 27.33 -56.30 3.18
C ILE A 167 26.46 -55.44 4.09
N ALA A 168 27.10 -54.51 4.80
CA ALA A 168 26.42 -53.46 5.57
C ALA A 168 25.60 -52.60 4.61
N VAL A 169 24.36 -52.28 4.98
CA VAL A 169 23.49 -51.43 4.11
C VAL A 169 24.15 -50.08 3.91
N GLU A 170 24.80 -49.55 4.95
CA GLU A 170 25.55 -48.26 4.93
C GLU A 170 26.62 -48.27 3.83
N SER A 171 27.11 -49.43 3.40
CA SER A 171 28.16 -49.56 2.38
C SER A 171 27.56 -49.60 0.96
N VAL A 172 26.23 -49.69 0.82
CA VAL A 172 25.59 -49.68 -0.53
C VAL A 172 25.63 -48.23 -1.03
N ASP A 173 26.32 -47.99 -2.13
CA ASP A 173 26.51 -46.62 -2.64
C ASP A 173 25.22 -46.14 -3.30
N TRP A 174 25.05 -44.82 -3.40
CA TRP A 174 24.05 -44.12 -4.25
C TRP A 174 22.67 -44.10 -3.58
N ILE A 175 22.18 -45.21 -3.05
CA ILE A 175 20.76 -45.34 -2.60
C ILE A 175 20.46 -44.25 -1.56
N ASP A 176 19.21 -43.76 -1.57
CA ASP A 176 18.74 -42.76 -0.58
C ASP A 176 17.27 -43.01 -0.28
N PRO A 177 16.95 -44.15 0.35
CA PRO A 177 15.57 -44.52 0.58
C PRO A 177 14.92 -43.66 1.68
N ASP A 178 13.59 -43.60 1.65
CA ASP A 178 12.78 -43.24 2.83
C ASP A 178 13.20 -44.12 4.01
N PRO A 179 13.59 -43.55 5.17
CA PRO A 179 13.97 -44.35 6.32
C PRO A 179 12.96 -45.44 6.72
N ASN A 180 11.65 -45.18 6.57
CA ASN A 180 10.59 -46.16 6.92
C ASN A 180 10.54 -47.26 5.85
N SER A 181 11.18 -47.08 4.71
CA SER A 181 11.19 -48.07 3.60
C SER A 181 12.60 -48.62 3.35
N ARG A 182 13.55 -48.39 4.26
CA ARG A 182 14.99 -48.63 4.00
C ARG A 182 15.31 -50.10 4.14
N PRO A 183 16.37 -50.59 3.48
CA PRO A 183 16.79 -51.97 3.65
C PRO A 183 17.54 -52.08 4.99
N LEU A 184 17.48 -53.25 5.62
CA LEU A 184 18.30 -53.53 6.83
C LEU A 184 19.32 -54.62 6.55
N ARG A 185 19.18 -55.32 5.42
CA ARG A 185 20.18 -56.31 4.95
C ARG A 185 20.40 -56.11 3.45
N ALA A 186 21.61 -56.42 3.00
CA ALA A 186 22.03 -56.23 1.60
C ALA A 186 23.01 -57.34 1.22
N LEU A 187 22.95 -57.77 -0.02
CA LEU A 187 23.74 -58.92 -0.54
C LEU A 187 24.35 -58.48 -1.87
N HIS A 188 25.67 -58.50 -1.98
CA HIS A 188 26.45 -58.22 -3.21
C HIS A 188 26.69 -59.54 -3.95
N ILE A 189 26.17 -59.65 -5.18
CA ILE A 189 26.35 -60.82 -6.07
C ILE A 189 27.32 -60.42 -7.19
N GLU A 190 28.53 -60.99 -7.16
CA GLU A 190 29.60 -60.69 -8.13
C GLU A 190 29.31 -61.39 -9.46
N GLY A 191 29.42 -60.68 -10.58
CA GLY A 191 29.33 -61.29 -11.92
C GLY A 191 27.89 -61.59 -12.32
N GLU A 192 26.91 -61.00 -11.64
CA GLU A 192 25.48 -61.04 -12.03
C GLU A 192 25.09 -59.58 -12.32
N GLY A 193 24.97 -59.23 -13.59
CA GLY A 193 24.88 -57.83 -14.01
C GLY A 193 23.64 -57.55 -14.82
N SER A 194 23.79 -56.66 -15.79
CA SER A 194 22.67 -56.20 -16.63
C SER A 194 23.19 -55.80 -18.00
N VAL A 195 22.28 -55.79 -18.95
CA VAL A 195 22.51 -55.34 -20.34
C VAL A 195 21.44 -54.30 -20.66
N ASP A 196 21.74 -53.44 -21.63
CA ASP A 196 20.75 -52.53 -22.24
C ASP A 196 19.99 -53.32 -23.30
N SER A 197 18.70 -53.59 -23.09
CA SER A 197 17.89 -54.47 -23.96
C SER A 197 17.78 -53.84 -25.35
N GLY A 198 17.76 -52.50 -25.44
CA GLY A 198 17.68 -51.78 -26.72
C GLY A 198 18.97 -51.92 -27.52
N ILE A 199 20.11 -51.79 -26.86
CA ILE A 199 21.45 -51.94 -27.48
C ILE A 199 21.65 -53.43 -27.84
N LEU A 200 21.19 -54.37 -27.01
CA LEU A 200 21.24 -55.81 -27.35
C LEU A 200 20.42 -56.08 -28.61
N LEU A 201 19.19 -55.58 -28.72
CA LEU A 201 18.33 -55.82 -29.91
C LEU A 201 19.01 -55.25 -31.16
N ALA A 202 19.56 -54.03 -31.07
CA ALA A 202 20.29 -53.37 -32.18
C ALA A 202 21.49 -54.24 -32.58
N ALA A 203 22.27 -54.72 -31.62
CA ALA A 203 23.48 -55.55 -31.86
C ALA A 203 23.09 -56.88 -32.51
N LEU A 204 21.94 -57.45 -32.12
CA LEU A 204 21.48 -58.75 -32.66
C LEU A 204 21.06 -58.57 -34.12
N GLU A 205 20.32 -57.51 -34.42
CA GLU A 205 19.84 -57.22 -35.81
C GLU A 205 21.05 -57.04 -36.74
N ARG A 206 22.02 -56.21 -36.31
CA ARG A 206 23.26 -55.89 -37.05
C ARG A 206 24.07 -57.19 -37.25
N SER A 207 24.19 -58.03 -36.22
CA SER A 207 24.97 -59.28 -36.26
C SER A 207 24.26 -60.28 -37.19
N PHE A 208 22.92 -60.25 -37.20
CA PHE A 208 22.11 -61.13 -38.05
C PHE A 208 22.38 -60.78 -39.52
N LEU A 209 22.34 -59.50 -39.85
CA LEU A 209 22.55 -59.00 -41.25
C LEU A 209 23.98 -59.32 -41.69
N GLN A 210 24.97 -59.06 -40.83
CA GLN A 210 26.40 -59.33 -41.12
C GLN A 210 26.59 -60.81 -41.48
N ALA A 211 25.81 -61.71 -40.87
CA ALA A 211 25.95 -63.18 -41.03
C ALA A 211 25.14 -63.68 -42.24
N GLY A 212 24.43 -62.79 -42.94
CA GLY A 212 23.70 -63.12 -44.17
C GLY A 212 22.22 -63.34 -43.92
N GLY A 213 21.73 -63.02 -42.74
CA GLY A 213 20.28 -63.13 -42.43
C GLY A 213 19.51 -62.06 -43.17
N ARG A 214 18.24 -62.31 -43.51
CA ARG A 214 17.38 -61.25 -44.10
C ARG A 214 16.21 -60.95 -43.15
N LEU A 215 16.00 -59.66 -42.88
CA LEU A 215 14.87 -59.13 -42.09
C LEU A 215 13.73 -58.80 -43.04
N HIS A 216 12.55 -59.40 -42.82
CA HIS A 216 11.32 -59.13 -43.58
C HIS A 216 10.29 -58.58 -42.59
N PRO A 217 10.08 -57.24 -42.56
CA PRO A 217 9.29 -56.60 -41.51
C PRO A 217 7.78 -56.77 -41.71
N VAL A 218 7.31 -58.01 -41.71
CA VAL A 218 5.87 -58.37 -41.71
C VAL A 218 5.64 -59.39 -40.60
N ASP A 219 4.38 -59.64 -40.26
CA ASP A 219 3.98 -60.66 -39.27
C ASP A 219 3.47 -61.90 -40.02
N ALA A 220 3.81 -63.07 -39.51
CA ALA A 220 3.18 -64.36 -39.88
C ALA A 220 1.71 -64.30 -39.46
N THR A 221 0.77 -64.69 -40.31
CA THR A 221 -0.65 -64.89 -39.95
C THR A 221 -0.94 -66.39 -39.80
N GLU A 222 -0.23 -67.25 -40.54
CA GLU A 222 -0.55 -68.70 -40.61
C GLU A 222 0.73 -69.49 -40.90
N ILE A 223 0.92 -70.60 -40.18
CA ILE A 223 1.94 -71.62 -40.55
C ILE A 223 1.25 -72.62 -41.48
N ARG A 224 1.86 -72.91 -42.63
CA ARG A 224 1.32 -73.89 -43.60
C ARG A 224 2.06 -75.22 -43.43
N ALA A 225 1.28 -76.30 -43.29
CA ALA A 225 1.78 -77.67 -43.14
C ALA A 225 0.86 -78.65 -43.88
N SER A 226 1.43 -79.69 -44.47
CA SER A 226 0.71 -80.87 -44.98
C SER A 226 1.66 -82.07 -44.98
N HIS A 227 1.10 -83.29 -44.91
CA HIS A 227 1.88 -84.56 -44.91
C HIS A 227 2.92 -84.48 -43.79
N GLY A 228 2.52 -83.93 -42.64
CA GLY A 228 3.26 -83.90 -41.36
C GLY A 228 4.53 -83.08 -41.42
N ARG A 229 4.58 -82.04 -42.24
CA ARG A 229 5.83 -81.28 -42.53
C ARG A 229 5.44 -79.81 -42.79
N VAL A 230 6.28 -78.86 -42.39
CA VAL A 230 6.06 -77.41 -42.65
C VAL A 230 6.34 -77.15 -44.13
N GLU A 231 5.50 -76.32 -44.76
CA GLU A 231 5.66 -75.81 -46.15
C GLU A 231 6.13 -74.35 -46.11
N GLY A 232 5.68 -73.58 -45.11
CA GLY A 232 6.15 -72.20 -44.90
C GLY A 232 5.11 -71.37 -44.16
N VAL A 233 5.09 -70.06 -44.46
CA VAL A 233 4.35 -69.04 -43.66
C VAL A 233 3.60 -68.09 -44.59
N VAL A 234 2.30 -67.91 -44.35
CA VAL A 234 1.49 -66.78 -44.92
C VAL A 234 1.73 -65.55 -44.04
N THR A 235 2.11 -64.42 -44.66
CA THR A 235 2.39 -63.13 -43.99
C THR A 235 1.14 -62.25 -44.05
N ASP A 236 1.10 -61.18 -43.26
CA ASP A 236 -0.10 -60.31 -43.08
C ASP A 236 -0.21 -59.31 -44.25
N ASP A 237 0.74 -59.32 -45.20
CA ASP A 237 0.62 -58.59 -46.49
C ASP A 237 0.15 -59.55 -47.60
N GLY A 238 -0.33 -60.75 -47.23
CA GLY A 238 -0.98 -61.71 -48.15
C GLY A 238 -0.01 -62.70 -48.79
N ASP A 239 1.29 -62.44 -48.70
CA ASP A 239 2.37 -63.22 -49.36
C ASP A 239 2.45 -64.62 -48.73
N PHE A 240 3.04 -65.58 -49.44
CA PHE A 240 3.45 -66.91 -48.92
C PHE A 240 4.98 -67.05 -49.05
N LEU A 241 5.67 -67.34 -47.94
CA LEU A 241 7.12 -67.59 -47.93
C LEU A 241 7.35 -69.08 -47.71
N PRO A 242 8.00 -69.80 -48.65
CA PRO A 242 8.25 -71.23 -48.47
C PRO A 242 9.44 -71.44 -47.53
N ALA A 243 9.44 -72.56 -46.79
CA ALA A 243 10.55 -72.92 -45.89
C ALA A 243 10.48 -74.41 -45.55
N GLY A 244 11.64 -75.02 -45.31
CA GLY A 244 11.75 -76.37 -44.75
C GLY A 244 11.74 -76.34 -43.23
N HIS A 245 12.09 -75.19 -42.62
CA HIS A 245 12.11 -74.98 -41.15
C HIS A 245 11.40 -73.68 -40.79
N VAL A 246 10.53 -73.72 -39.78
CA VAL A 246 9.86 -72.54 -39.16
C VAL A 246 10.09 -72.62 -37.64
N VAL A 247 10.75 -71.60 -37.09
CA VAL A 247 11.04 -71.43 -35.64
C VAL A 247 10.09 -70.36 -35.13
N VAL A 248 9.15 -70.73 -34.28
CA VAL A 248 8.16 -69.79 -33.67
C VAL A 248 8.78 -69.24 -32.40
N ALA A 249 9.14 -67.95 -32.42
CA ALA A 249 9.65 -67.20 -31.26
C ALA A 249 8.91 -65.87 -31.20
N ALA A 250 7.58 -65.95 -31.21
CA ALA A 250 6.65 -64.81 -31.31
C ALA A 250 6.18 -64.37 -29.92
N GLY A 251 6.98 -64.60 -28.88
CA GLY A 251 6.64 -64.28 -27.48
C GLY A 251 5.26 -64.81 -27.12
N ALA A 252 4.42 -63.96 -26.54
CA ALA A 252 3.12 -64.39 -25.96
C ALA A 252 2.16 -64.84 -27.07
N ARG A 253 2.48 -64.63 -28.34
CA ARG A 253 1.62 -65.02 -29.49
C ARG A 253 1.97 -66.42 -30.01
N SER A 254 3.03 -67.05 -29.50
CA SER A 254 3.67 -68.26 -30.10
C SER A 254 2.68 -69.44 -30.17
N GLN A 255 1.99 -69.74 -29.08
CA GLN A 255 1.08 -70.92 -29.04
C GLN A 255 -0.17 -70.64 -29.87
N ARG A 256 -0.70 -69.42 -29.83
CA ARG A 256 -1.90 -69.04 -30.62
C ARG A 256 -1.61 -69.25 -32.11
N LEU A 257 -0.36 -69.07 -32.54
CA LEU A 257 0.04 -69.18 -33.96
C LEU A 257 0.09 -70.66 -34.38
N VAL A 258 0.62 -71.54 -33.54
CA VAL A 258 0.79 -73.00 -33.83
C VAL A 258 -0.50 -73.77 -33.53
N ALA A 259 -1.36 -73.28 -32.62
CA ALA A 259 -2.59 -73.95 -32.17
C ALA A 259 -3.58 -74.19 -33.33
N ALA A 260 -3.47 -73.41 -34.42
CA ALA A 260 -4.34 -73.52 -35.61
C ALA A 260 -4.07 -74.85 -36.38
N LEU A 261 -2.86 -75.41 -36.28
CA LEU A 261 -2.46 -76.67 -36.96
C LEU A 261 -3.15 -77.86 -36.30
N PRO A 262 -3.43 -78.96 -37.04
CA PRO A 262 -4.31 -80.02 -36.55
C PRO A 262 -3.86 -80.68 -35.24
N GLY A 263 -4.76 -80.71 -34.26
CA GLY A 263 -4.57 -81.36 -32.95
C GLY A 263 -3.70 -80.55 -32.00
N LEU A 264 -3.09 -79.46 -32.44
CA LEU A 264 -2.03 -78.77 -31.66
C LEU A 264 -2.63 -77.85 -30.60
N ALA A 265 -3.94 -77.55 -30.65
CA ALA A 265 -4.62 -76.67 -29.68
C ALA A 265 -4.52 -77.25 -28.27
N HIS A 266 -4.48 -78.57 -28.11
CA HIS A 266 -4.48 -79.27 -26.81
C HIS A 266 -3.17 -80.04 -26.60
N ARG A 267 -2.16 -79.81 -27.44
CA ARG A 267 -0.85 -80.49 -27.36
C ARG A 267 0.29 -79.50 -27.10
N ILE A 268 0.08 -78.22 -27.40
CA ILE A 268 1.04 -77.11 -27.07
C ILE A 268 0.41 -76.31 -25.93
N PRO A 269 1.00 -76.34 -24.71
CA PRO A 269 0.46 -75.57 -23.61
C PRO A 269 0.24 -74.11 -24.01
N ARG A 270 -0.90 -73.56 -23.62
CA ARG A 270 -1.22 -72.12 -23.83
C ARG A 270 -0.15 -71.24 -23.18
N ILE A 271 0.07 -70.08 -23.80
CA ILE A 271 0.99 -69.02 -23.31
C ILE A 271 0.13 -67.76 -23.21
N TYR A 272 0.12 -67.12 -22.03
CA TYR A 272 -0.64 -65.88 -21.81
C TYR A 272 0.35 -64.69 -21.74
N ASP A 273 -0.21 -63.48 -21.62
CA ASP A 273 0.57 -62.21 -21.53
C ASP A 273 0.83 -61.88 -20.06
N GLY A 274 2.06 -62.04 -19.60
CA GLY A 274 2.52 -61.45 -18.33
C GLY A 274 2.86 -59.98 -18.51
N VAL A 275 1.83 -59.14 -18.49
CA VAL A 275 1.97 -57.69 -18.84
C VAL A 275 2.85 -57.06 -17.77
N GLY A 276 3.92 -56.43 -18.19
CA GLY A 276 4.89 -55.79 -17.31
C GLY A 276 5.07 -54.33 -17.68
N VAL A 277 5.15 -53.48 -16.67
CA VAL A 277 5.37 -52.02 -16.83
C VAL A 277 6.74 -51.68 -16.25
N SER A 278 7.50 -50.90 -17.00
CA SER A 278 8.82 -50.36 -16.59
C SER A 278 8.89 -48.90 -17.02
N ALA A 279 9.94 -48.20 -16.64
CA ALA A 279 10.07 -46.78 -17.00
C ALA A 279 11.55 -46.42 -17.15
N LEU A 280 11.82 -45.50 -18.06
CA LEU A 280 13.13 -44.81 -18.16
C LEU A 280 12.97 -43.43 -17.51
N VAL A 281 13.90 -43.11 -16.61
CA VAL A 281 13.91 -41.86 -15.81
C VAL A 281 15.28 -41.20 -16.04
N ASP A 282 15.28 -39.92 -16.39
CA ASP A 282 16.50 -39.06 -16.37
C ASP A 282 16.71 -38.60 -14.93
N THR A 283 17.79 -39.03 -14.29
CA THR A 283 17.99 -38.74 -12.86
C THR A 283 18.28 -37.24 -12.68
N TRP A 284 17.83 -36.69 -11.57
CA TRP A 284 17.93 -35.26 -11.18
C TRP A 284 19.35 -34.72 -11.43
N ASP A 285 20.40 -35.52 -11.20
CA ASP A 285 21.82 -35.06 -11.25
C ASP A 285 22.62 -35.87 -12.29
N GLY A 286 21.94 -36.66 -13.13
CA GLY A 286 22.60 -37.50 -14.15
C GLY A 286 23.32 -38.69 -13.55
N SER A 287 23.27 -38.91 -12.23
CA SER A 287 23.97 -40.05 -11.57
C SER A 287 23.17 -41.35 -11.76
N GLY A 288 23.80 -42.46 -11.42
CA GLY A 288 23.17 -43.77 -11.33
C GLY A 288 24.00 -44.67 -10.45
N PRO A 289 23.45 -45.81 -9.98
CA PRO A 289 24.24 -46.78 -9.22
C PRO A 289 25.20 -47.52 -10.16
N ALA A 290 26.30 -48.01 -9.62
CA ALA A 290 27.34 -48.76 -10.35
C ALA A 290 26.86 -50.21 -10.54
N THR A 291 25.92 -50.68 -9.71
CA THR A 291 25.39 -52.07 -9.77
C THR A 291 23.90 -52.03 -10.06
N VAL A 292 23.36 -53.17 -10.50
CA VAL A 292 21.90 -53.45 -10.41
C VAL A 292 21.50 -53.32 -8.93
N LEU A 293 20.34 -52.74 -8.66
CA LEU A 293 19.72 -52.75 -7.31
C LEU A 293 18.39 -53.47 -7.43
N ARG A 294 18.10 -54.46 -6.58
CA ARG A 294 16.86 -55.23 -6.69
C ARG A 294 16.43 -55.74 -5.32
N THR A 295 15.14 -56.03 -5.20
CA THR A 295 14.59 -56.92 -4.14
C THR A 295 14.55 -58.32 -4.75
N SER A 296 14.25 -59.35 -3.96
CA SER A 296 13.83 -60.66 -4.49
C SER A 296 12.47 -60.50 -5.19
N ASN A 297 12.05 -61.51 -5.95
CA ASN A 297 10.75 -61.53 -6.64
C ASN A 297 9.67 -61.43 -5.58
N ARG A 298 8.59 -60.71 -5.89
CA ARG A 298 7.52 -60.37 -4.92
C ARG A 298 6.18 -60.87 -5.46
N ALA A 299 5.07 -60.33 -4.95
CA ALA A 299 3.71 -60.85 -5.21
C ALA A 299 3.50 -61.11 -6.71
N PHE A 300 3.17 -62.35 -7.06
CA PHE A 300 2.82 -62.80 -8.42
C PHE A 300 3.89 -62.38 -9.43
N ALA A 301 5.17 -62.62 -9.11
CA ALA A 301 6.34 -62.38 -9.98
C ALA A 301 6.43 -60.90 -10.42
N CYS A 302 5.83 -59.97 -9.66
CA CYS A 302 6.24 -58.54 -9.57
C CYS A 302 7.64 -58.53 -8.90
N GLY A 303 8.37 -57.42 -9.00
CA GLY A 303 9.61 -57.19 -8.25
C GLY A 303 10.11 -55.79 -8.50
N LEU A 304 10.95 -55.28 -7.62
CA LEU A 304 11.46 -53.89 -7.75
C LEU A 304 12.94 -53.99 -8.12
N HIS A 305 13.35 -53.30 -9.17
CA HIS A 305 14.79 -53.21 -9.53
C HIS A 305 15.08 -51.92 -10.28
N LEU A 306 16.34 -51.53 -10.21
CA LEU A 306 16.89 -50.41 -10.99
C LEU A 306 18.10 -50.97 -11.74
N VAL A 307 18.08 -50.83 -13.07
CA VAL A 307 19.17 -51.25 -13.97
C VAL A 307 19.86 -49.98 -14.48
N PRO A 308 21.19 -49.83 -14.30
CA PRO A 308 21.93 -48.71 -14.85
C PRO A 308 21.81 -48.61 -16.37
N ARG A 309 21.78 -47.40 -16.89
CA ARG A 309 21.87 -47.11 -18.35
C ARG A 309 22.92 -46.02 -18.58
N ALA A 310 23.42 -45.89 -19.80
CA ALA A 310 24.37 -44.83 -20.20
C ALA A 310 23.62 -43.48 -20.29
N GLY A 311 24.29 -42.36 -20.02
CA GLY A 311 23.78 -41.01 -20.35
C GLY A 311 22.77 -40.46 -19.35
N GLY A 312 22.93 -40.68 -18.06
CA GLY A 312 22.08 -40.01 -17.04
C GLY A 312 20.65 -40.56 -16.99
N SER A 313 20.40 -41.71 -17.63
CA SER A 313 19.13 -42.46 -17.55
C SER A 313 19.28 -43.63 -16.57
N VAL A 314 18.20 -44.01 -15.88
CA VAL A 314 18.10 -45.32 -15.17
C VAL A 314 16.81 -46.00 -15.65
N TYR A 315 16.83 -47.32 -15.65
CA TYR A 315 15.63 -48.15 -15.89
C TYR A 315 15.09 -48.57 -14.53
N ILE A 316 13.79 -48.42 -14.33
CA ILE A 316 13.12 -48.96 -13.10
C ILE A 316 12.02 -49.92 -13.56
N GLY A 317 11.94 -51.04 -12.87
CA GLY A 317 10.93 -52.07 -13.15
C GLY A 317 10.64 -52.88 -11.91
N ALA A 318 9.73 -53.85 -12.01
CA ALA A 318 8.87 -54.03 -13.16
C ALA A 318 7.62 -54.72 -12.63
N THR A 319 6.45 -54.29 -13.07
CA THR A 319 5.17 -54.88 -12.61
C THR A 319 4.97 -56.19 -13.38
N ASN A 320 4.07 -57.03 -12.91
CA ASN A 320 3.66 -58.23 -13.67
C ASN A 320 2.21 -58.49 -13.36
N ALA A 321 1.41 -58.72 -14.37
CA ALA A 321 0.01 -59.15 -14.21
C ALA A 321 -0.30 -60.06 -15.37
N VAL A 322 -0.65 -61.31 -15.07
CA VAL A 322 -1.06 -62.26 -16.13
C VAL A 322 -2.42 -61.82 -16.63
N CYS A 323 -2.55 -61.59 -17.92
CA CYS A 323 -3.81 -61.21 -18.59
C CYS A 323 -4.19 -62.32 -19.60
N LEU A 324 -5.47 -62.64 -19.68
CA LEU A 324 -5.98 -63.68 -20.60
C LEU A 324 -6.05 -63.10 -22.01
N GLU A 325 -6.02 -61.77 -22.15
CA GLU A 325 -5.93 -61.10 -23.48
C GLU A 325 -4.82 -60.07 -23.42
N PRO A 326 -4.14 -59.79 -24.55
CA PRO A 326 -3.02 -58.86 -24.54
C PRO A 326 -3.46 -57.42 -24.22
N ARG A 327 -2.53 -56.65 -23.68
CA ARG A 327 -2.72 -55.23 -23.33
C ARG A 327 -1.40 -54.53 -23.57
N GLY A 328 -1.44 -53.40 -24.28
CA GLY A 328 -0.21 -52.69 -24.72
C GLY A 328 -0.07 -51.33 -24.06
N ALA A 329 -0.87 -51.02 -23.05
CA ALA A 329 -0.73 -49.76 -22.27
C ALA A 329 -0.74 -50.08 -20.78
N ALA A 330 0.04 -49.31 -20.02
CA ALA A 330 0.12 -49.42 -18.54
C ALA A 330 -1.22 -48.99 -17.97
N SER A 331 -1.63 -49.63 -16.89
CA SER A 331 -2.74 -49.11 -16.07
C SER A 331 -2.17 -48.00 -15.17
N ILE A 332 -3.03 -47.12 -14.71
CA ILE A 332 -2.67 -46.06 -13.74
C ILE A 332 -2.05 -46.74 -12.52
N GLU A 333 -2.70 -47.78 -12.01
CA GLU A 333 -2.28 -48.50 -10.79
C GLU A 333 -0.83 -49.00 -10.91
N GLU A 334 -0.47 -49.58 -12.04
CA GLU A 334 0.88 -50.18 -12.29
C GLU A 334 1.93 -49.07 -12.24
N THR A 335 1.67 -47.96 -12.91
CA THR A 335 2.57 -46.80 -12.96
C THR A 335 2.78 -46.24 -11.54
N VAL A 336 1.71 -45.99 -10.81
CA VAL A 336 1.80 -45.43 -9.43
C VAL A 336 2.58 -46.41 -8.55
N PHE A 337 2.26 -47.71 -8.60
CA PHE A 337 2.91 -48.72 -7.72
C PHE A 337 4.41 -48.73 -8.00
N LEU A 338 4.81 -48.79 -9.26
CA LEU A 338 6.25 -48.88 -9.64
C LEU A 338 6.98 -47.62 -9.15
N PHE A 339 6.45 -46.44 -9.42
CA PHE A 339 7.09 -45.15 -9.03
C PHE A 339 7.17 -45.05 -7.52
N ASN A 340 6.10 -45.43 -6.84
CA ASN A 340 6.06 -45.33 -5.35
C ASN A 340 7.14 -46.24 -4.75
N CYS A 341 7.27 -47.47 -5.25
CA CYS A 341 8.27 -48.45 -4.78
C CYS A 341 9.67 -47.89 -4.97
N ALA A 342 9.99 -47.40 -6.17
CA ALA A 342 11.34 -46.94 -6.54
C ALA A 342 11.74 -45.71 -5.72
N THR A 343 10.84 -44.74 -5.57
CA THR A 343 11.14 -43.46 -4.88
C THR A 343 11.31 -43.70 -3.39
N HIS A 344 10.56 -44.62 -2.77
CA HIS A 344 10.66 -44.89 -1.32
C HIS A 344 11.81 -45.83 -1.00
N GLN A 345 11.93 -46.92 -1.77
CA GLN A 345 12.75 -48.10 -1.37
C GLN A 345 14.16 -47.97 -1.96
N LEU A 346 14.36 -47.22 -3.04
CA LEU A 346 15.69 -47.09 -3.70
C LEU A 346 16.25 -45.67 -3.55
N HIS A 347 15.58 -44.65 -4.08
CA HIS A 347 16.16 -43.28 -4.08
C HIS A 347 15.07 -42.22 -4.17
N ARG A 348 14.94 -41.41 -3.13
CA ARG A 348 13.95 -40.31 -3.04
C ARG A 348 14.22 -39.25 -4.10
N GLY A 349 15.47 -39.13 -4.57
CA GLY A 349 15.85 -38.27 -5.70
C GLY A 349 15.08 -38.59 -6.97
N LEU A 350 14.63 -39.83 -7.15
CA LEU A 350 13.85 -40.20 -8.35
C LEU A 350 12.53 -39.44 -8.35
N ASN A 351 12.05 -39.01 -7.19
CA ASN A 351 10.77 -38.27 -7.06
C ASN A 351 10.81 -37.00 -7.91
N GLY A 352 11.94 -36.28 -7.88
CA GLY A 352 12.13 -35.01 -8.61
C GLY A 352 12.73 -35.25 -9.98
N SER A 353 12.93 -36.51 -10.38
CA SER A 353 13.57 -36.85 -11.67
C SER A 353 12.50 -36.84 -12.75
N GLU A 354 12.93 -36.68 -14.01
CA GLU A 354 12.02 -36.56 -15.16
C GLU A 354 11.70 -37.97 -15.71
N LEU A 355 10.42 -38.23 -15.89
CA LEU A 355 9.91 -39.43 -16.58
C LEU A 355 10.17 -39.28 -18.09
N ARG A 356 10.99 -40.16 -18.66
CA ARG A 356 11.26 -40.16 -20.13
C ARG A 356 10.25 -41.04 -20.86
N LYS A 357 9.93 -42.22 -20.32
CA LYS A 357 9.15 -43.23 -21.06
C LYS A 357 8.58 -44.26 -20.08
N VAL A 358 7.29 -44.55 -20.24
CA VAL A 358 6.61 -45.72 -19.63
C VAL A 358 6.60 -46.82 -20.70
N GLN A 359 7.15 -47.98 -20.37
CA GLN A 359 7.29 -49.13 -21.30
C GLN A 359 6.34 -50.23 -20.84
N VAL A 360 5.75 -50.93 -21.80
CA VAL A 360 4.82 -52.06 -21.54
C VAL A 360 5.21 -53.18 -22.50
N GLY A 361 5.40 -54.38 -21.97
CA GLY A 361 5.64 -55.59 -22.78
C GLY A 361 5.03 -56.82 -22.14
N SER A 362 4.86 -57.89 -22.92
CA SER A 362 4.17 -59.13 -22.48
C SER A 362 5.19 -60.24 -22.27
N ARG A 363 5.49 -60.56 -21.01
CA ARG A 363 6.24 -61.77 -20.65
C ARG A 363 5.43 -62.99 -21.13
N PRO A 364 6.01 -63.89 -21.96
CA PRO A 364 5.27 -65.07 -22.38
C PRO A 364 5.08 -65.98 -21.16
N ALA A 365 3.83 -66.12 -20.71
CA ALA A 365 3.47 -66.79 -19.43
C ALA A 365 2.87 -68.14 -19.74
N PRO A 366 3.65 -69.25 -19.69
CA PRO A 366 3.10 -70.57 -20.03
C PRO A 366 2.08 -71.02 -18.97
N ILE A 367 0.97 -71.62 -19.37
CA ILE A 367 -0.13 -72.04 -18.47
C ILE A 367 0.34 -73.06 -17.43
N ASP A 368 1.40 -73.83 -17.68
CA ASP A 368 1.90 -74.89 -16.75
C ASP A 368 3.18 -74.42 -16.08
N GLY A 369 3.64 -73.19 -16.35
CA GLY A 369 4.70 -72.55 -15.55
C GLY A 369 6.10 -72.82 -16.08
N PHE A 370 6.25 -73.54 -17.21
CA PHE A 370 7.59 -73.88 -17.73
C PHE A 370 7.66 -73.57 -19.22
N PRO A 371 8.87 -73.26 -19.73
CA PRO A 371 9.04 -72.86 -21.12
C PRO A 371 8.69 -73.96 -22.13
N LEU A 372 8.55 -73.52 -23.39
CA LEU A 372 8.26 -74.36 -24.57
C LEU A 372 9.45 -74.23 -25.54
N ILE A 373 10.38 -75.19 -25.51
CA ILE A 373 11.66 -75.13 -26.24
C ILE A 373 11.86 -76.46 -26.97
N GLY A 374 11.90 -76.42 -28.30
CA GLY A 374 12.37 -77.56 -29.10
C GLY A 374 11.40 -77.90 -30.20
N GLY A 375 11.39 -79.17 -30.57
CA GLY A 375 10.72 -79.68 -31.77
C GLY A 375 9.29 -80.08 -31.45
N THR A 376 8.57 -80.44 -32.50
CA THR A 376 7.11 -80.59 -32.59
C THR A 376 6.87 -81.93 -33.31
N SER A 377 5.63 -82.42 -33.35
CA SER A 377 5.19 -83.58 -34.16
C SER A 377 5.14 -83.21 -35.65
N VAL A 378 5.33 -81.93 -35.99
CA VAL A 378 5.39 -81.41 -37.39
C VAL A 378 6.85 -81.23 -37.78
N GLU A 379 7.31 -81.95 -38.81
CA GLU A 379 8.72 -81.92 -39.28
C GLU A 379 9.06 -80.47 -39.65
N GLY A 380 10.18 -79.97 -39.16
CA GLY A 380 10.67 -78.61 -39.45
C GLY A 380 10.00 -77.51 -38.62
N LEU A 381 9.06 -77.84 -37.73
CA LEU A 381 8.41 -76.83 -36.84
C LEU A 381 9.08 -76.87 -35.45
N TRP A 382 9.61 -75.73 -35.02
CA TRP A 382 10.32 -75.53 -33.75
C TRP A 382 9.66 -74.37 -32.97
N MET A 383 9.76 -74.40 -31.65
CA MET A 383 9.24 -73.33 -30.76
C MET A 383 10.34 -72.93 -29.79
N LEU A 384 10.43 -71.62 -29.51
CA LEU A 384 11.29 -71.03 -28.47
C LEU A 384 10.45 -69.93 -27.80
N SER A 385 9.77 -70.28 -26.70
CA SER A 385 8.80 -69.37 -26.06
C SER A 385 8.47 -69.81 -24.63
N GLY A 386 7.61 -69.03 -23.97
CA GLY A 386 7.10 -69.33 -22.62
C GLY A 386 8.16 -69.11 -21.56
N THR A 387 9.07 -68.18 -21.77
CA THR A 387 10.24 -67.96 -20.86
C THR A 387 9.91 -66.97 -19.73
N TYR A 388 8.76 -66.32 -19.77
CA TYR A 388 8.22 -65.51 -18.64
C TYR A 388 9.23 -64.42 -18.26
N ARG A 389 9.91 -64.55 -17.12
CA ARG A 389 10.77 -63.49 -16.53
C ARG A 389 12.22 -63.56 -17.05
N ASP A 390 12.68 -64.63 -17.70
CA ASP A 390 14.15 -64.80 -17.88
C ASP A 390 14.54 -65.45 -19.21
N GLY A 391 13.75 -65.25 -20.26
CA GLY A 391 14.11 -65.64 -21.63
C GLY A 391 15.27 -64.83 -22.16
N LEU A 392 15.35 -63.53 -21.85
CA LEU A 392 16.47 -62.69 -22.28
C LEU A 392 17.75 -63.23 -21.64
N HIS A 393 17.77 -63.46 -20.33
CA HIS A 393 18.97 -63.99 -19.65
C HIS A 393 19.37 -65.34 -20.28
N MET A 394 18.41 -66.21 -20.58
CA MET A 394 18.72 -67.59 -21.02
C MET A 394 18.97 -67.64 -22.53
N SER A 395 18.72 -66.54 -23.26
CA SER A 395 18.71 -66.48 -24.74
C SER A 395 19.94 -67.15 -25.35
N PRO A 396 21.21 -66.90 -24.96
CA PRO A 396 22.33 -67.50 -25.68
C PRO A 396 22.32 -69.04 -25.54
N LEU A 397 21.96 -69.54 -24.35
CA LEU A 397 21.85 -70.99 -24.10
C LEU A 397 20.67 -71.57 -24.88
N LEU A 398 19.51 -70.91 -24.86
CA LEU A 398 18.30 -71.45 -25.53
C LEU A 398 18.51 -71.47 -27.05
N ALA A 399 19.12 -70.43 -27.60
CA ALA A 399 19.42 -70.30 -29.04
C ALA A 399 20.28 -71.49 -29.47
N ARG A 400 21.38 -71.74 -28.74
CA ARG A 400 22.37 -72.80 -29.05
C ARG A 400 21.70 -74.16 -28.95
N HIS A 401 20.81 -74.35 -27.97
CA HIS A 401 20.04 -75.61 -27.83
C HIS A 401 19.23 -75.87 -29.10
N VAL A 402 18.40 -74.91 -29.50
CA VAL A 402 17.46 -75.15 -30.64
C VAL A 402 18.29 -75.33 -31.93
N VAL A 403 19.37 -74.57 -32.11
CA VAL A 403 20.23 -74.65 -33.33
C VAL A 403 20.90 -76.03 -33.39
N SER A 404 21.38 -76.54 -32.26
CA SER A 404 21.92 -77.91 -32.14
C SER A 404 20.85 -78.93 -32.55
N LEU A 405 19.63 -78.82 -32.03
CA LEU A 405 18.51 -79.74 -32.37
C LEU A 405 18.25 -79.70 -33.87
N MET A 406 18.25 -78.51 -34.48
CA MET A 406 17.91 -78.33 -35.92
C MET A 406 18.99 -78.96 -36.80
N ASP A 407 20.22 -79.09 -36.29
CA ASP A 407 21.38 -79.67 -36.99
C ASP A 407 21.51 -81.17 -36.65
N GLY A 408 20.53 -81.75 -35.97
CA GLY A 408 20.49 -83.18 -35.59
C GLY A 408 21.27 -83.50 -34.32
N GLY A 409 21.74 -82.49 -33.58
CA GLY A 409 22.42 -82.65 -32.27
C GLY A 409 21.42 -82.87 -31.16
N THR A 410 21.89 -82.92 -29.91
CA THR A 410 21.05 -83.11 -28.70
C THR A 410 21.03 -81.83 -27.85
N GLY A 411 21.65 -80.76 -28.32
CA GLY A 411 21.64 -79.44 -27.63
C GLY A 411 22.08 -79.55 -26.19
N VAL A 412 21.39 -78.87 -25.29
CA VAL A 412 21.76 -78.77 -23.84
C VAL A 412 20.98 -79.83 -23.07
N ASP A 413 21.68 -80.59 -22.24
CA ASP A 413 21.13 -81.56 -21.25
C ASP A 413 20.19 -80.78 -20.33
N GLY A 414 18.99 -81.29 -20.07
CA GLY A 414 18.11 -80.71 -19.04
C GLY A 414 17.00 -79.86 -19.63
N LEU A 415 16.95 -79.68 -20.95
CA LEU A 415 15.89 -78.89 -21.61
C LEU A 415 14.83 -79.79 -22.24
N ARG A 416 15.00 -81.12 -22.21
CA ARG A 416 14.05 -82.10 -22.83
C ARG A 416 12.70 -82.04 -22.11
N GLU A 417 12.68 -81.84 -20.78
CA GLU A 417 11.45 -81.73 -19.96
C GLU A 417 10.57 -80.58 -20.51
N PHE A 418 11.16 -79.62 -21.24
CA PHE A 418 10.49 -78.35 -21.64
C PHE A 418 10.15 -78.37 -23.12
N ARG A 419 10.17 -79.55 -23.73
CA ARG A 419 9.70 -79.80 -25.13
C ARG A 419 8.30 -79.20 -25.27
N PRO A 420 8.00 -78.49 -26.37
CA PRO A 420 6.76 -77.72 -26.46
C PRO A 420 5.48 -78.54 -26.59
N GLU A 421 5.57 -79.74 -27.16
CA GLU A 421 4.39 -80.61 -27.39
C GLU A 421 4.35 -81.60 -26.23
N ARG A 422 3.43 -81.36 -25.28
CA ARG A 422 3.46 -82.06 -23.98
C ARG A 422 2.08 -81.91 -23.33
N ASP A 423 1.73 -82.88 -22.51
CA ASP A 423 0.71 -82.72 -21.44
C ASP A 423 1.18 -81.54 -20.56
N LEU A 424 0.25 -80.82 -19.98
CA LEU A 424 0.56 -79.74 -19.01
C LEU A 424 1.37 -80.36 -17.87
N ILE A 425 2.47 -79.73 -17.50
CA ILE A 425 3.27 -80.12 -16.32
C ILE A 425 2.46 -79.81 -15.05
N SER A 426 2.55 -80.66 -14.04
CA SER A 426 2.06 -80.40 -12.66
C SER A 426 3.26 -80.36 -11.72
N ALA A 427 3.94 -79.21 -11.62
CA ALA A 427 5.20 -79.07 -10.87
C ALA A 427 4.94 -78.96 -9.37
N TRP A 428 3.69 -78.65 -8.97
CA TRP A 428 3.30 -78.47 -7.55
C TRP A 428 1.98 -79.17 -7.27
N SER A 429 1.77 -79.55 -6.01
CA SER A 429 0.45 -80.00 -5.49
C SER A 429 -0.53 -78.84 -5.51
N ARG A 430 -1.82 -79.16 -5.63
CA ARG A 430 -2.93 -78.19 -5.52
C ARG A 430 -2.83 -77.45 -4.18
N GLU A 431 -2.51 -78.18 -3.12
CA GLU A 431 -2.34 -77.63 -1.74
C GLU A 431 -1.22 -76.58 -1.73
N GLU A 432 -0.08 -76.87 -2.35
CA GLU A 432 1.09 -75.95 -2.42
C GLU A 432 0.62 -74.65 -3.11
N ILE A 433 -0.05 -74.78 -4.26
CA ILE A 433 -0.47 -73.61 -5.09
C ILE A 433 -1.47 -72.77 -4.29
N LEU A 434 -2.41 -73.42 -3.61
CA LEU A 434 -3.43 -72.72 -2.78
C LEU A 434 -2.74 -71.94 -1.65
N ASP A 435 -1.76 -72.52 -0.95
CA ASP A 435 -0.98 -71.77 0.08
C ASP A 435 -0.31 -70.56 -0.58
N ASP A 436 0.33 -70.77 -1.74
CA ASP A 436 1.09 -69.74 -2.49
C ASP A 436 0.12 -68.60 -2.89
N VAL A 437 -1.05 -68.90 -3.45
CA VAL A 437 -1.92 -67.85 -4.04
C VAL A 437 -2.45 -66.95 -2.92
N VAL A 438 -2.78 -67.52 -1.76
CA VAL A 438 -3.29 -66.72 -0.61
C VAL A 438 -2.15 -65.82 -0.09
N ARG A 439 -0.98 -66.40 0.05
CA ARG A 439 0.22 -65.68 0.53
C ARG A 439 0.59 -64.53 -0.43
N HIS A 440 0.58 -64.77 -1.74
CA HIS A 440 0.89 -63.74 -2.76
C HIS A 440 -0.22 -62.66 -2.77
N THR A 441 -1.48 -63.05 -2.59
CA THR A 441 -2.60 -62.08 -2.51
C THR A 441 -2.34 -61.13 -1.33
N MET A 442 -2.05 -61.67 -0.16
CA MET A 442 -1.75 -60.88 1.06
C MET A 442 -0.53 -60.00 0.81
N ALA A 443 0.46 -60.51 0.07
CA ALA A 443 1.71 -59.76 -0.25
C ALA A 443 1.39 -58.50 -1.06
N THR A 444 0.33 -58.48 -1.89
CA THR A 444 -0.07 -57.28 -2.66
C THR A 444 -0.42 -56.16 -1.66
N GLY A 445 -0.93 -56.52 -0.49
CA GLY A 445 -1.26 -55.56 0.58
C GLY A 445 -0.01 -55.03 1.23
N TYR A 446 0.86 -55.92 1.70
CA TYR A 446 2.07 -55.55 2.45
C TYR A 446 3.04 -54.78 1.55
N GLU A 447 2.99 -54.99 0.24
CA GLU A 447 3.92 -54.32 -0.71
C GLU A 447 3.45 -52.89 -1.02
N PHE A 448 2.18 -52.58 -0.78
CA PHE A 448 1.57 -51.28 -1.18
C PHE A 448 2.34 -50.10 -0.58
N PRO A 449 2.66 -50.00 0.72
CA PRO A 449 2.19 -50.90 1.77
C PRO A 449 0.87 -50.34 2.33
N TRP A 450 -0.04 -51.24 2.70
CA TRP A 450 -1.33 -50.79 3.27
C TRP A 450 -1.13 -50.41 4.74
N ARG A 451 -2.13 -49.73 5.28
CA ARG A 451 -2.27 -49.49 6.74
C ARG A 451 -3.69 -49.88 7.12
N LEU A 452 -3.84 -50.94 7.89
CA LEU A 452 -5.15 -51.61 8.22
C LEU A 452 -5.20 -51.80 9.72
N PRO A 453 -6.40 -51.98 10.31
CA PRO A 453 -6.51 -52.52 11.66
C PRO A 453 -5.80 -53.89 11.76
N LEU A 454 -5.21 -54.16 12.91
CA LEU A 454 -4.26 -55.29 13.07
C LEU A 454 -4.98 -56.64 12.91
N GLU A 455 -6.29 -56.72 13.14
CA GLU A 455 -7.04 -58.00 13.05
C GLU A 455 -7.43 -58.26 11.59
N TRP A 456 -7.38 -57.27 10.71
CA TRP A 456 -7.94 -57.41 9.34
C TRP A 456 -7.14 -58.43 8.52
N PRO A 457 -5.79 -58.42 8.50
CA PRO A 457 -5.04 -59.38 7.69
C PRO A 457 -5.38 -60.84 8.00
N HIS A 458 -5.45 -61.22 9.28
CA HIS A 458 -5.81 -62.62 9.67
C HIS A 458 -7.21 -62.93 9.14
N MET A 459 -8.16 -62.01 9.28
CA MET A 459 -9.53 -62.22 8.77
C MET A 459 -9.49 -62.44 7.25
N MET A 460 -8.78 -61.58 6.52
CA MET A 460 -8.70 -61.67 5.02
C MET A 460 -8.09 -63.02 4.64
N GLU A 461 -7.01 -63.44 5.30
CA GLU A 461 -6.32 -64.73 5.04
C GLU A 461 -7.34 -65.87 5.14
N THR A 462 -8.10 -65.91 6.22
CA THR A 462 -9.10 -66.98 6.48
C THR A 462 -10.16 -66.96 5.36
N PHE A 463 -10.61 -65.79 4.90
CA PHE A 463 -11.74 -65.69 3.94
C PHE A 463 -11.26 -65.79 2.47
N LEU A 464 -9.96 -65.74 2.21
CA LEU A 464 -9.40 -65.95 0.84
C LEU A 464 -9.27 -67.46 0.54
N GLN A 465 -9.07 -68.29 1.57
CA GLN A 465 -8.76 -69.73 1.39
C GLN A 465 -9.88 -70.44 0.64
N GLY A 466 -11.13 -70.25 1.09
CA GLY A 466 -12.33 -70.92 0.55
C GLY A 466 -12.53 -70.66 -0.94
N PRO A 467 -12.68 -69.39 -1.36
CA PRO A 467 -12.90 -69.08 -2.77
C PRO A 467 -11.80 -69.56 -3.76
N PHE A 468 -10.54 -69.61 -3.35
CA PHE A 468 -9.45 -70.11 -4.23
C PHE A 468 -9.52 -71.66 -4.28
N ALA A 469 -9.77 -72.32 -3.16
CA ALA A 469 -9.99 -73.79 -3.09
C ALA A 469 -11.16 -74.17 -4.01
N GLU A 470 -12.26 -73.43 -3.96
CA GLU A 470 -13.47 -73.66 -4.79
C GLU A 470 -13.14 -73.50 -6.29
N LEU A 471 -12.40 -72.46 -6.66
CA LEU A 471 -12.02 -72.21 -8.07
C LEU A 471 -11.14 -73.37 -8.57
N ALA A 472 -10.10 -73.73 -7.82
CA ALA A 472 -9.13 -74.79 -8.20
C ALA A 472 -9.89 -76.12 -8.42
N ASP A 473 -10.85 -76.44 -7.55
CA ASP A 473 -11.63 -77.71 -7.61
C ASP A 473 -12.55 -77.72 -8.83
N ARG A 474 -13.09 -76.56 -9.19
CA ARG A 474 -14.03 -76.35 -10.31
C ARG A 474 -13.30 -76.37 -11.65
N LEU A 475 -12.01 -76.00 -11.71
CA LEU A 475 -11.32 -75.78 -13.01
C LEU A 475 -11.06 -77.14 -13.65
N SER A 476 -10.63 -78.12 -12.86
CA SER A 476 -10.16 -79.44 -13.35
C SER A 476 -9.94 -80.36 -12.15
N ASP A 477 -10.09 -81.67 -12.37
CA ASP A 477 -9.79 -82.72 -11.37
C ASP A 477 -8.29 -83.06 -11.40
N THR A 478 -7.53 -82.66 -12.42
CA THR A 478 -6.10 -83.05 -12.51
C THR A 478 -5.19 -81.83 -12.54
N TYR A 479 -5.51 -80.80 -13.32
CA TYR A 479 -4.60 -79.62 -13.52
C TYR A 479 -4.94 -78.52 -12.51
N THR A 480 -3.90 -77.89 -11.97
CA THR A 480 -3.98 -76.62 -11.20
C THR A 480 -3.10 -75.54 -11.83
N PRO A 481 -3.67 -74.38 -12.21
CA PRO A 481 -2.87 -73.28 -12.72
C PRO A 481 -1.93 -72.80 -11.62
N PRO A 482 -0.68 -72.42 -11.95
CA PRO A 482 0.21 -71.79 -10.99
C PRO A 482 -0.43 -70.48 -10.46
N ALA A 483 0.03 -70.02 -9.30
CA ALA A 483 -0.58 -68.92 -8.52
C ALA A 483 -0.81 -67.68 -9.38
N ASP A 484 0.19 -67.29 -10.19
CA ASP A 484 0.18 -66.07 -11.03
C ASP A 484 -1.00 -66.14 -12.00
N LEU A 485 -1.29 -67.32 -12.55
CA LEU A 485 -2.43 -67.53 -13.49
C LEU A 485 -3.72 -67.71 -12.69
N MET A 486 -3.68 -68.42 -11.57
CA MET A 486 -4.88 -68.68 -10.76
C MET A 486 -5.55 -67.35 -10.37
N THR A 487 -4.77 -66.35 -9.95
CA THR A 487 -5.32 -65.03 -9.53
C THR A 487 -5.99 -64.37 -10.75
N ALA A 488 -5.36 -64.41 -11.93
CA ALA A 488 -5.96 -63.84 -13.14
C ALA A 488 -7.29 -64.55 -13.45
N ILE A 489 -7.36 -65.87 -13.27
CA ILE A 489 -8.60 -66.62 -13.60
C ILE A 489 -9.68 -66.26 -12.58
N MET A 490 -9.32 -66.17 -11.30
CA MET A 490 -10.25 -65.80 -10.19
C MET A 490 -11.01 -64.52 -10.56
N PHE A 491 -10.34 -63.52 -11.12
CA PHE A 491 -10.91 -62.17 -11.40
C PHE A 491 -11.26 -62.00 -12.88
N SER A 492 -11.26 -63.08 -13.67
CA SER A 492 -11.74 -63.05 -15.08
C SER A 492 -13.25 -63.24 -15.11
N GLU A 493 -13.89 -62.99 -16.26
CA GLU A 493 -15.35 -63.21 -16.50
C GLU A 493 -15.70 -64.70 -16.42
N ARG A 494 -16.94 -65.02 -16.10
CA ARG A 494 -17.45 -66.41 -15.93
C ARG A 494 -17.25 -67.17 -17.25
N GLU A 495 -17.46 -66.51 -18.39
CA GLU A 495 -17.32 -67.08 -19.76
C GLU A 495 -15.85 -67.50 -19.98
N GLN A 496 -14.90 -66.68 -19.53
CA GLN A 496 -13.44 -66.97 -19.63
C GLN A 496 -13.06 -68.15 -18.73
N GLN A 497 -13.65 -68.26 -17.54
CA GLN A 497 -13.40 -69.40 -16.63
C GLN A 497 -13.93 -70.69 -17.27
N ASP A 498 -15.13 -70.62 -17.83
CA ASP A 498 -15.82 -71.77 -18.47
C ASP A 498 -14.97 -72.24 -19.65
N GLU A 499 -14.50 -71.33 -20.49
CA GLU A 499 -13.63 -71.64 -21.66
C GLU A 499 -12.37 -72.38 -21.13
N LEU A 500 -11.80 -71.98 -19.99
CA LEU A 500 -10.57 -72.64 -19.45
C LEU A 500 -10.92 -74.03 -18.91
N ILE A 501 -12.11 -74.20 -18.32
CA ILE A 501 -12.58 -75.53 -17.84
C ILE A 501 -12.63 -76.48 -19.04
N ALA A 502 -13.19 -76.02 -20.17
CA ALA A 502 -13.26 -76.76 -21.46
C ALA A 502 -11.85 -77.06 -21.96
N TYR A 503 -10.95 -76.07 -21.99
CA TYR A 503 -9.53 -76.26 -22.41
C TYR A 503 -8.91 -77.39 -21.58
N TYR A 504 -8.96 -77.33 -20.26
CA TYR A 504 -8.30 -78.33 -19.39
C TYR A 504 -8.89 -79.73 -19.65
N ALA A 505 -10.21 -79.81 -19.90
CA ALA A 505 -10.93 -81.07 -20.16
C ALA A 505 -10.45 -81.65 -21.52
N ASP A 506 -10.33 -80.82 -22.56
CA ASP A 506 -9.84 -81.21 -23.90
C ASP A 506 -8.36 -81.65 -23.84
N VAL A 507 -7.55 -81.03 -23.00
CA VAL A 507 -6.12 -81.43 -22.80
C VAL A 507 -6.10 -82.80 -22.13
N HIS A 508 -6.96 -83.02 -21.12
CA HIS A 508 -6.97 -84.30 -20.37
C HIS A 508 -7.34 -85.45 -21.33
N ARG A 509 -8.33 -85.21 -22.17
CA ARG A 509 -8.85 -86.08 -23.25
C ARG A 509 -7.72 -86.45 -24.22
N GLU A 510 -6.93 -85.46 -24.64
CA GLU A 510 -5.85 -85.64 -25.64
C GLU A 510 -4.76 -86.54 -25.07
N TRP A 511 -4.39 -86.37 -23.79
CA TRP A 511 -3.15 -86.96 -23.25
C TRP A 511 -3.43 -88.20 -22.38
N HIS A 512 -4.69 -88.47 -22.03
CA HIS A 512 -5.06 -89.59 -21.12
C HIS A 512 -6.14 -90.48 -21.72
N GLN B 31 6.06 -2.13 -43.99
CA GLN B 31 4.95 -2.92 -44.59
C GLN B 31 3.65 -2.60 -43.82
N THR B 32 2.52 -3.12 -44.30
CA THR B 32 1.24 -3.32 -43.55
C THR B 32 1.08 -4.82 -43.20
N ASP B 33 2.15 -5.60 -43.41
CA ASP B 33 2.24 -7.04 -43.05
C ASP B 33 2.18 -7.20 -41.52
N VAL B 34 1.48 -8.23 -41.06
CA VAL B 34 1.43 -8.62 -39.61
C VAL B 34 2.10 -9.98 -39.43
N ILE B 35 3.01 -10.07 -38.46
CA ILE B 35 3.60 -11.35 -37.98
C ILE B 35 3.05 -11.63 -36.58
N VAL B 36 2.38 -12.78 -36.40
CA VAL B 36 2.03 -13.32 -35.05
C VAL B 36 3.13 -14.31 -34.66
N VAL B 37 3.81 -14.06 -33.54
CA VAL B 37 4.88 -14.95 -33.02
C VAL B 37 4.25 -15.87 -31.97
N GLY B 38 4.01 -17.14 -32.32
CA GLY B 38 3.46 -18.14 -31.39
C GLY B 38 2.19 -18.78 -31.94
N ASN B 39 2.08 -20.10 -31.76
CA ASN B 39 1.04 -20.93 -32.39
C ASN B 39 0.24 -21.68 -31.33
N GLY B 40 0.12 -21.08 -30.14
CA GLY B 40 -0.82 -21.54 -29.12
C GLY B 40 -2.19 -20.99 -29.38
N VAL B 41 -3.10 -21.14 -28.41
CA VAL B 41 -4.48 -20.60 -28.51
C VAL B 41 -4.44 -19.08 -28.72
N LEU B 42 -3.54 -18.35 -28.06
CA LEU B 42 -3.59 -16.86 -28.09
C LEU B 42 -3.08 -16.36 -29.44
N GLY B 43 -1.95 -16.86 -29.91
CA GLY B 43 -1.40 -16.53 -31.26
C GLY B 43 -2.39 -16.83 -32.35
N LEU B 44 -2.91 -18.06 -32.37
CA LEU B 44 -3.86 -18.50 -33.42
C LEU B 44 -5.17 -17.73 -33.31
N SER B 45 -5.64 -17.42 -32.09
CA SER B 45 -6.92 -16.72 -31.90
C SER B 45 -6.80 -15.29 -32.44
N VAL B 46 -5.68 -14.63 -32.15
CA VAL B 46 -5.45 -13.23 -32.61
C VAL B 46 -5.17 -13.28 -34.12
N GLY B 47 -4.44 -14.29 -34.60
CA GLY B 47 -4.22 -14.53 -36.04
C GLY B 47 -5.53 -14.61 -36.78
N VAL B 48 -6.46 -15.44 -36.31
CA VAL B 48 -7.81 -15.63 -36.93
C VAL B 48 -8.53 -14.27 -36.96
N GLU B 49 -8.54 -13.54 -35.84
CA GLU B 49 -9.30 -12.25 -35.75
C GLU B 49 -8.67 -11.19 -36.65
N ILE B 50 -7.34 -11.13 -36.74
CA ILE B 50 -6.63 -10.16 -37.62
C ILE B 50 -6.93 -10.52 -39.08
N ALA B 51 -6.73 -11.79 -39.47
CA ALA B 51 -6.97 -12.27 -40.85
C ALA B 51 -8.43 -11.98 -41.24
N ARG B 52 -9.39 -12.23 -40.37
CA ARG B 52 -10.84 -12.10 -40.67
C ARG B 52 -11.24 -10.62 -40.81
N THR B 53 -10.62 -9.71 -40.06
CA THR B 53 -11.09 -8.29 -39.97
C THR B 53 -10.21 -7.36 -40.82
N ARG B 54 -9.06 -7.82 -41.30
CA ARG B 54 -8.14 -7.06 -42.19
C ARG B 54 -7.83 -7.88 -43.45
N PRO B 55 -8.82 -8.15 -44.34
CA PRO B 55 -8.60 -9.01 -45.50
C PRO B 55 -7.58 -8.47 -46.51
N ASP B 56 -7.31 -7.16 -46.43
CA ASP B 56 -6.36 -6.41 -47.30
C ASP B 56 -4.90 -6.59 -46.83
N VAL B 57 -4.66 -7.21 -45.66
CA VAL B 57 -3.29 -7.35 -45.09
C VAL B 57 -2.88 -8.84 -45.06
N ARG B 58 -1.60 -9.08 -45.28
CA ARG B 58 -0.92 -10.37 -45.13
C ARG B 58 -0.61 -10.60 -43.63
N VAL B 59 -1.22 -11.60 -43.02
CA VAL B 59 -0.85 -12.03 -41.63
C VAL B 59 -0.19 -13.40 -41.73
N THR B 60 1.03 -13.49 -41.20
CA THR B 60 1.89 -14.70 -41.12
C THR B 60 2.02 -15.12 -39.64
N LEU B 61 1.83 -16.40 -39.33
CA LEU B 61 1.89 -16.92 -37.93
C LEU B 61 3.06 -17.91 -37.83
N LEU B 62 3.99 -17.62 -36.92
CA LEU B 62 5.22 -18.40 -36.68
C LEU B 62 4.96 -19.40 -35.53
N GLY B 63 5.73 -20.47 -35.51
CA GLY B 63 5.63 -21.55 -34.52
C GLY B 63 5.61 -22.92 -35.20
N LYS B 64 6.09 -23.93 -34.49
CA LYS B 64 6.36 -25.28 -35.05
C LYS B 64 5.30 -26.25 -34.57
N PRO B 65 5.02 -27.34 -35.34
CA PRO B 65 4.04 -28.34 -34.91
C PRO B 65 4.37 -28.99 -33.56
N ALA B 66 5.65 -29.09 -33.19
CA ALA B 66 6.09 -29.68 -31.90
C ALA B 66 5.51 -28.90 -30.70
N ARG B 67 5.31 -27.58 -30.86
CA ARG B 67 4.75 -26.70 -29.81
C ARG B 67 5.51 -26.94 -28.51
N GLN B 68 6.83 -26.78 -28.55
CA GLN B 68 7.71 -27.05 -27.39
C GLN B 68 7.22 -26.20 -26.21
N TYR B 69 7.09 -26.82 -25.03
CA TYR B 69 6.65 -26.21 -23.74
C TYR B 69 5.22 -25.64 -23.83
N GLY B 70 4.49 -25.97 -24.91
CA GLY B 70 3.18 -25.38 -25.23
C GLY B 70 2.14 -25.66 -24.15
N ALA B 71 1.51 -24.63 -23.60
CA ALA B 71 0.47 -24.73 -22.57
C ALA B 71 -0.79 -25.32 -23.19
N THR B 72 -1.20 -24.81 -24.36
CA THR B 72 -2.54 -25.09 -24.94
C THR B 72 -2.73 -26.59 -25.16
N PRO B 73 -1.78 -27.33 -25.78
CA PRO B 73 -1.99 -28.76 -26.04
C PRO B 73 -2.10 -29.62 -24.78
N ALA B 74 -1.57 -29.15 -23.63
CA ALA B 74 -1.62 -29.88 -22.34
C ALA B 74 -2.91 -29.55 -21.56
N ALA B 75 -3.74 -28.67 -22.08
CA ALA B 75 -4.98 -28.19 -21.41
C ALA B 75 -6.15 -29.13 -21.73
N GLY B 76 -7.12 -29.21 -20.83
CA GLY B 76 -8.26 -30.13 -20.92
C GLY B 76 -9.19 -29.85 -22.11
N ALA B 77 -9.80 -28.66 -22.15
CA ALA B 77 -9.59 -27.58 -21.20
C ALA B 77 -10.95 -27.11 -20.69
N MET B 78 -10.98 -26.67 -19.44
CA MET B 78 -12.18 -26.09 -18.81
C MET B 78 -12.33 -24.65 -19.31
N LEU B 79 -13.56 -24.24 -19.62
CA LEU B 79 -13.88 -22.81 -19.86
C LEU B 79 -14.18 -22.19 -18.49
N GLY B 80 -13.12 -22.02 -17.71
CA GLY B 80 -13.16 -21.74 -16.27
C GLY B 80 -13.34 -20.24 -16.01
N ALA B 81 -14.45 -19.93 -15.35
CA ALA B 81 -14.82 -18.59 -14.85
C ALA B 81 -15.16 -18.69 -13.35
N PHE B 82 -16.35 -19.19 -13.02
CA PHE B 82 -16.80 -19.36 -11.62
C PHE B 82 -16.00 -20.46 -10.93
N GLY B 83 -15.67 -21.56 -11.64
CA GLY B 83 -14.84 -22.64 -11.07
C GLY B 83 -13.47 -22.16 -10.66
N GLU B 84 -12.97 -21.10 -11.29
CA GLU B 84 -11.61 -20.54 -11.03
C GLU B 84 -11.62 -19.57 -9.84
N VAL B 85 -12.78 -19.29 -9.27
CA VAL B 85 -12.88 -18.31 -8.14
C VAL B 85 -12.16 -18.87 -6.91
N THR B 86 -11.28 -18.06 -6.32
CA THR B 86 -10.71 -18.32 -4.97
C THR B 86 -10.98 -17.10 -4.08
N ALA B 87 -11.11 -17.33 -2.77
CA ALA B 87 -11.21 -16.24 -1.77
C ALA B 87 -10.04 -15.27 -1.97
N HIS B 88 -8.80 -15.74 -2.14
CA HIS B 88 -7.59 -14.90 -2.26
C HIS B 88 -7.67 -14.00 -3.50
N ALA B 89 -8.07 -14.53 -4.66
CA ALA B 89 -8.21 -13.77 -5.92
C ALA B 89 -9.23 -12.63 -5.75
N LEU B 90 -10.43 -12.93 -5.22
CA LEU B 90 -11.54 -11.96 -5.09
C LEU B 90 -11.33 -10.99 -3.91
N ALA B 91 -10.26 -11.15 -3.13
CA ALA B 91 -9.86 -10.22 -2.05
C ALA B 91 -9.05 -9.04 -2.59
N SER B 92 -8.57 -9.09 -3.84
CA SER B 92 -7.78 -7.99 -4.45
C SER B 92 -8.58 -7.34 -5.58
N GLU B 93 -8.38 -6.05 -5.80
CA GLU B 93 -9.05 -5.31 -6.89
C GLU B 93 -8.66 -5.93 -8.24
N HIS B 94 -7.37 -6.24 -8.44
CA HIS B 94 -6.83 -6.80 -9.70
C HIS B 94 -7.48 -8.18 -9.95
N GLY B 95 -7.60 -9.01 -8.89
CA GLY B 95 -8.28 -10.31 -8.98
C GLY B 95 -9.75 -10.19 -9.35
N ARG B 96 -10.46 -9.22 -8.77
CA ARG B 96 -11.89 -8.98 -9.10
C ARG B 96 -12.00 -8.56 -10.58
N LYS B 97 -11.05 -7.76 -11.08
CA LYS B 97 -11.04 -7.29 -12.50
C LYS B 97 -10.86 -8.50 -13.42
N LYS B 98 -9.86 -9.35 -13.12
CA LYS B 98 -9.58 -10.60 -13.86
C LYS B 98 -10.85 -11.45 -13.90
N HIS B 99 -11.54 -11.62 -12.78
CA HIS B 99 -12.76 -12.46 -12.71
C HIS B 99 -13.83 -11.92 -13.65
N ALA B 100 -14.05 -10.60 -13.66
CA ALA B 100 -15.07 -9.93 -14.51
C ALA B 100 -14.82 -10.30 -15.98
N LEU B 101 -13.57 -10.21 -16.43
CA LEU B 101 -13.16 -10.55 -17.81
C LEU B 101 -13.45 -12.02 -18.12
N ALA B 102 -13.18 -12.93 -17.18
CA ALA B 102 -13.48 -14.38 -17.36
C ALA B 102 -14.99 -14.54 -17.60
N VAL B 103 -15.83 -13.82 -16.86
CA VAL B 103 -17.31 -13.95 -17.01
C VAL B 103 -17.72 -13.40 -18.40
N GLN B 104 -17.10 -12.31 -18.83
CA GLN B 104 -17.36 -11.69 -20.16
C GLN B 104 -16.96 -12.66 -21.29
N ALA B 105 -15.78 -13.27 -21.18
CA ALA B 105 -15.25 -14.23 -22.18
C ALA B 105 -16.22 -15.40 -22.38
N GLN B 106 -16.83 -15.89 -21.31
CA GLN B 106 -17.73 -17.06 -21.37
C GLN B 106 -18.85 -16.81 -22.39
N ARG B 107 -19.32 -15.57 -22.50
CA ARG B 107 -20.46 -15.21 -23.38
C ARG B 107 -20.05 -15.31 -24.86
N LEU B 108 -18.76 -15.17 -25.17
CA LEU B 108 -18.26 -15.19 -26.58
C LEU B 108 -18.12 -16.61 -27.12
N TRP B 109 -18.07 -17.63 -26.27
CA TRP B 109 -17.60 -18.98 -26.70
C TRP B 109 -18.57 -19.63 -27.70
N PRO B 110 -19.90 -19.64 -27.48
CA PRO B 110 -20.82 -20.32 -28.39
C PRO B 110 -20.68 -19.89 -29.86
N GLU B 111 -20.66 -18.57 -30.14
CA GLU B 111 -20.55 -18.01 -31.51
C GLU B 111 -19.12 -18.22 -32.04
N TRP B 112 -18.12 -18.10 -31.16
CA TRP B 112 -16.71 -18.34 -31.53
C TRP B 112 -16.54 -19.76 -32.05
N ILE B 113 -17.04 -20.76 -31.32
CA ILE B 113 -16.96 -22.20 -31.70
C ILE B 113 -17.71 -22.38 -33.04
N GLU B 114 -18.92 -21.84 -33.15
CA GLU B 114 -19.75 -21.88 -34.39
C GLU B 114 -18.90 -21.42 -35.60
N SER B 115 -18.22 -20.28 -35.45
CA SER B 115 -17.40 -19.63 -36.51
C SER B 115 -16.16 -20.47 -36.83
N LEU B 116 -15.67 -21.30 -35.90
CA LEU B 116 -14.46 -22.13 -36.13
C LEU B 116 -14.87 -23.46 -36.77
N GLU B 117 -15.96 -24.05 -36.31
CA GLU B 117 -16.47 -25.34 -36.84
C GLU B 117 -16.98 -25.13 -38.27
N ALA B 118 -17.47 -23.93 -38.59
CA ALA B 118 -18.02 -23.57 -39.92
C ALA B 118 -16.97 -23.80 -41.03
N THR B 119 -15.68 -23.72 -40.72
CA THR B 119 -14.56 -23.83 -41.70
C THR B 119 -14.17 -25.29 -41.89
N GLY B 120 -14.81 -26.22 -41.18
CA GLY B 120 -14.50 -27.66 -41.24
C GLY B 120 -15.68 -28.51 -41.64
N THR B 121 -15.53 -29.83 -41.49
CA THR B 121 -16.58 -30.84 -41.81
C THR B 121 -16.82 -31.72 -40.58
N ALA B 122 -17.92 -32.47 -40.55
CA ALA B 122 -18.36 -33.32 -39.42
C ALA B 122 -17.18 -34.12 -38.86
N ALA B 123 -16.29 -34.60 -39.77
CA ALA B 123 -15.22 -35.57 -39.44
C ALA B 123 -14.06 -34.87 -38.72
N ASP B 124 -14.06 -33.53 -38.65
CA ASP B 124 -13.05 -32.75 -37.88
C ASP B 124 -13.34 -32.86 -36.38
N GLY B 125 -14.56 -33.26 -36.01
CA GLY B 125 -14.94 -33.45 -34.59
C GLY B 125 -15.38 -32.16 -33.94
N ARG B 126 -15.83 -32.23 -32.70
CA ARG B 126 -16.55 -31.12 -32.02
C ARG B 126 -15.60 -30.45 -31.03
N ILE B 127 -15.57 -29.12 -31.02
CA ILE B 127 -14.70 -28.34 -30.10
C ILE B 127 -15.24 -28.52 -28.66
N LYS B 128 -16.54 -28.37 -28.45
CA LYS B 128 -17.18 -28.40 -27.10
C LYS B 128 -17.32 -29.85 -26.63
N THR B 129 -16.87 -30.18 -25.42
CA THR B 129 -16.96 -31.57 -24.88
C THR B 129 -17.91 -31.63 -23.68
N ALA B 130 -18.28 -30.50 -23.11
CA ALA B 130 -19.25 -30.46 -21.99
C ALA B 130 -19.82 -29.05 -21.88
N ASP B 131 -21.07 -28.94 -21.44
CA ASP B 131 -21.76 -27.63 -21.25
C ASP B 131 -21.69 -27.20 -19.78
N ASP B 132 -21.63 -28.16 -18.85
CA ASP B 132 -21.77 -27.88 -17.39
C ASP B 132 -20.56 -28.40 -16.60
N THR B 133 -20.41 -27.91 -15.37
CA THR B 133 -19.32 -28.27 -14.44
C THR B 133 -19.95 -28.65 -13.10
N VAL B 134 -19.46 -29.70 -12.44
CA VAL B 134 -19.75 -29.96 -11.01
C VAL B 134 -18.46 -29.72 -10.21
N VAL B 135 -18.53 -28.85 -9.19
CA VAL B 135 -17.44 -28.56 -8.23
C VAL B 135 -17.68 -29.44 -7.00
N LEU B 136 -16.67 -30.21 -6.61
CA LEU B 136 -16.78 -31.17 -5.49
C LEU B 136 -15.97 -30.63 -4.31
N LEU B 137 -16.52 -30.77 -3.10
CA LEU B 137 -15.79 -30.45 -1.86
C LEU B 137 -15.55 -31.74 -1.08
N ASN B 138 -14.29 -32.12 -0.93
CA ASN B 138 -13.84 -33.27 -0.12
C ASN B 138 -12.86 -32.76 0.93
N THR B 139 -12.33 -33.64 1.78
CA THR B 139 -11.42 -33.22 2.88
C THR B 139 -9.99 -33.62 2.59
N VAL B 140 -9.65 -33.86 1.31
CA VAL B 140 -8.25 -34.17 0.91
C VAL B 140 -7.57 -32.86 0.55
N GLY B 141 -7.45 -32.01 1.54
CA GLY B 141 -6.93 -30.65 1.34
C GLY B 141 -7.01 -29.84 2.60
N HIS B 142 -6.49 -28.62 2.53
CA HIS B 142 -6.46 -27.66 3.64
C HIS B 142 -7.83 -27.01 3.74
N SER B 143 -8.44 -27.00 4.94
CA SER B 143 -9.69 -26.23 5.20
C SER B 143 -9.52 -24.75 4.81
N ALA B 144 -8.35 -24.17 5.05
CA ALA B 144 -8.10 -22.72 4.81
C ALA B 144 -8.13 -22.39 3.32
N LEU B 145 -7.91 -23.36 2.44
CA LEU B 145 -8.09 -23.14 0.98
C LEU B 145 -9.46 -23.67 0.54
N ASP B 146 -9.68 -24.98 0.63
CA ASP B 146 -10.84 -25.66 0.00
C ASP B 146 -12.15 -25.11 0.60
N ASP B 147 -12.26 -24.95 1.93
CA ASP B 147 -13.55 -24.48 2.55
C ASP B 147 -13.78 -23.02 2.13
N ALA B 148 -12.75 -22.17 2.21
CA ALA B 148 -12.85 -20.73 1.85
C ALA B 148 -13.19 -20.61 0.36
N ASN B 149 -12.58 -21.46 -0.49
CA ASN B 149 -12.73 -21.33 -1.96
C ASN B 149 -14.14 -21.79 -2.36
N PHE B 150 -14.66 -22.87 -1.76
CA PHE B 150 -16.02 -23.36 -2.06
C PHE B 150 -17.05 -22.25 -1.73
N ALA B 151 -16.91 -21.60 -0.57
CA ALA B 151 -17.78 -20.49 -0.13
C ALA B 151 -17.66 -19.33 -1.15
N ALA B 152 -16.45 -19.01 -1.62
CA ALA B 152 -16.18 -17.87 -2.53
C ALA B 152 -16.83 -18.14 -3.88
N VAL B 153 -16.83 -19.40 -4.35
CA VAL B 153 -17.46 -19.80 -5.63
C VAL B 153 -18.97 -19.57 -5.49
N LEU B 154 -19.59 -20.11 -4.43
CA LEU B 154 -21.03 -19.98 -4.16
C LEU B 154 -21.41 -18.49 -4.15
N THR B 155 -20.62 -17.65 -3.48
CA THR B 155 -20.88 -16.21 -3.32
C THR B 155 -20.80 -15.54 -4.71
N ALA B 156 -19.76 -15.83 -5.48
CA ALA B 156 -19.53 -15.21 -6.81
C ALA B 156 -20.68 -15.58 -7.76
N LEU B 157 -21.17 -16.82 -7.70
CA LEU B 157 -22.32 -17.28 -8.52
C LEU B 157 -23.58 -16.48 -8.16
N LYS B 158 -23.90 -16.37 -6.86
CA LYS B 158 -25.09 -15.63 -6.36
C LYS B 158 -24.99 -14.14 -6.76
N GLU B 159 -23.85 -13.51 -6.54
CA GLU B 159 -23.58 -12.08 -6.90
C GLU B 159 -23.79 -11.87 -8.40
N ALA B 160 -23.43 -12.82 -9.26
CA ALA B 160 -23.54 -12.70 -10.74
C ALA B 160 -24.94 -13.08 -11.22
N ASN B 161 -25.80 -13.59 -10.34
CA ASN B 161 -27.11 -14.19 -10.71
C ASN B 161 -26.91 -15.27 -11.77
N ALA B 162 -25.79 -16.00 -11.70
CA ALA B 162 -25.43 -17.10 -12.64
C ALA B 162 -26.25 -18.33 -12.29
N PRO B 163 -26.73 -19.12 -13.27
CA PRO B 163 -27.48 -20.33 -12.96
C PRO B 163 -26.57 -21.43 -12.34
N HIS B 164 -27.00 -21.99 -11.21
CA HIS B 164 -26.25 -22.99 -10.43
C HIS B 164 -27.18 -23.60 -9.40
N GLU B 165 -26.79 -24.75 -8.84
CA GLU B 165 -27.53 -25.42 -7.73
C GLU B 165 -26.51 -26.20 -6.91
N GLU B 166 -26.55 -26.03 -5.58
CA GLU B 166 -25.90 -27.00 -4.67
C GLU B 166 -26.74 -28.27 -4.72
N ILE B 167 -26.12 -29.41 -5.03
CA ILE B 167 -26.83 -30.68 -5.25
C ILE B 167 -26.33 -31.71 -4.25
N ALA B 168 -27.13 -32.73 -4.00
CA ALA B 168 -26.75 -33.92 -3.22
C ALA B 168 -25.58 -34.61 -3.94
N VAL B 169 -24.57 -35.04 -3.19
CA VAL B 169 -23.40 -35.74 -3.77
C VAL B 169 -23.89 -37.04 -4.43
N GLU B 170 -24.87 -37.70 -3.83
CA GLU B 170 -25.48 -38.95 -4.34
C GLU B 170 -26.05 -38.73 -5.75
N SER B 171 -26.39 -37.50 -6.12
CA SER B 171 -27.01 -37.18 -7.44
C SER B 171 -25.92 -36.90 -8.49
N VAL B 172 -24.63 -36.82 -8.11
CA VAL B 172 -23.54 -36.60 -9.10
C VAL B 172 -23.32 -37.92 -9.82
N ASP B 173 -23.55 -37.95 -11.13
CA ASP B 173 -23.49 -39.22 -11.90
C ASP B 173 -22.02 -39.62 -12.08
N TRP B 174 -21.80 -40.90 -12.31
CA TRP B 174 -20.54 -41.49 -12.82
C TRP B 174 -19.51 -41.67 -11.69
N ILE B 175 -19.29 -40.67 -10.83
CA ILE B 175 -18.16 -40.67 -9.86
C ILE B 175 -18.22 -41.92 -8.97
N ASP B 176 -17.07 -42.44 -8.60
CA ASP B 176 -16.96 -43.60 -7.69
C ASP B 176 -15.71 -43.45 -6.82
N PRO B 177 -15.70 -42.45 -5.93
CA PRO B 177 -14.51 -42.17 -5.13
C PRO B 177 -14.28 -43.21 -4.04
N ASP B 178 -13.02 -43.31 -3.59
CA ASP B 178 -12.68 -43.88 -2.26
C ASP B 178 -13.55 -43.21 -1.21
N PRO B 179 -14.32 -43.94 -0.38
CA PRO B 179 -15.15 -43.34 0.66
C PRO B 179 -14.39 -42.35 1.58
N ASN B 180 -13.13 -42.61 1.90
CA ASN B 180 -12.31 -41.72 2.77
C ASN B 180 -11.90 -40.47 2.00
N SER B 181 -12.07 -40.43 0.68
CA SER B 181 -11.72 -39.29 -0.17
C SER B 181 -12.94 -38.67 -0.85
N ARG B 182 -14.15 -39.04 -0.43
CA ARG B 182 -15.40 -38.70 -1.15
C ARG B 182 -15.80 -37.26 -0.88
N PRO B 183 -16.54 -36.63 -1.80
CA PRO B 183 -17.06 -35.30 -1.56
C PRO B 183 -18.24 -35.38 -0.60
N LEU B 184 -18.46 -34.33 0.18
CA LEU B 184 -19.71 -34.24 1.01
C LEU B 184 -20.59 -33.09 0.53
N ARG B 185 -20.06 -32.21 -0.31
CA ARG B 185 -20.86 -31.15 -0.97
C ARG B 185 -20.50 -31.09 -2.45
N ALA B 186 -21.47 -30.68 -3.26
CA ALA B 186 -21.32 -30.61 -4.72
C ALA B 186 -22.14 -29.43 -5.25
N LEU B 187 -21.60 -28.78 -6.26
CA LEU B 187 -22.19 -27.57 -6.85
C LEU B 187 -22.24 -27.77 -8.38
N HIS B 188 -23.43 -27.70 -8.97
CA HIS B 188 -23.67 -27.75 -10.44
C HIS B 188 -23.65 -26.32 -10.99
N ILE B 189 -22.72 -26.01 -11.89
CA ILE B 189 -22.59 -24.70 -12.58
C ILE B 189 -23.05 -24.89 -14.03
N GLU B 190 -24.20 -24.30 -14.36
CA GLU B 190 -24.81 -24.40 -15.71
C GLU B 190 -24.06 -23.49 -16.69
N GLY B 191 -23.72 -24.00 -17.88
CA GLY B 191 -23.16 -23.17 -18.96
C GLY B 191 -21.69 -22.83 -18.73
N GLU B 192 -21.02 -23.57 -17.83
CA GLU B 192 -19.54 -23.50 -17.65
C GLU B 192 -19.01 -24.89 -18.02
N GLY B 193 -18.41 -25.03 -19.19
CA GLY B 193 -18.11 -26.34 -19.76
C GLY B 193 -16.65 -26.52 -20.10
N SER B 194 -16.39 -27.22 -21.19
CA SER B 194 -15.02 -27.57 -21.61
C SER B 194 -14.97 -27.71 -23.13
N VAL B 195 -13.77 -27.58 -23.65
CA VAL B 195 -13.44 -27.79 -25.09
C VAL B 195 -12.30 -28.78 -25.15
N ASP B 196 -12.17 -29.47 -26.28
CA ASP B 196 -11.00 -30.31 -26.61
C ASP B 196 -9.92 -29.38 -27.18
N SER B 197 -8.81 -29.21 -26.46
CA SER B 197 -7.76 -28.23 -26.80
C SER B 197 -7.12 -28.61 -28.14
N GLY B 198 -7.03 -29.90 -28.45
CA GLY B 198 -6.46 -30.42 -29.71
C GLY B 198 -7.36 -30.07 -30.89
N ILE B 199 -8.67 -30.29 -30.73
CA ILE B 199 -9.68 -29.97 -31.76
C ILE B 199 -9.78 -28.45 -31.92
N LEU B 200 -9.69 -27.68 -30.84
CA LEU B 200 -9.66 -26.21 -30.91
C LEU B 200 -8.44 -25.74 -31.73
N LEU B 201 -7.25 -26.24 -31.45
CA LEU B 201 -6.02 -25.82 -32.17
C LEU B 201 -6.15 -26.15 -33.66
N ALA B 202 -6.65 -27.35 -33.99
CA ALA B 202 -6.87 -27.79 -35.39
C ALA B 202 -7.86 -26.83 -36.06
N ALA B 203 -8.98 -26.50 -35.38
CA ALA B 203 -10.03 -25.61 -35.92
C ALA B 203 -9.47 -24.20 -36.14
N LEU B 204 -8.59 -23.74 -35.24
CA LEU B 204 -8.02 -22.37 -35.34
C LEU B 204 -7.07 -22.30 -36.54
N GLU B 205 -6.22 -23.31 -36.75
CA GLU B 205 -5.25 -23.35 -37.87
C GLU B 205 -6.02 -23.32 -39.20
N ARG B 206 -7.04 -24.18 -39.31
CA ARG B 206 -7.92 -24.30 -40.49
C ARG B 206 -8.65 -22.98 -40.74
N SER B 207 -9.16 -22.35 -39.70
CA SER B 207 -9.90 -21.06 -39.77
C SER B 207 -8.96 -19.93 -40.16
N PHE B 208 -7.72 -20.02 -39.71
CA PHE B 208 -6.69 -19.01 -40.02
C PHE B 208 -6.41 -19.06 -41.53
N LEU B 209 -6.22 -20.26 -42.09
CA LEU B 209 -5.96 -20.47 -43.53
C LEU B 209 -7.16 -20.00 -44.35
N GLN B 210 -8.38 -20.38 -43.95
CA GLN B 210 -9.63 -19.98 -44.62
C GLN B 210 -9.72 -18.46 -44.73
N ALA B 211 -9.21 -17.73 -43.73
CA ALA B 211 -9.30 -16.26 -43.65
C ALA B 211 -8.14 -15.58 -44.40
N GLY B 212 -7.23 -16.34 -44.99
CA GLY B 212 -6.12 -15.81 -45.80
C GLY B 212 -4.82 -15.71 -45.03
N GLY B 213 -4.77 -16.29 -43.82
CA GLY B 213 -3.52 -16.33 -43.04
C GLY B 213 -2.51 -17.27 -43.65
N ARG B 214 -1.22 -17.04 -43.44
CA ARG B 214 -0.18 -18.02 -43.84
C ARG B 214 0.58 -18.52 -42.61
N LEU B 215 0.72 -19.85 -42.50
CA LEU B 215 1.49 -20.55 -41.44
C LEU B 215 2.91 -20.76 -41.93
N HIS B 216 3.88 -20.26 -41.17
CA HIS B 216 5.33 -20.42 -41.45
C HIS B 216 5.93 -21.16 -40.27
N PRO B 217 6.16 -22.49 -40.38
CA PRO B 217 6.54 -23.32 -39.24
C PRO B 217 8.01 -23.16 -38.82
N VAL B 218 8.40 -21.96 -38.44
CA VAL B 218 9.73 -21.65 -37.84
C VAL B 218 9.48 -20.81 -36.58
N ASP B 219 10.51 -20.63 -35.76
CA ASP B 219 10.46 -19.79 -34.55
C ASP B 219 11.13 -18.44 -34.84
N ALA B 220 10.59 -17.37 -34.26
CA ALA B 220 11.27 -16.05 -34.18
C ALA B 220 12.49 -16.22 -33.27
N THR B 221 13.65 -15.69 -33.66
CA THR B 221 14.84 -15.58 -32.78
C THR B 221 15.00 -14.14 -32.29
N GLU B 222 14.58 -13.15 -33.08
CA GLU B 222 14.86 -11.72 -32.79
C GLU B 222 13.75 -10.85 -33.38
N ILE B 223 13.28 -9.87 -32.60
CA ILE B 223 12.39 -8.78 -33.11
C ILE B 223 13.32 -7.64 -33.56
N ARG B 224 13.12 -7.14 -34.78
CA ARG B 224 13.94 -6.02 -35.31
C ARG B 224 13.13 -4.72 -35.19
N ALA B 225 13.73 -3.71 -34.60
CA ALA B 225 13.11 -2.36 -34.40
C ALA B 225 14.19 -1.29 -34.51
N SER B 226 13.83 -0.14 -35.07
CA SER B 226 14.65 1.10 -35.05
C SER B 226 13.73 2.31 -35.19
N HIS B 227 14.15 3.46 -34.68
CA HIS B 227 13.40 4.74 -34.76
C HIS B 227 11.99 4.50 -34.19
N GLY B 228 11.94 3.76 -33.06
CA GLY B 228 10.76 3.53 -32.21
C GLY B 228 9.65 2.75 -32.90
N ARG B 229 9.98 1.88 -33.85
CA ARG B 229 8.98 1.19 -34.70
C ARG B 229 9.50 -0.20 -35.06
N VAL B 230 8.63 -1.21 -35.16
CA VAL B 230 9.01 -2.60 -35.56
C VAL B 230 9.31 -2.59 -37.06
N GLU B 231 10.35 -3.32 -37.46
CA GLU B 231 10.74 -3.58 -38.87
C GLU B 231 10.38 -5.01 -39.26
N GLY B 232 10.45 -5.96 -38.33
CA GLY B 232 10.01 -7.35 -38.53
C GLY B 232 10.73 -8.33 -37.63
N VAL B 233 10.92 -9.56 -38.10
CA VAL B 233 11.37 -10.72 -37.28
C VAL B 233 12.44 -11.52 -38.02
N VAL B 234 13.56 -11.79 -37.36
CA VAL B 234 14.55 -12.82 -37.79
C VAL B 234 14.05 -14.18 -37.28
N THR B 235 13.97 -15.18 -38.18
CA THR B 235 13.53 -16.57 -37.88
C THR B 235 14.76 -17.45 -37.62
N ASP B 236 14.56 -18.65 -37.06
CA ASP B 236 15.66 -19.54 -36.62
C ASP B 236 16.21 -20.34 -37.81
N ASP B 237 15.68 -20.15 -39.02
CA ASP B 237 16.29 -20.65 -40.29
C ASP B 237 17.10 -19.52 -40.96
N GLY B 238 17.36 -18.41 -40.25
CA GLY B 238 18.26 -17.32 -40.67
C GLY B 238 17.55 -16.21 -41.44
N ASP B 239 16.32 -16.45 -41.90
CA ASP B 239 15.53 -15.52 -42.75
C ASP B 239 15.16 -14.26 -41.97
N PHE B 240 14.83 -13.17 -42.67
CA PHE B 240 14.20 -11.94 -42.10
C PHE B 240 12.84 -11.74 -42.76
N LEU B 241 11.77 -11.62 -41.96
CA LEU B 241 10.41 -11.34 -42.45
C LEU B 241 10.06 -9.91 -42.07
N PRO B 242 9.75 -9.02 -43.04
CA PRO B 242 9.40 -7.64 -42.74
C PRO B 242 7.95 -7.56 -42.26
N ALA B 243 7.64 -6.59 -41.40
CA ALA B 243 6.27 -6.36 -40.88
C ALA B 243 6.15 -4.94 -40.32
N GLY B 244 4.96 -4.36 -40.43
CA GLY B 244 4.55 -3.14 -39.72
C GLY B 244 3.99 -3.46 -38.34
N HIS B 245 3.50 -4.70 -38.13
CA HIS B 245 2.96 -5.18 -36.83
C HIS B 245 3.55 -6.54 -36.46
N VAL B 246 4.01 -6.69 -35.22
CA VAL B 246 4.46 -7.98 -34.60
C VAL B 246 3.68 -8.16 -33.29
N VAL B 247 2.91 -9.23 -33.21
CA VAL B 247 2.14 -9.65 -32.01
C VAL B 247 2.87 -10.83 -31.38
N VAL B 248 3.43 -10.63 -30.20
CA VAL B 248 4.18 -11.68 -29.45
C VAL B 248 3.17 -12.44 -28.59
N ALA B 249 2.90 -13.70 -28.97
CA ALA B 249 2.05 -14.64 -28.21
C ALA B 249 2.78 -15.98 -28.12
N ALA B 250 4.00 -15.92 -27.62
CA ALA B 250 4.96 -17.05 -27.56
C ALA B 250 4.91 -17.74 -26.19
N GLY B 251 3.76 -17.67 -25.50
CA GLY B 251 3.58 -18.23 -24.15
C GLY B 251 4.72 -17.80 -23.23
N ALA B 252 5.32 -18.75 -22.51
CA ALA B 252 6.30 -18.45 -21.44
C ALA B 252 7.59 -17.83 -22.02
N ARG B 253 7.77 -17.82 -23.35
CA ARG B 253 8.98 -17.26 -24.01
C ARG B 253 8.77 -15.79 -24.39
N SER B 254 7.57 -15.23 -24.21
CA SER B 254 7.14 -13.94 -24.81
C SER B 254 8.02 -12.76 -24.31
N GLN B 255 8.24 -12.66 -22.99
CA GLN B 255 8.99 -11.52 -22.43
C GLN B 255 10.48 -11.67 -22.77
N ARG B 256 11.02 -12.90 -22.74
CA ARG B 256 12.45 -13.15 -23.07
C ARG B 256 12.71 -12.64 -24.49
N LEU B 257 11.73 -12.73 -25.38
CA LEU B 257 11.87 -12.36 -26.82
C LEU B 257 11.90 -10.83 -26.96
N VAL B 258 11.04 -10.11 -26.24
CA VAL B 258 10.89 -8.62 -26.31
C VAL B 258 11.95 -7.93 -25.44
N ALA B 259 12.44 -8.58 -24.38
CA ALA B 259 13.40 -8.04 -23.40
C ALA B 259 14.73 -7.66 -24.06
N ALA B 260 15.05 -8.23 -25.22
CA ALA B 260 16.28 -7.94 -26.00
C ALA B 260 16.27 -6.52 -26.57
N LEU B 261 15.08 -5.93 -26.82
CA LEU B 261 14.91 -4.56 -27.37
C LEU B 261 15.29 -3.52 -26.31
N PRO B 262 15.78 -2.32 -26.71
CA PRO B 262 16.39 -1.39 -25.76
C PRO B 262 15.47 -0.95 -24.60
N GLY B 263 15.93 -1.10 -23.37
CA GLY B 263 15.24 -0.66 -22.15
C GLY B 263 14.11 -1.58 -21.72
N LEU B 264 13.74 -2.57 -22.55
CA LEU B 264 12.50 -3.34 -22.34
C LEU B 264 12.71 -4.46 -21.31
N ALA B 265 13.96 -4.78 -20.94
CA ALA B 265 14.29 -5.83 -19.95
C ALA B 265 13.64 -5.51 -18.59
N HIS B 266 13.50 -4.22 -18.24
CA HIS B 266 12.99 -3.77 -16.92
C HIS B 266 11.65 -3.03 -17.08
N ARG B 267 11.04 -3.08 -18.26
CA ARG B 267 9.75 -2.41 -18.54
C ARG B 267 8.65 -3.42 -18.89
N ILE B 268 9.01 -4.64 -19.29
CA ILE B 268 8.05 -5.76 -19.53
C ILE B 268 8.25 -6.77 -18.39
N PRO B 269 7.26 -6.93 -17.49
CA PRO B 269 7.37 -7.91 -16.42
C PRO B 269 7.78 -9.30 -16.96
N ARG B 270 8.71 -9.93 -16.28
CA ARG B 270 9.15 -11.31 -16.59
C ARG B 270 7.96 -12.28 -16.54
N ILE B 271 8.04 -13.30 -17.39
CA ILE B 271 7.08 -14.42 -17.46
C ILE B 271 7.89 -15.70 -17.24
N TYR B 272 7.48 -16.53 -16.29
CA TYR B 272 8.14 -17.82 -16.01
C TYR B 272 7.24 -18.98 -16.50
N ASP B 273 7.75 -20.21 -16.38
CA ASP B 273 7.06 -21.46 -16.80
C ASP B 273 6.28 -22.03 -15.60
N GLY B 274 4.95 -21.93 -15.63
CA GLY B 274 4.07 -22.69 -14.73
C GLY B 274 3.89 -24.10 -15.27
N VAL B 275 4.87 -24.97 -15.00
CA VAL B 275 4.92 -26.33 -15.61
C VAL B 275 3.73 -27.11 -15.07
N GLY B 276 2.92 -27.62 -15.96
CA GLY B 276 1.71 -28.38 -15.62
C GLY B 276 1.72 -29.76 -16.26
N VAL B 277 1.30 -30.75 -15.51
CA VAL B 277 1.21 -32.17 -15.97
C VAL B 277 -0.26 -32.57 -16.01
N SER B 278 -0.67 -33.18 -17.10
CA SER B 278 -2.02 -33.73 -17.32
C SER B 278 -1.86 -35.11 -17.97
N ALA B 279 -2.96 -35.83 -18.16
CA ALA B 279 -2.90 -37.17 -18.76
C ALA B 279 -4.20 -37.47 -19.51
N LEU B 280 -4.07 -38.22 -20.60
CA LEU B 280 -5.23 -38.84 -21.30
C LEU B 280 -5.28 -40.30 -20.86
N VAL B 281 -6.47 -40.73 -20.46
CA VAL B 281 -6.75 -42.09 -19.93
C VAL B 281 -7.89 -42.67 -20.77
N ASP B 282 -7.70 -43.89 -21.29
CA ASP B 282 -8.81 -44.70 -21.87
C ASP B 282 -9.53 -45.39 -20.71
N THR B 283 -10.78 -45.04 -20.46
CA THR B 283 -11.51 -45.55 -19.28
C THR B 283 -11.78 -47.05 -19.48
N TRP B 284 -11.76 -47.80 -18.36
CA TRP B 284 -11.96 -49.26 -18.27
C TRP B 284 -13.16 -49.70 -19.13
N ASP B 285 -14.25 -48.92 -19.19
CA ASP B 285 -15.51 -49.33 -19.85
C ASP B 285 -15.89 -48.35 -20.97
N GLY B 286 -14.98 -47.45 -21.35
CA GLY B 286 -15.25 -46.45 -22.39
C GLY B 286 -16.18 -45.34 -21.92
N SER B 287 -16.64 -45.34 -20.66
CA SER B 287 -17.58 -44.30 -20.15
C SER B 287 -16.81 -43.01 -19.82
N GLY B 288 -17.57 -41.95 -19.58
CA GLY B 288 -17.08 -40.68 -19.03
C GLY B 288 -18.20 -39.93 -18.37
N PRO B 289 -17.90 -38.90 -17.55
CA PRO B 289 -18.95 -38.05 -16.99
C PRO B 289 -19.52 -37.12 -18.08
N ALA B 290 -20.77 -36.70 -17.91
CA ALA B 290 -21.48 -35.80 -18.82
C ALA B 290 -21.01 -34.37 -18.58
N THR B 291 -20.47 -34.07 -17.40
CA THR B 291 -19.98 -32.72 -17.05
C THR B 291 -18.48 -32.75 -16.77
N VAL B 292 -17.86 -31.57 -16.78
CA VAL B 292 -16.56 -31.34 -16.10
C VAL B 292 -16.74 -31.74 -14.61
N LEU B 293 -15.75 -32.38 -14.02
CA LEU B 293 -15.68 -32.63 -12.55
C LEU B 293 -14.43 -31.93 -12.05
N ARG B 294 -14.52 -31.11 -10.99
CA ARG B 294 -13.35 -30.37 -10.50
C ARG B 294 -13.50 -30.11 -9.01
N THR B 295 -12.36 -29.88 -8.34
CA THR B 295 -12.26 -29.19 -7.04
C THR B 295 -12.05 -27.71 -7.34
N SER B 296 -12.09 -26.85 -6.33
CA SER B 296 -11.56 -25.47 -6.46
C SER B 296 -10.04 -25.54 -6.62
N ASN B 297 -9.41 -24.45 -6.99
CA ASN B 297 -7.95 -24.33 -7.12
C ASN B 297 -7.34 -24.65 -5.75
N ARG B 298 -6.19 -25.33 -5.74
CA ARG B 298 -5.56 -25.85 -4.51
C ARG B 298 -4.13 -25.31 -4.42
N ALA B 299 -3.26 -25.94 -3.64
CA ALA B 299 -1.92 -25.43 -3.29
C ALA B 299 -1.20 -24.94 -4.54
N PHE B 300 -0.79 -23.67 -4.54
CA PHE B 300 0.04 -23.03 -5.58
C PHE B 300 -0.57 -23.23 -6.97
N ALA B 301 -1.88 -23.01 -7.09
CA ALA B 301 -2.64 -23.06 -8.37
C ALA B 301 -2.51 -24.43 -9.07
N CYS B 302 -2.23 -25.49 -8.30
CA CYS B 302 -2.58 -26.90 -8.64
C CYS B 302 -4.11 -27.00 -8.52
N GLY B 303 -4.71 -28.04 -9.09
CA GLY B 303 -6.16 -28.33 -8.98
C GLY B 303 -6.47 -29.68 -9.57
N LEU B 304 -7.53 -30.32 -9.15
CA LEU B 304 -7.91 -31.65 -9.67
C LEU B 304 -9.15 -31.46 -10.55
N HIS B 305 -9.11 -31.97 -11.78
CA HIS B 305 -10.29 -31.93 -12.67
C HIS B 305 -10.24 -33.06 -13.68
N LEU B 306 -11.43 -33.42 -14.15
CA LEU B 306 -11.60 -34.39 -15.24
C LEU B 306 -12.46 -33.68 -16.29
N VAL B 307 -11.92 -33.59 -17.51
CA VAL B 307 -12.61 -33.01 -18.69
C VAL B 307 -13.01 -34.14 -19.62
N PRO B 308 -14.30 -34.28 -19.97
CA PRO B 308 -14.74 -35.28 -20.94
C PRO B 308 -14.07 -35.10 -22.31
N ARG B 309 -13.79 -36.21 -22.98
CA ARG B 309 -13.32 -36.25 -24.38
C ARG B 309 -14.19 -37.26 -25.15
N ALA B 310 -14.20 -37.17 -26.48
CA ALA B 310 -14.92 -38.14 -27.35
C ALA B 310 -14.15 -39.46 -27.37
N GLY B 311 -14.84 -40.59 -27.56
CA GLY B 311 -14.23 -41.89 -27.89
C GLY B 311 -13.61 -42.62 -26.69
N GLY B 312 -14.22 -42.60 -25.52
CA GLY B 312 -13.77 -43.47 -24.40
C GLY B 312 -12.45 -42.99 -23.76
N SER B 313 -12.03 -41.77 -24.05
CA SER B 313 -10.91 -41.07 -23.38
C SER B 313 -11.46 -40.07 -22.37
N VAL B 314 -10.74 -39.84 -21.27
CA VAL B 314 -10.95 -38.68 -20.37
C VAL B 314 -9.61 -37.97 -20.18
N TYR B 315 -9.67 -36.66 -19.99
CA TYR B 315 -8.50 -35.84 -19.60
C TYR B 315 -8.53 -35.68 -18.07
N ILE B 316 -7.41 -35.91 -17.42
CA ILE B 316 -7.26 -35.59 -15.97
C ILE B 316 -6.10 -34.61 -15.82
N GLY B 317 -6.32 -33.60 -14.99
CA GLY B 317 -5.32 -32.58 -14.70
C GLY B 317 -5.55 -31.99 -13.32
N ALA B 318 -4.71 -31.05 -12.94
CA ALA B 318 -3.48 -30.70 -13.62
C ALA B 318 -2.55 -30.14 -12.56
N THR B 319 -1.28 -30.54 -12.57
CA THR B 319 -0.31 -30.05 -11.57
C THR B 319 0.12 -28.64 -12.02
N ASN B 320 0.77 -27.93 -11.12
CA ASN B 320 1.38 -26.62 -11.46
C ASN B 320 2.61 -26.45 -10.58
N ALA B 321 3.72 -26.06 -11.17
CA ALA B 321 4.95 -25.71 -10.41
C ALA B 321 5.65 -24.63 -11.21
N VAL B 322 5.81 -23.45 -10.59
CA VAL B 322 6.55 -22.37 -11.26
C VAL B 322 8.02 -22.76 -11.27
N CYS B 323 8.63 -22.77 -12.46
CA CYS B 323 10.07 -23.07 -12.65
C CYS B 323 10.75 -21.84 -13.26
N LEU B 324 11.96 -21.53 -12.81
CA LEU B 324 12.72 -20.35 -13.29
C LEU B 324 13.35 -20.68 -14.63
N GLU B 325 13.42 -21.97 -14.99
CA GLU B 325 13.86 -22.41 -16.34
C GLU B 325 12.84 -23.41 -16.86
N PRO B 326 12.61 -23.46 -18.19
CA PRO B 326 11.60 -24.36 -18.74
C PRO B 326 11.94 -25.84 -18.54
N ARG B 327 10.91 -26.66 -18.49
CA ARG B 327 11.01 -28.14 -18.32
C ARG B 327 9.91 -28.75 -19.16
N GLY B 328 10.26 -29.75 -19.96
CA GLY B 328 9.36 -30.35 -20.96
C GLY B 328 8.98 -31.78 -20.61
N ALA B 329 9.34 -32.29 -19.44
CA ALA B 329 8.97 -33.66 -19.01
C ALA B 329 8.41 -33.61 -17.58
N ALA B 330 7.43 -34.48 -17.32
CA ALA B 330 6.79 -34.62 -15.99
C ALA B 330 7.83 -35.18 -15.03
N SER B 331 7.79 -34.75 -13.79
CA SER B 331 8.52 -35.45 -12.72
C SER B 331 7.70 -36.68 -12.29
N ILE B 332 8.36 -37.64 -11.69
CA ILE B 332 7.70 -38.82 -11.09
C ILE B 332 6.65 -38.33 -10.10
N GLU B 333 7.02 -37.40 -9.22
CA GLU B 333 6.14 -36.88 -8.14
C GLU B 333 4.84 -36.31 -8.72
N GLU B 334 4.91 -35.55 -9.80
CA GLU B 334 3.74 -34.88 -10.45
C GLU B 334 2.78 -35.95 -10.97
N THR B 335 3.32 -36.95 -11.65
CA THR B 335 2.54 -38.08 -12.23
C THR B 335 1.82 -38.84 -11.10
N VAL B 336 2.55 -39.22 -10.06
CA VAL B 336 1.97 -40.00 -8.93
C VAL B 336 0.88 -39.15 -8.26
N PHE B 337 1.14 -37.86 -7.98
CA PHE B 337 0.18 -37.00 -7.27
C PHE B 337 -1.10 -36.89 -8.10
N LEU B 338 -0.99 -36.62 -9.39
CA LEU B 338 -2.17 -36.44 -10.28
C LEU B 338 -3.01 -37.73 -10.29
N PHE B 339 -2.36 -38.89 -10.51
CA PHE B 339 -3.06 -40.19 -10.63
C PHE B 339 -3.70 -40.54 -9.28
N ASN B 340 -2.97 -40.31 -8.19
CA ASN B 340 -3.51 -40.63 -6.84
C ASN B 340 -4.76 -39.80 -6.56
N CYS B 341 -4.73 -38.51 -6.87
CA CYS B 341 -5.88 -37.59 -6.65
C CYS B 341 -7.09 -38.08 -7.45
N ALA B 342 -6.91 -38.37 -8.73
CA ALA B 342 -8.00 -38.71 -9.65
C ALA B 342 -8.65 -40.05 -9.26
N THR B 343 -7.83 -41.05 -8.94
CA THR B 343 -8.32 -42.41 -8.64
C THR B 343 -9.06 -42.42 -7.31
N HIS B 344 -8.63 -41.62 -6.32
CA HIS B 344 -9.27 -41.62 -4.98
C HIS B 344 -10.48 -40.70 -4.96
N GLN B 345 -10.36 -39.50 -5.53
CA GLN B 345 -11.30 -38.39 -5.29
C GLN B 345 -12.39 -38.37 -6.36
N LEU B 346 -12.14 -38.93 -7.54
CA LEU B 346 -13.11 -38.90 -8.68
C LEU B 346 -13.65 -40.30 -8.99
N HIS B 347 -12.80 -41.25 -9.37
CA HIS B 347 -13.28 -42.58 -9.82
C HIS B 347 -12.19 -43.64 -9.68
N ARG B 348 -12.45 -44.63 -8.82
CA ARG B 348 -11.52 -45.75 -8.55
C ARG B 348 -11.33 -46.61 -9.81
N GLY B 349 -12.30 -46.60 -10.72
CA GLY B 349 -12.21 -47.24 -12.04
C GLY B 349 -11.03 -46.74 -12.85
N LEU B 350 -10.60 -45.49 -12.63
CA LEU B 350 -9.43 -44.95 -13.36
C LEU B 350 -8.18 -45.74 -12.99
N ASN B 351 -8.17 -46.37 -11.82
CA ASN B 351 -6.99 -47.16 -11.35
C ASN B 351 -6.67 -48.27 -12.35
N GLY B 352 -7.69 -48.95 -12.86
CA GLY B 352 -7.55 -50.07 -13.81
C GLY B 352 -7.59 -49.60 -15.24
N SER B 353 -7.67 -48.29 -15.48
CA SER B 353 -7.79 -47.72 -16.82
C SER B 353 -6.39 -47.56 -17.41
N GLU B 354 -6.32 -47.46 -18.72
CA GLU B 354 -5.04 -47.44 -19.46
C GLU B 354 -4.58 -45.99 -19.62
N LEU B 355 -3.33 -45.74 -19.27
CA LEU B 355 -2.64 -44.46 -19.53
C LEU B 355 -2.30 -44.37 -21.03
N ARG B 356 -2.88 -43.39 -21.72
CA ARG B 356 -2.60 -43.14 -23.16
C ARG B 356 -1.44 -42.15 -23.30
N LYS B 357 -1.41 -41.08 -22.50
CA LYS B 357 -0.41 -40.00 -22.71
C LYS B 357 -0.27 -39.19 -21.43
N VAL B 358 0.98 -38.94 -21.01
CA VAL B 358 1.34 -37.89 -20.02
C VAL B 358 1.71 -36.63 -20.80
N GLN B 359 1.05 -35.53 -20.51
CA GLN B 359 1.21 -34.24 -21.24
C GLN B 359 1.86 -33.25 -20.28
N VAL B 360 2.75 -32.41 -20.81
CA VAL B 360 3.46 -31.37 -20.06
C VAL B 360 3.42 -30.09 -20.90
N GLY B 361 3.03 -28.97 -20.30
CA GLY B 361 3.08 -27.65 -20.94
C GLY B 361 3.35 -26.56 -19.91
N SER B 362 3.73 -25.37 -20.37
CA SER B 362 4.17 -24.26 -19.50
C SER B 362 3.10 -23.16 -19.51
N ARG B 363 2.34 -23.04 -18.43
CA ARG B 363 1.47 -21.88 -18.18
C ARG B 363 2.35 -20.63 -18.11
N PRO B 364 2.10 -19.59 -18.94
CA PRO B 364 2.90 -18.36 -18.86
C PRO B 364 2.59 -17.68 -17.51
N ALA B 365 3.57 -17.67 -16.60
CA ALA B 365 3.41 -17.22 -15.20
C ALA B 365 4.04 -15.84 -15.03
N PRO B 366 3.25 -14.74 -15.10
CA PRO B 366 3.82 -13.40 -14.98
C PRO B 366 4.34 -13.16 -13.55
N ILE B 367 5.50 -12.51 -13.42
CA ILE B 367 6.19 -12.30 -12.11
C ILE B 367 5.31 -11.46 -11.16
N ASP B 368 4.38 -10.63 -11.64
CA ASP B 368 3.54 -9.75 -10.79
C ASP B 368 2.10 -10.30 -10.73
N GLY B 369 1.84 -11.45 -11.35
CA GLY B 369 0.58 -12.20 -11.13
C GLY B 369 -0.54 -11.81 -12.07
N PHE B 370 -0.29 -10.91 -13.04
CA PHE B 370 -1.35 -10.45 -13.96
C PHE B 370 -0.84 -10.50 -15.39
N PRO B 371 -1.76 -10.68 -16.37
CA PRO B 371 -1.40 -10.81 -17.77
C PRO B 371 -0.73 -9.59 -18.38
N LEU B 372 -0.12 -9.80 -19.55
CA LEU B 372 0.55 -8.77 -20.38
C LEU B 372 -0.19 -8.72 -21.72
N ILE B 373 -1.12 -7.78 -21.88
CA ILE B 373 -2.03 -7.68 -23.04
C ILE B 373 -2.01 -6.23 -23.54
N GLY B 374 -1.54 -6.03 -24.77
CA GLY B 374 -1.75 -4.77 -25.49
C GLY B 374 -0.45 -4.24 -26.06
N GLY B 375 -0.37 -2.92 -26.14
CA GLY B 375 0.67 -2.21 -26.90
C GLY B 375 1.87 -1.92 -26.04
N THR B 376 2.89 -1.37 -26.69
CA THR B 376 4.27 -1.23 -26.21
C THR B 376 4.68 0.22 -26.55
N SER B 377 5.83 0.69 -26.06
CA SER B 377 6.48 1.96 -26.46
C SER B 377 7.08 1.84 -27.87
N VAL B 378 7.08 0.65 -28.45
CA VAL B 378 7.54 0.38 -29.85
C VAL B 378 6.31 0.30 -30.75
N GLU B 379 6.20 1.20 -31.73
CA GLU B 379 5.06 1.27 -32.67
C GLU B 379 4.95 -0.07 -33.41
N GLY B 380 3.76 -0.65 -33.44
CA GLY B 380 3.50 -1.93 -34.12
C GLY B 380 3.90 -3.17 -33.32
N LEU B 381 4.43 -3.01 -32.09
CA LEU B 381 4.76 -4.18 -31.22
C LEU B 381 3.65 -4.38 -30.19
N TRP B 382 3.04 -5.56 -30.19
CA TRP B 382 1.92 -5.98 -29.31
C TRP B 382 2.32 -7.27 -28.57
N MET B 383 1.77 -7.48 -27.38
CA MET B 383 1.98 -8.69 -26.57
C MET B 383 0.60 -9.23 -26.16
N LEU B 384 0.48 -10.55 -26.17
CA LEU B 384 -0.68 -11.31 -25.65
C LEU B 384 -0.09 -12.52 -24.90
N SER B 385 0.13 -12.39 -23.60
CA SER B 385 0.85 -13.41 -22.80
C SER B 385 0.57 -13.24 -21.31
N GLY B 386 1.15 -14.14 -20.52
CA GLY B 386 1.11 -14.09 -19.04
C GLY B 386 -0.25 -14.44 -18.49
N THR B 387 -0.99 -15.31 -19.19
CA THR B 387 -2.40 -15.64 -18.83
C THR B 387 -2.48 -16.81 -17.83
N TYR B 388 -1.36 -17.47 -17.54
CA TYR B 388 -1.26 -18.48 -16.46
C TYR B 388 -2.30 -19.59 -16.67
N ARG B 389 -3.37 -19.64 -15.87
CA ARG B 389 -4.35 -20.75 -15.83
C ARG B 389 -5.50 -20.56 -16.83
N ASP B 390 -5.72 -19.38 -17.41
CA ASP B 390 -7.02 -19.13 -18.09
C ASP B 390 -6.90 -18.27 -19.37
N GLY B 391 -5.77 -18.33 -20.05
CA GLY B 391 -5.62 -17.69 -21.36
C GLY B 391 -6.47 -18.36 -22.41
N LEU B 392 -6.59 -19.70 -22.38
CA LEU B 392 -7.43 -20.43 -23.34
C LEU B 392 -8.88 -19.97 -23.16
N HIS B 393 -9.40 -19.96 -21.93
CA HIS B 393 -10.78 -19.51 -21.66
C HIS B 393 -10.97 -18.07 -22.17
N MET B 394 -10.00 -17.19 -21.94
CA MET B 394 -10.17 -15.74 -22.23
C MET B 394 -9.83 -15.44 -23.69
N SER B 395 -9.30 -16.41 -24.44
CA SER B 395 -8.73 -16.20 -25.81
C SER B 395 -9.67 -15.39 -26.71
N PRO B 396 -10.98 -15.69 -26.87
CA PRO B 396 -11.79 -14.92 -27.83
C PRO B 396 -11.89 -13.44 -27.43
N LEU B 397 -12.01 -13.17 -26.12
CA LEU B 397 -12.08 -11.79 -25.58
C LEU B 397 -10.72 -11.12 -25.77
N LEU B 398 -9.61 -11.80 -25.44
CA LEU B 398 -8.26 -11.19 -25.51
C LEU B 398 -7.90 -10.87 -26.97
N ALA B 399 -8.24 -11.77 -27.89
CA ALA B 399 -7.98 -11.60 -29.33
C ALA B 399 -8.69 -10.32 -29.82
N ARG B 400 -9.97 -10.19 -29.50
CA ARG B 400 -10.83 -9.06 -29.94
C ARG B 400 -10.31 -7.76 -29.34
N HIS B 401 -9.84 -7.80 -28.09
CA HIS B 401 -9.25 -6.62 -27.43
C HIS B 401 -8.04 -6.14 -28.24
N VAL B 402 -7.07 -7.01 -28.50
CA VAL B 402 -5.81 -6.60 -29.16
C VAL B 402 -6.13 -6.12 -30.59
N VAL B 403 -7.05 -6.78 -31.29
CA VAL B 403 -7.42 -6.42 -32.68
C VAL B 403 -8.07 -5.02 -32.70
N SER B 404 -8.93 -4.72 -31.72
CA SER B 404 -9.53 -3.38 -31.53
C SER B 404 -8.42 -2.34 -31.32
N LEU B 405 -7.46 -2.62 -30.43
CA LEU B 405 -6.31 -1.71 -30.15
C LEU B 405 -5.52 -1.45 -31.43
N MET B 406 -5.27 -2.50 -32.23
CA MET B 406 -4.45 -2.40 -33.47
C MET B 406 -5.15 -1.53 -34.50
N ASP B 407 -6.48 -1.47 -34.43
CA ASP B 407 -7.36 -0.73 -35.38
C ASP B 407 -7.66 0.67 -34.82
N GLY B 408 -6.99 1.09 -33.73
CA GLY B 408 -7.14 2.41 -33.10
C GLY B 408 -8.33 2.51 -32.17
N GLY B 409 -8.99 1.38 -31.84
CA GLY B 409 -10.09 1.32 -30.86
C GLY B 409 -9.55 1.28 -29.45
N THR B 410 -10.43 1.11 -28.45
CA THR B 410 -10.07 1.01 -27.02
C THR B 410 -10.32 -0.42 -26.51
N GLY B 411 -10.72 -1.34 -27.39
CA GLY B 411 -10.93 -2.77 -27.05
C GLY B 411 -11.89 -2.93 -25.89
N VAL B 412 -11.56 -3.81 -24.95
CA VAL B 412 -12.44 -4.16 -23.80
C VAL B 412 -12.03 -3.29 -22.60
N ASP B 413 -13.01 -2.66 -21.97
CA ASP B 413 -12.87 -1.88 -20.71
C ASP B 413 -12.35 -2.85 -19.64
N GLY B 414 -11.33 -2.46 -18.88
CA GLY B 414 -10.86 -3.26 -17.74
C GLY B 414 -9.61 -4.05 -18.03
N LEU B 415 -9.11 -4.06 -19.26
CA LEU B 415 -7.84 -4.75 -19.64
C LEU B 415 -6.68 -3.76 -19.73
N ARG B 416 -6.92 -2.44 -19.60
CA ARG B 416 -5.83 -1.43 -19.70
C ARG B 416 -4.85 -1.56 -18.54
N GLU B 417 -5.30 -1.95 -17.35
CA GLU B 417 -4.47 -2.23 -16.15
C GLU B 417 -3.39 -3.28 -16.50
N PHE B 418 -3.61 -4.10 -17.53
CA PHE B 418 -2.78 -5.30 -17.83
C PHE B 418 -1.92 -5.05 -19.07
N ARG B 419 -1.76 -3.78 -19.45
CA ARG B 419 -0.80 -3.30 -20.50
C ARG B 419 0.55 -3.92 -20.21
N PRO B 420 1.27 -4.44 -21.22
CA PRO B 420 2.50 -5.18 -20.98
C PRO B 420 3.70 -4.35 -20.49
N GLU B 421 3.74 -3.07 -20.84
CA GLU B 421 4.88 -2.18 -20.48
C GLU B 421 4.44 -1.41 -19.23
N ARG B 422 4.95 -1.83 -18.08
CA ARG B 422 4.43 -1.37 -16.77
C ARG B 422 5.48 -1.67 -15.70
N ASP B 423 5.46 -0.86 -14.65
CA ASP B 423 6.03 -1.21 -13.33
C ASP B 423 5.32 -2.52 -12.90
N LEU B 424 6.01 -3.37 -12.15
CA LEU B 424 5.40 -4.59 -11.55
C LEU B 424 4.22 -4.17 -10.70
N ILE B 425 3.08 -4.83 -10.88
CA ILE B 425 1.87 -4.62 -10.05
C ILE B 425 2.17 -5.17 -8.64
N SER B 426 1.68 -4.49 -7.61
CA SER B 426 1.63 -4.98 -6.21
C SER B 426 0.18 -5.15 -5.79
N ALA B 427 -0.44 -6.28 -6.15
CA ALA B 427 -1.88 -6.51 -5.95
C ALA B 427 -2.18 -6.88 -4.48
N TRP B 428 -1.17 -7.28 -3.72
CA TRP B 428 -1.29 -7.72 -2.31
C TRP B 428 -0.18 -7.10 -1.47
N SER B 429 -0.43 -6.93 -0.18
CA SER B 429 0.60 -6.61 0.85
C SER B 429 1.56 -7.78 1.00
N ARG B 430 2.80 -7.50 1.40
CA ARG B 430 3.82 -8.50 1.75
C ARG B 430 3.24 -9.46 2.80
N GLU B 431 2.54 -8.91 3.79
CA GLU B 431 1.90 -9.68 4.90
C GLU B 431 0.89 -10.69 4.32
N GLU B 432 0.04 -10.25 3.39
CA GLU B 432 -0.98 -11.12 2.74
C GLU B 432 -0.26 -12.29 2.04
N ILE B 433 0.79 -11.99 1.28
CA ILE B 433 1.52 -13.01 0.47
C ILE B 433 2.20 -14.01 1.43
N LEU B 434 2.79 -13.51 2.50
CA LEU B 434 3.46 -14.38 3.51
C LEU B 434 2.44 -15.30 4.17
N ASP B 435 1.24 -14.83 4.53
CA ASP B 435 0.17 -15.71 5.07
C ASP B 435 -0.17 -16.78 4.02
N ASP B 436 -0.33 -16.36 2.76
CA ASP B 436 -0.73 -17.23 1.62
C ASP B 436 0.35 -18.30 1.41
N VAL B 437 1.64 -17.95 1.40
CA VAL B 437 2.69 -18.92 0.99
C VAL B 437 2.81 -20.01 2.06
N VAL B 438 2.66 -19.66 3.34
CA VAL B 438 2.75 -20.66 4.44
C VAL B 438 1.54 -21.59 4.35
N ARG B 439 0.36 -21.01 4.14
CA ARG B 439 -0.91 -21.76 4.03
C ARG B 439 -0.85 -22.73 2.82
N HIS B 440 -0.36 -22.27 1.66
CA HIS B 440 -0.24 -23.11 0.44
C HIS B 440 0.81 -24.19 0.68
N THR B 441 1.93 -23.88 1.36
CA THR B 441 2.95 -24.90 1.69
C THR B 441 2.32 -26.03 2.52
N MET B 442 1.58 -25.67 3.56
CA MET B 442 0.90 -26.63 4.44
C MET B 442 -0.13 -27.44 3.62
N ALA B 443 -0.80 -26.78 2.67
CA ALA B 443 -1.83 -27.41 1.81
C ALA B 443 -1.20 -28.54 0.97
N THR B 444 0.07 -28.45 0.58
CA THR B 444 0.75 -29.53 -0.17
C THR B 444 0.75 -30.80 0.69
N GLY B 445 0.81 -30.66 2.02
CA GLY B 445 0.75 -31.80 2.95
C GLY B 445 -0.65 -32.38 3.01
N TYR B 446 -1.65 -31.55 3.25
CA TYR B 446 -3.06 -32.00 3.43
C TYR B 446 -3.60 -32.58 2.13
N GLU B 447 -3.08 -32.15 0.99
CA GLU B 447 -3.57 -32.64 -0.34
C GLU B 447 -2.95 -34.00 -0.69
N PHE B 448 -1.86 -34.40 -0.03
CA PHE B 448 -1.10 -35.63 -0.38
C PHE B 448 -2.01 -36.86 -0.32
N PRO B 449 -2.80 -37.16 0.75
CA PRO B 449 -2.78 -36.46 2.02
C PRO B 449 -1.76 -37.13 2.94
N TRP B 450 -1.10 -36.35 3.77
CA TRP B 450 -0.08 -36.91 4.70
C TRP B 450 -0.79 -37.53 5.90
N ARG B 451 -0.04 -38.32 6.67
CA ARG B 451 -0.44 -38.77 8.02
C ARG B 451 0.73 -38.51 8.95
N LEU B 452 0.57 -37.58 9.89
CA LEU B 452 1.63 -37.00 10.76
C LEU B 452 1.13 -37.05 12.19
N PRO B 453 2.03 -36.98 13.19
CA PRO B 453 1.63 -36.66 14.55
C PRO B 453 0.90 -35.31 14.59
N LEU B 454 -0.08 -35.17 15.47
CA LEU B 454 -1.01 -34.02 15.45
C LEU B 454 -0.29 -32.72 15.82
N GLU B 455 0.84 -32.76 16.52
CA GLU B 455 1.59 -31.54 16.89
C GLU B 455 2.48 -31.07 15.74
N TRP B 456 2.76 -31.91 14.75
CA TRP B 456 3.77 -31.58 13.71
C TRP B 456 3.29 -30.41 12.84
N PRO B 457 2.04 -30.36 12.34
CA PRO B 457 1.61 -29.27 11.48
C PRO B 457 1.79 -27.88 12.12
N HIS B 458 1.39 -27.70 13.38
CA HIS B 458 1.56 -26.42 14.09
C HIS B 458 3.05 -26.08 14.17
N MET B 459 3.90 -27.04 14.49
CA MET B 459 5.36 -26.82 14.55
C MET B 459 5.86 -26.36 13.16
N MET B 460 5.49 -27.07 12.10
N MET B 460 5.48 -27.06 12.10
CA MET B 460 5.97 -26.75 10.72
CA MET B 460 5.96 -26.73 10.72
C MET B 460 5.50 -25.32 10.36
C MET B 460 5.50 -25.32 10.35
N GLU B 461 4.24 -24.98 10.63
CA GLU B 461 3.67 -23.63 10.35
C GLU B 461 4.55 -22.57 11.00
N THR B 462 4.88 -22.73 12.27
CA THR B 462 5.68 -21.74 13.05
C THR B 462 7.08 -21.63 12.42
N PHE B 463 7.69 -22.72 11.97
CA PHE B 463 9.09 -22.72 11.47
C PHE B 463 9.17 -22.35 9.98
N LEU B 464 8.04 -22.30 9.26
CA LEU B 464 8.01 -21.84 7.84
C LEU B 464 7.95 -20.29 7.79
N GLN B 465 7.36 -19.65 8.78
CA GLN B 465 7.05 -18.19 8.76
C GLN B 465 8.33 -17.39 8.62
N GLY B 466 9.34 -17.69 9.45
CA GLY B 466 10.62 -16.96 9.52
C GLY B 466 11.36 -16.96 8.19
N PRO B 467 11.71 -18.14 7.63
CA PRO B 467 12.43 -18.22 6.36
C PRO B 467 11.75 -17.55 5.15
N PHE B 468 10.42 -17.54 5.07
CA PHE B 468 9.71 -16.85 3.96
C PHE B 468 9.74 -15.33 4.20
N ALA B 469 9.53 -14.88 5.43
CA ALA B 469 9.65 -13.44 5.82
C ALA B 469 11.07 -12.94 5.47
N GLU B 470 12.10 -13.71 5.79
CA GLU B 470 13.53 -13.38 5.52
C GLU B 470 13.76 -13.27 4.02
N LEU B 471 13.25 -14.22 3.22
CA LEU B 471 13.42 -14.19 1.75
C LEU B 471 12.74 -12.95 1.17
N ALA B 472 11.49 -12.68 1.53
CA ALA B 472 10.68 -11.54 1.03
C ALA B 472 11.42 -10.22 1.32
N ASP B 473 11.99 -10.09 2.53
CA ASP B 473 12.68 -8.86 2.97
C ASP B 473 13.99 -8.66 2.19
N ARG B 474 14.67 -9.76 1.87
CA ARG B 474 15.95 -9.81 1.15
C ARG B 474 15.76 -9.53 -0.34
N LEU B 475 14.60 -9.85 -0.91
CA LEU B 475 14.43 -9.82 -2.40
C LEU B 475 14.37 -8.35 -2.85
N SER B 476 13.64 -7.52 -2.12
CA SER B 476 13.34 -6.12 -2.51
C SER B 476 12.66 -5.41 -1.33
N ASP B 477 12.84 -4.08 -1.26
CA ASP B 477 12.13 -3.22 -0.28
C ASP B 477 10.74 -2.85 -0.79
N THR B 478 10.43 -3.04 -2.07
CA THR B 478 9.12 -2.59 -2.62
C THR B 478 8.32 -3.78 -3.19
N TYR B 479 8.94 -4.66 -3.96
CA TYR B 479 8.23 -5.76 -4.67
C TYR B 479 8.23 -7.03 -3.82
N THR B 480 7.07 -7.72 -3.82
CA THR B 480 6.94 -9.10 -3.29
C THR B 480 6.38 -10.03 -4.37
N PRO B 481 7.10 -11.12 -4.71
CA PRO B 481 6.57 -12.10 -5.66
C PRO B 481 5.32 -12.74 -5.06
N PRO B 482 4.28 -13.02 -5.89
CA PRO B 482 3.13 -13.79 -5.43
C PRO B 482 3.58 -15.17 -4.94
N ALA B 483 2.75 -15.82 -4.13
CA ALA B 483 3.05 -17.06 -3.38
C ALA B 483 3.63 -18.13 -4.31
N ASP B 484 3.00 -18.35 -5.47
CA ASP B 484 3.36 -19.41 -6.46
C ASP B 484 4.81 -19.19 -6.90
N LEU B 485 5.22 -17.94 -7.09
CA LEU B 485 6.61 -17.62 -7.51
C LEU B 485 7.53 -17.63 -6.28
N MET B 486 7.06 -17.11 -5.14
CA MET B 486 7.89 -17.04 -3.92
C MET B 486 8.40 -18.43 -3.55
N THR B 487 7.55 -19.47 -3.62
CA THR B 487 7.97 -20.86 -3.26
C THR B 487 9.06 -21.32 -4.23
N ALA B 488 8.92 -21.06 -5.52
CA ALA B 488 9.95 -21.45 -6.52
C ALA B 488 11.26 -20.72 -6.18
N ILE B 489 11.21 -19.45 -5.78
CA ILE B 489 12.44 -18.67 -5.50
C ILE B 489 13.10 -19.22 -4.22
N MET B 490 12.28 -19.53 -3.19
CA MET B 490 12.76 -20.09 -1.91
C MET B 490 13.65 -21.32 -2.17
N PHE B 491 13.27 -22.19 -3.11
CA PHE B 491 13.95 -23.48 -3.35
C PHE B 491 14.82 -23.42 -4.62
N SER B 492 15.08 -22.23 -5.15
CA SER B 492 16.06 -22.01 -6.26
C SER B 492 17.46 -21.85 -5.67
N GLU B 493 18.49 -21.92 -6.51
CA GLU B 493 19.93 -21.71 -6.14
C GLU B 493 20.16 -20.26 -5.71
N ARG B 494 21.19 -20.04 -4.90
CA ARG B 494 21.54 -18.69 -4.34
C ARG B 494 21.82 -17.72 -5.49
N GLU B 495 22.45 -18.19 -6.56
CA GLU B 495 22.80 -17.39 -7.77
C GLU B 495 21.51 -16.91 -8.46
N GLN B 496 20.48 -17.76 -8.52
CA GLN B 496 19.17 -17.42 -9.12
C GLN B 496 18.44 -16.40 -8.25
N GLN B 497 18.54 -16.50 -6.92
CA GLN B 497 17.92 -15.53 -5.99
C GLN B 497 18.62 -14.16 -6.16
N ASP B 498 19.95 -14.17 -6.25
CA ASP B 498 20.78 -12.95 -6.39
C ASP B 498 20.41 -12.25 -7.70
N GLU B 499 20.32 -13.00 -8.80
CA GLU B 499 19.89 -12.47 -10.11
C GLU B 499 18.51 -11.81 -9.97
N LEU B 500 17.57 -12.38 -9.21
CA LEU B 500 16.21 -11.80 -9.03
C LEU B 500 16.31 -10.51 -8.19
N ILE B 501 17.19 -10.47 -7.20
CA ILE B 501 17.40 -9.25 -6.36
C ILE B 501 17.85 -8.11 -7.28
N ALA B 502 18.79 -8.40 -8.20
CA ALA B 502 19.30 -7.45 -9.22
C ALA B 502 18.15 -7.02 -10.14
N TYR B 503 17.36 -7.98 -10.67
CA TYR B 503 16.20 -7.68 -11.54
C TYR B 503 15.27 -6.69 -10.83
N TYR B 504 14.84 -6.98 -9.60
CA TYR B 504 13.86 -6.13 -8.89
C TYR B 504 14.46 -4.72 -8.67
N ALA B 505 15.76 -4.64 -8.40
CA ALA B 505 16.48 -3.37 -8.17
C ALA B 505 16.51 -2.55 -9.48
N ASP B 506 16.81 -3.18 -10.61
CA ASP B 506 16.82 -2.54 -11.95
C ASP B 506 15.41 -2.08 -12.35
N VAL B 507 14.36 -2.82 -11.99
CA VAL B 507 12.96 -2.42 -12.28
C VAL B 507 12.63 -1.19 -11.44
N HIS B 508 13.06 -1.16 -10.18
CA HIS B 508 12.74 -0.04 -9.26
C HIS B 508 13.38 1.26 -9.82
N ARG B 509 14.63 1.12 -10.25
CA ARG B 509 15.47 2.17 -10.89
C ARG B 509 14.76 2.72 -12.13
N GLU B 510 14.21 1.85 -12.98
CA GLU B 510 13.57 2.23 -14.26
C GLU B 510 12.30 3.03 -13.99
N TRP B 511 11.50 2.66 -12.99
CA TRP B 511 10.12 3.18 -12.85
C TRP B 511 10.02 4.24 -11.75
N HIS B 512 11.05 4.42 -10.91
CA HIS B 512 11.00 5.34 -9.74
C HIS B 512 12.21 6.28 -9.73
N GLN C 31 -47.09 -60.06 50.64
CA GLN C 31 -46.86 -58.65 51.05
C GLN C 31 -47.42 -57.71 49.97
N THR C 32 -47.44 -56.40 50.25
CA THR C 32 -47.53 -55.30 49.26
C THR C 32 -46.16 -54.62 49.10
N ASP C 33 -45.12 -55.25 49.67
CA ASP C 33 -43.70 -54.80 49.60
C ASP C 33 -43.20 -54.90 48.15
N VAL C 34 -42.40 -53.92 47.71
CA VAL C 34 -41.74 -53.95 46.36
C VAL C 34 -40.23 -54.06 46.55
N ILE C 35 -39.61 -55.02 45.83
CA ILE C 35 -38.13 -55.12 45.70
C ILE C 35 -37.74 -54.73 44.27
N VAL C 36 -36.88 -53.71 44.14
CA VAL C 36 -36.20 -53.39 42.85
C VAL C 36 -34.83 -54.07 42.89
N VAL C 37 -34.57 -54.96 41.91
CA VAL C 37 -33.25 -55.64 41.80
C VAL C 37 -32.41 -54.86 40.78
N GLY C 38 -31.42 -54.11 41.27
CA GLY C 38 -30.46 -53.38 40.41
C GLY C 38 -30.44 -51.91 40.75
N ASN C 39 -29.24 -51.31 40.77
CA ASN C 39 -29.00 -49.95 41.29
C ASN C 39 -28.37 -49.07 40.21
N GLY C 40 -28.64 -49.39 38.93
CA GLY C 40 -28.27 -48.50 37.81
C GLY C 40 -29.34 -47.42 37.66
N VAL C 41 -29.31 -46.70 36.55
CA VAL C 41 -30.32 -45.65 36.25
C VAL C 41 -31.74 -46.25 36.25
N LEU C 42 -31.93 -47.45 35.70
CA LEU C 42 -33.27 -48.04 35.49
C LEU C 42 -33.85 -48.45 36.84
N GLY C 43 -33.10 -49.21 37.65
CA GLY C 43 -33.53 -49.62 38.99
C GLY C 43 -33.86 -48.41 39.86
N LEU C 44 -32.96 -47.45 39.95
CA LEU C 44 -33.14 -46.24 40.78
C LEU C 44 -34.30 -45.40 40.26
N SER C 45 -34.47 -45.29 38.93
CA SER C 45 -35.54 -44.47 38.32
C SER C 45 -36.90 -45.08 38.67
N VAL C 46 -37.01 -46.41 38.58
CA VAL C 46 -38.28 -47.11 38.87
C VAL C 46 -38.51 -47.09 40.39
N GLY C 47 -37.43 -47.24 41.17
CA GLY C 47 -37.44 -47.08 42.64
C GLY C 47 -38.03 -45.76 43.05
N VAL C 48 -37.53 -44.66 42.48
CA VAL C 48 -38.00 -43.29 42.76
C VAL C 48 -39.49 -43.19 42.43
N GLU C 49 -39.92 -43.67 41.26
CA GLU C 49 -41.33 -43.53 40.80
C GLU C 49 -42.26 -44.37 41.68
N ILE C 50 -41.84 -45.57 42.08
CA ILE C 50 -42.66 -46.43 42.99
C ILE C 50 -42.78 -45.76 44.37
N ALA C 51 -41.64 -45.39 44.95
CA ALA C 51 -41.58 -44.73 46.28
C ALA C 51 -42.46 -43.50 46.30
N ARG C 52 -42.39 -42.66 45.25
CA ARG C 52 -43.10 -41.37 45.19
C ARG C 52 -44.61 -41.57 45.01
N THR C 53 -45.06 -42.62 44.31
CA THR C 53 -46.49 -42.77 43.93
C THR C 53 -47.21 -43.78 44.85
N ARG C 54 -46.48 -44.57 45.63
CA ARG C 54 -47.04 -45.54 46.61
C ARG C 54 -46.45 -45.30 48.00
N PRO C 55 -46.73 -44.15 48.67
CA PRO C 55 -46.10 -43.83 49.96
C PRO C 55 -46.46 -44.81 51.09
N ASP C 56 -47.54 -45.56 50.92
CA ASP C 56 -48.07 -46.56 51.89
C ASP C 56 -47.33 -47.89 51.78
N VAL C 57 -46.45 -48.08 50.78
CA VAL C 57 -45.75 -49.38 50.56
C VAL C 57 -44.24 -49.20 50.78
N ARG C 58 -43.62 -50.25 51.30
CA ARG C 58 -42.17 -50.39 51.49
C ARG C 58 -41.51 -50.77 50.15
N VAL C 59 -40.66 -49.90 49.61
CA VAL C 59 -39.86 -50.23 48.40
C VAL C 59 -38.39 -50.30 48.82
N THR C 60 -37.78 -51.46 48.57
CA THR C 60 -36.37 -51.77 48.87
C THR C 60 -35.62 -51.95 47.54
N LEU C 61 -34.44 -51.33 47.39
CA LEU C 61 -33.62 -51.44 46.18
C LEU C 61 -32.30 -52.15 46.50
N LEU C 62 -32.02 -53.23 45.78
CA LEU C 62 -30.79 -54.06 45.92
C LEU C 62 -29.71 -53.60 44.94
N GLY C 63 -28.45 -53.88 45.26
CA GLY C 63 -27.27 -53.55 44.42
C GLY C 63 -26.16 -52.91 45.23
N LYS C 64 -24.91 -53.07 44.80
CA LYS C 64 -23.70 -52.70 45.57
C LYS C 64 -23.06 -51.45 44.94
N PRO C 65 -22.36 -50.63 45.76
CA PRO C 65 -21.77 -49.38 45.28
C PRO C 65 -20.77 -49.57 44.12
N ALA C 66 -20.08 -50.71 44.05
CA ALA C 66 -19.08 -51.00 42.99
C ALA C 66 -19.75 -50.99 41.60
N ARG C 67 -21.03 -51.36 41.51
CA ARG C 67 -21.81 -51.41 40.24
C ARG C 67 -20.97 -52.13 39.16
N GLN C 68 -20.54 -53.37 39.45
CA GLN C 68 -19.69 -54.18 38.55
C GLN C 68 -20.36 -54.27 37.16
N TYR C 69 -19.58 -54.04 36.09
CA TYR C 69 -19.99 -54.06 34.66
C TYR C 69 -21.07 -53.00 34.38
N GLY C 70 -21.31 -52.08 35.31
CA GLY C 70 -22.42 -51.11 35.23
C GLY C 70 -22.32 -50.22 33.99
N ALA C 71 -23.39 -50.18 33.20
CA ALA C 71 -23.46 -49.32 31.98
C ALA C 71 -23.56 -47.86 32.40
N THR C 72 -24.41 -47.55 33.37
CA THR C 72 -24.80 -46.15 33.71
C THR C 72 -23.56 -45.32 34.07
N PRO C 73 -22.64 -45.77 34.96
CA PRO C 73 -21.50 -44.95 35.36
C PRO C 73 -20.51 -44.67 34.22
N ALA C 74 -20.50 -45.51 33.17
CA ALA C 74 -19.58 -45.37 32.00
C ALA C 74 -20.22 -44.49 30.91
N ALA C 75 -21.46 -44.03 31.13
CA ALA C 75 -22.24 -43.23 30.15
C ALA C 75 -21.88 -41.75 30.34
N GLY C 76 -21.99 -40.99 29.25
CA GLY C 76 -21.61 -39.56 29.16
C GLY C 76 -22.42 -38.67 30.08
N ALA C 77 -23.74 -38.61 29.84
CA ALA C 77 -24.46 -39.44 28.89
C ALA C 77 -25.29 -38.54 28.01
N MET C 78 -25.40 -38.91 26.73
CA MET C 78 -26.27 -38.22 25.79
C MET C 78 -27.72 -38.62 26.06
N LEU C 79 -28.64 -37.67 26.01
CA LEU C 79 -30.09 -37.98 26.01
C LEU C 79 -30.47 -38.19 24.56
N GLY C 80 -30.04 -39.34 24.02
CA GLY C 80 -29.99 -39.62 22.57
C GLY C 80 -31.34 -40.11 22.08
N ALA C 81 -31.90 -39.35 21.14
CA ALA C 81 -33.17 -39.65 20.44
C ALA C 81 -32.94 -39.50 18.94
N PHE C 82 -32.89 -38.27 18.45
CA PHE C 82 -32.67 -37.98 17.00
C PHE C 82 -31.23 -38.32 16.64
N GLY C 83 -30.25 -38.05 17.51
CA GLY C 83 -28.84 -38.39 17.24
C GLY C 83 -28.65 -39.90 17.06
N GLU C 84 -29.53 -40.71 17.62
CA GLU C 84 -29.44 -42.19 17.58
C GLU C 84 -30.08 -42.75 16.30
N VAL C 85 -30.69 -41.91 15.48
CA VAL C 85 -31.40 -42.38 14.26
C VAL C 85 -30.40 -42.96 13.26
N THR C 86 -30.69 -44.15 12.75
CA THR C 86 -30.02 -44.74 11.57
C THR C 86 -31.05 -45.09 10.50
N ALA C 87 -30.65 -45.05 9.23
CA ALA C 87 -31.48 -45.52 8.10
C ALA C 87 -31.93 -46.95 8.39
N HIS C 88 -31.06 -47.83 8.86
CA HIS C 88 -31.37 -49.26 9.13
C HIS C 88 -32.46 -49.41 10.20
N ALA C 89 -32.36 -48.67 11.30
CA ALA C 89 -33.36 -48.71 12.41
C ALA C 89 -34.73 -48.30 11.89
N LEU C 90 -34.82 -47.17 11.17
CA LEU C 90 -36.10 -46.58 10.70
C LEU C 90 -36.67 -47.33 9.47
N ALA C 91 -35.97 -48.33 8.95
CA ALA C 91 -36.43 -49.21 7.85
C ALA C 91 -37.28 -50.37 8.40
N SER C 92 -37.28 -50.62 9.71
CA SER C 92 -38.08 -51.71 10.33
C SER C 92 -39.19 -51.13 11.20
N GLU C 93 -40.32 -51.82 11.30
CA GLU C 93 -41.45 -51.38 12.16
C GLU C 93 -40.97 -51.31 13.62
N HIS C 94 -40.22 -52.30 14.09
CA HIS C 94 -39.73 -52.36 15.50
C HIS C 94 -38.80 -51.18 15.77
N GLY C 95 -37.92 -50.86 14.83
CA GLY C 95 -37.02 -49.69 14.94
C GLY C 95 -37.78 -48.39 14.97
N ARG C 96 -38.83 -48.24 14.16
CA ARG C 96 -39.68 -47.03 14.19
C ARG C 96 -40.38 -46.91 15.55
N LYS C 97 -40.80 -48.03 16.15
CA LYS C 97 -41.47 -48.07 17.48
C LYS C 97 -40.48 -47.63 18.55
N LYS C 98 -39.26 -48.19 18.54
CA LYS C 98 -38.15 -47.80 19.46
C LYS C 98 -37.91 -46.30 19.34
N HIS C 99 -37.83 -45.77 18.11
CA HIS C 99 -37.55 -44.32 17.89
C HIS C 99 -38.67 -43.47 18.53
N ALA C 100 -39.93 -43.85 18.33
CA ALA C 100 -41.11 -43.12 18.86
C ALA C 100 -40.96 -43.00 20.38
N LEU C 101 -40.62 -44.08 21.07
CA LEU C 101 -40.40 -44.11 22.54
C LEU C 101 -39.27 -43.17 22.94
N ALA C 102 -38.16 -43.16 22.21
CA ALA C 102 -37.04 -42.23 22.48
C ALA C 102 -37.55 -40.79 22.40
N VAL C 103 -38.37 -40.47 21.41
CA VAL C 103 -38.91 -39.08 21.23
C VAL C 103 -39.84 -38.75 22.40
N GLN C 104 -40.64 -39.70 22.85
CA GLN C 104 -41.58 -39.52 24.00
C GLN C 104 -40.78 -39.31 25.28
N ALA C 105 -39.74 -40.09 25.51
CA ALA C 105 -38.85 -39.97 26.70
C ALA C 105 -38.23 -38.58 26.76
N GLN C 106 -37.80 -38.03 25.63
CA GLN C 106 -37.10 -36.71 25.58
C GLN C 106 -37.99 -35.65 26.18
N ARG C 107 -39.32 -35.75 26.04
CA ARG C 107 -40.26 -34.73 26.54
C ARG C 107 -40.34 -34.77 28.07
N LEU C 108 -40.03 -35.91 28.68
CA LEU C 108 -40.14 -36.10 30.16
C LEU C 108 -38.91 -35.52 30.87
N TRP C 109 -37.78 -35.33 30.19
CA TRP C 109 -36.48 -35.10 30.87
C TRP C 109 -36.46 -33.77 31.64
N PRO C 110 -36.91 -32.64 31.08
CA PRO C 110 -36.85 -31.36 31.79
C PRO C 110 -37.51 -31.38 33.18
N GLU C 111 -38.74 -31.91 33.27
CA GLU C 111 -39.52 -31.98 34.53
C GLU C 111 -38.91 -33.05 35.45
N TRP C 112 -38.43 -34.16 34.88
CA TRP C 112 -37.79 -35.25 35.63
C TRP C 112 -36.55 -34.71 36.36
N ILE C 113 -35.68 -33.98 35.65
CA ILE C 113 -34.45 -33.36 36.23
C ILE C 113 -34.87 -32.37 37.32
N GLU C 114 -35.84 -31.50 37.03
CA GLU C 114 -36.40 -30.51 38.01
C GLU C 114 -36.79 -31.25 39.31
N SER C 115 -37.51 -32.36 39.21
CA SER C 115 -38.03 -33.16 40.36
C SER C 115 -36.88 -33.82 41.11
N LEU C 116 -35.74 -34.09 40.47
CA LEU C 116 -34.59 -34.76 41.13
C LEU C 116 -33.69 -33.73 41.79
N GLU C 117 -33.47 -32.60 41.12
CA GLU C 117 -32.64 -31.49 41.66
C GLU C 117 -33.37 -30.84 42.85
N ALA C 118 -34.69 -30.86 42.87
CA ALA C 118 -35.55 -30.27 43.92
C ALA C 118 -35.24 -30.90 45.29
N THR C 119 -34.74 -32.13 45.34
CA THR C 119 -34.44 -32.86 46.60
C THR C 119 -33.02 -32.53 47.07
N GLY C 120 -32.27 -31.72 46.33
CA GLY C 120 -30.89 -31.36 46.66
C GLY C 120 -30.70 -29.85 46.74
N THR C 121 -29.44 -29.40 46.77
CA THR C 121 -29.02 -27.97 46.82
C THR C 121 -28.03 -27.72 45.68
N ALA C 122 -27.78 -26.44 45.35
CA ALA C 122 -26.86 -25.98 44.28
C ALA C 122 -25.54 -26.77 44.35
N ALA C 123 -25.04 -27.06 45.55
CA ALA C 123 -23.71 -27.65 45.82
C ALA C 123 -23.70 -29.14 45.47
N ASP C 124 -24.85 -29.76 45.19
CA ASP C 124 -24.93 -31.17 44.72
C ASP C 124 -24.52 -31.25 43.24
N GLY C 125 -24.45 -30.11 42.55
CA GLY C 125 -24.06 -30.06 41.13
C GLY C 125 -25.29 -30.21 40.26
N ARG C 126 -25.12 -29.98 38.97
CA ARG C 126 -26.24 -29.93 38.00
C ARG C 126 -26.24 -31.24 37.21
N ILE C 127 -27.41 -31.84 37.05
CA ILE C 127 -27.57 -33.11 36.29
C ILE C 127 -27.30 -32.82 34.80
N LYS C 128 -27.87 -31.74 34.26
CA LYS C 128 -27.78 -31.37 32.82
C LYS C 128 -26.43 -30.72 32.55
N THR C 129 -25.69 -31.19 31.54
CA THR C 129 -24.37 -30.63 31.16
C THR C 129 -24.42 -29.95 29.79
N ALA C 130 -25.48 -30.19 29.01
CA ALA C 130 -25.69 -29.50 27.72
C ALA C 130 -27.17 -29.61 27.36
N ASP C 131 -27.69 -28.60 26.67
CA ASP C 131 -29.10 -28.58 26.20
C ASP C 131 -29.22 -29.07 24.76
N ASP C 132 -28.17 -28.87 23.97
CA ASP C 132 -28.18 -29.07 22.50
C ASP C 132 -27.08 -30.03 22.08
N THR C 133 -27.23 -30.57 20.87
CA THR C 133 -26.30 -31.52 20.24
C THR C 133 -25.96 -30.99 18.84
N VAL C 134 -24.70 -31.07 18.44
CA VAL C 134 -24.31 -30.89 17.01
C VAL C 134 -23.87 -32.25 16.48
N VAL C 135 -24.47 -32.69 15.36
CA VAL C 135 -24.10 -33.93 14.63
C VAL C 135 -23.17 -33.48 13.51
N LEU C 136 -22.00 -34.09 13.42
CA LEU C 136 -20.96 -33.74 12.41
C LEU C 136 -20.90 -34.86 11.37
N LEU C 137 -20.77 -34.48 10.12
CA LEU C 137 -20.54 -35.43 9.02
C LEU C 137 -19.13 -35.19 8.46
N ASN C 138 -18.27 -36.20 8.62
CA ASN C 138 -16.90 -36.20 8.06
C ASN C 138 -16.79 -37.45 7.17
N THR C 139 -15.65 -37.65 6.55
CA THR C 139 -15.42 -38.78 5.62
C THR C 139 -14.55 -39.85 6.26
N VAL C 140 -14.45 -39.89 7.58
CA VAL C 140 -13.70 -40.97 8.29
C VAL C 140 -14.69 -42.08 8.62
N GLY C 141 -15.24 -42.67 7.57
CA GLY C 141 -16.29 -43.68 7.70
C GLY C 141 -16.81 -44.12 6.36
N HIS C 142 -17.72 -45.08 6.39
CA HIS C 142 -18.36 -45.67 5.20
C HIS C 142 -19.46 -44.72 4.74
N SER C 143 -19.47 -44.34 3.46
CA SER C 143 -20.60 -43.56 2.88
C SER C 143 -21.94 -44.29 3.09
N ALA C 144 -21.97 -45.62 3.00
CA ALA C 144 -23.20 -46.42 3.12
C ALA C 144 -23.79 -46.35 4.54
N LEU C 145 -23.01 -46.02 5.55
CA LEU C 145 -23.55 -45.76 6.90
C LEU C 145 -23.70 -44.24 7.11
N ASP C 146 -22.60 -43.50 7.15
CA ASP C 146 -22.57 -42.09 7.59
C ASP C 146 -23.47 -41.22 6.68
N ASP C 147 -23.41 -41.36 5.35
CA ASP C 147 -24.21 -40.49 4.45
C ASP C 147 -25.70 -40.86 4.62
N ALA C 148 -26.03 -42.15 4.64
CA ALA C 148 -27.44 -42.63 4.79
C ALA C 148 -27.97 -42.19 6.16
N ASN C 149 -27.15 -42.26 7.20
CA ASN C 149 -27.59 -41.99 8.60
C ASN C 149 -27.82 -40.49 8.75
N PHE C 150 -26.96 -39.65 8.19
CA PHE C 150 -27.11 -38.17 8.27
C PHE C 150 -28.46 -37.76 7.63
N ALA C 151 -28.75 -38.30 6.44
CA ALA C 151 -30.04 -38.06 5.73
C ALA C 151 -31.22 -38.54 6.59
N ALA C 152 -31.09 -39.71 7.24
CA ALA C 152 -32.17 -40.32 8.07
C ALA C 152 -32.45 -39.45 9.29
N VAL C 153 -31.40 -38.85 9.88
CA VAL C 153 -31.53 -37.95 11.07
C VAL C 153 -32.31 -36.72 10.63
N LEU C 154 -31.91 -36.08 9.53
CA LEU C 154 -32.57 -34.87 8.99
C LEU C 154 -34.04 -35.16 8.76
N THR C 155 -34.35 -36.30 8.15
CA THR C 155 -35.74 -36.70 7.80
C THR C 155 -36.53 -36.91 9.10
N ALA C 156 -35.98 -37.64 10.07
CA ALA C 156 -36.66 -37.96 11.35
C ALA C 156 -36.95 -36.67 12.14
N LEU C 157 -36.04 -35.69 12.13
CA LEU C 157 -36.26 -34.37 12.77
C LEU C 157 -37.45 -33.64 12.11
N LYS C 158 -37.49 -33.57 10.79
CA LYS C 158 -38.56 -32.89 10.02
C LYS C 158 -39.90 -33.59 10.31
N GLU C 159 -39.96 -34.92 10.22
CA GLU C 159 -41.15 -35.73 10.49
C GLU C 159 -41.70 -35.47 11.89
N ALA C 160 -40.82 -35.28 12.91
CA ALA C 160 -41.22 -35.09 14.31
C ALA C 160 -41.52 -33.63 14.60
N ASN C 161 -41.34 -32.71 13.63
CA ASN C 161 -41.49 -31.25 13.85
C ASN C 161 -40.54 -30.81 14.98
N ALA C 162 -39.38 -31.45 15.13
CA ALA C 162 -38.37 -31.11 16.17
C ALA C 162 -37.61 -29.88 15.71
N PRO C 163 -37.24 -28.95 16.62
CA PRO C 163 -36.42 -27.81 16.25
C PRO C 163 -34.98 -28.23 15.95
N HIS C 164 -34.44 -27.78 14.84
CA HIS C 164 -33.08 -28.16 14.34
C HIS C 164 -32.72 -27.23 13.19
N GLU C 165 -31.44 -27.18 12.84
CA GLU C 165 -30.93 -26.37 11.70
C GLU C 165 -29.65 -27.06 11.20
N GLU C 166 -29.54 -27.27 9.89
CA GLU C 166 -28.23 -27.53 9.27
C GLU C 166 -27.46 -26.23 9.31
N ILE C 167 -26.26 -26.25 9.88
CA ILE C 167 -25.45 -25.03 10.12
C ILE C 167 -24.12 -25.15 9.36
N ALA C 168 -23.47 -24.03 9.12
CA ALA C 168 -22.12 -23.97 8.55
C ALA C 168 -21.16 -24.63 9.56
N VAL C 169 -20.25 -25.46 9.07
CA VAL C 169 -19.25 -26.12 9.94
C VAL C 169 -18.42 -25.05 10.64
N GLU C 170 -18.09 -23.95 9.94
CA GLU C 170 -17.31 -22.81 10.49
C GLU C 170 -18.00 -22.22 11.72
N SER C 171 -19.32 -22.39 11.87
CA SER C 171 -20.08 -21.83 13.00
C SER C 171 -20.08 -22.78 14.20
N VAL C 172 -19.58 -24.02 14.07
CA VAL C 172 -19.47 -24.96 15.20
C VAL C 172 -18.30 -24.48 16.08
N ASP C 173 -18.59 -24.09 17.31
CA ASP C 173 -17.57 -23.48 18.18
C ASP C 173 -16.69 -24.60 18.74
N TRP C 174 -15.49 -24.23 19.17
CA TRP C 174 -14.56 -25.04 19.98
C TRP C 174 -13.78 -26.04 19.12
N ILE C 175 -14.42 -26.78 18.22
CA ILE C 175 -13.77 -27.93 17.51
C ILE C 175 -12.52 -27.46 16.79
N ASP C 176 -11.52 -28.33 16.73
CA ASP C 176 -10.25 -28.06 16.00
C ASP C 176 -9.73 -29.36 15.41
N PRO C 177 -10.45 -29.93 14.43
CA PRO C 177 -10.09 -31.22 13.88
C PRO C 177 -8.86 -31.13 12.97
N ASP C 178 -8.20 -32.28 12.81
CA ASP C 178 -7.30 -32.53 11.64
C ASP C 178 -8.06 -32.17 10.36
N PRO C 179 -7.55 -31.27 9.50
CA PRO C 179 -8.21 -30.93 8.25
C PRO C 179 -8.64 -32.15 7.39
N ASN C 180 -7.84 -33.23 7.37
CA ASN C 180 -8.16 -34.45 6.59
C ASN C 180 -9.27 -35.23 7.29
N SER C 181 -9.63 -34.90 8.52
CA SER C 181 -10.69 -35.59 9.29
C SER C 181 -11.85 -34.65 9.62
N ARG C 182 -11.92 -33.48 9.00
CA ARG C 182 -12.83 -32.39 9.41
C ARG C 182 -14.24 -32.66 8.89
N PRO C 183 -15.27 -32.12 9.56
CA PRO C 183 -16.63 -32.27 9.05
C PRO C 183 -16.83 -31.29 7.89
N LEU C 184 -17.70 -31.65 6.95
CA LEU C 184 -18.10 -30.69 5.87
C LEU C 184 -19.58 -30.35 6.01
N ARG C 185 -20.34 -31.08 6.84
CA ARG C 185 -21.73 -30.73 7.17
C ARG C 185 -21.94 -30.88 8.69
N ALA C 186 -22.87 -30.09 9.22
CA ALA C 186 -23.15 -30.05 10.66
C ALA C 186 -24.65 -29.77 10.86
N LEU C 187 -25.22 -30.37 11.89
CA LEU C 187 -26.65 -30.30 12.20
C LEU C 187 -26.78 -29.97 13.69
N HIS C 188 -27.44 -28.85 14.03
CA HIS C 188 -27.77 -28.42 15.41
C HIS C 188 -29.15 -28.96 15.77
N ILE C 189 -29.21 -29.80 16.81
CA ILE C 189 -30.47 -30.37 17.36
C ILE C 189 -30.76 -29.67 18.69
N GLU C 190 -31.81 -28.86 18.71
CA GLU C 190 -32.22 -28.06 19.90
C GLU C 190 -32.92 -29.00 20.90
N GLY C 191 -32.56 -28.92 22.18
CA GLY C 191 -33.26 -29.63 23.25
C GLY C 191 -32.94 -31.12 23.28
N GLU C 192 -31.85 -31.54 22.63
CA GLU C 192 -31.29 -32.90 22.76
C GLU C 192 -29.89 -32.73 23.38
N GLY C 193 -29.76 -33.05 24.66
CA GLY C 193 -28.59 -32.64 25.44
C GLY C 193 -27.90 -33.82 26.07
N SER C 194 -27.36 -33.57 27.25
CA SER C 194 -26.58 -34.55 27.99
C SER C 194 -26.74 -34.29 29.49
N VAL C 195 -26.51 -35.35 30.25
CA VAL C 195 -26.50 -35.32 31.73
C VAL C 195 -25.17 -35.87 32.19
N ASP C 196 -24.74 -35.51 33.39
CA ASP C 196 -23.63 -36.15 34.12
C ASP C 196 -24.20 -37.38 34.81
N SER C 197 -23.80 -38.58 34.36
CA SER C 197 -24.39 -39.85 34.81
C SER C 197 -24.12 -40.04 36.31
N GLY C 198 -22.97 -39.56 36.80
CA GLY C 198 -22.61 -39.64 38.23
C GLY C 198 -23.49 -38.77 39.09
N ILE C 199 -23.74 -37.54 38.65
CA ILE C 199 -24.62 -36.56 39.35
C ILE C 199 -26.08 -37.06 39.27
N LEU C 200 -26.49 -37.64 38.13
CA LEU C 200 -27.84 -38.24 38.00
C LEU C 200 -28.00 -39.39 39.02
N LEU C 201 -27.04 -40.31 39.13
CA LEU C 201 -27.14 -41.45 40.07
C LEU C 201 -27.23 -40.93 41.51
N ALA C 202 -26.41 -39.94 41.88
CA ALA C 202 -26.44 -39.29 43.20
C ALA C 202 -27.82 -38.67 43.45
N ALA C 203 -28.38 -37.93 42.49
CA ALA C 203 -29.68 -37.27 42.61
C ALA C 203 -30.79 -38.32 42.76
N LEU C 204 -30.68 -39.46 42.07
CA LEU C 204 -31.72 -40.52 42.11
C LEU C 204 -31.69 -41.19 43.49
N GLU C 205 -30.51 -41.48 44.03
CA GLU C 205 -30.36 -42.11 45.37
C GLU C 205 -30.96 -41.19 46.45
N ARG C 206 -30.61 -39.91 46.41
CA ARG C 206 -31.11 -38.85 47.33
C ARG C 206 -32.63 -38.75 47.21
N SER C 207 -33.17 -38.73 46.00
CA SER C 207 -34.61 -38.61 45.74
C SER C 207 -35.33 -39.88 46.22
N PHE C 208 -34.68 -41.03 46.09
CA PHE C 208 -35.24 -42.34 46.51
C PHE C 208 -35.41 -42.33 48.03
N LEU C 209 -34.38 -41.90 48.75
CA LEU C 209 -34.39 -41.84 50.25
C LEU C 209 -35.43 -40.83 50.71
N GLN C 210 -35.47 -39.64 50.09
CA GLN C 210 -36.46 -38.57 50.43
C GLN C 210 -37.88 -39.13 50.33
N ALA C 211 -38.14 -40.05 49.39
CA ALA C 211 -39.48 -40.59 49.11
C ALA C 211 -39.80 -41.79 50.00
N GLY C 212 -38.87 -42.20 50.87
CA GLY C 212 -39.08 -43.27 51.85
C GLY C 212 -38.50 -44.59 51.39
N GLY C 213 -37.73 -44.61 50.29
CA GLY C 213 -37.14 -45.85 49.78
C GLY C 213 -36.04 -46.33 50.69
N ARG C 214 -35.79 -47.64 50.75
CA ARG C 214 -34.67 -48.18 51.55
C ARG C 214 -33.68 -48.88 50.61
N LEU C 215 -32.39 -48.55 50.76
CA LEU C 215 -31.25 -49.12 50.01
C LEU C 215 -30.69 -50.27 50.84
N HIS C 216 -30.65 -51.47 50.26
CA HIS C 216 -30.03 -52.67 50.87
C HIS C 216 -28.88 -53.11 49.97
N PRO C 217 -27.61 -52.77 50.33
CA PRO C 217 -26.47 -52.97 49.44
C PRO C 217 -25.99 -54.43 49.35
N VAL C 218 -26.88 -55.31 48.89
CA VAL C 218 -26.57 -56.74 48.57
C VAL C 218 -27.11 -57.03 47.17
N ASP C 219 -26.70 -58.15 46.59
CA ASP C 219 -27.20 -58.61 45.27
C ASP C 219 -28.25 -59.70 45.49
N ALA C 220 -29.32 -59.68 44.69
CA ALA C 220 -30.26 -60.81 44.54
C ALA C 220 -29.52 -61.98 43.91
N THR C 221 -29.67 -63.20 44.45
CA THR C 221 -29.15 -64.44 43.81
C THR C 221 -30.30 -65.21 43.15
N GLU C 222 -31.53 -65.09 43.67
CA GLU C 222 -32.66 -65.93 43.23
C GLU C 222 -33.98 -65.19 43.44
N ILE C 223 -34.88 -65.25 42.45
CA ILE C 223 -36.30 -64.83 42.61
C ILE C 223 -37.08 -66.06 43.07
N ARG C 224 -37.88 -65.91 44.13
CA ARG C 224 -38.73 -67.00 44.65
C ARG C 224 -40.16 -66.80 44.16
N ALA C 225 -40.73 -67.84 43.56
CA ALA C 225 -42.12 -67.85 43.04
C ALA C 225 -42.72 -69.25 43.22
N SER C 226 -44.03 -69.30 43.48
CA SER C 226 -44.85 -70.53 43.47
C SER C 226 -46.30 -70.15 43.22
N HIS C 227 -47.09 -71.06 42.67
CA HIS C 227 -48.53 -70.87 42.36
C HIS C 227 -48.67 -69.61 41.51
N GLY C 228 -47.74 -69.45 40.55
CA GLY C 228 -47.73 -68.41 39.48
C GLY C 228 -47.60 -66.99 40.01
N ARG C 229 -46.92 -66.79 41.13
CA ARG C 229 -46.87 -65.47 41.82
C ARG C 229 -45.51 -65.33 42.53
N VAL C 230 -44.94 -64.12 42.56
CA VAL C 230 -43.64 -63.85 43.27
C VAL C 230 -43.89 -63.90 44.77
N GLU C 231 -42.94 -64.48 45.51
CA GLU C 231 -42.88 -64.51 46.98
C GLU C 231 -41.81 -63.54 47.48
N GLY C 232 -40.71 -63.39 46.74
CA GLY C 232 -39.63 -62.42 47.06
C GLY C 232 -38.28 -62.85 46.50
N VAL C 233 -37.20 -62.47 47.18
CA VAL C 233 -35.81 -62.54 46.67
C VAL C 233 -34.88 -63.09 47.74
N VAL C 234 -34.07 -64.10 47.39
CA VAL C 234 -32.89 -64.54 48.17
C VAL C 234 -31.71 -63.64 47.79
N THR C 235 -31.03 -63.06 48.78
CA THR C 235 -29.84 -62.17 48.61
C THR C 235 -28.56 -63.00 48.77
N ASP C 236 -27.41 -62.43 48.38
CA ASP C 236 -26.10 -63.15 48.31
C ASP C 236 -25.46 -63.23 49.71
N ASP C 237 -26.09 -62.65 50.73
CA ASP C 237 -25.69 -62.86 52.16
C ASP C 237 -26.62 -63.92 52.80
N GLY C 238 -27.38 -64.67 52.00
CA GLY C 238 -28.18 -65.84 52.42
C GLY C 238 -29.61 -65.49 52.83
N ASP C 239 -29.90 -64.21 53.06
CA ASP C 239 -31.19 -63.70 53.58
C ASP C 239 -32.32 -63.93 52.55
N PHE C 240 -33.58 -63.93 53.00
CA PHE C 240 -34.79 -63.91 52.14
C PHE C 240 -35.59 -62.65 52.44
N LEU C 241 -35.90 -61.85 51.40
CA LEU C 241 -36.74 -60.63 51.51
C LEU C 241 -38.08 -60.93 50.86
N PRO C 242 -39.21 -60.84 51.59
CA PRO C 242 -40.52 -61.09 50.99
C PRO C 242 -41.00 -59.88 50.19
N ALA C 243 -41.81 -60.12 49.16
CA ALA C 243 -42.40 -59.05 48.32
C ALA C 243 -43.60 -59.55 47.53
N GLY C 244 -44.57 -58.68 47.28
CA GLY C 244 -45.66 -58.87 46.32
C GLY C 244 -45.26 -58.46 44.91
N HIS C 245 -44.24 -57.59 44.76
CA HIS C 245 -43.71 -57.14 43.45
C HIS C 245 -42.17 -57.20 43.45
N VAL C 246 -41.60 -57.77 42.38
CA VAL C 246 -40.13 -57.74 42.11
C VAL C 246 -39.93 -57.17 40.70
N VAL C 247 -39.19 -56.06 40.62
CA VAL C 247 -38.81 -55.41 39.33
C VAL C 247 -37.32 -55.72 39.11
N VAL C 248 -37.04 -56.51 38.06
CA VAL C 248 -35.64 -56.89 37.70
C VAL C 248 -35.09 -55.81 36.76
N ALA C 249 -34.13 -55.02 37.24
CA ALA C 249 -33.39 -54.02 36.43
C ALA C 249 -31.90 -54.18 36.74
N ALA C 250 -31.41 -55.41 36.54
CA ALA C 250 -30.04 -55.84 36.90
C ALA C 250 -29.12 -55.78 35.66
N GLY C 251 -29.42 -54.89 34.72
CA GLY C 251 -28.67 -54.72 33.46
C GLY C 251 -28.44 -56.05 32.77
N ALA C 252 -27.20 -56.34 32.38
CA ALA C 252 -26.91 -57.50 31.49
C ALA C 252 -27.14 -58.83 32.23
N ARG C 253 -27.38 -58.79 33.54
CA ARG C 253 -27.58 -60.01 34.37
C ARG C 253 -29.10 -60.33 34.50
N SER C 254 -29.98 -59.48 33.98
CA SER C 254 -31.46 -59.52 34.25
C SER C 254 -32.10 -60.82 33.74
N GLN C 255 -31.78 -61.28 32.52
CA GLN C 255 -32.38 -62.52 31.94
C GLN C 255 -31.85 -63.74 32.69
N ARG C 256 -30.56 -63.76 33.02
CA ARG C 256 -29.92 -64.90 33.73
C ARG C 256 -30.66 -65.09 35.06
N LEU C 257 -31.13 -64.01 35.68
CA LEU C 257 -31.78 -64.03 37.00
C LEU C 257 -33.19 -64.61 36.91
N VAL C 258 -33.96 -64.24 35.87
CA VAL C 258 -35.39 -64.67 35.68
C VAL C 258 -35.44 -66.05 35.01
N ALA C 259 -34.42 -66.41 34.21
CA ALA C 259 -34.39 -67.66 33.41
C ALA C 259 -34.40 -68.90 34.33
N ALA C 260 -34.04 -68.76 35.60
CA ALA C 260 -33.99 -69.85 36.62
C ALA C 260 -35.41 -70.32 36.97
N LEU C 261 -36.44 -69.47 36.81
CA LEU C 261 -37.87 -69.81 37.09
C LEU C 261 -38.40 -70.77 36.04
N PRO C 262 -39.39 -71.64 36.38
CA PRO C 262 -39.80 -72.73 35.49
C PRO C 262 -40.27 -72.30 34.09
N GLY C 263 -39.67 -72.89 33.05
CA GLY C 263 -40.04 -72.66 31.64
C GLY C 263 -39.47 -71.38 31.07
N LEU C 264 -38.91 -70.50 31.91
CA LEU C 264 -38.58 -69.12 31.50
C LEU C 264 -37.25 -69.06 30.73
N ALA C 265 -36.44 -70.13 30.74
CA ALA C 265 -35.12 -70.20 30.05
C ALA C 265 -35.27 -69.93 28.55
N HIS C 266 -36.37 -70.36 27.93
CA HIS C 266 -36.58 -70.19 26.47
C HIS C 266 -37.78 -69.29 26.18
N ARG C 267 -38.25 -68.55 27.20
CA ARG C 267 -39.38 -67.59 27.05
C ARG C 267 -38.91 -66.14 27.27
N ILE C 268 -37.76 -65.93 27.92
CA ILE C 268 -37.14 -64.59 28.10
C ILE C 268 -35.91 -64.52 27.18
N PRO C 269 -35.93 -63.70 26.13
CA PRO C 269 -34.76 -63.55 25.25
C PRO C 269 -33.47 -63.27 26.04
N ARG C 270 -32.40 -63.96 25.70
CA ARG C 270 -31.07 -63.75 26.31
C ARG C 270 -30.61 -62.30 26.11
N ILE C 271 -29.84 -61.84 27.09
CA ILE C 271 -29.18 -60.50 27.07
C ILE C 271 -27.67 -60.76 27.20
N TYR C 272 -26.86 -60.17 26.31
CA TYR C 272 -25.38 -60.26 26.37
C TYR C 272 -24.80 -58.91 26.82
N ASP C 273 -23.47 -58.85 27.00
CA ASP C 273 -22.72 -57.62 27.42
C ASP C 273 -22.24 -56.85 26.19
N GLY C 274 -22.86 -55.70 25.93
CA GLY C 274 -22.37 -54.71 24.94
C GLY C 274 -21.28 -53.85 25.55
N VAL C 275 -20.05 -54.39 25.63
CA VAL C 275 -18.93 -53.77 26.38
C VAL C 275 -18.59 -52.46 25.68
N GLY C 276 -18.64 -51.37 26.43
CA GLY C 276 -18.37 -50.03 25.89
C GLY C 276 -17.27 -49.33 26.67
N VAL C 277 -16.40 -48.66 25.95
CA VAL C 277 -15.25 -47.92 26.54
C VAL C 277 -15.48 -46.43 26.31
N SER C 278 -15.27 -45.67 27.36
CA SER C 278 -15.31 -44.20 27.34
C SER C 278 -14.12 -43.69 28.15
N ALA C 279 -13.89 -42.39 28.14
CA ALA C 279 -12.75 -41.81 28.87
C ALA C 279 -13.10 -40.41 29.37
N LEU C 280 -12.57 -40.06 30.54
CA LEU C 280 -12.59 -38.69 31.06
C LEU C 280 -11.22 -38.08 30.81
N VAL C 281 -11.21 -36.90 30.22
CA VAL C 281 -9.99 -36.17 29.82
C VAL C 281 -10.09 -34.78 30.44
N ASP C 282 -9.02 -34.35 31.13
CA ASP C 282 -8.84 -32.94 31.55
C ASP C 282 -8.27 -32.18 30.36
N THR C 283 -9.03 -31.23 29.81
CA THR C 283 -8.60 -30.54 28.57
C THR C 283 -7.41 -29.63 28.89
N TRP C 284 -6.51 -29.49 27.92
CA TRP C 284 -5.25 -28.71 27.98
C TRP C 284 -5.50 -27.33 28.61
N ASP C 285 -6.62 -26.67 28.34
CA ASP C 285 -6.88 -25.27 28.77
C ASP C 285 -8.14 -25.19 29.64
N GLY C 286 -8.66 -26.32 30.09
CA GLY C 286 -9.88 -26.36 30.91
C GLY C 286 -11.16 -26.07 30.13
N SER C 287 -11.08 -25.82 28.81
CA SER C 287 -12.28 -25.50 27.99
C SER C 287 -13.07 -26.77 27.66
N GLY C 288 -14.28 -26.56 27.16
CA GLY C 288 -15.14 -27.62 26.60
C GLY C 288 -16.14 -27.01 25.64
N PRO C 289 -16.80 -27.82 24.78
CA PRO C 289 -17.85 -27.31 23.91
C PRO C 289 -19.12 -27.01 24.70
N ALA C 290 -19.95 -26.12 24.19
CA ALA C 290 -21.22 -25.70 24.83
C ALA C 290 -22.28 -26.76 24.54
N THR C 291 -22.10 -27.57 23.50
CA THR C 291 -23.06 -28.63 23.11
C THR C 291 -22.39 -29.99 23.15
N VAL C 292 -23.19 -31.05 23.16
CA VAL C 292 -22.74 -32.42 22.76
C VAL C 292 -22.19 -32.30 21.32
N LEU C 293 -21.09 -32.99 21.04
CA LEU C 293 -20.57 -33.16 19.65
C LEU C 293 -20.59 -34.65 19.36
N ARG C 294 -21.18 -35.05 18.22
CA ARG C 294 -21.30 -36.48 17.89
C ARG C 294 -21.30 -36.67 16.38
N THR C 295 -20.93 -37.85 15.94
CA THR C 295 -21.26 -38.43 14.61
C THR C 295 -22.57 -39.19 14.77
N SER C 296 -23.16 -39.67 13.69
CA SER C 296 -24.24 -40.70 13.76
C SER C 296 -23.62 -42.00 14.25
N ASN C 297 -24.46 -42.98 14.62
CA ASN C 297 -23.99 -44.33 15.01
C ASN C 297 -23.19 -44.92 13.84
N ARG C 298 -22.13 -45.64 14.15
CA ARG C 298 -21.18 -46.16 13.14
C ARG C 298 -21.08 -47.67 13.30
N ALA C 299 -20.03 -48.29 12.76
CA ALA C 299 -19.89 -49.76 12.64
C ALA C 299 -20.27 -50.43 13.98
N PHE C 300 -21.27 -51.33 13.91
CA PHE C 300 -21.71 -52.21 15.02
C PHE C 300 -22.02 -51.38 16.29
N ALA C 301 -22.76 -50.27 16.11
CA ALA C 301 -23.27 -49.42 17.22
C ALA C 301 -22.10 -48.87 18.08
N CYS C 302 -20.90 -48.79 17.52
CA CYS C 302 -19.86 -47.81 17.89
C CYS C 302 -20.35 -46.43 17.47
N GLY C 303 -19.73 -45.37 17.98
CA GLY C 303 -20.02 -43.97 17.61
C GLY C 303 -19.04 -43.06 18.30
N LEU C 304 -18.79 -41.87 17.76
CA LEU C 304 -17.88 -40.90 18.38
C LEU C 304 -18.71 -39.79 18.97
N HIS C 305 -18.50 -39.44 20.23
CA HIS C 305 -19.14 -38.26 20.84
C HIS C 305 -18.29 -37.68 21.96
N LEU C 306 -18.50 -36.41 22.21
CA LEU C 306 -17.91 -35.68 23.34
C LEU C 306 -19.06 -35.01 24.09
N VAL C 307 -19.17 -35.33 25.38
CA VAL C 307 -20.21 -34.78 26.29
C VAL C 307 -19.50 -33.82 27.25
N PRO C 308 -19.93 -32.55 27.33
CA PRO C 308 -19.37 -31.60 28.27
C PRO C 308 -19.56 -32.07 29.73
N ARG C 309 -18.59 -31.77 30.58
CA ARG C 309 -18.66 -31.95 32.06
C ARG C 309 -18.20 -30.64 32.72
N ALA C 310 -18.59 -30.42 33.98
CA ALA C 310 -18.11 -29.27 34.78
C ALA C 310 -16.64 -29.48 35.17
N GLY C 311 -15.89 -28.40 35.35
CA GLY C 311 -14.54 -28.40 35.96
C GLY C 311 -13.42 -28.85 35.02
N GLY C 312 -13.44 -28.43 33.76
CA GLY C 312 -12.32 -28.65 32.83
C GLY C 312 -12.18 -30.09 32.37
N SER C 313 -13.19 -30.93 32.61
CA SER C 313 -13.22 -32.34 32.15
C SER C 313 -14.13 -32.42 30.91
N VAL C 314 -13.84 -33.33 29.99
CA VAL C 314 -14.78 -33.75 28.91
C VAL C 314 -14.86 -35.28 28.96
N TYR C 315 -16.03 -35.80 28.62
CA TYR C 315 -16.29 -37.23 28.42
C TYR C 315 -16.18 -37.51 26.93
N ILE C 316 -15.43 -38.53 26.55
CA ILE C 316 -15.35 -38.99 25.13
C ILE C 316 -15.79 -40.45 25.11
N GLY C 317 -16.61 -40.80 24.15
CA GLY C 317 -17.04 -42.19 23.91
C GLY C 317 -17.35 -42.40 22.44
N ALA C 318 -17.78 -43.59 22.09
CA ALA C 318 -17.82 -44.74 22.97
C ALA C 318 -17.74 -45.98 22.09
N THR C 319 -16.89 -46.93 22.45
CA THR C 319 -16.78 -48.19 21.67
C THR C 319 -17.99 -49.07 22.06
N ASN C 320 -18.22 -50.08 21.26
CA ASN C 320 -19.22 -51.11 21.58
C ASN C 320 -18.71 -52.41 20.99
N ALA C 321 -18.76 -53.47 21.77
CA ALA C 321 -18.52 -54.83 21.27
C ALA C 321 -19.46 -55.73 22.05
N VAL C 322 -20.33 -56.44 21.37
CA VAL C 322 -21.14 -57.50 22.00
C VAL C 322 -20.17 -58.65 22.33
N CYS C 323 -20.12 -59.03 23.60
CA CYS C 323 -19.29 -60.16 24.09
C CYS C 323 -20.22 -61.22 24.68
N LEU C 324 -19.89 -62.49 24.43
CA LEU C 324 -20.72 -63.64 24.87
C LEU C 324 -20.48 -63.88 26.35
N GLU C 325 -19.40 -63.34 26.92
CA GLU C 325 -19.20 -63.29 28.40
C GLU C 325 -18.83 -61.87 28.81
N PRO C 326 -19.16 -61.43 30.03
CA PRO C 326 -18.83 -60.06 30.47
C PRO C 326 -17.30 -59.82 30.51
N ARG C 327 -16.91 -58.56 30.35
CA ARG C 327 -15.50 -58.10 30.36
C ARG C 327 -15.51 -56.75 31.07
N GLY C 328 -14.58 -56.56 32.00
CA GLY C 328 -14.55 -55.36 32.86
C GLY C 328 -13.38 -54.43 32.55
N ALA C 329 -12.59 -54.70 31.52
CA ALA C 329 -11.42 -53.85 31.18
C ALA C 329 -11.42 -53.58 29.68
N ALA C 330 -11.01 -52.38 29.29
CA ALA C 330 -10.84 -51.94 27.89
C ALA C 330 -9.74 -52.77 27.25
N SER C 331 -9.91 -53.10 25.98
CA SER C 331 -8.81 -53.61 25.16
C SER C 331 -7.94 -52.46 24.72
N ILE C 332 -6.68 -52.74 24.38
CA ILE C 332 -5.76 -51.74 23.79
C ILE C 332 -6.42 -51.13 22.56
N GLU C 333 -6.97 -51.96 21.69
CA GLU C 333 -7.58 -51.54 20.39
C GLU C 333 -8.70 -50.50 20.63
N GLU C 334 -9.56 -50.73 21.61
CA GLU C 334 -10.73 -49.87 21.94
C GLU C 334 -10.22 -48.49 22.38
N THR C 335 -9.22 -48.47 23.25
CA THR C 335 -8.60 -47.23 23.77
C THR C 335 -7.99 -46.44 22.63
N VAL C 336 -7.15 -47.07 21.80
CA VAL C 336 -6.45 -46.40 20.66
C VAL C 336 -7.53 -45.85 19.70
N PHE C 337 -8.54 -46.63 19.35
CA PHE C 337 -9.55 -46.23 18.36
C PHE C 337 -10.30 -45.01 18.89
N LEU C 338 -10.75 -45.04 20.14
CA LEU C 338 -11.50 -43.91 20.75
C LEU C 338 -10.64 -42.63 20.74
N PHE C 339 -9.39 -42.71 21.21
CA PHE C 339 -8.49 -41.55 21.31
C PHE C 339 -8.19 -41.02 19.92
N ASN C 340 -7.92 -41.92 18.99
CA ASN C 340 -7.56 -41.51 17.61
C ASN C 340 -8.75 -40.77 16.97
N CYS C 341 -9.96 -41.28 17.12
CA CYS C 341 -11.19 -40.66 16.56
C CYS C 341 -11.37 -39.26 17.15
N ALA C 342 -11.28 -39.12 18.47
CA ALA C 342 -11.57 -37.84 19.16
C ALA C 342 -10.51 -36.79 18.80
N THR C 343 -9.23 -37.16 18.80
CA THR C 343 -8.14 -36.18 18.57
C THR C 343 -8.16 -35.71 17.11
N HIS C 344 -8.52 -36.56 16.16
CA HIS C 344 -8.52 -36.18 14.73
C HIS C 344 -9.83 -35.46 14.36
N GLN C 345 -10.96 -36.00 14.79
CA GLN C 345 -12.30 -35.65 14.23
C GLN C 345 -12.93 -34.53 15.06
N LEU C 346 -12.55 -34.36 16.34
CA LEU C 346 -13.17 -33.32 17.22
C LEU C 346 -12.18 -32.22 17.59
N HIS C 347 -11.05 -32.55 18.25
CA HIS C 347 -10.12 -31.48 18.72
C HIS C 347 -8.71 -32.04 18.92
N ARG C 348 -7.77 -31.53 18.16
CA ARG C 348 -6.34 -31.93 18.20
C ARG C 348 -5.73 -31.57 19.56
N GLY C 349 -6.28 -30.56 20.24
CA GLY C 349 -5.91 -30.20 21.62
C GLY C 349 -6.06 -31.36 22.58
N LEU C 350 -6.97 -32.31 22.33
CA LEU C 350 -7.14 -33.47 23.22
C LEU C 350 -5.88 -34.32 23.21
N ASN C 351 -5.07 -34.23 22.16
CA ASN C 351 -3.83 -35.03 22.04
C ASN C 351 -2.89 -34.71 23.22
N GLY C 352 -2.77 -33.43 23.57
CA GLY C 352 -1.90 -32.96 24.66
C GLY C 352 -2.63 -32.91 25.99
N SER C 353 -3.88 -33.34 26.04
CA SER C 353 -4.70 -33.28 27.26
C SER C 353 -4.40 -34.52 28.11
N GLU C 354 -4.69 -34.43 29.41
CA GLU C 354 -4.41 -35.51 30.37
C GLU C 354 -5.57 -36.50 30.43
N LEU C 355 -5.25 -37.77 30.31
CA LEU C 355 -6.18 -38.89 30.52
C LEU C 355 -6.42 -39.04 32.03
N ARG C 356 -7.66 -38.85 32.47
CA ARG C 356 -8.05 -39.00 33.89
C ARG C 356 -8.50 -40.44 34.16
N LYS C 357 -9.27 -41.04 33.26
CA LYS C 357 -9.90 -42.35 33.53
C LYS C 357 -10.38 -42.98 32.22
N VAL C 358 -10.06 -44.26 32.03
CA VAL C 358 -10.70 -45.15 31.02
C VAL C 358 -11.82 -45.89 31.74
N GLN C 359 -13.05 -45.76 31.25
CA GLN C 359 -14.26 -46.33 31.88
C GLN C 359 -14.76 -47.46 30.97
N VAL C 360 -15.25 -48.51 31.58
CA VAL C 360 -15.84 -49.69 30.91
C VAL C 360 -17.16 -50.01 31.59
N GLY C 361 -18.24 -50.16 30.82
CA GLY C 361 -19.54 -50.67 31.30
C GLY C 361 -20.18 -51.59 30.26
N SER C 362 -21.19 -52.37 30.66
CA SER C 362 -21.84 -53.36 29.78
C SER C 362 -23.24 -52.87 29.42
N ARG C 363 -23.42 -52.45 28.18
CA ARG C 363 -24.77 -52.23 27.59
C ARG C 363 -25.50 -53.56 27.60
N PRO C 364 -26.70 -53.69 28.21
CA PRO C 364 -27.48 -54.93 28.12
C PRO C 364 -27.92 -55.10 26.65
N ALA C 365 -27.38 -56.13 25.99
CA ALA C 365 -27.53 -56.35 24.53
C ALA C 365 -28.51 -57.51 24.30
N PRO C 366 -29.80 -57.24 24.03
CA PRO C 366 -30.77 -58.32 23.85
C PRO C 366 -30.50 -59.10 22.54
N ILE C 367 -30.61 -60.43 22.57
CA ILE C 367 -30.27 -61.30 21.41
C ILE C 367 -31.14 -60.97 20.17
N ASP C 368 -32.35 -60.43 20.33
CA ASP C 368 -33.26 -60.13 19.19
C ASP C 368 -33.28 -58.63 18.91
N GLY C 369 -32.46 -57.83 19.61
CA GLY C 369 -32.19 -56.43 19.24
C GLY C 369 -33.17 -55.43 19.84
N PHE C 370 -34.08 -55.88 20.70
CA PHE C 370 -35.12 -54.99 21.29
C PHE C 370 -35.20 -55.22 22.79
N PRO C 371 -35.58 -54.17 23.54
CA PRO C 371 -35.64 -54.26 25.00
C PRO C 371 -36.66 -55.27 25.53
N LEU C 372 -36.52 -55.57 26.83
CA LEU C 372 -37.42 -56.44 27.63
C LEU C 372 -38.04 -55.55 28.72
N ILE C 373 -39.28 -55.09 28.48
CA ILE C 373 -39.98 -54.10 29.33
C ILE C 373 -41.39 -54.63 29.63
N GLY C 374 -41.67 -54.90 30.89
CA GLY C 374 -43.05 -55.08 31.34
C GLY C 374 -43.22 -56.36 32.12
N GLY C 375 -44.42 -56.91 32.01
CA GLY C 375 -44.88 -58.03 32.83
C GLY C 375 -44.49 -59.37 32.27
N THR C 376 -44.75 -60.38 33.07
CA THR C 376 -44.26 -61.77 32.94
C THR C 376 -45.51 -62.66 33.12
N SER C 377 -45.39 -63.98 32.88
CA SER C 377 -46.43 -64.98 33.22
C SER C 377 -46.50 -65.19 34.75
N VAL C 378 -45.55 -64.63 35.50
CA VAL C 378 -45.50 -64.67 36.99
C VAL C 378 -46.06 -63.35 37.54
N GLU C 379 -47.15 -63.44 38.31
CA GLU C 379 -47.84 -62.28 38.92
C GLU C 379 -46.83 -61.53 39.79
N GLY C 380 -46.75 -60.21 39.63
CA GLY C 380 -45.85 -59.35 40.44
C GLY C 380 -44.40 -59.37 39.97
N LEU C 381 -44.06 -60.10 38.89
CA LEU C 381 -42.67 -60.10 38.35
C LEU C 381 -42.63 -59.20 37.10
N TRP C 382 -41.76 -58.18 37.16
CA TRP C 382 -41.57 -57.17 36.09
C TRP C 382 -40.09 -57.13 35.69
N MET C 383 -39.83 -56.78 34.43
CA MET C 383 -38.45 -56.63 33.91
C MET C 383 -38.32 -55.27 33.24
N LEU C 384 -37.15 -54.66 33.41
CA LEU C 384 -36.74 -53.40 32.75
C LEU C 384 -35.28 -53.57 32.34
N SER C 385 -35.02 -54.06 31.13
CA SER C 385 -33.66 -54.45 30.70
C SER C 385 -33.56 -54.55 29.19
N GLY C 386 -32.33 -54.81 28.71
CA GLY C 386 -32.04 -55.02 27.28
C GLY C 386 -32.11 -53.73 26.50
N THR C 387 -31.76 -52.62 27.15
CA THR C 387 -31.92 -51.26 26.59
C THR C 387 -30.67 -50.84 25.79
N TYR C 388 -29.58 -51.62 25.83
CA TYR C 388 -28.43 -51.45 24.92
C TYR C 388 -27.89 -50.01 25.03
N ARG C 389 -28.09 -49.16 24.04
CA ARG C 389 -27.46 -47.80 23.95
C ARG C 389 -28.27 -46.71 24.67
N ASP C 390 -29.53 -46.94 25.05
CA ASP C 390 -30.42 -45.79 25.42
C ASP C 390 -31.40 -46.14 26.54
N GLY C 391 -31.01 -47.00 27.47
CA GLY C 391 -31.74 -47.24 28.73
C GLY C 391 -31.76 -46.00 29.63
N LEU C 392 -30.63 -45.33 29.73
CA LEU C 392 -30.51 -44.08 30.51
C LEU C 392 -31.47 -43.04 29.92
N HIS C 393 -31.42 -42.81 28.62
CA HIS C 393 -32.31 -41.84 27.96
C HIS C 393 -33.79 -42.20 28.22
N MET C 394 -34.14 -43.46 28.14
CA MET C 394 -35.56 -43.89 28.19
C MET C 394 -36.02 -44.08 29.65
N SER C 395 -35.10 -44.00 30.62
CA SER C 395 -35.37 -44.31 32.05
C SER C 395 -36.67 -43.65 32.58
N PRO C 396 -36.93 -42.34 32.43
CA PRO C 396 -38.14 -41.76 33.02
C PRO C 396 -39.42 -42.35 32.42
N LEU C 397 -39.42 -42.61 31.11
CA LEU C 397 -40.56 -43.22 30.40
C LEU C 397 -40.70 -44.67 30.85
N LEU C 398 -39.61 -45.43 30.93
CA LEU C 398 -39.68 -46.88 31.27
C LEU C 398 -40.17 -47.05 32.70
N ALA C 399 -39.71 -46.21 33.61
CA ALA C 399 -40.13 -46.20 35.02
C ALA C 399 -41.65 -46.02 35.11
N ARG C 400 -42.16 -45.00 34.44
CA ARG C 400 -43.60 -44.62 34.44
C ARG C 400 -44.43 -45.74 33.81
N HIS C 401 -43.92 -46.38 32.77
CA HIS C 401 -44.59 -47.52 32.10
C HIS C 401 -44.79 -48.65 33.12
N VAL C 402 -43.71 -49.09 33.77
CA VAL C 402 -43.78 -50.25 34.70
C VAL C 402 -44.68 -49.88 35.89
N VAL C 403 -44.58 -48.65 36.42
CA VAL C 403 -45.41 -48.21 37.57
C VAL C 403 -46.90 -48.22 37.19
N SER C 404 -47.25 -47.77 35.99
CA SER C 404 -48.63 -47.83 35.45
C SER C 404 -49.09 -49.30 35.39
N LEU C 405 -48.26 -50.20 34.86
CA LEU C 405 -48.61 -51.64 34.76
C LEU C 405 -48.85 -52.22 36.15
N MET C 406 -48.01 -51.88 37.13
CA MET C 406 -48.10 -52.40 38.52
C MET C 406 -49.38 -51.91 39.21
N ASP C 407 -49.92 -50.78 38.76
CA ASP C 407 -51.14 -50.15 39.32
C ASP C 407 -52.37 -50.59 38.51
N GLY C 408 -52.22 -51.58 37.61
CA GLY C 408 -53.30 -52.14 36.78
C GLY C 408 -53.59 -51.32 35.54
N GLY C 409 -52.77 -50.31 35.21
CA GLY C 409 -52.90 -49.51 33.98
C GLY C 409 -52.31 -50.24 32.78
N THR C 410 -52.26 -49.58 31.63
CA THR C 410 -51.68 -50.12 30.38
C THR C 410 -50.39 -49.38 30.02
N GLY C 411 -49.92 -48.49 30.90
CA GLY C 411 -48.65 -47.76 30.72
C GLY C 411 -48.59 -47.02 29.41
N VAL C 412 -47.45 -47.10 28.72
CA VAL C 412 -47.18 -46.33 27.48
C VAL C 412 -47.56 -47.20 26.27
N ASP C 413 -48.33 -46.61 25.34
CA ASP C 413 -48.67 -47.18 24.03
C ASP C 413 -47.37 -47.46 23.28
N GLY C 414 -47.22 -48.65 22.69
CA GLY C 414 -46.10 -48.95 21.79
C GLY C 414 -44.97 -49.70 22.47
N LEU C 415 -45.16 -50.12 23.73
CA LEU C 415 -44.17 -50.97 24.45
C LEU C 415 -44.57 -52.46 24.38
N ARG C 416 -45.73 -52.82 23.82
CA ARG C 416 -46.31 -54.20 23.91
C ARG C 416 -45.41 -55.21 23.17
N GLU C 417 -44.89 -54.83 22.01
CA GLU C 417 -43.96 -55.72 21.21
C GLU C 417 -42.74 -56.07 22.03
N PHE C 418 -42.42 -55.29 23.07
CA PHE C 418 -41.13 -55.38 23.82
C PHE C 418 -41.35 -56.02 25.20
N ARG C 419 -42.53 -56.65 25.38
CA ARG C 419 -42.86 -57.48 26.58
C ARG C 419 -41.74 -58.49 26.76
N PRO C 420 -41.25 -58.74 27.99
CA PRO C 420 -40.08 -59.58 28.21
C PRO C 420 -40.26 -61.07 27.92
N GLU C 421 -41.48 -61.58 28.07
CA GLU C 421 -41.77 -63.01 27.78
C GLU C 421 -42.32 -63.11 26.37
N ARG C 422 -41.50 -63.56 25.44
CA ARG C 422 -41.81 -63.48 23.99
C ARG C 422 -40.92 -64.45 23.22
N ASP C 423 -41.43 -64.92 22.09
CA ASP C 423 -40.61 -65.48 21.00
C ASP C 423 -39.59 -64.39 20.61
N LEU C 424 -38.41 -64.79 20.16
CA LEU C 424 -37.42 -63.81 19.63
C LEU C 424 -38.06 -63.04 18.49
N ILE C 425 -37.93 -61.72 18.50
CA ILE C 425 -38.39 -60.85 17.40
C ILE C 425 -37.51 -61.12 16.17
N SER C 426 -38.13 -61.10 14.98
CA SER C 426 -37.43 -61.09 13.67
C SER C 426 -37.75 -59.77 12.98
N ALA C 427 -37.03 -58.70 13.32
CA ALA C 427 -37.34 -57.32 12.87
C ALA C 427 -36.89 -57.07 11.44
N TRP C 428 -36.00 -57.93 10.93
CA TRP C 428 -35.42 -57.79 9.57
C TRP C 428 -35.40 -59.16 8.89
N SER C 429 -35.41 -59.17 7.56
CA SER C 429 -35.11 -60.36 6.73
C SER C 429 -33.63 -60.75 6.93
N ARG C 430 -33.32 -62.03 6.75
CA ARG C 430 -31.93 -62.56 6.79
C ARG C 430 -31.09 -61.80 5.75
N GLU C 431 -31.66 -61.53 4.57
CA GLU C 431 -31.00 -60.78 3.47
C GLU C 431 -30.61 -59.37 3.95
N GLU C 432 -31.52 -58.66 4.63
CA GLU C 432 -31.27 -57.30 5.17
C GLU C 432 -30.07 -57.37 6.14
N ILE C 433 -30.07 -58.34 7.06
CA ILE C 433 -29.03 -58.45 8.12
C ILE C 433 -27.69 -58.79 7.46
N LEU C 434 -27.69 -59.67 6.46
CA LEU C 434 -26.47 -60.05 5.73
C LEU C 434 -25.89 -58.82 5.00
N ASP C 435 -26.70 -58.00 4.34
CA ASP C 435 -26.21 -56.73 3.72
C ASP C 435 -25.60 -55.84 4.82
N ASP C 436 -26.29 -55.71 5.96
CA ASP C 436 -25.88 -54.86 7.11
C ASP C 436 -24.53 -55.36 7.66
N VAL C 437 -24.36 -56.65 7.89
CA VAL C 437 -23.16 -57.16 8.60
C VAL C 437 -21.92 -56.96 7.71
N VAL C 438 -22.05 -57.15 6.40
CA VAL C 438 -20.91 -56.94 5.46
C VAL C 438 -20.58 -55.45 5.42
N ARG C 439 -21.59 -54.61 5.34
CA ARG C 439 -21.44 -53.14 5.27
C ARG C 439 -20.78 -52.64 6.56
N HIS C 440 -21.20 -53.11 7.74
CA HIS C 440 -20.64 -52.70 9.05
C HIS C 440 -19.19 -53.23 9.16
N THR C 441 -18.91 -54.45 8.67
CA THR C 441 -17.54 -54.99 8.66
C THR C 441 -16.62 -54.07 7.84
N MET C 442 -17.04 -53.69 6.64
CA MET C 442 -16.29 -52.78 5.75
C MET C 442 -16.13 -51.42 6.45
N ALA C 443 -17.15 -50.98 7.17
CA ALA C 443 -17.15 -49.68 7.90
C ALA C 443 -16.04 -49.67 8.96
N THR C 444 -15.69 -50.79 9.57
CA THR C 444 -14.57 -50.85 10.56
C THR C 444 -13.27 -50.44 9.86
N GLY C 445 -13.14 -50.72 8.56
CA GLY C 445 -11.97 -50.30 7.77
C GLY C 445 -11.97 -48.81 7.52
N TYR C 446 -13.06 -48.30 6.99
CA TYR C 446 -13.17 -46.86 6.60
C TYR C 446 -13.10 -45.97 7.83
N GLU C 447 -13.52 -46.47 8.99
CA GLU C 447 -13.52 -45.66 10.24
C GLU C 447 -12.11 -45.63 10.87
N PHE C 448 -11.20 -46.51 10.48
CA PHE C 448 -9.86 -46.61 11.11
C PHE C 448 -9.10 -45.29 11.02
N PRO C 449 -8.94 -44.60 9.88
CA PRO C 449 -9.31 -45.07 8.55
C PRO C 449 -8.13 -45.83 7.93
N TRP C 450 -8.42 -46.88 7.17
CA TRP C 450 -7.34 -47.65 6.53
C TRP C 450 -6.84 -46.92 5.28
N ARG C 451 -5.70 -47.36 4.76
CA ARG C 451 -5.18 -46.99 3.42
C ARG C 451 -4.81 -48.30 2.73
N LEU C 452 -5.54 -48.64 1.67
CA LEU C 452 -5.44 -49.97 0.96
C LEU C 452 -5.33 -49.68 -0.53
N PRO C 453 -4.83 -50.63 -1.35
CA PRO C 453 -5.01 -50.54 -2.80
C PRO C 453 -6.51 -50.46 -3.15
N LEU C 454 -6.84 -49.72 -4.20
CA LEU C 454 -8.24 -49.33 -4.48
C LEU C 454 -9.11 -50.55 -4.83
N GLU C 455 -8.52 -51.65 -5.30
CA GLU C 455 -9.31 -52.86 -5.69
C GLU C 455 -9.62 -53.71 -4.44
N TRP C 456 -8.91 -53.51 -3.32
CA TRP C 456 -9.01 -54.43 -2.17
C TRP C 456 -10.41 -54.38 -1.54
N PRO C 457 -11.01 -53.21 -1.27
CA PRO C 457 -12.34 -53.16 -0.64
C PRO C 457 -13.40 -53.98 -1.39
N HIS C 458 -13.50 -53.84 -2.71
CA HIS C 458 -14.49 -54.61 -3.52
C HIS C 458 -14.19 -56.12 -3.36
N MET C 459 -12.93 -56.52 -3.42
CA MET C 459 -12.55 -57.94 -3.22
C MET C 459 -13.03 -58.42 -1.84
N MET C 460 -12.72 -57.65 -0.79
N MET C 460 -12.73 -57.66 -0.79
CA MET C 460 -13.08 -58.05 0.61
CA MET C 460 -13.10 -58.07 0.60
C MET C 460 -14.62 -58.18 0.71
C MET C 460 -14.62 -58.17 0.71
N GLU C 461 -15.36 -57.22 0.16
CA GLU C 461 -16.85 -57.22 0.16
C GLU C 461 -17.35 -58.53 -0.42
N THR C 462 -16.84 -58.91 -1.59
CA THR C 462 -17.29 -60.15 -2.30
C THR C 462 -16.97 -61.37 -1.43
N PHE C 463 -15.83 -61.43 -0.75
CA PHE C 463 -15.38 -62.63 0.00
C PHE C 463 -15.94 -62.67 1.43
N LEU C 464 -16.54 -61.59 1.91
CA LEU C 464 -17.22 -61.56 3.24
C LEU C 464 -18.64 -62.15 3.13
N GLN C 465 -19.27 -62.03 1.96
CA GLN C 465 -20.71 -62.38 1.79
C GLN C 465 -20.93 -63.86 2.11
N GLY C 466 -20.11 -64.74 1.53
CA GLY C 466 -20.22 -66.20 1.65
C GLY C 466 -20.18 -66.69 3.09
N PRO C 467 -19.09 -66.42 3.84
CA PRO C 467 -18.98 -66.88 5.22
C PRO C 467 -20.08 -66.39 6.19
N PHE C 468 -20.63 -65.18 6.00
CA PHE C 468 -21.72 -64.67 6.85
C PHE C 468 -23.04 -65.36 6.45
N ALA C 469 -23.30 -65.54 5.15
CA ALA C 469 -24.47 -66.28 4.63
C ALA C 469 -24.45 -67.71 5.20
N GLU C 470 -23.29 -68.36 5.19
CA GLU C 470 -23.10 -69.75 5.69
C GLU C 470 -23.40 -69.81 7.20
N LEU C 471 -22.89 -68.84 7.97
CA LEU C 471 -23.13 -68.81 9.44
C LEU C 471 -24.62 -68.64 9.71
N ALA C 472 -25.28 -67.67 9.08
CA ALA C 472 -26.71 -67.35 9.28
C ALA C 472 -27.56 -68.59 8.98
N ASP C 473 -27.23 -69.31 7.89
CA ASP C 473 -28.00 -70.51 7.46
C ASP C 473 -27.82 -71.67 8.45
N ARG C 474 -26.63 -71.78 9.03
CA ARG C 474 -26.23 -72.84 9.99
C ARG C 474 -26.84 -72.58 11.38
N LEU C 475 -27.11 -71.32 11.74
CA LEU C 475 -27.49 -70.98 13.15
C LEU C 475 -28.92 -71.47 13.40
N SER C 476 -29.81 -71.26 12.44
CA SER C 476 -31.27 -71.51 12.59
C SER C 476 -31.94 -71.35 11.23
N ASP C 477 -33.06 -72.04 11.03
CA ASP C 477 -33.93 -71.91 9.83
C ASP C 477 -34.89 -70.73 10.01
N THR C 478 -35.09 -70.19 11.21
CA THR C 478 -36.09 -69.11 11.44
C THR C 478 -35.42 -67.84 11.97
N TYR C 479 -34.53 -67.95 12.96
CA TYR C 479 -33.93 -66.77 13.64
C TYR C 479 -32.61 -66.38 12.96
N THR C 480 -32.40 -65.07 12.82
CA THR C 480 -31.13 -64.45 12.45
C THR C 480 -30.71 -63.42 13.50
N PRO C 481 -29.52 -63.57 14.11
CA PRO C 481 -29.01 -62.56 15.03
C PRO C 481 -28.82 -61.25 14.29
N PRO C 482 -29.11 -60.11 14.95
CA PRO C 482 -28.79 -58.81 14.39
C PRO C 482 -27.27 -58.69 14.15
N ALA C 483 -26.87 -57.77 13.27
CA ALA C 483 -25.48 -57.63 12.77
C ALA C 483 -24.48 -57.58 13.93
N ASP C 484 -24.76 -56.77 14.96
CA ASP C 484 -23.86 -56.53 16.13
C ASP C 484 -23.58 -57.89 16.82
N LEU C 485 -24.57 -58.76 16.92
CA LEU C 485 -24.40 -60.09 17.54
C LEU C 485 -23.80 -61.06 16.53
N MET C 486 -24.21 -60.99 15.27
CA MET C 486 -23.72 -61.91 14.22
C MET C 486 -22.20 -61.83 14.12
N THR C 487 -21.61 -60.64 14.17
CA THR C 487 -20.13 -60.48 14.08
C THR C 487 -19.48 -61.14 15.30
N ALA C 488 -20.03 -60.96 16.50
CA ALA C 488 -19.47 -61.60 17.71
C ALA C 488 -19.54 -63.13 17.56
N ILE C 489 -20.63 -63.65 17.00
CA ILE C 489 -20.79 -65.13 16.86
C ILE C 489 -19.79 -65.64 15.80
N MET C 490 -19.63 -64.91 14.69
CA MET C 490 -18.69 -65.26 13.58
C MET C 490 -17.31 -65.53 14.17
N PHE C 491 -16.84 -64.70 15.11
CA PHE C 491 -15.46 -64.77 15.63
C PHE C 491 -15.40 -65.44 17.01
N SER C 492 -16.48 -66.09 17.44
CA SER C 492 -16.51 -66.91 18.69
C SER C 492 -16.01 -68.33 18.37
N GLU C 493 -15.72 -69.12 19.40
CA GLU C 493 -15.31 -70.55 19.29
C GLU C 493 -16.47 -71.40 18.74
N ARG C 494 -16.14 -72.54 18.11
CA ARG C 494 -17.14 -73.46 17.50
C ARG C 494 -18.12 -73.94 18.58
N GLU C 495 -17.65 -74.17 19.80
CA GLU C 495 -18.47 -74.63 20.96
C GLU C 495 -19.53 -73.58 21.30
N GLN C 496 -19.16 -72.29 21.26
CA GLN C 496 -20.08 -71.15 21.53
C GLN C 496 -21.12 -71.03 20.40
N GLN C 497 -20.74 -71.29 19.15
CA GLN C 497 -21.68 -71.27 17.99
C GLN C 497 -22.68 -72.42 18.15
N ASP C 498 -22.18 -73.60 18.52
CA ASP C 498 -23.00 -74.84 18.70
C ASP C 498 -24.02 -74.58 19.81
N GLU C 499 -23.58 -74.03 20.94
CA GLU C 499 -24.47 -73.67 22.07
C GLU C 499 -25.58 -72.72 21.57
N LEU C 500 -25.27 -71.76 20.70
CA LEU C 500 -26.29 -70.81 20.17
C LEU C 500 -27.26 -71.55 19.25
N ILE C 501 -26.78 -72.51 18.45
CA ILE C 501 -27.65 -73.32 17.55
C ILE C 501 -28.68 -74.05 18.43
N ALA C 502 -28.23 -74.65 19.54
CA ALA C 502 -29.07 -75.36 20.54
C ALA C 502 -30.08 -74.37 21.14
N TYR C 503 -29.61 -73.19 21.60
CA TYR C 503 -30.49 -72.15 22.19
C TYR C 503 -31.62 -71.81 21.20
N TYR C 504 -31.29 -71.48 19.96
CA TYR C 504 -32.30 -71.07 18.94
C TYR C 504 -33.30 -72.21 18.70
N ALA C 505 -32.83 -73.46 18.71
CA ALA C 505 -33.65 -74.67 18.50
C ALA C 505 -34.63 -74.85 19.68
N ASP C 506 -34.16 -74.68 20.92
CA ASP C 506 -34.99 -74.75 22.16
C ASP C 506 -36.04 -73.63 22.17
N VAL C 507 -35.70 -72.44 21.68
CA VAL C 507 -36.67 -71.32 21.62
C VAL C 507 -37.74 -71.65 20.58
N HIS C 508 -37.34 -72.23 19.44
CA HIS C 508 -38.28 -72.54 18.34
C HIS C 508 -39.31 -73.57 18.83
N ARG C 509 -38.80 -74.58 19.55
CA ARG C 509 -39.55 -75.68 20.21
C ARG C 509 -40.59 -75.09 21.18
N GLU C 510 -40.18 -74.12 22.00
CA GLU C 510 -41.05 -73.52 23.05
C GLU C 510 -42.20 -72.76 22.40
N TRP C 511 -41.95 -72.03 21.31
CA TRP C 511 -42.92 -71.03 20.80
C TRP C 511 -43.67 -71.52 19.56
N HIS C 512 -43.27 -72.64 18.96
CA HIS C 512 -43.88 -73.14 17.68
C HIS C 512 -44.28 -74.62 17.82
N VAL D 34 20.76 -41.32 60.98
CA VAL D 34 20.71 -41.07 59.52
C VAL D 34 19.25 -40.95 59.08
N ILE D 35 18.95 -39.89 58.31
CA ILE D 35 17.64 -39.72 57.61
C ILE D 35 17.88 -39.91 56.11
N VAL D 36 17.19 -40.88 55.49
CA VAL D 36 17.10 -40.99 54.01
C VAL D 36 15.81 -40.29 53.57
N VAL D 37 15.93 -39.27 52.71
CA VAL D 37 14.77 -38.53 52.16
C VAL D 37 14.43 -39.15 50.79
N GLY D 38 13.35 -39.93 50.74
CA GLY D 38 12.84 -40.51 49.48
C GLY D 38 12.73 -42.02 49.58
N ASN D 39 11.64 -42.57 49.04
CA ASN D 39 11.26 -44.00 49.22
C ASN D 39 11.15 -44.69 47.86
N GLY D 40 11.91 -44.23 46.88
CA GLY D 40 12.10 -44.93 45.60
C GLY D 40 13.15 -46.01 45.75
N VAL D 41 13.60 -46.57 44.63
CA VAL D 41 14.65 -47.63 44.62
C VAL D 41 15.95 -47.09 45.26
N LEU D 42 16.33 -45.84 45.00
CA LEU D 42 17.64 -45.31 45.44
C LEU D 42 17.62 -45.07 46.95
N GLY D 43 16.58 -44.39 47.46
CA GLY D 43 16.40 -44.17 48.91
C GLY D 43 16.37 -45.47 49.68
N LEU D 44 15.52 -46.40 49.26
CA LEU D 44 15.35 -47.71 49.94
C LEU D 44 16.63 -48.53 49.82
N SER D 45 17.32 -48.48 48.67
CA SER D 45 18.55 -49.28 48.44
C SER D 45 19.66 -48.79 49.38
N VAL D 46 19.80 -47.47 49.52
CA VAL D 46 20.84 -46.87 50.40
C VAL D 46 20.40 -47.08 51.85
N GLY D 47 19.11 -46.96 52.15
CA GLY D 47 18.52 -47.29 53.47
C GLY D 47 18.89 -48.69 53.90
N VAL D 48 18.67 -49.68 53.04
CA VAL D 48 18.98 -51.11 53.31
C VAL D 48 20.48 -51.25 53.60
N GLU D 49 21.35 -50.65 52.77
CA GLU D 49 22.82 -50.80 52.89
C GLU D 49 23.32 -50.12 54.17
N ILE D 50 22.76 -48.96 54.53
CA ILE D 50 23.14 -48.24 55.79
C ILE D 50 22.69 -49.08 56.98
N ALA D 51 21.43 -49.48 57.02
CA ALA D 51 20.83 -50.28 58.13
C ALA D 51 21.65 -51.57 58.32
N ARG D 52 22.00 -52.25 57.23
CA ARG D 52 22.70 -53.56 57.30
C ARG D 52 24.15 -53.40 57.76
N THR D 53 24.84 -52.30 57.43
CA THR D 53 26.31 -52.16 57.66
C THR D 53 26.60 -51.28 58.89
N ARG D 54 25.61 -50.57 59.43
CA ARG D 54 25.75 -49.74 60.65
C ARG D 54 24.66 -50.13 61.65
N PRO D 55 24.69 -51.36 62.23
CA PRO D 55 23.62 -51.83 63.13
C PRO D 55 23.48 -50.99 64.41
N ASP D 56 24.52 -50.24 64.77
CA ASP D 56 24.61 -49.38 65.98
C ASP D 56 23.91 -48.03 65.75
N VAL D 57 23.48 -47.70 64.51
CA VAL D 57 22.88 -46.38 64.19
C VAL D 57 21.40 -46.54 63.79
N ARG D 58 20.61 -45.56 64.16
CA ARG D 58 19.18 -45.41 63.78
C ARG D 58 19.12 -44.80 62.38
N VAL D 59 18.56 -45.52 61.42
CA VAL D 59 18.29 -44.98 60.05
C VAL D 59 16.77 -44.92 59.88
N THR D 60 16.27 -43.72 59.57
CA THR D 60 14.85 -43.39 59.30
C THR D 60 14.71 -43.01 57.82
N LEU D 61 13.70 -43.57 57.13
CA LEU D 61 13.45 -43.28 55.70
C LEU D 61 12.09 -42.59 55.55
N LEU D 62 12.10 -41.40 54.93
CA LEU D 62 10.90 -40.55 54.68
C LEU D 62 10.34 -40.85 53.28
N GLY D 63 9.05 -40.56 53.11
CA GLY D 63 8.32 -40.77 51.85
C GLY D 63 7.00 -41.49 52.08
N LYS D 64 6.02 -41.25 51.23
CA LYS D 64 4.61 -41.68 51.42
C LYS D 64 4.30 -42.86 50.51
N PRO D 65 3.32 -43.72 50.88
CA PRO D 65 2.94 -44.86 50.05
C PRO D 65 2.48 -44.48 48.62
N ALA D 66 1.89 -43.29 48.45
CA ALA D 66 1.40 -42.78 47.14
C ALA D 66 2.56 -42.67 46.14
N ARG D 67 3.79 -42.37 46.62
CA ARG D 67 5.00 -42.19 45.78
C ARG D 67 4.65 -41.27 44.61
N GLN D 68 4.17 -40.07 44.91
CA GLN D 68 3.76 -39.06 43.91
C GLN D 68 4.94 -38.83 42.94
N TYR D 69 4.65 -38.84 41.63
CA TYR D 69 5.61 -38.64 40.51
C TYR D 69 6.70 -39.70 40.51
N GLY D 70 6.56 -40.77 41.29
CA GLY D 70 7.61 -41.77 41.51
C GLY D 70 8.03 -42.48 40.22
N ALA D 71 9.32 -42.46 39.90
CA ALA D 71 9.89 -43.13 38.71
C ALA D 71 9.83 -44.65 38.89
N THR D 72 10.24 -45.13 40.07
CA THR D 72 10.50 -46.57 40.31
C THR D 72 9.24 -47.40 40.06
N PRO D 73 8.05 -47.03 40.60
CA PRO D 73 6.83 -47.83 40.41
C PRO D 73 6.38 -47.92 38.94
N ALA D 74 6.77 -46.96 38.09
CA ALA D 74 6.38 -46.90 36.66
C ALA D 74 7.40 -47.66 35.80
N ALA D 75 8.46 -48.19 36.39
CA ALA D 75 9.55 -48.90 35.68
C ALA D 75 9.19 -50.38 35.50
N GLY D 76 9.72 -51.01 34.46
CA GLY D 76 9.40 -52.40 34.06
C GLY D 76 9.83 -53.43 35.10
N ALA D 77 11.12 -53.52 35.37
CA ALA D 77 12.15 -52.65 34.84
C ALA D 77 13.25 -53.51 34.23
N MET D 78 13.86 -53.01 33.17
CA MET D 78 15.02 -53.66 32.53
C MET D 78 16.26 -53.36 33.37
N LEU D 79 17.12 -54.36 33.57
CA LEU D 79 18.46 -54.14 34.14
C LEU D 79 19.38 -53.78 32.97
N GLY D 80 19.19 -52.54 32.48
CA GLY D 80 19.71 -52.06 31.20
C GLY D 80 21.15 -51.57 31.33
N ALA D 81 22.04 -52.24 30.61
CA ALA D 81 23.47 -51.89 30.47
C ALA D 81 23.81 -51.80 28.98
N PHE D 82 23.98 -52.94 28.31
CA PHE D 82 24.30 -53.00 26.86
C PHE D 82 23.08 -52.54 26.05
N GLY D 83 21.85 -52.87 26.45
CA GLY D 83 20.63 -52.42 25.77
C GLY D 83 20.51 -50.90 25.75
N GLU D 84 21.11 -50.22 26.73
CA GLU D 84 21.04 -48.75 26.87
C GLU D 84 22.12 -48.05 26.04
N VAL D 85 22.99 -48.79 25.36
CA VAL D 85 24.10 -48.19 24.58
C VAL D 85 23.52 -47.42 23.39
N THR D 86 23.96 -46.17 23.22
CA THR D 86 23.77 -45.39 21.97
C THR D 86 25.11 -44.92 21.43
N ALA D 87 25.21 -44.77 20.11
CA ALA D 87 26.39 -44.19 19.43
C ALA D 87 26.71 -42.84 20.09
N HIS D 88 25.70 -41.98 20.33
CA HIS D 88 25.88 -40.62 20.89
C HIS D 88 26.48 -40.67 22.30
N ALA D 89 25.97 -41.55 23.17
CA ALA D 89 26.47 -41.71 24.56
C ALA D 89 27.94 -42.14 24.55
N LEU D 90 28.30 -43.15 23.76
CA LEU D 90 29.67 -43.75 23.74
C LEU D 90 30.66 -42.86 22.95
N ALA D 91 30.20 -41.76 22.34
CA ALA D 91 31.06 -40.77 21.65
C ALA D 91 31.63 -39.75 22.64
N SER D 92 31.12 -39.68 23.87
CA SER D 92 31.61 -38.73 24.92
C SER D 92 32.31 -39.51 26.04
N GLU D 93 33.32 -38.90 26.66
CA GLU D 93 34.05 -39.52 27.80
C GLU D 93 33.06 -39.79 28.94
N HIS D 94 32.18 -38.83 29.24
CA HIS D 94 31.19 -38.93 30.35
C HIS D 94 30.23 -40.10 30.08
N GLY D 95 29.78 -40.24 28.82
CA GLY D 95 28.91 -41.36 28.41
C GLY D 95 29.61 -42.69 28.54
N ARG D 96 30.89 -42.78 28.16
CA ARG D 96 31.68 -44.03 28.32
C ARG D 96 31.80 -44.37 29.82
N LYS D 97 31.97 -43.38 30.69
CA LYS D 97 32.09 -43.58 32.16
C LYS D 97 30.77 -44.12 32.70
N LYS D 98 29.64 -43.50 32.33
CA LYS D 98 28.29 -43.95 32.71
C LYS D 98 28.11 -45.41 32.29
N HIS D 99 28.48 -45.75 31.06
CA HIS D 99 28.33 -47.14 30.53
C HIS D 99 29.12 -48.13 31.39
N ALA D 100 30.36 -47.80 31.74
CA ALA D 100 31.25 -48.66 32.55
C ALA D 100 30.55 -48.99 33.87
N LEU D 101 29.97 -47.99 34.54
CA LEU D 101 29.24 -48.17 35.82
C LEU D 101 28.05 -49.11 35.62
N ALA D 102 27.28 -48.96 34.54
CA ALA D 102 26.15 -49.84 34.23
C ALA D 102 26.65 -51.29 34.13
N VAL D 103 27.78 -51.52 33.47
CA VAL D 103 28.33 -52.90 33.30
C VAL D 103 28.75 -53.44 34.68
N GLN D 104 29.33 -52.60 35.54
CA GLN D 104 29.76 -52.99 36.92
C GLN D 104 28.53 -53.35 37.76
N ALA D 105 27.48 -52.52 37.70
CA ALA D 105 26.23 -52.72 38.47
C ALA D 105 25.60 -54.07 38.12
N GLN D 106 25.63 -54.47 36.85
CA GLN D 106 25.00 -55.74 36.39
C GLN D 106 25.53 -56.93 37.19
N ARG D 107 26.81 -56.89 37.57
CA ARG D 107 27.48 -58.01 38.28
C ARG D 107 26.96 -58.13 39.71
N LEU D 108 26.45 -57.05 40.31
CA LEU D 108 25.98 -57.03 41.72
C LEU D 108 24.57 -57.63 41.85
N TRP D 109 23.80 -57.70 40.76
CA TRP D 109 22.33 -57.93 40.86
C TRP D 109 22.00 -59.32 41.42
N PRO D 110 22.61 -60.42 40.95
CA PRO D 110 22.23 -61.76 41.42
C PRO D 110 22.30 -61.91 42.96
N GLU D 111 23.39 -61.48 43.59
CA GLU D 111 23.59 -61.57 45.08
C GLU D 111 22.67 -60.57 45.77
N TRP D 112 22.49 -59.38 45.20
CA TRP D 112 21.60 -58.33 45.74
C TRP D 112 20.17 -58.88 45.85
N ILE D 113 19.66 -59.49 44.77
CA ILE D 113 18.29 -60.08 44.73
C ILE D 113 18.21 -61.20 45.78
N GLU D 114 19.21 -62.09 45.81
CA GLU D 114 19.31 -63.20 46.81
C GLU D 114 19.14 -62.64 48.23
N SER D 115 19.86 -61.57 48.56
CA SER D 115 19.87 -60.93 49.89
C SER D 115 18.52 -60.27 50.21
N LEU D 116 17.75 -59.87 49.19
CA LEU D 116 16.43 -59.20 49.42
C LEU D 116 15.33 -60.26 49.53
N GLU D 117 15.39 -61.29 48.70
CA GLU D 117 14.40 -62.40 48.72
C GLU D 117 14.55 -63.21 50.02
N ALA D 118 15.77 -63.26 50.58
CA ALA D 118 16.10 -64.02 51.82
C ALA D 118 15.24 -63.54 52.99
N THR D 119 14.79 -62.28 52.99
CA THR D 119 14.01 -61.67 54.10
C THR D 119 12.52 -61.94 53.92
N GLY D 120 12.12 -62.64 52.85
CA GLY D 120 10.71 -62.92 52.55
C GLY D 120 10.46 -64.41 52.38
N THR D 121 9.28 -64.76 51.86
CA THR D 121 8.81 -66.15 51.60
C THR D 121 8.36 -66.27 50.14
N ALA D 122 8.24 -67.50 49.64
CA ALA D 122 7.81 -67.83 48.26
C ALA D 122 6.63 -66.96 47.84
N ALA D 123 5.69 -66.69 48.75
CA ALA D 123 4.40 -66.01 48.48
C ALA D 123 4.60 -64.51 48.26
N ASP D 124 5.78 -63.98 48.56
CA ASP D 124 6.14 -62.55 48.28
C ASP D 124 6.41 -62.36 46.79
N GLY D 125 6.62 -63.44 46.04
CA GLY D 125 6.88 -63.38 44.59
C GLY D 125 8.35 -63.16 44.29
N ARG D 126 8.73 -63.23 43.02
CA ARG D 126 10.14 -63.25 42.59
C ARG D 126 10.49 -61.87 42.02
N ILE D 127 11.65 -61.34 42.41
CA ILE D 127 12.13 -60.01 41.95
C ILE D 127 12.50 -60.13 40.46
N LYS D 128 13.24 -61.16 40.07
CA LYS D 128 13.75 -61.34 38.68
C LYS D 128 12.62 -61.89 37.80
N THR D 129 12.35 -61.27 36.65
CA THR D 129 11.29 -61.71 35.71
C THR D 129 11.89 -62.21 34.40
N ALA D 130 13.16 -61.93 34.13
CA ALA D 130 13.84 -62.44 32.92
C ALA D 130 15.34 -62.36 33.11
N ASP D 131 16.08 -63.28 32.51
CA ASP D 131 17.57 -63.34 32.60
C ASP D 131 18.20 -62.69 31.37
N ASP D 132 17.54 -62.74 30.22
CA ASP D 132 18.12 -62.34 28.92
C ASP D 132 17.25 -61.26 28.24
N THR D 133 17.84 -60.59 27.26
CA THR D 133 17.21 -59.50 26.48
C THR D 133 17.42 -59.81 25.00
N VAL D 134 16.39 -59.62 24.17
CA VAL D 134 16.54 -59.57 22.69
C VAL D 134 16.32 -58.13 22.23
N VAL D 135 17.30 -57.57 21.49
CA VAL D 135 17.22 -56.22 20.87
C VAL D 135 16.77 -56.44 19.44
N LEU D 136 15.71 -55.76 19.02
CA LEU D 136 15.14 -55.90 17.66
C LEU D 136 15.47 -54.64 16.87
N LEU D 137 15.83 -54.80 15.60
CA LEU D 137 16.00 -53.69 14.65
C LEU D 137 14.91 -53.79 13.59
N ASN D 138 14.04 -52.78 13.56
CA ASN D 138 12.98 -52.62 12.54
C ASN D 138 13.19 -51.26 11.87
N THR D 139 12.35 -50.90 10.90
CA THR D 139 12.50 -49.63 10.15
C THR D 139 11.45 -48.61 10.59
N VAL D 140 10.86 -48.78 11.77
CA VAL D 140 9.87 -47.80 12.32
C VAL D 140 10.64 -46.79 13.16
N GLY D 141 11.55 -46.08 12.51
CA GLY D 141 12.44 -45.15 13.18
C GLY D 141 13.42 -44.55 12.20
N HIS D 142 14.23 -43.63 12.71
CA HIS D 142 15.27 -42.92 11.93
C HIS D 142 16.49 -43.84 11.79
N SER D 143 17.00 -44.03 10.57
CA SER D 143 18.27 -44.75 10.33
C SER D 143 19.41 -44.14 11.15
N ALA D 144 19.44 -42.80 11.29
CA ALA D 144 20.55 -42.08 11.98
C ALA D 144 20.58 -42.42 13.47
N LEU D 145 19.47 -42.86 14.06
CA LEU D 145 19.47 -43.35 15.46
C LEU D 145 19.55 -44.88 15.47
N ASP D 146 18.51 -45.55 14.97
CA ASP D 146 18.34 -47.02 15.14
C ASP D 146 19.53 -47.79 14.51
N ASP D 147 19.95 -47.46 13.30
CA ASP D 147 21.05 -48.21 12.62
C ASP D 147 22.36 -47.95 13.39
N ALA D 148 22.65 -46.69 13.74
CA ALA D 148 23.89 -46.31 14.46
C ALA D 148 23.88 -46.97 15.85
N ASN D 149 22.73 -47.02 16.51
CA ASN D 149 22.63 -47.52 17.90
C ASN D 149 22.81 -49.05 17.89
N PHE D 150 22.22 -49.75 16.95
CA PHE D 150 22.36 -51.23 16.84
C PHE D 150 23.85 -51.60 16.67
N ALA D 151 24.57 -50.89 15.78
CA ALA D 151 26.02 -51.10 15.55
C ALA D 151 26.79 -50.82 16.85
N ALA D 152 26.43 -49.75 17.58
CA ALA D 152 27.12 -49.33 18.83
C ALA D 152 26.92 -50.38 19.92
N VAL D 153 25.74 -51.01 19.99
CA VAL D 153 25.43 -52.08 20.98
C VAL D 153 26.34 -53.27 20.67
N LEU D 154 26.36 -53.71 19.41
CA LEU D 154 27.18 -54.86 18.97
C LEU D 154 28.66 -54.60 19.36
N THR D 155 29.15 -53.38 19.09
CA THR D 155 30.56 -53.00 19.35
C THR D 155 30.82 -53.04 20.86
N ALA D 156 29.94 -52.45 21.67
CA ALA D 156 30.09 -52.36 23.13
C ALA D 156 30.09 -53.76 23.76
N LEU D 157 29.26 -54.69 23.25
CA LEU D 157 29.23 -56.09 23.72
C LEU D 157 30.59 -56.79 23.45
N LYS D 158 31.10 -56.66 22.21
CA LYS D 158 32.39 -57.28 21.80
C LYS D 158 33.54 -56.69 22.65
N GLU D 159 33.60 -55.37 22.79
CA GLU D 159 34.62 -54.65 23.60
C GLU D 159 34.60 -55.15 25.05
N ALA D 160 33.43 -55.47 25.63
CA ALA D 160 33.28 -55.90 27.03
C ALA D 160 33.49 -57.40 27.17
N ASN D 161 33.66 -58.13 26.07
CA ASN D 161 33.73 -59.62 26.06
C ASN D 161 32.45 -60.19 26.70
N ALA D 162 31.31 -59.51 26.55
CA ALA D 162 30.01 -59.94 27.10
C ALA D 162 29.45 -61.05 26.23
N PRO D 163 28.78 -62.07 26.81
CA PRO D 163 28.14 -63.12 26.02
C PRO D 163 26.90 -62.56 25.28
N HIS D 164 26.81 -62.83 23.99
CA HIS D 164 25.73 -62.31 23.09
C HIS D 164 25.82 -63.06 21.76
N GLU D 165 24.76 -63.01 20.95
CA GLU D 165 24.85 -63.39 19.52
C GLU D 165 23.71 -62.76 18.73
N GLU D 166 24.07 -62.33 17.53
CA GLU D 166 23.09 -61.90 16.52
C GLU D 166 22.37 -63.17 16.05
N ILE D 167 21.05 -63.17 16.12
CA ILE D 167 20.21 -64.36 15.82
C ILE D 167 19.27 -64.05 14.66
N ALA D 168 18.80 -65.09 14.00
CA ALA D 168 17.75 -65.00 12.98
C ALA D 168 16.47 -64.47 13.66
N VAL D 169 15.78 -63.54 13.01
CA VAL D 169 14.53 -62.97 13.56
C VAL D 169 13.51 -64.11 13.72
N GLU D 170 13.47 -65.05 12.76
CA GLU D 170 12.58 -66.24 12.80
C GLU D 170 12.77 -67.04 14.10
N SER D 171 13.93 -66.95 14.74
CA SER D 171 14.23 -67.73 15.97
C SER D 171 13.78 -66.97 17.23
N VAL D 172 13.34 -65.71 17.12
CA VAL D 172 12.80 -64.95 18.28
C VAL D 172 11.40 -65.50 18.58
N ASP D 173 11.22 -66.10 19.74
CA ASP D 173 9.95 -66.76 20.09
C ASP D 173 8.92 -65.68 20.45
N TRP D 174 7.64 -66.05 20.38
CA TRP D 174 6.49 -65.31 20.96
C TRP D 174 6.05 -64.16 20.03
N ILE D 175 6.99 -63.33 19.54
CA ILE D 175 6.65 -62.05 18.84
C ILE D 175 5.75 -62.37 17.64
N ASP D 176 4.85 -61.44 17.34
CA ASP D 176 3.95 -61.55 16.16
C ASP D 176 3.69 -60.15 15.61
N PRO D 177 4.72 -59.50 15.05
CA PRO D 177 4.59 -58.11 14.61
C PRO D 177 3.78 -58.02 13.31
N ASP D 178 3.23 -56.84 13.07
CA ASP D 178 2.82 -56.40 11.71
C ASP D 178 4.01 -56.61 10.76
N PRO D 179 3.85 -57.33 9.64
CA PRO D 179 4.93 -57.53 8.69
C PRO D 179 5.63 -56.24 8.23
N ASN D 180 4.88 -55.14 8.06
CA ASN D 180 5.45 -53.83 7.64
C ASN D 180 6.21 -53.19 8.81
N SER D 181 6.09 -53.71 10.03
CA SER D 181 6.77 -53.16 11.23
C SER D 181 7.76 -54.17 11.82
N ARG D 182 8.06 -55.26 11.11
CA ARG D 182 8.77 -56.43 11.68
C ARG D 182 10.26 -56.13 11.77
N PRO D 183 10.98 -56.81 12.68
CA PRO D 183 12.43 -56.65 12.74
C PRO D 183 13.06 -57.44 11.61
N LEU D 184 14.21 -56.99 11.12
CA LEU D 184 15.01 -57.77 10.14
C LEU D 184 16.33 -58.22 10.76
N ARG D 185 16.70 -57.67 11.92
CA ARG D 185 17.87 -58.12 12.70
C ARG D 185 17.47 -58.21 14.17
N ALA D 186 18.13 -59.12 14.88
CA ALA D 186 17.85 -59.39 16.31
C ALA D 186 19.16 -59.78 17.00
N LEU D 187 19.29 -59.39 18.25
CA LEU D 187 20.51 -59.58 19.05
C LEU D 187 20.09 -60.14 20.42
N HIS D 188 20.60 -61.32 20.78
CA HIS D 188 20.40 -61.95 22.11
C HIS D 188 21.53 -61.53 23.05
N ILE D 189 21.21 -60.86 24.15
CA ILE D 189 22.16 -60.43 25.21
C ILE D 189 21.93 -61.33 26.43
N GLU D 190 22.92 -62.19 26.71
CA GLU D 190 22.85 -63.16 27.85
C GLU D 190 23.12 -62.43 29.16
N GLY D 191 22.29 -62.67 30.19
CA GLY D 191 22.54 -62.16 31.55
C GLY D 191 22.22 -60.69 31.69
N GLU D 192 21.45 -60.12 30.75
CA GLU D 192 20.88 -58.76 30.88
C GLU D 192 19.35 -58.93 30.88
N GLY D 193 18.74 -58.79 32.05
CA GLY D 193 17.35 -59.22 32.25
C GLY D 193 16.48 -58.11 32.78
N SER D 194 15.56 -58.45 33.68
CA SER D 194 14.55 -57.52 34.21
C SER D 194 14.10 -57.96 35.59
N VAL D 195 13.57 -57.02 36.34
CA VAL D 195 12.98 -57.22 37.68
C VAL D 195 11.57 -56.64 37.66
N ASP D 196 10.70 -57.13 38.54
CA ASP D 196 9.39 -56.53 38.84
C ASP D 196 9.64 -55.39 39.85
N SER D 197 9.45 -54.15 39.43
CA SER D 197 9.78 -52.94 40.22
C SER D 197 8.92 -52.90 41.49
N GLY D 198 7.68 -53.41 41.41
CA GLY D 198 6.75 -53.46 42.56
C GLY D 198 7.22 -54.46 43.60
N ILE D 199 7.63 -55.65 43.15
CA ILE D 199 8.15 -56.72 44.04
C ILE D 199 9.51 -56.28 44.59
N LEU D 200 10.35 -55.59 43.80
CA LEU D 200 11.63 -55.03 44.30
C LEU D 200 11.36 -54.02 45.42
N LEU D 201 10.44 -53.08 45.24
CA LEU D 201 10.13 -52.05 46.27
C LEU D 201 9.63 -52.72 47.55
N ALA D 202 8.73 -53.71 47.43
CA ALA D 202 8.21 -54.49 48.56
C ALA D 202 9.37 -55.20 49.27
N ALA D 203 10.27 -55.85 48.54
CA ALA D 203 11.43 -56.59 49.08
C ALA D 203 12.38 -55.62 49.80
N LEU D 204 12.56 -54.41 49.27
CA LEU D 204 13.48 -53.42 49.85
C LEU D 204 12.91 -52.91 51.18
N GLU D 205 11.60 -52.62 51.23
CA GLU D 205 10.93 -52.13 52.46
C GLU D 205 11.05 -53.18 53.57
N ARG D 206 10.73 -54.44 53.24
CA ARG D 206 10.78 -55.61 54.15
C ARG D 206 12.23 -55.81 54.64
N SER D 207 13.21 -55.71 53.74
CA SER D 207 14.65 -55.91 54.07
C SER D 207 15.13 -54.75 54.95
N PHE D 208 14.59 -53.55 54.72
CA PHE D 208 14.95 -52.35 55.49
C PHE D 208 14.49 -52.54 56.94
N LEU D 209 13.24 -52.99 57.12
CA LEU D 209 12.64 -53.21 58.47
C LEU D 209 13.40 -54.33 59.19
N GLN D 210 13.68 -55.43 58.50
CA GLN D 210 14.44 -56.58 59.06
C GLN D 210 15.80 -56.12 59.59
N ALA D 211 16.41 -55.13 58.96
CA ALA D 211 17.77 -54.63 59.29
C ALA D 211 17.71 -53.56 60.39
N GLY D 212 16.51 -53.20 60.86
CA GLY D 212 16.34 -52.25 61.98
C GLY D 212 16.00 -50.86 61.50
N GLY D 213 15.72 -50.67 60.21
CA GLY D 213 15.35 -49.36 59.66
C GLY D 213 13.95 -48.96 60.12
N ARG D 214 13.66 -47.67 60.24
CA ARG D 214 12.28 -47.23 60.54
C ARG D 214 11.74 -46.40 59.37
N LEU D 215 10.52 -46.74 58.92
CA LEU D 215 9.78 -46.02 57.86
C LEU D 215 8.88 -44.98 58.52
N HIS D 216 9.05 -43.71 58.16
CA HIS D 216 8.22 -42.58 58.64
C HIS D 216 7.52 -41.98 57.42
N PRO D 217 6.22 -42.32 57.20
CA PRO D 217 5.53 -41.96 55.95
C PRO D 217 5.11 -40.49 55.88
N VAL D 218 6.09 -39.58 55.94
CA VAL D 218 5.90 -38.13 55.73
C VAL D 218 6.95 -37.67 54.72
N ASP D 219 6.78 -36.46 54.18
CA ASP D 219 7.75 -35.84 53.25
C ASP D 219 8.60 -34.82 54.01
N ALA D 220 9.89 -34.75 53.71
CA ALA D 220 10.79 -33.65 54.11
C ALA D 220 10.31 -32.37 53.42
N THR D 221 10.20 -31.25 54.14
CA THR D 221 9.91 -29.92 53.56
C THR D 221 11.21 -29.10 53.51
N GLU D 222 12.13 -29.32 54.46
CA GLU D 222 13.34 -28.47 54.63
C GLU D 222 14.48 -29.31 55.22
N ILE D 223 15.69 -29.15 54.68
CA ILE D 223 16.93 -29.65 55.33
C ILE D 223 17.45 -28.52 56.22
N ARG D 224 17.76 -28.83 57.48
CA ARG D 224 18.31 -27.83 58.44
C ARG D 224 19.83 -28.02 58.53
N ALA D 225 20.57 -26.94 58.34
CA ALA D 225 22.05 -26.90 58.41
C ALA D 225 22.50 -25.55 58.97
N SER D 226 23.57 -25.57 59.75
CA SER D 226 24.30 -24.37 60.24
C SER D 226 25.74 -24.78 60.57
N HIS D 227 26.66 -23.81 60.50
CA HIS D 227 28.10 -24.02 60.80
C HIS D 227 28.61 -25.18 59.92
N GLY D 228 28.17 -25.20 58.65
CA GLY D 228 28.62 -26.08 57.56
C GLY D 228 28.32 -27.55 57.80
N ARG D 229 27.23 -27.87 58.52
CA ARG D 229 26.93 -29.26 58.95
C ARG D 229 25.41 -29.44 59.01
N VAL D 230 24.90 -30.63 58.64
CA VAL D 230 23.44 -30.94 58.73
C VAL D 230 23.04 -31.09 60.20
N GLU D 231 21.88 -30.57 60.56
CA GLU D 231 21.24 -30.72 61.89
C GLU D 231 20.06 -31.70 61.81
N GLY D 232 19.35 -31.73 60.67
CA GLY D 232 18.27 -32.70 60.40
C GLY D 232 17.25 -32.17 59.41
N VAL D 233 16.00 -32.61 59.55
CA VAL D 233 14.93 -32.43 58.52
C VAL D 233 13.62 -31.99 59.19
N VAL D 234 13.01 -30.92 58.69
CA VAL D 234 11.60 -30.54 58.99
C VAL D 234 10.70 -31.35 58.04
N THR D 235 9.69 -32.04 58.59
CA THR D 235 8.71 -32.86 57.84
C THR D 235 7.44 -32.03 57.58
N ASP D 236 6.57 -32.50 56.68
CA ASP D 236 5.38 -31.74 56.21
C ASP D 236 4.22 -31.85 57.21
N ASP D 237 4.40 -32.59 58.32
CA ASP D 237 3.46 -32.59 59.47
C ASP D 237 4.01 -31.65 60.57
N GLY D 238 5.01 -30.81 60.26
CA GLY D 238 5.52 -29.74 61.14
C GLY D 238 6.66 -30.17 62.04
N ASP D 239 6.90 -31.48 62.18
CA ASP D 239 7.90 -32.08 63.10
C ASP D 239 9.31 -31.72 62.64
N PHE D 240 10.30 -31.79 63.56
CA PHE D 240 11.76 -31.74 63.25
C PHE D 240 12.41 -33.05 63.69
N LEU D 241 13.11 -33.73 62.77
CA LEU D 241 13.87 -34.96 63.07
C LEU D 241 15.35 -34.63 63.04
N PRO D 242 16.10 -34.83 64.15
CA PRO D 242 17.53 -34.53 64.17
C PRO D 242 18.32 -35.65 63.49
N ALA D 243 19.47 -35.32 62.89
CA ALA D 243 20.35 -36.30 62.23
C ALA D 243 21.76 -35.72 62.04
N GLY D 244 22.77 -36.59 62.09
CA GLY D 244 24.15 -36.29 61.71
C GLY D 244 24.38 -36.52 60.22
N HIS D 245 23.54 -37.33 59.57
CA HIS D 245 23.59 -37.60 58.10
C HIS D 245 22.19 -37.49 57.48
N VAL D 246 22.10 -36.78 56.36
CA VAL D 246 20.87 -36.72 55.51
C VAL D 246 21.27 -37.10 54.08
N VAL D 247 20.66 -38.17 53.56
CA VAL D 247 20.83 -38.66 52.17
C VAL D 247 19.57 -38.26 51.39
N VAL D 248 19.73 -37.36 50.41
CA VAL D 248 18.61 -36.89 49.57
C VAL D 248 18.52 -37.83 48.36
N ALA D 249 17.46 -38.63 48.30
CA ALA D 249 17.12 -39.52 47.17
C ALA D 249 15.63 -39.35 46.85
N ALA D 250 15.23 -38.10 46.64
CA ALA D 250 13.83 -37.67 46.47
C ALA D 250 13.47 -37.56 44.98
N GLY D 251 14.14 -38.34 44.13
CA GLY D 251 13.95 -38.32 42.67
C GLY D 251 14.00 -36.91 42.13
N ALA D 252 13.02 -36.53 41.31
CA ALA D 252 13.04 -35.26 40.54
C ALA D 252 12.93 -34.06 41.48
N ARG D 253 12.64 -34.27 42.77
CA ARG D 253 12.50 -33.17 43.77
C ARG D 253 13.82 -32.90 44.50
N SER D 254 14.86 -33.71 44.27
CA SER D 254 16.09 -33.76 45.11
C SER D 254 16.85 -32.41 45.10
N GLN D 255 17.07 -31.80 43.94
CA GLN D 255 17.84 -30.54 43.84
C GLN D 255 17.01 -29.39 44.41
N ARG D 256 15.71 -29.35 44.15
CA ARG D 256 14.80 -28.29 44.67
C ARG D 256 14.90 -28.27 46.21
N LEU D 257 15.09 -29.44 46.83
CA LEU D 257 15.13 -29.58 48.31
C LEU D 257 16.45 -29.04 48.87
N VAL D 258 17.58 -29.32 48.22
CA VAL D 258 18.95 -28.92 48.68
C VAL D 258 19.25 -27.47 48.25
N ALA D 259 18.65 -26.97 47.16
CA ALA D 259 18.92 -25.64 46.57
C ALA D 259 18.57 -24.52 47.55
N ALA D 260 17.71 -24.78 48.56
CA ALA D 260 17.30 -23.81 49.60
C ALA D 260 18.46 -23.45 50.52
N LEU D 261 19.44 -24.35 50.70
CA LEU D 261 20.63 -24.14 51.58
C LEU D 261 21.58 -23.12 50.94
N PRO D 262 22.36 -22.36 51.76
CA PRO D 262 23.12 -21.22 51.26
C PRO D 262 24.12 -21.55 50.13
N GLY D 263 24.02 -20.82 49.02
CA GLY D 263 24.95 -20.91 47.88
C GLY D 263 24.66 -22.11 46.98
N LEU D 264 23.80 -23.04 47.40
CA LEU D 264 23.66 -24.36 46.73
C LEU D 264 22.76 -24.26 45.50
N ALA D 265 22.01 -23.17 45.31
CA ALA D 265 21.10 -22.98 44.16
C ALA D 265 21.85 -23.05 42.84
N HIS D 266 23.11 -22.60 42.80
CA HIS D 266 23.93 -22.53 41.55
C HIS D 266 25.14 -23.47 41.65
N ARG D 267 25.17 -24.36 42.64
CA ARG D 267 26.28 -25.34 42.83
C ARG D 267 25.80 -26.79 42.66
N ILE D 268 24.49 -27.04 42.80
CA ILE D 268 23.86 -28.36 42.54
C ILE D 268 23.08 -28.25 41.22
N PRO D 269 23.51 -28.94 40.14
CA PRO D 269 22.77 -28.92 38.89
C PRO D 269 21.28 -29.22 39.09
N ARG D 270 20.43 -28.44 38.44
CA ARG D 270 18.96 -28.67 38.44
C ARG D 270 18.63 -30.07 37.92
N ILE D 271 17.56 -30.63 38.44
CA ILE D 271 16.96 -31.91 38.01
C ILE D 271 15.52 -31.61 37.60
N TYR D 272 15.12 -32.02 36.40
CA TYR D 272 13.73 -31.85 35.90
C TYR D 272 13.02 -33.22 35.87
N ASP D 273 11.73 -33.21 35.50
CA ASP D 273 10.87 -34.42 35.41
C ASP D 273 10.91 -34.99 33.99
N GLY D 274 11.58 -36.12 33.81
CA GLY D 274 11.48 -36.94 32.58
C GLY D 274 10.23 -37.80 32.64
N VAL D 275 9.06 -37.21 32.33
CA VAL D 275 7.75 -37.87 32.53
C VAL D 275 7.70 -39.05 31.57
N GLY D 276 7.45 -40.22 32.12
CA GLY D 276 7.41 -41.48 31.36
C GLY D 276 6.09 -42.19 31.57
N VAL D 277 5.55 -42.74 30.49
CA VAL D 277 4.28 -43.50 30.51
C VAL D 277 4.59 -44.95 30.18
N SER D 278 4.02 -45.86 30.94
CA SER D 278 4.11 -47.32 30.74
C SER D 278 2.73 -47.91 31.00
N ALA D 279 2.55 -49.20 30.73
CA ALA D 279 1.25 -49.84 30.92
C ALA D 279 1.43 -51.30 31.32
N LEU D 280 0.51 -51.79 32.15
CA LEU D 280 0.37 -53.23 32.43
C LEU D 280 -0.82 -53.74 31.60
N VAL D 281 -0.59 -54.82 30.90
CA VAL D 281 -1.55 -55.45 29.96
C VAL D 281 -1.69 -56.92 30.37
N ASP D 282 -2.92 -57.39 30.54
CA ASP D 282 -3.24 -58.83 30.66
C ASP D 282 -3.31 -59.40 29.26
N THR D 283 -2.40 -60.30 28.90
CA THR D 283 -2.31 -60.79 27.50
C THR D 283 -3.53 -61.67 27.22
N TRP D 284 -3.99 -61.63 25.96
CA TRP D 284 -5.17 -62.35 25.42
C TRP D 284 -5.16 -63.81 25.88
N ASP D 285 -4.02 -64.47 25.96
CA ASP D 285 -3.93 -65.94 26.23
C ASP D 285 -3.10 -66.21 27.50
N GLY D 286 -2.79 -65.18 28.28
CA GLY D 286 -1.97 -65.33 29.50
C GLY D 286 -0.50 -65.57 29.20
N SER D 287 -0.07 -65.62 27.93
CA SER D 287 1.35 -65.87 27.57
C SER D 287 2.19 -64.60 27.75
N GLY D 288 3.51 -64.78 27.69
CA GLY D 288 4.49 -63.69 27.65
C GLY D 288 5.80 -64.22 27.05
N PRO D 289 6.72 -63.33 26.64
CA PRO D 289 8.02 -63.76 26.16
C PRO D 289 8.89 -64.21 27.35
N ALA D 290 9.85 -65.08 27.07
CA ALA D 290 10.82 -65.63 28.05
C ALA D 290 11.89 -64.57 28.32
N THR D 291 12.12 -63.64 27.39
CA THR D 291 13.14 -62.58 27.54
C THR D 291 12.48 -61.19 27.53
N VAL D 292 13.23 -60.19 27.97
CA VAL D 292 12.96 -58.77 27.64
C VAL D 292 12.99 -58.67 26.12
N LEU D 293 12.08 -57.87 25.54
CA LEU D 293 12.09 -57.50 24.11
C LEU D 293 12.23 -55.99 24.07
N ARG D 294 13.16 -55.46 23.27
CA ARG D 294 13.39 -54.00 23.24
C ARG D 294 13.95 -53.61 21.87
N THR D 295 13.76 -52.34 21.52
CA THR D 295 14.56 -51.60 20.50
C THR D 295 15.70 -50.93 21.25
N SER D 296 16.65 -50.33 20.55
CA SER D 296 17.60 -49.37 21.15
C SER D 296 16.83 -48.11 21.56
N ASN D 297 17.46 -47.23 22.34
CA ASN D 297 16.86 -45.94 22.75
C ASN D 297 16.55 -45.16 21.49
N ARG D 298 15.42 -44.43 21.50
CA ARG D 298 14.90 -43.73 20.30
C ARG D 298 14.75 -42.24 20.62
N ALA D 299 13.96 -41.51 19.84
CA ALA D 299 13.85 -40.04 19.90
C ALA D 299 13.72 -39.57 21.35
N PHE D 300 14.64 -38.72 21.78
CA PHE D 300 14.65 -38.03 23.10
C PHE D 300 14.48 -39.04 24.24
N ALA D 301 15.23 -40.14 24.19
CA ALA D 301 15.30 -41.17 25.26
C ALA D 301 13.92 -41.79 25.53
N CYS D 302 13.00 -41.74 24.56
CA CYS D 302 11.88 -42.69 24.39
C CYS D 302 12.51 -44.04 23.98
N GLY D 303 11.77 -45.14 24.10
CA GLY D 303 12.20 -46.46 23.65
C GLY D 303 11.05 -47.44 23.78
N LEU D 304 11.06 -48.51 23.01
CA LEU D 304 9.97 -49.51 23.07
C LEU D 304 10.53 -50.76 23.73
N HIS D 305 9.86 -51.27 24.76
CA HIS D 305 10.26 -52.54 25.38
C HIS D 305 9.05 -53.23 26.03
N LEU D 306 9.17 -54.54 26.13
CA LEU D 306 8.22 -55.39 26.86
C LEU D 306 9.02 -56.18 27.90
N VAL D 307 8.64 -56.02 29.15
CA VAL D 307 9.25 -56.73 30.31
C VAL D 307 8.26 -57.78 30.80
N PRO D 308 8.65 -59.06 30.86
CA PRO D 308 7.78 -60.11 31.39
C PRO D 308 7.38 -59.83 32.84
N ARG D 309 6.18 -60.21 33.22
CA ARG D 309 5.69 -60.22 34.64
C ARG D 309 5.05 -61.57 34.91
N ALA D 310 4.90 -61.96 36.18
CA ALA D 310 4.20 -63.19 36.60
C ALA D 310 2.69 -63.03 36.38
N GLY D 311 1.98 -64.12 36.10
CA GLY D 311 0.50 -64.16 36.15
C GLY D 311 -0.20 -63.57 34.93
N GLY D 312 0.31 -63.79 33.73
CA GLY D 312 -0.40 -63.41 32.48
C GLY D 312 -0.43 -61.90 32.24
N SER D 313 0.38 -61.13 32.96
CA SER D 313 0.60 -59.68 32.75
C SER D 313 1.91 -59.48 31.97
N VAL D 314 1.97 -58.44 31.14
CA VAL D 314 3.25 -57.91 30.58
C VAL D 314 3.29 -56.42 30.87
N TYR D 315 4.50 -55.90 31.05
CA TYR D 315 4.78 -54.45 31.13
C TYR D 315 5.21 -53.98 29.73
N ILE D 316 4.63 -52.89 29.26
CA ILE D 316 5.10 -52.24 28.01
C ILE D 316 5.47 -50.80 28.35
N GLY D 317 6.60 -50.37 27.81
CA GLY D 317 7.08 -49.00 28.00
C GLY D 317 7.94 -48.60 26.82
N ALA D 318 8.45 -47.37 26.87
CA ALA D 318 8.07 -46.35 27.83
C ALA D 318 8.34 -45.02 27.18
N THR D 319 7.44 -44.06 27.32
CA THR D 319 7.58 -42.74 26.70
C THR D 319 8.53 -41.93 27.59
N ASN D 320 9.05 -40.83 27.06
CA ASN D 320 9.83 -39.89 27.87
C ASN D 320 9.58 -38.50 27.31
N ALA D 321 9.31 -37.54 28.18
CA ALA D 321 9.23 -36.12 27.81
C ALA D 321 9.76 -35.34 29.00
N VAL D 322 10.82 -34.59 28.81
CA VAL D 322 11.33 -33.67 29.86
C VAL D 322 10.31 -32.54 30.00
N CYS D 323 9.79 -32.34 31.21
CA CYS D 323 8.86 -31.25 31.56
C CYS D 323 9.52 -30.34 32.59
N LEU D 324 9.34 -29.03 32.46
CA LEU D 324 9.95 -28.03 33.37
C LEU D 324 9.16 -28.01 34.68
N GLU D 325 7.93 -28.52 34.68
CA GLU D 325 7.13 -28.70 35.92
C GLU D 325 6.59 -30.13 35.93
N PRO D 326 6.41 -30.74 37.12
CA PRO D 326 5.97 -32.13 37.20
C PRO D 326 4.56 -32.35 36.62
N ARG D 327 4.30 -33.57 36.15
CA ARG D 327 2.99 -33.98 35.58
C ARG D 327 2.74 -35.42 36.02
N GLY D 328 1.56 -35.70 36.55
CA GLY D 328 1.23 -37.00 37.15
C GLY D 328 0.22 -37.80 36.34
N ALA D 329 -0.16 -37.34 35.14
CA ALA D 329 -1.10 -38.10 34.28
C ALA D 329 -0.52 -38.18 32.86
N ALA D 330 -0.80 -39.30 32.19
CA ALA D 330 -0.39 -39.56 30.79
C ALA D 330 -1.19 -38.61 29.90
N SER D 331 -0.57 -38.11 28.85
CA SER D 331 -1.32 -37.46 27.76
C SER D 331 -1.93 -38.56 26.88
N ILE D 332 -2.98 -38.20 26.15
CA ILE D 332 -3.60 -39.11 25.14
C ILE D 332 -2.51 -39.54 24.16
N GLU D 333 -1.71 -38.60 23.66
CA GLU D 333 -0.67 -38.84 22.62
C GLU D 333 0.32 -39.93 23.09
N GLU D 334 0.76 -39.85 24.36
CA GLU D 334 1.76 -40.80 24.94
C GLU D 334 1.17 -42.20 24.96
N THR D 335 -0.08 -42.33 25.42
CA THR D 335 -0.80 -43.61 25.50
C THR D 335 -0.95 -44.21 24.10
N VAL D 336 -1.43 -43.44 23.13
CA VAL D 336 -1.64 -43.94 21.73
C VAL D 336 -0.27 -44.38 21.17
N PHE D 337 0.77 -43.57 21.32
CA PHE D 337 2.09 -43.86 20.73
C PHE D 337 2.62 -45.18 21.30
N LEU D 338 2.57 -45.34 22.62
CA LEU D 338 3.08 -46.56 23.29
C LEU D 338 2.32 -47.79 22.79
N PHE D 339 0.98 -47.74 22.78
CA PHE D 339 0.14 -48.89 22.37
C PHE D 339 0.38 -49.21 20.90
N ASN D 340 0.45 -48.17 20.07
CA ASN D 340 0.66 -48.37 18.62
C ASN D 340 2.00 -49.06 18.35
N CYS D 341 3.07 -48.62 19.02
CA CYS D 341 4.44 -49.20 18.87
C CYS D 341 4.41 -50.67 19.27
N ALA D 342 3.84 -51.00 20.43
CA ALA D 342 3.87 -52.37 21.00
C ALA D 342 3.06 -53.32 20.12
N THR D 343 1.86 -52.92 19.69
CA THR D 343 0.95 -53.79 18.92
C THR D 343 1.53 -54.05 17.54
N HIS D 344 2.20 -53.09 16.91
CA HIS D 344 2.75 -53.27 15.54
C HIS D 344 4.10 -53.99 15.57
N GLN D 345 4.98 -53.56 16.48
CA GLN D 345 6.43 -53.88 16.40
C GLN D 345 6.73 -55.14 17.22
N LEU D 346 5.91 -55.46 18.23
CA LEU D 346 6.17 -56.63 19.11
C LEU D 346 5.11 -57.73 18.91
N HIS D 347 3.83 -57.46 19.17
CA HIS D 347 2.80 -58.54 19.12
C HIS D 347 1.42 -57.95 18.87
N ARG D 348 0.82 -58.31 17.74
CA ARG D 348 -0.53 -57.86 17.32
C ARG D 348 -1.60 -58.37 18.31
N GLY D 349 -1.32 -59.48 18.99
CA GLY D 349 -2.17 -60.02 20.08
C GLY D 349 -2.40 -59.02 21.19
N LEU D 350 -1.48 -58.08 21.41
CA LEU D 350 -1.66 -57.06 22.47
C LEU D 350 -2.85 -56.16 22.13
N ASN D 351 -3.20 -56.07 20.86
CA ASN D 351 -4.33 -55.22 20.40
C ASN D 351 -5.63 -55.66 21.08
N GLY D 352 -5.85 -56.98 21.18
CA GLY D 352 -7.06 -57.56 21.78
C GLY D 352 -6.89 -57.81 23.27
N SER D 353 -5.75 -57.44 23.84
CA SER D 353 -5.45 -57.70 25.26
C SER D 353 -6.06 -56.58 26.11
N GLU D 354 -6.25 -56.87 27.38
CA GLU D 354 -6.94 -55.95 28.33
C GLU D 354 -5.91 -55.01 28.96
N LEU D 355 -6.20 -53.72 28.92
CA LEU D 355 -5.44 -52.68 29.62
C LEU D 355 -5.75 -52.76 31.11
N ARG D 356 -4.75 -53.07 31.94
CA ARG D 356 -4.92 -53.13 33.42
C ARG D 356 -4.62 -51.76 34.03
N LYS D 357 -3.55 -51.09 33.57
CA LYS D 357 -3.07 -49.88 34.26
C LYS D 357 -2.19 -49.07 33.31
N VAL D 358 -2.44 -47.77 33.24
CA VAL D 358 -1.51 -46.75 32.66
C VAL D 358 -0.73 -46.16 33.83
N GLN D 359 0.59 -46.24 33.77
CA GLN D 359 1.49 -45.80 34.86
C GLN D 359 2.23 -44.56 34.37
N VAL D 360 2.43 -43.60 35.28
CA VAL D 360 3.16 -42.34 35.00
C VAL D 360 4.15 -42.14 36.15
N GLY D 361 5.41 -41.90 35.83
CA GLY D 361 6.45 -41.52 36.81
C GLY D 361 7.45 -40.55 36.22
N SER D 362 8.22 -39.87 37.06
CA SER D 362 9.16 -38.81 36.63
C SER D 362 10.60 -39.33 36.77
N ARG D 363 11.24 -39.64 35.65
CA ARG D 363 12.69 -39.88 35.59
C ARG D 363 13.39 -38.61 36.06
N PRO D 364 14.27 -38.65 37.09
CA PRO D 364 15.02 -37.46 37.49
C PRO D 364 16.00 -37.10 36.36
N ALA D 365 15.75 -35.97 35.69
CA ALA D 365 16.45 -35.55 34.45
C ALA D 365 17.43 -34.44 34.77
N PRO D 366 18.73 -34.74 34.98
CA PRO D 366 19.70 -33.70 35.35
C PRO D 366 19.94 -32.74 34.16
N ILE D 367 20.01 -31.43 34.43
CA ILE D 367 20.14 -30.39 33.37
C ILE D 367 21.41 -30.58 32.54
N ASP D 368 22.48 -31.22 33.06
CA ASP D 368 23.77 -31.38 32.34
C ASP D 368 23.92 -32.83 31.86
N GLY D 369 22.91 -33.68 32.09
CA GLY D 369 22.83 -35.00 31.44
C GLY D 369 23.51 -36.11 32.22
N PHE D 370 24.01 -35.83 33.43
CA PHE D 370 24.73 -36.84 34.24
C PHE D 370 24.24 -36.82 35.67
N PRO D 371 24.31 -37.98 36.37
CA PRO D 371 23.79 -38.09 37.73
C PRO D 371 24.49 -37.21 38.75
N LEU D 372 23.85 -37.08 39.92
CA LEU D 372 24.34 -36.34 41.11
C LEU D 372 24.48 -37.36 42.25
N ILE D 373 25.70 -37.87 42.46
CA ILE D 373 25.99 -38.97 43.42
C ILE D 373 27.16 -38.55 44.31
N GLY D 374 26.92 -38.43 45.61
CA GLY D 374 28.01 -38.36 46.59
C GLY D 374 27.81 -37.19 47.53
N GLY D 375 28.93 -36.65 48.02
CA GLY D 375 28.98 -35.68 49.11
C GLY D 375 28.86 -34.28 48.60
N THR D 376 28.78 -33.36 49.55
CA THR D 376 28.38 -31.94 49.39
C THR D 376 29.42 -31.13 50.19
N SER D 377 29.42 -29.80 50.06
CA SER D 377 30.21 -28.87 50.90
C SER D 377 29.61 -28.78 52.31
N VAL D 378 28.44 -29.38 52.55
CA VAL D 378 27.77 -29.46 53.87
C VAL D 378 28.06 -30.84 54.48
N GLU D 379 28.71 -30.86 55.64
CA GLU D 379 29.10 -32.10 56.36
C GLU D 379 27.84 -32.92 56.63
N GLY D 380 27.85 -34.20 56.29
CA GLY D 380 26.72 -35.12 56.54
C GLY D 380 25.59 -35.01 55.52
N LEU D 381 25.71 -34.15 54.50
CA LEU D 381 24.69 -34.05 53.42
C LEU D 381 25.18 -34.81 52.18
N TRP D 382 24.38 -35.79 51.74
CA TRP D 382 24.67 -36.68 50.59
C TRP D 382 23.49 -36.61 49.60
N MET D 383 23.77 -36.82 48.32
CA MET D 383 22.73 -36.86 47.26
C MET D 383 22.91 -38.14 46.45
N LEU D 384 21.78 -38.74 46.07
CA LEU D 384 21.70 -39.89 45.15
C LEU D 384 20.51 -39.63 44.22
N SER D 385 20.76 -39.01 43.07
CA SER D 385 19.68 -38.52 42.18
C SER D 385 20.19 -38.23 40.77
N GLY D 386 19.26 -37.85 39.89
CA GLY D 386 19.55 -37.45 38.50
C GLY D 386 19.94 -38.63 37.65
N THR D 387 19.37 -39.81 37.95
CA THR D 387 19.75 -41.08 37.28
C THR D 387 18.92 -41.32 36.01
N TYR D 388 17.90 -40.50 35.76
CA TYR D 388 17.17 -40.49 34.45
C TYR D 388 16.63 -41.89 34.15
N ARG D 389 17.22 -42.60 33.19
CA ARG D 389 16.68 -43.88 32.65
C ARG D 389 17.18 -45.11 33.45
N ASP D 390 18.22 -45.01 34.30
CA ASP D 390 18.89 -46.25 34.79
C ASP D 390 19.38 -46.15 36.24
N GLY D 391 18.70 -45.38 37.08
CA GLY D 391 18.92 -45.36 38.53
C GLY D 391 18.58 -46.69 39.18
N LEU D 392 17.49 -47.31 38.75
CA LEU D 392 17.07 -48.64 39.27
C LEU D 392 18.16 -49.65 38.96
N HIS D 393 18.62 -49.73 37.70
CA HIS D 393 19.69 -50.69 37.31
C HIS D 393 20.94 -50.43 38.16
N MET D 394 21.31 -49.17 38.38
CA MET D 394 22.60 -48.84 39.03
C MET D 394 22.48 -48.88 40.56
N SER D 395 21.25 -49.00 41.09
CA SER D 395 20.94 -48.84 42.54
C SER D 395 21.91 -49.62 43.43
N PRO D 396 22.20 -50.93 43.25
CA PRO D 396 23.06 -51.62 44.21
C PRO D 396 24.48 -51.04 44.24
N LEU D 397 25.00 -50.66 43.06
CA LEU D 397 26.34 -50.03 42.95
C LEU D 397 26.30 -48.64 43.58
N LEU D 398 25.27 -47.83 43.30
CA LEU D 398 25.21 -46.44 43.79
C LEU D 398 25.06 -46.44 45.31
N ALA D 399 24.25 -47.34 45.85
CA ALA D 399 24.02 -47.49 47.31
C ALA D 399 25.36 -47.76 47.99
N ARG D 400 26.11 -48.74 47.49
CA ARG D 400 27.41 -49.19 48.06
C ARG D 400 28.42 -48.07 47.96
N HIS D 401 28.42 -47.30 46.87
CA HIS D 401 29.32 -46.14 46.69
C HIS D 401 29.06 -45.13 47.81
N VAL D 402 27.81 -44.70 47.99
CA VAL D 402 27.50 -43.62 48.98
C VAL D 402 27.80 -44.15 50.39
N VAL D 403 27.48 -45.41 50.68
CA VAL D 403 27.73 -46.01 52.03
C VAL D 403 29.24 -46.06 52.31
N SER D 404 30.06 -46.41 51.33
CA SER D 404 31.54 -46.38 51.43
C SER D 404 31.99 -44.94 51.73
N LEU D 405 31.48 -43.94 51.00
CA LEU D 405 31.84 -42.50 51.22
C LEU D 405 31.47 -42.09 52.65
N MET D 406 30.30 -42.49 53.14
CA MET D 406 29.79 -42.09 54.47
C MET D 406 30.66 -42.70 55.58
N ASP D 407 31.32 -43.83 55.29
CA ASP D 407 32.19 -44.58 56.24
C ASP D 407 33.65 -44.14 56.06
N GLY D 408 33.91 -43.08 55.28
CA GLY D 408 35.25 -42.51 55.06
C GLY D 408 36.04 -43.23 53.97
N GLY D 409 35.41 -44.15 53.22
CA GLY D 409 36.02 -44.84 52.07
C GLY D 409 36.01 -43.97 50.82
N THR D 410 36.44 -44.51 49.68
CA THR D 410 36.46 -43.80 48.37
C THR D 410 35.43 -44.43 47.43
N GLY D 411 34.63 -45.39 47.90
CA GLY D 411 33.55 -46.01 47.10
C GLY D 411 34.05 -46.55 45.76
N VAL D 412 33.31 -46.32 44.69
CA VAL D 412 33.60 -46.86 43.34
C VAL D 412 34.39 -45.82 42.55
N ASP D 413 35.49 -46.28 41.93
CA ASP D 413 36.50 -45.47 41.21
C ASP D 413 35.93 -44.53 40.13
N GLY D 414 34.77 -44.80 39.53
CA GLY D 414 34.38 -44.13 38.26
C GLY D 414 33.39 -43.00 38.46
N LEU D 415 33.05 -42.64 39.69
CA LEU D 415 31.84 -41.84 40.02
C LEU D 415 32.22 -40.38 40.33
N ARG D 416 33.51 -40.02 40.35
CA ARG D 416 33.98 -38.70 40.88
C ARG D 416 33.44 -37.53 40.03
N GLU D 417 33.42 -37.71 38.71
CA GLU D 417 32.90 -36.70 37.74
C GLU D 417 31.44 -36.38 38.06
N PHE D 418 30.74 -37.25 38.78
CA PHE D 418 29.26 -37.18 38.98
C PHE D 418 28.92 -36.71 40.40
N ARG D 419 29.92 -36.17 41.11
CA ARG D 419 29.75 -35.49 42.43
C ARG D 419 28.65 -34.45 42.27
N PRO D 420 27.72 -34.31 43.24
CA PRO D 420 26.55 -33.45 43.07
C PRO D 420 26.85 -31.95 43.05
N GLU D 421 27.89 -31.52 43.72
CA GLU D 421 28.26 -30.08 43.80
C GLU D 421 29.32 -29.82 42.74
N ARG D 422 28.92 -29.21 41.62
CA ARG D 422 29.77 -29.12 40.41
C ARG D 422 29.23 -28.02 39.51
N ASP D 423 30.13 -27.43 38.73
CA ASP D 423 29.80 -26.69 37.50
C ASP D 423 29.04 -27.67 36.61
N LEU D 424 28.11 -27.16 35.79
CA LEU D 424 27.39 -27.99 34.79
C LEU D 424 28.44 -28.64 33.89
N ILE D 425 28.32 -29.95 33.67
CA ILE D 425 29.17 -30.68 32.70
C ILE D 425 28.80 -30.23 31.28
N SER D 426 29.82 -30.11 30.42
CA SER D 426 29.67 -29.90 28.96
C SER D 426 30.25 -31.13 28.24
N ALA D 427 29.48 -32.20 28.14
CA ALA D 427 29.96 -33.51 27.66
C ALA D 427 30.05 -33.51 26.12
N TRP D 428 29.40 -32.56 25.46
CA TRP D 428 29.33 -32.46 23.97
C TRP D 428 29.53 -31.01 23.55
N SER D 429 30.03 -30.81 22.33
CA SER D 429 30.04 -29.49 21.64
C SER D 429 28.60 -29.05 21.34
N ARG D 430 28.39 -27.74 21.25
CA ARG D 430 27.09 -27.14 20.84
C ARG D 430 26.70 -27.70 19.47
N GLU D 431 27.67 -27.83 18.57
CA GLU D 431 27.48 -28.38 17.19
C GLU D 431 26.94 -29.82 17.28
N GLU D 432 27.53 -30.67 18.13
CA GLU D 432 27.10 -32.07 18.32
C GLU D 432 25.63 -32.07 18.78
N ILE D 433 25.29 -31.26 19.78
CA ILE D 433 23.93 -31.23 20.39
C ILE D 433 22.92 -30.74 19.34
N LEU D 434 23.28 -29.74 18.56
CA LEU D 434 22.41 -29.20 17.49
C LEU D 434 22.15 -30.27 16.43
N ASP D 435 23.16 -31.03 16.00
CA ASP D 435 22.95 -32.18 15.07
C ASP D 435 21.98 -33.18 15.72
N ASP D 436 22.19 -33.51 16.99
CA ASP D 436 21.39 -34.50 17.76
C ASP D 436 19.93 -34.01 17.85
N VAL D 437 19.68 -32.75 18.19
CA VAL D 437 18.30 -32.30 18.48
C VAL D 437 17.48 -32.30 17.18
N VAL D 438 18.08 -31.95 16.05
CA VAL D 438 17.37 -31.96 14.74
C VAL D 438 17.07 -33.41 14.36
N ARG D 439 18.06 -34.28 14.52
CA ARG D 439 17.95 -35.72 14.19
C ARG D 439 16.86 -36.36 15.07
N HIS D 440 16.82 -36.08 16.38
CA HIS D 440 15.82 -36.65 17.31
C HIS D 440 14.44 -36.07 16.97
N THR D 441 14.34 -34.79 16.60
CA THR D 441 13.04 -34.18 16.18
C THR D 441 12.49 -34.95 14.96
N MET D 442 13.33 -35.17 13.97
CA MET D 442 12.96 -35.90 12.74
C MET D 442 12.57 -37.33 13.11
N ALA D 443 13.27 -37.94 14.08
CA ALA D 443 13.02 -39.31 14.54
C ALA D 443 11.60 -39.43 15.12
N THR D 444 11.04 -38.39 15.73
CA THR D 444 9.65 -38.44 16.26
C THR D 444 8.68 -38.70 15.08
N GLY D 445 9.03 -38.23 13.88
CA GLY D 445 8.24 -38.46 12.66
C GLY D 445 8.36 -39.89 12.19
N TYR D 446 9.59 -40.38 12.03
CA TYR D 446 9.87 -41.72 11.50
C TYR D 446 9.37 -42.80 12.46
N GLU D 447 9.30 -42.50 13.75
CA GLU D 447 8.85 -43.48 14.76
C GLU D 447 7.32 -43.56 14.82
N PHE D 448 6.60 -42.61 14.27
CA PHE D 448 5.11 -42.53 14.37
C PHE D 448 4.46 -43.80 13.81
N PRO D 449 4.75 -44.30 12.59
CA PRO D 449 5.58 -43.64 11.58
C PRO D 449 4.69 -42.77 10.70
N TRP D 450 5.21 -41.62 10.27
CA TRP D 450 4.43 -40.70 9.42
C TRP D 450 4.43 -41.21 7.97
N ARG D 451 3.54 -40.66 7.16
CA ARG D 451 3.60 -40.82 5.69
C ARG D 451 3.45 -39.40 5.10
N LEU D 452 4.50 -38.91 4.45
CA LEU D 452 4.68 -37.52 3.98
C LEU D 452 5.11 -37.56 2.53
N PRO D 453 4.93 -36.47 1.77
CA PRO D 453 5.62 -36.34 0.48
C PRO D 453 7.15 -36.43 0.68
N LEU D 454 7.85 -37.03 -0.27
CA LEU D 454 9.27 -37.37 -0.10
C LEU D 454 10.16 -36.13 0.06
N GLU D 455 9.75 -34.96 -0.40
CA GLU D 455 10.56 -33.72 -0.29
C GLU D 455 10.39 -33.09 1.10
N TRP D 456 9.34 -33.46 1.85
CA TRP D 456 9.00 -32.73 3.10
C TRP D 456 10.08 -32.92 4.16
N PRO D 457 10.59 -34.16 4.43
CA PRO D 457 11.59 -34.35 5.48
C PRO D 457 12.84 -33.48 5.31
N HIS D 458 13.41 -33.40 4.10
CA HIS D 458 14.60 -32.55 3.83
C HIS D 458 14.23 -31.07 4.11
N MET D 459 13.06 -30.62 3.69
CA MET D 459 12.62 -29.23 3.95
C MET D 459 12.54 -29.00 5.47
N MET D 460 11.91 -29.91 6.21
CA MET D 460 11.74 -29.75 7.69
C MET D 460 13.13 -29.71 8.34
N GLU D 461 14.04 -30.60 7.94
CA GLU D 461 15.44 -30.66 8.47
C GLU D 461 16.09 -29.29 8.31
N THR D 462 16.02 -28.71 7.12
CA THR D 462 16.66 -27.40 6.82
C THR D 462 16.03 -26.31 7.71
N PHE D 463 14.72 -26.33 7.94
CA PHE D 463 14.02 -25.24 8.68
C PHE D 463 14.04 -25.45 10.19
N LEU D 464 14.45 -26.62 10.67
CA LEU D 464 14.63 -26.89 12.14
C LEU D 464 16.00 -26.35 12.60
N GLN D 465 17.00 -26.33 11.73
CA GLN D 465 18.42 -26.04 12.11
C GLN D 465 18.52 -24.63 12.67
N GLY D 466 17.96 -23.64 11.99
CA GLY D 466 18.02 -22.21 12.35
C GLY D 466 17.47 -21.94 13.74
N PRO D 467 16.19 -22.24 14.00
CA PRO D 467 15.58 -21.98 15.31
C PRO D 467 16.26 -22.67 16.51
N PHE D 468 16.84 -23.86 16.35
CA PHE D 468 17.55 -24.54 17.47
C PHE D 468 18.92 -23.87 17.67
N ALA D 469 19.63 -23.53 16.60
CA ALA D 469 20.91 -22.77 16.66
C ALA D 469 20.67 -21.43 17.38
N GLU D 470 19.60 -20.73 17.04
CA GLU D 470 19.22 -19.42 17.64
C GLU D 470 18.95 -19.59 19.15
N LEU D 471 18.20 -20.62 19.54
CA LEU D 471 17.87 -20.88 20.96
C LEU D 471 19.16 -21.17 21.74
N ALA D 472 20.01 -22.06 21.24
CA ALA D 472 21.27 -22.49 21.91
C ALA D 472 22.16 -21.25 22.13
N ASP D 473 22.25 -20.36 21.13
CA ASP D 473 23.11 -19.16 21.19
C ASP D 473 22.57 -18.14 22.20
N ARG D 474 21.24 -18.06 22.31
CA ARG D 474 20.51 -17.14 23.21
C ARG D 474 20.57 -17.61 24.66
N LEU D 475 20.69 -18.93 24.91
CA LEU D 475 20.54 -19.47 26.29
C LEU D 475 21.77 -19.09 27.12
N SER D 476 22.96 -19.19 26.54
CA SER D 476 24.26 -19.04 27.24
C SER D 476 25.38 -19.05 26.22
N ASP D 477 26.50 -18.40 26.55
CA ASP D 477 27.75 -18.40 25.74
C ASP D 477 28.57 -19.66 26.05
N THR D 478 28.31 -20.38 27.15
CA THR D 478 29.18 -21.51 27.57
C THR D 478 28.36 -22.81 27.65
N TYR D 479 27.16 -22.80 28.24
CA TYR D 479 26.37 -24.03 28.48
C TYR D 479 25.40 -24.27 27.31
N THR D 480 25.28 -25.53 26.92
CA THR D 480 24.22 -26.03 26.01
C THR D 480 23.46 -27.18 26.68
N PRO D 481 22.12 -27.06 26.82
CA PRO D 481 21.31 -28.15 27.35
C PRO D 481 21.42 -29.34 26.40
N PRO D 482 21.45 -30.58 26.93
CA PRO D 482 21.37 -31.78 26.09
C PRO D 482 20.06 -31.77 25.28
N ALA D 483 20.02 -32.51 24.18
CA ALA D 483 18.92 -32.52 23.19
C ALA D 483 17.56 -32.67 23.88
N ASP D 484 17.43 -33.63 24.81
CA ASP D 484 16.17 -33.99 25.51
C ASP D 484 15.63 -32.76 26.23
N LEU D 485 16.50 -31.95 26.83
CA LEU D 485 16.09 -30.72 27.54
C LEU D 485 15.92 -29.58 26.55
N MET D 486 16.78 -29.49 25.54
CA MET D 486 16.71 -28.38 24.54
C MET D 486 15.33 -28.37 23.89
N THR D 487 14.78 -29.53 23.52
CA THR D 487 13.45 -29.60 22.86
C THR D 487 12.38 -29.08 23.84
N ALA D 488 12.43 -29.48 25.11
CA ALA D 488 11.47 -28.99 26.13
C ALA D 488 11.58 -27.47 26.25
N ILE D 489 12.79 -26.92 26.20
CA ILE D 489 12.99 -25.45 26.36
C ILE D 489 12.44 -24.73 25.12
N MET D 490 12.70 -25.29 23.92
CA MET D 490 12.22 -24.73 22.62
C MET D 490 10.71 -24.49 22.69
N PHE D 491 9.95 -25.42 23.27
CA PHE D 491 8.47 -25.38 23.27
C PHE D 491 7.92 -24.93 24.64
N SER D 492 8.75 -24.39 25.52
CA SER D 492 8.32 -23.78 26.79
C SER D 492 7.94 -22.31 26.55
N GLU D 493 7.28 -21.67 27.52
CA GLU D 493 6.92 -20.22 27.49
C GLU D 493 8.19 -19.34 27.51
N ARG D 494 8.08 -18.12 26.97
CA ARG D 494 9.22 -17.17 26.87
C ARG D 494 9.77 -16.87 28.28
N GLU D 495 8.88 -16.78 29.28
CA GLU D 495 9.23 -16.51 30.71
C GLU D 495 10.10 -17.65 31.25
N GLN D 496 9.78 -18.90 30.89
CA GLN D 496 10.54 -20.11 31.32
C GLN D 496 11.93 -20.13 30.64
N GLN D 497 12.01 -19.70 29.38
CA GLN D 497 13.31 -19.59 28.66
C GLN D 497 14.18 -18.52 29.33
N ASP D 498 13.58 -17.38 29.65
CA ASP D 498 14.26 -16.22 30.28
C ASP D 498 14.81 -16.66 31.64
N GLU D 499 13.99 -17.34 32.45
CA GLU D 499 14.40 -17.88 33.76
C GLU D 499 15.62 -18.81 33.58
N LEU D 500 15.66 -19.64 32.53
CA LEU D 500 16.81 -20.56 32.28
C LEU D 500 18.05 -19.75 31.88
N ILE D 501 17.88 -18.67 31.11
CA ILE D 501 19.01 -17.79 30.71
C ILE D 501 19.64 -17.23 31.99
N ALA D 502 18.82 -16.76 32.93
CA ALA D 502 19.23 -16.24 34.26
C ALA D 502 19.95 -17.35 35.05
N TYR D 503 19.36 -18.54 35.12
CA TYR D 503 19.97 -19.71 35.84
C TYR D 503 21.38 -19.95 35.29
N TYR D 504 21.53 -20.09 33.97
CA TYR D 504 22.83 -20.42 33.35
C TYR D 504 23.86 -19.30 33.65
N ALA D 505 23.41 -18.05 33.66
CA ALA D 505 24.25 -16.86 33.94
C ALA D 505 24.73 -16.90 35.40
N ASP D 506 23.83 -17.20 36.35
CA ASP D 506 24.15 -17.32 37.80
C ASP D 506 25.10 -18.49 38.04
N VAL D 507 24.97 -19.60 37.30
CA VAL D 507 25.90 -20.76 37.44
C VAL D 507 27.28 -20.34 36.93
N HIS D 508 27.34 -19.60 35.81
CA HIS D 508 28.62 -19.18 35.20
C HIS D 508 29.38 -18.29 36.19
N ARG D 509 28.65 -17.36 36.80
CA ARG D 509 29.08 -16.40 37.85
C ARG D 509 29.67 -17.16 39.04
N GLU D 510 28.99 -18.21 39.50
CA GLU D 510 29.39 -19.00 40.69
C GLU D 510 30.70 -19.73 40.42
N TRP D 511 30.89 -20.29 39.22
CA TRP D 511 31.97 -21.28 38.98
C TRP D 511 33.13 -20.66 38.18
N HIS D 512 32.96 -19.50 37.56
CA HIS D 512 34.00 -18.87 36.68
C HIS D 512 34.29 -17.43 37.13
N GLN E 31 22.30 21.67 54.73
CA GLN E 31 22.50 21.54 53.24
C GLN E 31 23.11 22.84 52.69
N THR E 32 23.56 22.79 51.43
CA THR E 32 24.36 23.86 50.75
C THR E 32 23.48 24.47 49.64
N ASP E 33 23.01 25.70 49.85
CA ASP E 33 21.88 26.31 49.11
C ASP E 33 22.29 26.62 47.65
N VAL E 34 21.38 26.31 46.72
CA VAL E 34 21.49 26.72 45.29
C VAL E 34 20.33 27.67 44.98
N ILE E 35 20.65 28.82 44.36
CA ILE E 35 19.66 29.76 43.77
C ILE E 35 19.75 29.66 42.24
N VAL E 36 18.65 29.31 41.58
CA VAL E 36 18.49 29.45 40.10
C VAL E 36 17.81 30.80 39.84
N VAL E 37 18.48 31.68 39.09
CA VAL E 37 17.91 33.01 38.70
C VAL E 37 17.28 32.84 37.31
N GLY E 38 15.95 32.78 37.24
CA GLY E 38 15.21 32.75 35.97
C GLY E 38 14.27 31.55 35.93
N ASN E 39 13.06 31.78 35.41
CA ASN E 39 11.96 30.80 35.48
C ASN E 39 11.46 30.48 34.07
N GLY E 40 12.36 30.56 33.07
CA GLY E 40 12.12 30.03 31.73
C GLY E 40 12.38 28.55 31.69
N VAL E 41 12.45 27.98 30.48
CA VAL E 41 12.73 26.54 30.29
C VAL E 41 14.11 26.17 30.88
N LEU E 42 15.11 27.03 30.73
CA LEU E 42 16.51 26.65 31.12
C LEU E 42 16.63 26.65 32.65
N GLY E 43 16.18 27.71 33.30
CA GLY E 43 16.15 27.82 34.78
C GLY E 43 15.39 26.68 35.41
N LEU E 44 14.16 26.45 34.95
CA LEU E 44 13.28 25.39 35.51
C LEU E 44 13.86 24.02 35.19
N SER E 45 14.46 23.82 34.02
CA SER E 45 15.00 22.50 33.62
C SER E 45 16.20 22.17 34.52
N VAL E 46 17.07 23.14 34.79
CA VAL E 46 18.26 22.94 35.65
C VAL E 46 17.77 22.80 37.10
N GLY E 47 16.76 23.58 37.51
CA GLY E 47 16.09 23.48 38.82
C GLY E 47 15.61 22.05 39.08
N VAL E 48 14.87 21.50 38.11
CA VAL E 48 14.32 20.13 38.21
C VAL E 48 15.47 19.13 38.35
N GLU E 49 16.52 19.25 37.54
CA GLU E 49 17.64 18.28 37.53
C GLU E 49 18.44 18.39 38.82
N ILE E 50 18.65 19.58 39.37
CA ILE E 50 19.38 19.77 40.66
C ILE E 50 18.53 19.16 41.79
N ALA E 51 17.25 19.55 41.88
CA ALA E 51 16.33 19.08 42.94
C ALA E 51 16.26 17.55 42.91
N ARG E 52 16.16 16.94 41.72
CA ARG E 52 15.99 15.47 41.58
C ARG E 52 17.29 14.71 41.94
N THR E 53 18.47 15.27 41.68
CA THR E 53 19.75 14.50 41.76
C THR E 53 20.53 14.87 43.04
N ARG E 54 20.14 15.93 43.75
CA ARG E 54 20.96 16.47 44.88
C ARG E 54 20.05 16.62 46.09
N PRO E 55 19.79 15.51 46.83
CA PRO E 55 19.08 15.57 48.12
C PRO E 55 19.79 16.42 49.19
N ASP E 56 21.09 16.65 49.02
CA ASP E 56 21.96 17.45 49.93
C ASP E 56 21.80 18.97 49.68
N VAL E 57 21.08 19.39 48.64
CA VAL E 57 20.90 20.85 48.32
C VAL E 57 19.44 21.25 48.52
N ARG E 58 19.23 22.39 49.16
CA ARG E 58 18.01 23.22 49.06
C ARG E 58 18.12 24.09 47.80
N VAL E 59 17.25 23.89 46.82
CA VAL E 59 17.31 24.69 45.56
C VAL E 59 16.07 25.61 45.49
N THR E 60 16.32 26.91 45.38
CA THR E 60 15.32 28.00 45.27
C THR E 60 15.41 28.60 43.85
N LEU E 61 14.28 28.79 43.18
CA LEU E 61 14.21 29.35 41.80
C LEU E 61 13.48 30.68 41.84
N LEU E 62 14.13 31.74 41.35
CA LEU E 62 13.63 33.13 41.30
C LEU E 62 12.98 33.38 39.93
N GLY E 63 12.07 34.36 39.89
CA GLY E 63 11.33 34.73 38.66
C GLY E 63 9.84 34.82 38.94
N LYS E 64 9.16 35.68 38.19
CA LYS E 64 7.74 36.07 38.45
C LYS E 64 6.83 35.38 37.45
N PRO E 65 5.54 35.14 37.81
CA PRO E 65 4.59 34.52 36.88
C PRO E 65 4.40 35.30 35.57
N ALA E 66 4.57 36.61 35.58
CA ALA E 66 4.45 37.51 34.39
C ALA E 66 5.48 37.10 33.31
N ARG E 67 6.65 36.60 33.73
CA ARG E 67 7.76 36.17 32.81
C ARG E 67 7.99 37.28 31.79
N GLN E 68 8.29 38.49 32.29
CA GLN E 68 8.56 39.68 31.45
C GLN E 68 9.66 39.31 30.42
N TYR E 69 9.43 39.64 29.14
CA TYR E 69 10.32 39.42 27.98
C TYR E 69 10.61 37.94 27.76
N GLY E 70 9.88 37.04 28.44
CA GLY E 70 10.18 35.59 28.45
C GLY E 70 10.12 34.97 27.06
N ALA E 71 11.18 34.29 26.63
CA ALA E 71 11.24 33.60 25.32
C ALA E 71 10.32 32.38 25.34
N THR E 72 10.40 31.59 26.42
CA THR E 72 9.79 30.24 26.48
C THR E 72 8.28 30.31 26.26
N PRO E 73 7.53 31.20 26.95
CA PRO E 73 6.07 31.26 26.79
C PRO E 73 5.61 31.66 25.37
N ALA E 74 6.46 32.35 24.60
CA ALA E 74 6.16 32.81 23.23
C ALA E 74 6.52 31.74 22.20
N ALA E 75 7.11 30.63 22.62
CA ALA E 75 7.59 29.55 21.72
C ALA E 75 6.46 28.56 21.43
N GLY E 76 6.52 27.90 20.27
CA GLY E 76 5.46 27.01 19.77
C GLY E 76 5.23 25.78 20.66
N ALA E 77 6.26 24.93 20.80
CA ALA E 77 7.59 25.13 20.26
C ALA E 77 8.00 23.89 19.47
N MET E 78 8.78 24.09 18.42
CA MET E 78 9.34 23.01 17.61
C MET E 78 10.55 22.42 18.36
N LEU E 79 10.67 21.10 18.36
CA LEU E 79 11.91 20.42 18.84
C LEU E 79 12.87 20.37 17.64
N GLY E 80 13.41 21.54 17.31
CA GLY E 80 14.10 21.83 16.04
C GLY E 80 15.56 21.41 16.12
N ALA E 81 15.91 20.47 15.25
CA ALA E 81 17.28 19.97 15.01
C ALA E 81 17.57 20.07 13.51
N PHE E 82 17.05 19.15 12.71
CA PHE E 82 17.26 19.14 11.24
C PHE E 82 16.52 20.30 10.60
N GLY E 83 15.32 20.66 11.07
CA GLY E 83 14.58 21.83 10.54
C GLY E 83 15.34 23.12 10.72
N GLU E 84 16.22 23.21 11.70
CA GLU E 84 17.00 24.43 12.03
C GLU E 84 18.27 24.52 11.19
N VAL E 85 18.56 23.54 10.37
CA VAL E 85 19.80 23.52 9.54
C VAL E 85 19.73 24.65 8.51
N THR E 86 20.79 25.45 8.44
CA THR E 86 21.05 26.38 7.31
C THR E 86 22.43 26.08 6.72
N ALA E 87 22.59 26.35 5.43
CA ALA E 87 23.90 26.27 4.74
C ALA E 87 24.92 27.10 5.54
N HIS E 88 24.58 28.33 5.95
CA HIS E 88 25.52 29.26 6.66
C HIS E 88 25.98 28.66 8.01
N ALA E 89 25.07 28.11 8.80
CA ALA E 89 25.39 27.50 10.13
C ALA E 89 26.38 26.33 9.94
N LEU E 90 26.09 25.41 9.01
CA LEU E 90 26.89 24.18 8.79
C LEU E 90 28.20 24.47 8.04
N ALA E 91 28.44 25.71 7.62
CA ALA E 91 29.69 26.15 6.96
C ALA E 91 30.75 26.54 8.00
N SER E 92 30.39 26.69 9.29
CA SER E 92 31.35 27.04 10.36
C SER E 92 31.52 25.85 11.31
N GLU E 93 32.71 25.71 11.89
CA GLU E 93 33.01 24.62 12.86
C GLU E 93 32.06 24.76 14.06
N HIS E 94 31.88 25.99 14.57
CA HIS E 94 31.04 26.27 15.76
C HIS E 94 29.59 25.89 15.46
N GLY E 95 29.09 26.23 14.25
CA GLY E 95 27.74 25.86 13.79
C GLY E 95 27.56 24.35 13.71
N ARG E 96 28.56 23.64 13.19
CA ARG E 96 28.48 22.15 13.10
C ARG E 96 28.44 21.56 14.53
N LYS E 97 29.17 22.15 15.49
CA LYS E 97 29.20 21.68 16.90
C LYS E 97 27.80 21.87 17.51
N LYS E 98 27.22 23.07 17.34
CA LYS E 98 25.85 23.40 17.81
C LYS E 98 24.87 22.39 17.24
N HIS E 99 24.96 22.08 15.93
CA HIS E 99 24.01 21.13 15.28
C HIS E 99 24.11 19.76 15.93
N ALA E 100 25.33 19.27 16.19
CA ALA E 100 25.56 17.95 16.81
C ALA E 100 24.81 17.86 18.16
N LEU E 101 24.93 18.90 18.98
CA LEU E 101 24.25 19.00 20.30
C LEU E 101 22.72 18.95 20.11
N ALA E 102 22.17 19.65 19.12
CA ALA E 102 20.71 19.64 18.81
C ALA E 102 20.29 18.19 18.52
N VAL E 103 21.09 17.45 17.75
CA VAL E 103 20.73 16.04 17.38
C VAL E 103 20.77 15.17 18.64
N GLN E 104 21.74 15.40 19.53
CA GLN E 104 21.88 14.65 20.81
C GLN E 104 20.68 14.94 21.71
N ALA E 105 20.28 16.22 21.84
CA ALA E 105 19.15 16.66 22.68
C ALA E 105 17.86 15.95 22.25
N GLN E 106 17.64 15.77 20.94
CA GLN E 106 16.39 15.18 20.42
C GLN E 106 16.16 13.80 21.06
N ARG E 107 17.23 13.06 21.33
CA ARG E 107 17.14 11.66 21.85
C ARG E 107 16.68 11.68 23.32
N LEU E 108 16.89 12.78 24.05
CA LEU E 108 16.53 12.88 25.49
C LEU E 108 15.04 13.16 25.68
N TRP E 109 14.33 13.68 24.66
CA TRP E 109 13.00 14.30 24.87
C TRP E 109 11.95 13.27 25.31
N PRO E 110 11.83 12.08 24.68
CA PRO E 110 10.79 11.12 25.06
C PRO E 110 10.77 10.76 26.55
N GLU E 111 11.93 10.43 27.13
CA GLU E 111 12.05 10.05 28.57
C GLU E 111 11.88 11.30 29.44
N TRP E 112 12.39 12.45 29.00
CA TRP E 112 12.25 13.73 29.72
C TRP E 112 10.78 14.06 29.89
N ILE E 113 10.00 13.99 28.81
CA ILE E 113 8.52 14.27 28.82
C ILE E 113 7.84 13.26 29.76
N GLU E 114 8.18 11.98 29.62
CA GLU E 114 7.64 10.87 30.48
C GLU E 114 7.82 11.24 31.96
N SER E 115 9.02 11.67 32.33
CA SER E 115 9.42 12.01 33.73
C SER E 115 8.69 13.26 34.21
N LEU E 116 8.27 14.17 33.31
CA LEU E 116 7.59 15.43 33.71
C LEU E 116 6.07 15.16 33.82
N GLU E 117 5.52 14.40 32.88
CA GLU E 117 4.07 14.06 32.87
C GLU E 117 3.75 13.15 34.08
N ALA E 118 4.72 12.34 34.51
CA ALA E 118 4.56 11.37 35.63
C ALA E 118 4.18 12.10 36.93
N THR E 119 4.53 13.37 37.08
CA THR E 119 4.27 14.16 38.32
C THR E 119 2.88 14.81 38.27
N GLY E 120 2.14 14.60 37.16
CA GLY E 120 0.81 15.20 36.98
C GLY E 120 -0.26 14.16 36.69
N THR E 121 -1.43 14.60 36.23
CA THR E 121 -2.61 13.77 35.89
C THR E 121 -3.07 14.12 34.48
N ALA E 122 -3.90 13.26 33.87
CA ALA E 122 -4.44 13.41 32.49
C ALA E 122 -4.90 14.85 32.25
N ALA E 123 -5.51 15.48 33.26
CA ALA E 123 -6.17 16.81 33.17
C ALA E 123 -5.13 17.95 33.07
N ASP E 124 -3.85 17.66 33.30
CA ASP E 124 -2.75 18.64 33.14
C ASP E 124 -2.44 18.84 31.64
N GLY E 125 -2.91 17.93 30.79
CA GLY E 125 -2.68 18.02 29.33
C GLY E 125 -1.36 17.39 28.92
N ARG E 126 -1.13 17.29 27.63
CA ARG E 126 0.02 16.55 27.05
C ARG E 126 1.08 17.53 26.60
N ILE E 127 2.34 17.26 26.93
CA ILE E 127 3.49 18.14 26.56
C ILE E 127 3.68 18.06 25.04
N LYS E 128 3.69 16.86 24.46
CA LYS E 128 3.97 16.62 23.03
C LYS E 128 2.72 16.93 22.21
N THR E 129 2.83 17.75 21.15
CA THR E 129 1.69 18.11 20.28
C THR E 129 1.88 17.54 18.87
N ALA E 130 3.08 17.09 18.52
CA ALA E 130 3.33 16.47 17.20
C ALA E 130 4.60 15.64 17.28
N ASP E 131 4.67 14.57 16.50
CA ASP E 131 5.87 13.70 16.43
C ASP E 131 6.72 14.06 15.21
N ASP E 132 6.11 14.57 14.14
CA ASP E 132 6.79 14.76 12.83
C ASP E 132 6.68 16.22 12.37
N THR E 133 7.53 16.59 11.41
CA THR E 133 7.63 17.95 10.82
C THR E 133 7.60 17.77 9.29
N VAL E 134 6.86 18.64 8.60
CA VAL E 134 6.98 18.82 7.13
C VAL E 134 7.62 20.19 6.86
N VAL E 135 8.72 20.21 6.11
CA VAL E 135 9.44 21.43 5.65
C VAL E 135 8.93 21.72 4.23
N LEU E 136 8.44 22.93 4.01
CA LEU E 136 7.87 23.34 2.70
C LEU E 136 8.85 24.28 2.00
N LEU E 137 9.01 24.13 0.70
CA LEU E 137 9.77 25.06 -0.15
C LEU E 137 8.80 25.76 -1.09
N ASN E 138 8.66 27.08 -0.91
CA ASN E 138 7.86 27.96 -1.81
C ASN E 138 8.79 29.04 -2.36
N THR E 139 8.28 29.94 -3.20
CA THR E 139 9.11 30.99 -3.83
C THR E 139 8.87 32.35 -3.18
N VAL E 140 8.32 32.38 -1.96
CA VAL E 140 8.09 33.67 -1.23
C VAL E 140 9.31 33.92 -0.36
N GLY E 141 10.44 34.07 -1.01
CA GLY E 141 11.73 34.22 -0.34
C GLY E 141 12.85 34.30 -1.33
N HIS E 142 14.05 34.51 -0.80
CA HIS E 142 15.30 34.60 -1.60
C HIS E 142 15.75 33.18 -1.95
N SER E 143 16.02 32.92 -3.23
CA SER E 143 16.64 31.64 -3.67
C SER E 143 17.95 31.37 -2.91
N ALA E 144 18.75 32.40 -2.64
CA ALA E 144 20.09 32.26 -2.00
C ALA E 144 19.95 31.79 -0.55
N LEU E 145 18.79 31.98 0.10
CA LEU E 145 18.56 31.41 1.44
C LEU E 145 17.75 30.12 1.30
N ASP E 146 16.49 30.22 0.84
CA ASP E 146 15.51 29.10 0.89
C ASP E 146 16.04 27.91 0.07
N ASP E 147 16.55 28.10 -1.15
CA ASP E 147 17.00 26.96 -2.00
C ASP E 147 18.25 26.34 -1.34
N ALA E 148 19.21 27.14 -0.89
CA ALA E 148 20.46 26.65 -0.26
C ALA E 148 20.09 25.92 1.04
N ASN E 149 19.14 26.44 1.80
CA ASN E 149 18.80 25.89 3.14
C ASN E 149 18.06 24.56 2.95
N PHE E 150 17.15 24.46 1.98
CA PHE E 150 16.41 23.20 1.71
C PHE E 150 17.41 22.08 1.37
N ALA E 151 18.39 22.38 0.50
CA ALA E 151 19.46 21.43 0.10
C ALA E 151 20.27 21.05 1.34
N ALA E 152 20.61 22.00 2.22
CA ALA E 152 21.45 21.77 3.42
C ALA E 152 20.71 20.87 4.41
N VAL E 153 19.37 21.02 4.53
CA VAL E 153 18.53 20.17 5.42
C VAL E 153 18.58 18.74 4.88
N LEU E 154 18.32 18.55 3.59
CA LEU E 154 18.34 17.22 2.91
C LEU E 154 19.70 16.56 3.17
N THR E 155 20.78 17.30 3.00
CA THR E 155 22.17 16.78 3.14
C THR E 155 22.39 16.37 4.60
N ALA E 156 22.02 17.21 5.57
CA ALA E 156 22.24 16.95 7.00
C ALA E 156 21.46 15.71 7.44
N LEU E 157 20.23 15.52 6.92
CA LEU E 157 19.41 14.31 7.22
C LEU E 157 20.12 13.05 6.69
N LYS E 158 20.57 13.06 5.44
CA LYS E 158 21.26 11.91 4.80
C LYS E 158 22.55 11.59 5.57
N GLU E 159 23.38 12.60 5.88
CA GLU E 159 24.64 12.45 6.64
C GLU E 159 24.37 11.81 8.01
N ALA E 160 23.25 12.13 8.67
CA ALA E 160 22.90 11.61 10.02
C ALA E 160 22.22 10.24 9.93
N ASN E 161 21.89 9.77 8.72
CA ASN E 161 21.05 8.57 8.49
C ASN E 161 19.72 8.72 9.26
N ALA E 162 19.20 9.94 9.37
CA ALA E 162 17.93 10.25 10.05
C ALA E 162 16.77 9.84 9.15
N PRO E 163 15.65 9.30 9.69
CA PRO E 163 14.51 8.93 8.86
C PRO E 163 13.79 10.19 8.34
N HIS E 164 13.53 10.23 7.03
CA HIS E 164 12.91 11.36 6.30
C HIS E 164 12.54 10.89 4.90
N GLU E 165 11.67 11.63 4.22
CA GLU E 165 11.48 11.49 2.76
C GLU E 165 10.91 12.76 2.17
N GLU E 166 11.44 13.09 1.00
CA GLU E 166 10.87 14.15 0.14
C GLU E 166 9.55 13.58 -0.39
N ILE E 167 8.46 14.33 -0.20
CA ILE E 167 7.09 13.86 -0.55
C ILE E 167 6.48 14.82 -1.56
N ALA E 168 5.49 14.34 -2.29
CA ALA E 168 4.65 15.17 -3.18
C ALA E 168 3.92 16.20 -2.33
N VAL E 169 3.88 17.45 -2.80
CA VAL E 169 3.19 18.55 -2.05
C VAL E 169 1.71 18.18 -1.93
N GLU E 170 1.13 17.57 -2.97
CA GLU E 170 -0.28 17.11 -3.01
C GLU E 170 -0.57 16.15 -1.84
N SER E 171 0.43 15.47 -1.30
CA SER E 171 0.26 14.49 -0.20
C SER E 171 0.33 15.17 1.17
N VAL E 172 0.70 16.47 1.25
CA VAL E 172 0.74 17.19 2.55
C VAL E 172 -0.71 17.49 2.94
N ASP E 173 -1.15 16.95 4.07
CA ASP E 173 -2.57 17.08 4.48
C ASP E 173 -2.80 18.50 5.03
N TRP E 174 -4.05 18.92 5.01
CA TRP E 174 -4.58 20.10 5.75
C TRP E 174 -4.27 21.41 5.00
N ILE E 175 -3.04 21.63 4.52
CA ILE E 175 -2.60 22.96 3.99
C ILE E 175 -3.54 23.39 2.86
N ASP E 176 -3.75 24.70 2.76
CA ASP E 176 -4.57 25.29 1.66
C ASP E 176 -4.00 26.66 1.30
N PRO E 177 -2.78 26.69 0.74
CA PRO E 177 -2.12 27.95 0.45
C PRO E 177 -2.76 28.67 -0.74
N ASP E 178 -2.54 29.99 -0.80
CA ASP E 178 -2.64 30.77 -2.05
C ASP E 178 -1.80 30.08 -3.12
N PRO E 179 -2.38 29.73 -4.30
CA PRO E 179 -1.61 29.10 -5.37
C PRO E 179 -0.30 29.83 -5.74
N ASN E 180 -0.29 31.17 -5.70
CA ASN E 180 0.92 31.97 -6.05
C ASN E 180 1.95 31.88 -4.90
N SER E 181 1.56 31.37 -3.73
CA SER E 181 2.45 31.25 -2.54
C SER E 181 2.67 29.77 -2.17
N ARG E 182 2.30 28.83 -3.04
CA ARG E 182 2.21 27.39 -2.67
C ARG E 182 3.61 26.78 -2.69
N PRO E 183 3.82 25.69 -1.93
CA PRO E 183 5.09 24.99 -1.98
C PRO E 183 5.13 24.14 -3.25
N LEU E 184 6.32 23.91 -3.79
CA LEU E 184 6.49 22.96 -4.92
C LEU E 184 7.33 21.75 -4.48
N ARG E 185 7.98 21.83 -3.33
CA ARG E 185 8.69 20.68 -2.71
C ARG E 185 8.35 20.64 -1.23
N ALA E 186 8.38 19.43 -0.67
CA ALA E 186 8.03 19.17 0.73
C ALA E 186 8.88 18.00 1.24
N LEU E 187 9.24 18.06 2.52
CA LEU E 187 10.16 17.11 3.16
C LEU E 187 9.52 16.70 4.48
N HIS E 188 9.25 15.40 4.67
CA HIS E 188 8.74 14.80 5.93
C HIS E 188 9.94 14.36 6.78
N ILE E 189 10.07 14.92 7.98
CA ILE E 189 11.12 14.58 8.96
C ILE E 189 10.46 13.79 10.10
N GLU E 190 10.77 12.50 10.19
CA GLU E 190 10.18 11.58 11.20
C GLU E 190 10.85 11.84 12.57
N GLY E 191 10.06 11.95 13.63
CA GLY E 191 10.60 12.02 15.02
C GLY E 191 11.16 13.39 15.34
N GLU E 192 10.84 14.41 14.56
CA GLU E 192 11.15 15.83 14.87
C GLU E 192 9.80 16.54 15.01
N GLY E 193 9.40 16.83 16.25
CA GLY E 193 8.02 17.23 16.55
C GLY E 193 7.95 18.56 17.26
N SER E 194 7.00 18.67 18.16
CA SER E 194 6.73 19.92 18.90
C SER E 194 6.15 19.59 20.26
N VAL E 195 6.28 20.55 21.16
CA VAL E 195 5.70 20.53 22.52
C VAL E 195 4.89 21.80 22.68
N ASP E 196 3.93 21.78 23.60
CA ASP E 196 3.20 22.97 24.07
C ASP E 196 4.06 23.62 25.15
N SER E 197 4.60 24.81 24.88
CA SER E 197 5.57 25.49 25.77
C SER E 197 4.91 25.83 27.09
N GLY E 198 3.60 26.13 27.07
CA GLY E 198 2.82 26.45 28.29
C GLY E 198 2.65 25.23 29.17
N ILE E 199 2.32 24.09 28.58
CA ILE E 199 2.17 22.79 29.29
C ILE E 199 3.54 22.31 29.77
N LEU E 200 4.60 22.52 28.98
CA LEU E 200 5.99 22.22 29.43
C LEU E 200 6.34 23.04 30.67
N LEU E 201 6.10 24.35 30.68
CA LEU E 201 6.45 25.22 31.82
C LEU E 201 5.67 24.77 33.06
N ALA E 202 4.38 24.49 32.91
CA ALA E 202 3.50 23.99 34.01
C ALA E 202 4.07 22.67 34.55
N ALA E 203 4.45 21.73 33.66
CA ALA E 203 4.98 20.41 34.04
C ALA E 203 6.32 20.57 34.78
N LEU E 204 7.15 21.54 34.37
CA LEU E 204 8.48 21.75 34.97
C LEU E 204 8.30 22.32 36.38
N GLU E 205 7.39 23.28 36.56
CA GLU E 205 7.13 23.91 37.88
C GLU E 205 6.63 22.84 38.86
N ARG E 206 5.66 22.03 38.43
CA ARG E 206 5.04 20.94 39.23
C ARG E 206 6.12 19.90 39.57
N SER E 207 6.98 19.53 38.62
CA SER E 207 8.05 18.52 38.81
C SER E 207 9.11 19.08 39.76
N PHE E 208 9.36 20.39 39.69
CA PHE E 208 10.33 21.08 40.56
C PHE E 208 9.85 20.99 42.01
N LEU E 209 8.57 21.32 42.24
CA LEU E 209 7.95 21.31 43.60
C LEU E 209 7.94 19.88 44.15
N GLN E 210 7.54 18.90 43.34
CA GLN E 210 7.50 17.47 43.73
C GLN E 210 8.88 17.02 44.21
N ALA E 211 9.96 17.56 43.62
CA ALA E 211 11.35 17.14 43.90
C ALA E 211 11.93 17.91 45.09
N GLY E 212 11.16 18.83 45.69
CA GLY E 212 11.57 19.58 46.89
C GLY E 212 12.09 20.96 46.58
N GLY E 213 11.95 21.42 45.34
CA GLY E 213 12.39 22.78 44.97
C GLY E 213 11.47 23.82 45.57
N ARG E 214 11.96 25.02 45.84
CA ARG E 214 11.09 26.13 46.29
C ARG E 214 11.09 27.25 45.25
N LEU E 215 9.89 27.70 44.87
CA LEU E 215 9.67 28.85 43.96
C LEU E 215 9.52 30.12 44.81
N HIS E 216 10.36 31.12 44.58
CA HIS E 216 10.32 32.44 45.24
C HIS E 216 10.05 33.48 44.15
N PRO E 217 8.79 33.96 44.01
CA PRO E 217 8.40 34.78 42.87
C PRO E 217 8.87 36.24 42.99
N VAL E 218 10.19 36.43 43.05
CA VAL E 218 10.84 37.77 43.00
C VAL E 218 11.95 37.69 41.94
N ASP E 219 12.47 38.84 41.55
CA ASP E 219 13.61 38.95 40.62
C ASP E 219 14.88 39.23 41.43
N ALA E 220 16.00 38.63 41.02
CA ALA E 220 17.35 39.00 41.46
C ALA E 220 17.65 40.41 40.95
N THR E 221 18.17 41.31 41.78
CA THR E 221 18.70 42.62 41.35
C THR E 221 20.23 42.58 41.28
N GLU E 222 20.87 41.79 42.14
CA GLU E 222 22.34 41.80 42.31
C GLU E 222 22.83 40.41 42.73
N ILE E 223 23.92 39.94 42.11
CA ILE E 223 24.67 38.77 42.61
C ILE E 223 25.73 39.30 43.58
N ARG E 224 25.82 38.72 44.78
CA ARG E 224 26.83 39.13 45.80
C ARG E 224 27.98 38.13 45.76
N ALA E 225 29.20 38.65 45.64
CA ALA E 225 30.45 37.87 45.64
C ALA E 225 31.55 38.63 46.38
N SER E 226 32.42 37.90 47.06
CA SER E 226 33.70 38.40 47.63
C SER E 226 34.66 37.23 47.78
N HIS E 227 35.97 37.51 47.76
CA HIS E 227 37.03 36.49 47.91
C HIS E 227 36.80 35.41 46.86
N GLY E 228 36.44 35.83 45.64
CA GLY E 228 36.32 35.02 44.41
C GLY E 228 35.25 33.95 44.48
N ARG E 229 34.17 34.19 45.23
CA ARG E 229 33.16 33.14 45.54
C ARG E 229 31.78 33.83 45.67
N VAL E 230 30.70 33.17 45.24
CA VAL E 230 29.32 33.71 45.38
C VAL E 230 28.92 33.61 46.86
N GLU E 231 28.25 34.64 47.37
CA GLU E 231 27.63 34.69 48.73
C GLU E 231 26.11 34.54 48.61
N GLY E 232 25.52 35.06 47.54
CA GLY E 232 24.09 34.87 47.24
C GLY E 232 23.54 36.01 46.39
N VAL E 233 22.25 36.32 46.57
CA VAL E 233 21.47 37.19 45.65
C VAL E 233 20.63 38.19 46.47
N VAL E 234 20.74 39.47 46.13
CA VAL E 234 19.78 40.53 46.56
C VAL E 234 18.57 40.48 45.62
N THR E 235 17.36 40.39 46.16
CA THR E 235 16.08 40.33 45.41
C THR E 235 15.48 41.74 45.33
N ASP E 236 14.49 41.95 44.44
CA ASP E 236 13.91 43.29 44.15
C ASP E 236 12.89 43.67 45.23
N ASP E 237 12.63 42.82 46.23
CA ASP E 237 11.86 43.19 47.45
C ASP E 237 12.83 43.53 48.59
N GLY E 238 14.13 43.72 48.29
CA GLY E 238 15.16 44.23 49.23
C GLY E 238 15.88 43.13 50.01
N ASP E 239 15.35 41.91 49.98
CA ASP E 239 15.84 40.75 50.76
C ASP E 239 17.23 40.32 50.24
N PHE E 240 18.00 39.60 51.08
CA PHE E 240 19.24 38.89 50.67
C PHE E 240 19.05 37.38 50.91
N LEU E 241 19.25 36.57 49.87
CA LEU E 241 19.20 35.09 49.97
C LEU E 241 20.62 34.56 49.86
N PRO E 242 21.12 33.84 50.90
CA PRO E 242 22.47 33.29 50.84
C PRO E 242 22.49 32.02 49.99
N ALA E 243 23.63 31.73 49.34
CA ALA E 243 23.80 30.51 48.54
C ALA E 243 25.29 30.25 48.29
N GLY E 244 25.65 28.98 48.19
CA GLY E 244 26.98 28.54 47.73
C GLY E 244 27.05 28.44 46.21
N HIS E 245 25.89 28.28 45.55
CA HIS E 245 25.76 28.20 44.07
C HIS E 245 24.66 29.13 43.56
N VAL E 246 24.95 29.90 42.51
CA VAL E 246 23.98 30.75 41.76
C VAL E 246 24.10 30.39 40.28
N VAL E 247 23.01 29.91 39.69
CA VAL E 247 22.88 29.56 38.25
C VAL E 247 22.05 30.68 37.61
N VAL E 248 22.67 31.44 36.72
CA VAL E 248 22.00 32.56 36.00
C VAL E 248 21.41 31.97 34.72
N ALA E 249 20.08 31.88 34.67
CA ALA E 249 19.30 31.46 33.48
C ALA E 249 18.16 32.46 33.29
N ALA E 250 18.52 33.74 33.23
CA ALA E 250 17.59 34.89 33.18
C ALA E 250 17.35 35.33 31.74
N GLY E 251 17.48 34.42 30.77
CA GLY E 251 17.31 34.71 29.33
C GLY E 251 18.13 35.92 28.92
N ALA E 252 17.52 36.87 28.22
CA ALA E 252 18.24 38.01 27.61
C ALA E 252 18.83 38.94 28.69
N ARG E 253 18.48 38.76 29.96
CA ARG E 253 18.97 39.61 31.08
C ARG E 253 20.23 39.02 31.73
N SER E 254 20.65 37.82 31.34
CA SER E 254 21.65 37.00 32.06
C SER E 254 23.01 37.71 32.16
N GLN E 255 23.52 38.25 31.04
CA GLN E 255 24.86 38.89 31.04
C GLN E 255 24.80 40.22 31.78
N ARG E 256 23.72 41.00 31.61
CA ARG E 256 23.57 42.30 32.30
C ARG E 256 23.64 42.07 33.81
N LEU E 257 23.16 40.92 34.30
CA LEU E 257 23.10 40.62 35.75
C LEU E 257 24.51 40.30 36.29
N VAL E 258 25.31 39.53 35.54
CA VAL E 258 26.67 39.09 35.95
C VAL E 258 27.71 40.17 35.64
N ALA E 259 27.47 41.02 34.64
CA ALA E 259 28.41 42.07 34.16
C ALA E 259 28.75 43.08 35.27
N ALA E 260 27.91 43.21 36.30
CA ALA E 260 28.13 44.12 37.45
C ALA E 260 29.32 43.65 38.32
N LEU E 261 29.62 42.35 38.34
CA LEU E 261 30.74 41.74 39.13
C LEU E 261 32.08 42.13 38.52
N PRO E 262 33.16 42.24 39.34
CA PRO E 262 34.42 42.84 38.88
C PRO E 262 35.05 42.17 37.65
N GLY E 263 35.35 42.96 36.63
CA GLY E 263 36.01 42.53 35.38
C GLY E 263 35.10 41.80 34.42
N LEU E 264 33.88 41.46 34.83
CA LEU E 264 33.03 40.50 34.06
C LEU E 264 32.32 41.19 32.89
N ALA E 265 32.29 42.52 32.85
CA ALA E 265 31.63 43.31 31.77
C ALA E 265 32.27 42.98 30.41
N HIS E 266 33.55 42.65 30.36
CA HIS E 266 34.32 42.41 29.11
C HIS E 266 34.82 40.97 29.05
N ARG E 267 34.32 40.09 29.94
CA ARG E 267 34.72 38.66 29.98
C ARG E 267 33.53 37.75 29.71
N ILE E 268 32.29 38.23 29.90
CA ILE E 268 31.04 37.49 29.55
C ILE E 268 30.46 38.18 28.32
N PRO E 269 30.44 37.51 27.15
CA PRO E 269 29.87 38.10 25.96
C PRO E 269 28.45 38.65 26.22
N ARG E 270 28.19 39.85 25.73
CA ARG E 270 26.84 40.48 25.81
C ARG E 270 25.80 39.57 25.15
N ILE E 271 24.58 39.64 25.71
CA ILE E 271 23.38 38.93 25.19
C ILE E 271 22.35 40.02 24.95
N TYR E 272 21.81 40.07 23.73
CA TYR E 272 20.76 41.05 23.37
C TYR E 272 19.40 40.33 23.27
N ASP E 273 18.34 41.10 23.01
CA ASP E 273 16.95 40.59 22.86
C ASP E 273 16.67 40.31 21.39
N GLY E 274 16.57 39.04 21.03
CA GLY E 274 16.01 38.61 19.75
C GLY E 274 14.47 38.60 19.84
N VAL E 275 13.87 39.77 19.69
CA VAL E 275 12.40 39.96 19.93
C VAL E 275 11.67 39.15 18.88
N GLY E 276 10.81 38.27 19.33
CA GLY E 276 10.03 37.38 18.45
C GLY E 276 8.55 37.54 18.73
N VAL E 277 7.76 37.56 17.66
CA VAL E 277 6.28 37.65 17.72
C VAL E 277 5.70 36.35 17.20
N SER E 278 4.74 35.81 17.93
CA SER E 278 3.96 34.61 17.56
C SER E 278 2.48 34.88 17.88
N ALA E 279 1.59 33.99 17.51
CA ALA E 279 0.16 34.15 17.77
C ALA E 279 -0.52 32.80 17.98
N LEU E 280 -1.53 32.79 18.85
CA LEU E 280 -2.47 31.66 18.96
C LEU E 280 -3.75 32.05 18.20
N VAL E 281 -4.19 31.15 17.35
CA VAL E 281 -5.36 31.33 16.46
C VAL E 281 -6.32 30.16 16.71
N ASP E 282 -7.59 30.45 16.96
CA ASP E 282 -8.68 29.43 16.95
C ASP E 282 -9.09 29.22 15.50
N THR E 283 -8.85 28.04 14.95
CA THR E 283 -9.09 27.79 13.52
C THR E 283 -10.60 27.80 13.26
N TRP E 284 -10.98 28.27 12.07
CA TRP E 284 -12.38 28.44 11.58
C TRP E 284 -13.21 27.18 11.89
N ASP E 285 -12.64 25.97 11.78
CA ASP E 285 -13.40 24.68 11.89
C ASP E 285 -12.84 23.82 13.03
N GLY E 286 -11.98 24.38 13.88
CA GLY E 286 -11.37 23.64 14.99
C GLY E 286 -10.31 22.65 14.52
N SER E 287 -10.00 22.55 13.23
CA SER E 287 -9.00 21.59 12.70
C SER E 287 -7.58 22.13 12.94
N GLY E 288 -6.61 21.24 12.74
CA GLY E 288 -5.18 21.58 12.72
C GLY E 288 -4.42 20.52 11.94
N PRO E 289 -3.16 20.79 11.54
CA PRO E 289 -2.33 19.77 10.90
C PRO E 289 -1.86 18.74 11.95
N ALA E 290 -1.59 17.52 11.51
CA ALA E 290 -1.11 16.42 12.36
C ALA E 290 0.38 16.60 12.63
N THR E 291 1.08 17.36 11.78
CA THR E 291 2.55 17.59 11.92
C THR E 291 2.81 19.09 12.11
N VAL E 292 4.01 19.40 12.60
CA VAL E 292 4.59 20.77 12.44
C VAL E 292 4.64 21.06 10.94
N LEU E 293 4.35 22.31 10.55
CA LEU E 293 4.57 22.80 9.17
C LEU E 293 5.54 23.97 9.27
N ARG E 294 6.62 23.98 8.49
CA ARG E 294 7.64 25.04 8.58
C ARG E 294 8.29 25.25 7.23
N THR E 295 8.87 26.45 7.04
CA THR E 295 9.92 26.72 6.03
C THR E 295 11.26 26.51 6.73
N SER E 296 12.37 26.55 6.00
CA SER E 296 13.71 26.71 6.62
C SER E 296 13.79 28.12 7.22
N ASN E 297 14.81 28.38 8.04
CA ASN E 297 15.07 29.70 8.65
C ASN E 297 15.25 30.70 7.51
N ARG E 298 14.76 31.92 7.70
CA ARG E 298 14.72 32.96 6.63
C ARG E 298 15.44 34.20 7.13
N ALA E 299 15.19 35.36 6.51
CA ALA E 299 15.96 36.60 6.73
C ALA E 299 16.16 36.85 8.23
N PHE E 300 17.43 36.95 8.65
CA PHE E 300 17.86 37.31 10.02
C PHE E 300 17.17 36.42 11.06
N ALA E 301 17.15 35.11 10.82
CA ALA E 301 16.64 34.07 11.76
C ALA E 301 15.16 34.31 12.10
N CYS E 302 14.42 35.02 11.24
CA CYS E 302 12.94 34.91 11.11
C CYS E 302 12.65 33.53 10.48
N GLY E 303 11.39 33.09 10.49
CA GLY E 303 10.96 31.84 9.85
C GLY E 303 9.47 31.64 10.02
N LEU E 304 8.86 30.85 9.16
CA LEU E 304 7.40 30.65 9.21
C LEU E 304 7.15 29.23 9.67
N HIS E 305 6.32 29.04 10.69
CA HIS E 305 5.92 27.69 11.12
C HIS E 305 4.54 27.72 11.78
N LEU E 306 3.90 26.57 11.76
CA LEU E 306 2.64 26.32 12.48
C LEU E 306 2.89 25.08 13.35
N VAL E 307 2.68 25.23 14.66
CA VAL E 307 2.80 24.14 15.66
C VAL E 307 1.38 23.77 16.12
N PRO E 308 0.97 22.49 15.99
CA PRO E 308 -0.33 22.04 16.50
C PRO E 308 -0.48 22.29 18.00
N ARG E 309 -1.69 22.60 18.43
CA ARG E 309 -2.08 22.68 19.86
C ARG E 309 -3.37 21.89 20.06
N ALA E 310 -3.69 21.52 21.29
CA ALA E 310 -4.95 20.84 21.64
C ALA E 310 -6.11 21.86 21.60
N GLY E 311 -7.33 21.41 21.29
CA GLY E 311 -8.55 22.22 21.48
C GLY E 311 -8.82 23.25 20.38
N GLY E 312 -8.55 22.96 19.12
CA GLY E 312 -8.95 23.85 18.01
C GLY E 312 -8.12 25.13 17.92
N SER E 313 -6.99 25.18 18.63
CA SER E 313 -5.99 26.27 18.55
C SER E 313 -4.81 25.80 17.67
N VAL E 314 -4.17 26.72 16.95
CA VAL E 314 -2.84 26.50 16.34
C VAL E 314 -1.93 27.65 16.78
N TYR E 315 -0.64 27.36 16.89
CA TYR E 315 0.41 28.38 17.11
C TYR E 315 1.01 28.71 15.75
N ILE E 316 1.14 30.00 15.45
CA ILE E 316 1.88 30.46 14.25
C ILE E 316 3.02 31.36 14.70
N GLY E 317 4.18 31.16 14.10
CA GLY E 317 5.39 31.96 14.41
C GLY E 317 6.31 31.98 13.21
N ALA E 318 7.44 32.67 13.34
CA ALA E 318 7.72 33.57 14.44
C ALA E 318 8.70 34.60 13.90
N THR E 319 8.50 35.86 14.21
CA THR E 319 9.37 36.96 13.72
C THR E 319 10.65 36.93 14.58
N ASN E 320 11.67 37.59 14.12
CA ASN E 320 12.89 37.80 14.94
C ASN E 320 13.48 39.14 14.55
N ALA E 321 13.81 39.96 15.54
CA ALA E 321 14.54 41.21 15.32
C ALA E 321 15.42 41.42 16.53
N VAL E 322 16.74 41.48 16.31
CA VAL E 322 17.68 41.76 17.42
C VAL E 322 17.51 43.23 17.79
N CYS E 323 17.22 43.50 19.05
CA CYS E 323 17.08 44.86 19.61
C CYS E 323 18.16 45.07 20.67
N LEU E 324 18.74 46.28 20.69
CA LEU E 324 19.81 46.62 21.66
C LEU E 324 19.17 46.91 23.02
N GLU E 325 17.86 47.16 23.06
CA GLU E 325 17.11 47.32 24.34
C GLU E 325 15.88 46.43 24.28
N PRO E 326 15.39 45.92 25.43
CA PRO E 326 14.25 45.02 25.41
C PRO E 326 12.95 45.71 24.95
N ARG E 327 12.05 44.90 24.40
CA ARG E 327 10.72 45.37 23.92
C ARG E 327 9.74 44.26 24.20
N GLY E 328 8.61 44.59 24.82
CA GLY E 328 7.63 43.60 25.29
C GLY E 328 6.31 43.67 24.53
N ALA E 329 6.24 44.43 23.44
CA ALA E 329 5.04 44.49 22.59
C ALA E 329 5.44 44.31 21.12
N ALA E 330 4.58 43.65 20.35
CA ALA E 330 4.74 43.42 18.90
C ALA E 330 4.64 44.78 18.22
N SER E 331 5.41 44.97 17.17
CA SER E 331 5.19 46.11 16.24
C SER E 331 4.05 45.72 15.31
N ILE E 332 3.42 46.71 14.72
CA ILE E 332 2.37 46.51 13.68
C ILE E 332 2.97 45.67 12.56
N GLU E 333 4.17 46.04 12.09
CA GLU E 333 4.85 45.39 10.96
C GLU E 333 5.02 43.88 11.20
N GLU E 334 5.44 43.49 12.41
CA GLU E 334 5.71 42.08 12.79
C GLU E 334 4.41 41.27 12.72
N THR E 335 3.34 41.82 13.27
CA THR E 335 2.00 41.19 13.30
C THR E 335 1.51 40.98 11.86
N VAL E 336 1.54 42.03 11.04
CA VAL E 336 1.07 41.94 9.63
C VAL E 336 1.90 40.91 8.88
N PHE E 337 3.23 40.95 9.01
CA PHE E 337 4.13 40.05 8.25
C PHE E 337 3.81 38.60 8.62
N LEU E 338 3.71 38.29 9.91
CA LEU E 338 3.46 36.91 10.39
C LEU E 338 2.11 36.41 9.85
N PHE E 339 1.05 37.20 9.98
CA PHE E 339 -0.33 36.82 9.55
C PHE E 339 -0.33 36.64 8.04
N ASN E 340 0.29 37.55 7.32
CA ASN E 340 0.30 37.49 5.84
C ASN E 340 1.00 36.21 5.37
N CYS E 341 2.14 35.87 5.97
CA CYS E 341 2.93 34.66 5.63
C CYS E 341 2.08 33.42 5.86
N ALA E 342 1.45 33.30 7.03
CA ALA E 342 0.70 32.09 7.45
C ALA E 342 -0.54 31.90 6.57
N THR E 343 -1.28 32.97 6.29
CA THR E 343 -2.55 32.90 5.53
C THR E 343 -2.26 32.57 4.07
N HIS E 344 -1.17 33.05 3.49
CA HIS E 344 -0.84 32.80 2.07
C HIS E 344 -0.13 31.45 1.89
N GLN E 345 0.84 31.17 2.75
CA GLN E 345 1.84 30.09 2.48
C GLN E 345 1.40 28.79 3.14
N LEU E 346 0.56 28.84 4.17
CA LEU E 346 0.11 27.62 4.91
C LEU E 346 -1.39 27.35 4.69
N HIS E 347 -2.27 28.25 5.09
CA HIS E 347 -3.73 27.97 5.03
C HIS E 347 -4.54 29.27 4.97
N ARG E 348 -5.25 29.48 3.87
CA ARG E 348 -6.11 30.65 3.63
C ARG E 348 -7.26 30.69 4.63
N GLY E 349 -7.66 29.54 5.16
CA GLY E 349 -8.66 29.42 6.25
C GLY E 349 -8.27 30.21 7.48
N LEU E 350 -6.96 30.40 7.72
CA LEU E 350 -6.52 31.18 8.90
C LEU E 350 -6.98 32.63 8.75
N ASN E 351 -7.23 33.09 7.54
CA ASN E 351 -7.68 34.48 7.28
C ASN E 351 -8.97 34.77 8.03
N GLY E 352 -9.92 33.81 8.00
CA GLY E 352 -11.23 33.95 8.66
C GLY E 352 -11.21 33.42 10.07
N SER E 353 -10.05 32.99 10.58
CA SER E 353 -9.93 32.40 11.93
C SER E 353 -9.79 33.53 12.94
N GLU E 354 -10.10 33.24 14.20
CA GLU E 354 -10.10 34.24 15.28
C GLU E 354 -8.70 34.29 15.92
N LEU E 355 -8.17 35.50 16.04
CA LEU E 355 -6.94 35.79 16.80
C LEU E 355 -7.24 35.69 18.29
N ARG E 356 -6.59 34.75 18.98
CA ARG E 356 -6.74 34.60 20.45
C ARG E 356 -5.70 35.45 21.19
N LYS E 357 -4.46 35.47 20.72
CA LYS E 357 -3.35 36.08 21.50
C LYS E 357 -2.18 36.37 20.57
N VAL E 358 -1.62 37.57 20.66
CA VAL E 358 -0.30 37.95 20.10
C VAL E 358 0.70 37.81 21.24
N GLN E 359 1.74 37.01 21.04
CA GLN E 359 2.77 36.71 22.06
C GLN E 359 4.08 37.37 21.64
N VAL E 360 4.82 37.88 22.61
CA VAL E 360 6.13 38.53 22.39
C VAL E 360 7.09 37.99 23.45
N GLY E 361 8.26 37.54 23.02
CA GLY E 361 9.34 37.12 23.94
C GLY E 361 10.70 37.42 23.35
N SER E 362 11.73 37.41 24.19
CA SER E 362 13.11 37.80 23.80
C SER E 362 14.00 36.56 23.73
N ARG E 363 14.32 36.11 22.53
CA ARG E 363 15.38 35.09 22.31
C ARG E 363 16.70 35.68 22.82
N PRO E 364 17.41 34.99 23.75
CA PRO E 364 18.70 35.50 24.23
C PRO E 364 19.70 35.41 23.07
N ALA E 365 20.12 36.56 22.56
CA ALA E 365 20.92 36.68 21.31
C ALA E 365 22.37 37.01 21.68
N PRO E 366 23.28 36.03 21.78
CA PRO E 366 24.66 36.32 22.18
C PRO E 366 25.38 37.13 21.07
N ILE E 367 26.17 38.12 21.46
CA ILE E 367 26.86 39.04 20.51
C ILE E 367 27.82 38.29 19.59
N ASP E 368 28.35 37.12 19.97
CA ASP E 368 29.33 36.36 19.16
C ASP E 368 28.65 35.14 18.53
N GLY E 369 27.34 34.97 18.74
CA GLY E 369 26.54 34.00 17.96
C GLY E 369 26.48 32.62 18.60
N PHE E 370 27.07 32.42 19.78
CA PHE E 370 27.09 31.08 20.42
C PHE E 370 26.69 31.19 21.87
N PRO E 371 26.11 30.12 22.43
CA PRO E 371 25.60 30.12 23.80
C PRO E 371 26.68 30.33 24.87
N LEU E 372 26.19 30.64 26.07
CA LEU E 372 26.99 30.83 27.30
C LEU E 372 26.55 29.77 28.32
N ILE E 373 27.30 28.67 28.41
CA ILE E 373 26.93 27.47 29.22
C ILE E 373 28.14 27.06 30.06
N GLY E 374 28.02 27.13 31.38
CA GLY E 374 28.97 26.49 32.29
C GLY E 374 29.44 27.47 33.36
N GLY E 375 30.66 27.25 33.82
CA GLY E 375 31.22 27.89 35.01
C GLY E 375 31.93 29.18 34.63
N THR E 376 32.37 29.89 35.65
CA THR E 376 32.82 31.29 35.67
C THR E 376 34.14 31.31 36.47
N SER E 377 34.87 32.42 36.48
CA SER E 377 36.04 32.67 37.35
C SER E 377 35.59 32.89 38.80
N VAL E 378 34.28 32.99 39.06
CA VAL E 378 33.69 33.15 40.42
C VAL E 378 33.18 31.79 40.87
N GLU E 379 33.72 31.27 41.98
CA GLU E 379 33.36 29.94 42.53
C GLU E 379 31.85 29.93 42.81
N GLY E 380 31.16 28.90 42.35
CA GLY E 380 29.71 28.73 42.57
C GLY E 380 28.84 29.55 41.62
N LEU E 381 29.41 30.32 40.70
CA LEU E 381 28.61 31.10 39.70
C LEU E 381 28.60 30.34 38.37
N TRP E 382 27.41 30.02 37.87
CA TRP E 382 27.13 29.27 36.64
C TRP E 382 26.18 30.09 35.74
N MET E 383 26.27 29.88 34.43
CA MET E 383 25.40 30.55 33.43
C MET E 383 24.84 29.48 32.50
N LEU E 384 23.56 29.64 32.14
CA LEU E 384 22.86 28.85 31.10
C LEU E 384 22.01 29.86 30.30
N SER E 385 22.55 30.35 29.18
CA SER E 385 21.92 31.45 28.43
C SER E 385 22.50 31.56 27.02
N GLY E 386 21.97 32.52 26.25
CA GLY E 386 22.45 32.86 24.90
C GLY E 386 22.09 31.78 23.89
N THR E 387 20.97 31.08 24.08
CA THR E 387 20.57 29.94 23.23
C THR E 387 19.74 30.38 22.01
N TYR E 388 19.35 31.64 21.93
CA TYR E 388 18.73 32.25 20.72
C TYR E 388 17.47 31.45 20.32
N ARG E 389 17.52 30.68 19.24
CA ARG E 389 16.35 30.02 18.62
C ARG E 389 16.08 28.62 19.22
N ASP E 390 17.00 28.00 19.98
CA ASP E 390 16.84 26.55 20.26
C ASP E 390 17.31 26.14 21.67
N GLY E 391 17.22 27.03 22.64
CA GLY E 391 17.45 26.70 24.05
C GLY E 391 16.37 25.77 24.58
N LEU E 392 15.11 25.96 24.19
CA LEU E 392 14.01 25.06 24.63
C LEU E 392 14.32 23.65 24.12
N HIS E 393 14.61 23.49 22.83
CA HIS E 393 14.93 22.15 22.26
C HIS E 393 16.12 21.54 23.02
N MET E 394 17.15 22.32 23.32
CA MET E 394 18.41 21.77 23.88
C MET E 394 18.32 21.63 25.42
N SER E 395 17.24 22.15 26.04
CA SER E 395 17.10 22.29 27.51
C SER E 395 17.46 20.99 28.25
N PRO E 396 16.97 19.78 27.92
CA PRO E 396 17.28 18.61 28.75
C PRO E 396 18.79 18.30 28.71
N LEU E 397 19.42 18.46 27.57
CA LEU E 397 20.88 18.23 27.40
C LEU E 397 21.64 19.32 28.16
N LEU E 398 21.26 20.60 28.02
CA LEU E 398 21.99 21.71 28.65
C LEU E 398 21.88 21.62 30.18
N ALA E 399 20.69 21.27 30.68
CA ALA E 399 20.43 21.14 32.13
C ALA E 399 21.37 20.08 32.69
N ARG E 400 21.43 18.91 32.05
CA ARG E 400 22.23 17.75 32.52
C ARG E 400 23.71 18.12 32.48
N HIS E 401 24.15 18.86 31.46
CA HIS E 401 25.53 19.34 31.36
C HIS E 401 25.89 20.18 32.59
N VAL E 402 25.11 21.23 32.87
CA VAL E 402 25.46 22.17 33.96
C VAL E 402 25.39 21.43 35.31
N VAL E 403 24.41 20.54 35.50
CA VAL E 403 24.24 19.78 36.77
C VAL E 403 25.43 18.84 36.97
N SER E 404 25.89 18.19 35.93
CA SER E 404 27.14 17.37 35.95
C SER E 404 28.33 18.22 36.37
N LEU E 405 28.51 19.40 35.77
CA LEU E 405 29.63 20.33 36.10
C LEU E 405 29.54 20.71 37.59
N MET E 406 28.35 21.00 38.09
CA MET E 406 28.15 21.48 39.49
C MET E 406 28.49 20.35 40.48
N ASP E 407 28.38 19.09 40.04
CA ASP E 407 28.65 17.88 40.85
C ASP E 407 30.10 17.42 40.64
N GLY E 408 30.93 18.21 39.95
CA GLY E 408 32.36 17.92 39.69
C GLY E 408 32.59 17.00 38.51
N GLY E 409 31.55 16.71 37.71
CA GLY E 409 31.66 15.92 36.47
C GLY E 409 32.14 16.77 35.31
N THR E 410 32.17 16.21 34.10
CA THR E 410 32.62 16.89 32.86
C THR E 410 31.43 17.11 31.91
N GLY E 411 30.21 16.76 32.34
CA GLY E 411 28.98 16.97 31.56
C GLY E 411 29.08 16.41 30.15
N VAL E 412 28.61 17.15 29.15
CA VAL E 412 28.54 16.70 27.74
C VAL E 412 29.79 17.19 27.00
N ASP E 413 30.45 16.29 26.29
CA ASP E 413 31.56 16.58 25.34
C ASP E 413 31.04 17.56 24.29
N GLY E 414 31.80 18.61 24.00
CA GLY E 414 31.47 19.51 22.86
C GLY E 414 30.83 20.82 23.31
N LEU E 415 30.59 20.98 24.62
CA LEU E 415 30.01 22.24 25.16
C LEU E 415 31.08 23.14 25.78
N ARG E 416 32.34 22.70 25.86
CA ARG E 416 33.45 23.48 26.47
C ARG E 416 33.72 24.76 25.67
N GLU E 417 33.62 24.72 24.33
CA GLU E 417 33.79 25.90 23.45
C GLU E 417 32.82 27.02 23.86
N PHE E 418 31.72 26.68 24.55
CA PHE E 418 30.59 27.60 24.81
C PHE E 418 30.59 28.06 26.27
N ARG E 419 31.70 27.84 26.98
CA ARG E 419 31.96 28.36 28.35
C ARG E 419 31.67 29.85 28.34
N PRO E 420 30.97 30.38 29.38
CA PRO E 420 30.48 31.75 29.34
C PRO E 420 31.54 32.84 29.45
N GLU E 421 32.65 32.54 30.11
CA GLU E 421 33.74 33.53 30.33
C GLU E 421 34.78 33.28 29.25
N ARG E 422 34.80 34.15 28.23
CA ARG E 422 35.56 33.90 27.00
C ARG E 422 35.73 35.22 26.25
N ASP E 423 36.81 35.30 25.49
CA ASP E 423 36.93 36.24 24.36
C ASP E 423 35.75 35.97 23.42
N LEU E 424 35.27 36.99 22.73
CA LEU E 424 34.21 36.82 21.69
C LEU E 424 34.72 35.83 20.65
N ILE E 425 33.90 34.86 20.31
CA ILE E 425 34.19 33.89 19.22
C ILE E 425 34.13 34.66 17.87
N SER E 426 35.01 34.32 16.94
CA SER E 426 34.94 34.75 15.52
C SER E 426 34.71 33.50 14.65
N ALA E 427 33.45 33.07 14.51
CA ALA E 427 33.10 31.80 13.83
C ALA E 427 33.14 31.97 12.30
N TRP E 428 33.13 33.22 11.81
CA TRP E 428 33.11 33.52 10.35
C TRP E 428 34.09 34.65 10.04
N SER E 429 34.60 34.68 8.81
CA SER E 429 35.35 35.85 8.26
C SER E 429 34.41 37.05 8.12
N ARG E 430 34.98 38.25 8.20
CA ARG E 430 34.27 39.53 7.95
C ARG E 430 33.62 39.47 6.56
N GLU E 431 34.33 38.93 5.57
CA GLU E 431 33.84 38.77 4.18
C GLU E 431 32.58 37.89 4.16
N GLU E 432 32.59 36.76 4.86
CA GLU E 432 31.43 35.82 4.93
C GLU E 432 30.23 36.59 5.50
N ILE E 433 30.42 37.32 6.60
CA ILE E 433 29.32 38.02 7.31
C ILE E 433 28.76 39.12 6.40
N LEU E 434 29.63 39.84 5.71
CA LEU E 434 29.22 40.92 4.77
C LEU E 434 28.38 40.33 3.62
N ASP E 435 28.78 39.19 3.03
CA ASP E 435 27.96 38.50 1.99
C ASP E 435 26.58 38.15 2.60
N ASP E 436 26.58 37.58 3.81
CA ASP E 436 25.36 37.10 4.51
C ASP E 436 24.44 38.31 4.77
N VAL E 437 24.94 39.43 5.28
CA VAL E 437 24.06 40.54 5.73
C VAL E 437 23.38 41.17 4.51
N VAL E 438 24.07 41.28 3.38
CA VAL E 438 23.46 41.85 2.14
C VAL E 438 22.38 40.90 1.63
N ARG E 439 22.70 39.61 1.60
CA ARG E 439 21.78 38.55 1.15
C ARG E 439 20.52 38.51 2.05
N HIS E 440 20.67 38.58 3.37
CA HIS E 440 19.53 38.55 4.32
C HIS E 440 18.73 39.86 4.18
N THR E 441 19.38 41.00 3.95
CA THR E 441 18.66 42.29 3.73
C THR E 441 17.75 42.14 2.49
N MET E 442 18.29 41.64 1.39
CA MET E 442 17.54 41.43 0.14
C MET E 442 16.40 40.43 0.39
N ALA E 443 16.64 39.41 1.23
CA ALA E 443 15.64 38.38 1.56
C ALA E 443 14.42 39.01 2.26
N THR E 444 14.58 40.11 3.02
CA THR E 444 13.43 40.80 3.66
C THR E 444 12.48 41.30 2.56
N GLY E 445 13.01 41.64 1.39
CA GLY E 445 12.20 42.09 0.25
C GLY E 445 11.45 40.93 -0.36
N TYR E 446 12.17 39.87 -0.70
CA TYR E 446 11.59 38.70 -1.41
C TYR E 446 10.59 37.98 -0.50
N GLU E 447 10.73 38.08 0.82
CA GLU E 447 9.82 37.38 1.76
C GLU E 447 8.50 38.16 1.94
N PHE E 448 8.49 39.45 1.60
CA PHE E 448 7.32 40.33 1.88
C PHE E 448 6.04 39.78 1.23
N PRO E 449 5.96 39.39 -0.06
CA PRO E 449 7.00 39.60 -1.06
C PRO E 449 6.75 40.95 -1.73
N TRP E 450 7.84 41.63 -2.10
CA TRP E 450 7.72 42.93 -2.77
C TRP E 450 7.38 42.70 -4.25
N ARG E 451 6.97 43.77 -4.92
CA ARG E 451 6.87 43.83 -6.39
C ARG E 451 7.56 45.12 -6.83
N LEU E 452 8.69 44.99 -7.53
CA LEU E 452 9.62 46.11 -7.88
C LEU E 452 9.92 46.01 -9.37
N PRO E 453 10.39 47.11 -10.01
CA PRO E 453 11.02 46.99 -11.31
C PRO E 453 12.21 46.01 -11.26
N LEU E 454 12.42 45.29 -12.36
CA LEU E 454 13.33 44.12 -12.37
C LEU E 454 14.79 44.55 -12.16
N GLU E 455 15.15 45.80 -12.45
CA GLU E 455 16.57 46.27 -12.31
C GLU E 455 16.82 46.70 -10.87
N TRP E 456 15.78 46.94 -10.06
CA TRP E 456 15.95 47.56 -8.72
C TRP E 456 16.73 46.63 -7.79
N PRO E 457 16.43 45.31 -7.69
CA PRO E 457 17.16 44.44 -6.76
C PRO E 457 18.67 44.45 -6.99
N HIS E 458 19.14 44.34 -8.23
CA HIS E 458 20.60 44.38 -8.54
C HIS E 458 21.18 45.73 -8.09
N MET E 459 20.48 46.83 -8.34
CA MET E 459 20.94 48.17 -7.90
C MET E 459 21.05 48.18 -6.36
N MET E 460 20.02 47.71 -5.66
CA MET E 460 20.01 47.75 -4.17
C MET E 460 21.18 46.88 -3.64
N GLU E 461 21.40 45.70 -4.21
CA GLU E 461 22.50 44.78 -3.82
C GLU E 461 23.83 45.54 -3.89
N THR E 462 24.09 46.21 -5.01
CA THR E 462 25.37 46.94 -5.24
C THR E 462 25.50 48.06 -4.19
N PHE E 463 24.42 48.78 -3.85
CA PHE E 463 24.49 49.97 -2.96
C PHE E 463 24.39 49.58 -1.47
N LEU E 464 24.08 48.33 -1.14
CA LEU E 464 24.09 47.83 0.27
C LEU E 464 25.51 47.44 0.69
N GLN E 465 26.34 47.00 -0.26
CA GLN E 465 27.67 46.41 0.05
C GLN E 465 28.55 47.41 0.80
N GLY E 466 28.66 48.63 0.26
CA GLY E 466 29.55 49.71 0.76
C GLY E 466 29.23 50.07 2.21
N PRO E 467 27.99 50.50 2.53
CA PRO E 467 27.66 50.90 3.90
C PRO E 467 27.83 49.81 4.98
N PHE E 468 27.64 48.53 4.65
CA PHE E 468 27.84 47.43 5.64
C PHE E 468 29.37 47.20 5.81
N ALA E 469 30.13 47.22 4.73
CA ALA E 469 31.62 47.13 4.77
C ALA E 469 32.17 48.26 5.64
N GLU E 470 31.68 49.49 5.47
CA GLU E 470 32.12 50.69 6.23
C GLU E 470 31.80 50.51 7.73
N LEU E 471 30.59 50.03 8.06
CA LEU E 471 30.19 49.82 9.48
C LEU E 471 31.11 48.75 10.11
N ALA E 472 31.29 47.60 9.45
CA ALA E 472 32.10 46.48 9.97
C ALA E 472 33.54 46.96 10.25
N ASP E 473 34.10 47.76 9.35
CA ASP E 473 35.51 48.26 9.47
C ASP E 473 35.63 49.26 10.63
N ARG E 474 34.58 50.05 10.85
CA ARG E 474 34.50 51.09 11.90
C ARG E 474 34.28 50.47 13.29
N LEU E 475 33.65 49.30 13.38
CA LEU E 475 33.21 48.76 14.70
C LEU E 475 34.44 48.28 15.47
N SER E 476 35.36 47.60 14.78
CA SER E 476 36.52 46.91 15.39
C SER E 476 37.45 46.42 14.29
N ASP E 477 38.74 46.32 14.59
CA ASP E 477 39.77 45.72 13.70
C ASP E 477 39.79 44.21 13.84
N THR E 478 39.16 43.61 14.87
CA THR E 478 39.25 42.15 15.09
C THR E 478 37.85 41.51 15.07
N TYR E 479 36.87 42.09 15.75
CA TYR E 479 35.52 41.46 15.91
C TYR E 479 34.58 41.95 14.81
N THR E 480 33.77 41.02 14.28
CA THR E 480 32.60 41.32 13.42
C THR E 480 31.34 40.71 14.01
N PRO E 481 30.30 41.53 14.26
CA PRO E 481 29.01 41.00 14.73
C PRO E 481 28.42 40.11 13.65
N PRO E 482 27.78 38.98 14.03
CA PRO E 482 27.02 38.19 13.08
C PRO E 482 25.91 39.04 12.41
N ALA E 483 25.45 38.61 11.25
CA ALA E 483 24.54 39.36 10.35
C ALA E 483 23.33 39.90 11.11
N ASP E 484 22.69 39.06 11.94
CA ASP E 484 21.44 39.39 12.69
C ASP E 484 21.70 40.60 13.58
N LEU E 485 22.87 40.67 14.21
CA LEU E 485 23.26 41.80 15.09
C LEU E 485 23.75 42.97 14.23
N MET E 486 24.51 42.71 13.17
CA MET E 486 25.08 43.77 12.32
C MET E 486 23.94 44.66 11.78
N THR E 487 22.82 44.07 11.34
CA THR E 487 21.69 44.86 10.78
C THR E 487 21.10 45.73 11.90
N ALA E 488 20.93 45.21 13.12
CA ALA E 488 20.42 46.00 14.24
C ALA E 488 21.37 47.17 14.52
N ILE E 489 22.69 46.96 14.44
CA ILE E 489 23.67 48.02 14.75
C ILE E 489 23.61 49.09 13.65
N MET E 490 23.52 48.65 12.38
CA MET E 490 23.43 49.56 11.20
C MET E 490 22.31 50.59 11.43
N PHE E 491 21.17 50.17 11.95
CA PHE E 491 19.97 51.03 12.08
C PHE E 491 19.77 51.51 13.53
N SER E 492 20.77 51.35 14.40
CA SER E 492 20.75 51.93 15.78
C SER E 492 21.27 53.37 15.72
N GLU E 493 21.08 54.13 16.80
CA GLU E 493 21.58 55.52 16.96
C GLU E 493 23.11 55.56 16.98
N ARG E 494 23.69 56.69 16.60
CA ARG E 494 25.17 56.88 16.51
C ARG E 494 25.80 56.64 17.90
N GLU E 495 25.12 57.06 18.98
CA GLU E 495 25.57 56.91 20.39
C GLU E 495 25.65 55.41 20.72
N GLN E 496 24.69 54.61 20.27
CA GLN E 496 24.66 53.14 20.49
C GLN E 496 25.78 52.46 19.71
N GLN E 497 26.08 52.92 18.49
CA GLN E 497 27.20 52.38 17.69
C GLN E 497 28.53 52.68 18.39
N ASP E 498 28.68 53.91 18.87
CA ASP E 498 29.90 54.40 19.55
C ASP E 498 30.12 53.55 20.81
N GLU E 499 29.08 53.35 21.61
CA GLU E 499 29.12 52.51 22.83
C GLU E 499 29.61 51.10 22.46
N LEU E 500 29.17 50.54 21.33
CA LEU E 500 29.58 49.17 20.91
C LEU E 500 31.05 49.18 20.45
N ILE E 501 31.50 50.25 19.81
CA ILE E 501 32.93 50.41 19.41
C ILE E 501 33.79 50.34 20.68
N ALA E 502 33.39 51.07 21.73
CA ALA E 502 34.06 51.09 23.06
C ALA E 502 34.02 49.69 23.67
N TYR E 503 32.86 49.01 23.67
CA TYR E 503 32.71 47.63 24.20
C TYR E 503 33.74 46.73 23.51
N TYR E 504 33.78 46.69 22.19
CA TYR E 504 34.66 45.78 21.43
C TYR E 504 36.14 46.09 21.77
N ALA E 505 36.47 47.37 21.93
CA ALA E 505 37.85 47.84 22.25
C ALA E 505 38.22 47.36 23.67
N ASP E 506 37.32 47.50 24.65
CA ASP E 506 37.52 47.03 26.05
C ASP E 506 37.65 45.49 26.10
N VAL E 507 36.91 44.76 25.28
CA VAL E 507 37.03 43.27 25.19
C VAL E 507 38.41 42.93 24.63
N HIS E 508 38.86 43.64 23.60
CA HIS E 508 40.16 43.34 22.95
C HIS E 508 41.29 43.53 23.97
N ARG E 509 41.21 44.62 24.72
CA ARG E 509 42.11 45.04 25.83
C ARG E 509 42.17 43.93 26.89
N GLU E 510 41.01 43.39 27.29
CA GLU E 510 40.91 42.36 28.36
C GLU E 510 41.59 41.07 27.92
N TRP E 511 41.43 40.67 26.67
CA TRP E 511 41.77 39.28 26.23
C TRP E 511 43.09 39.24 25.45
N HIS E 512 43.65 40.38 25.05
CA HIS E 512 44.87 40.44 24.20
C HIS E 512 45.92 41.37 24.81
N GLN F 31 -44.18 49.27 41.07
CA GLN F 31 -43.21 50.23 41.65
C GLN F 31 -43.21 51.51 40.79
N THR F 32 -42.48 52.55 41.24
CA THR F 32 -41.98 53.69 40.42
C THR F 32 -40.47 53.51 40.18
N ASP F 33 -39.93 52.33 40.50
CA ASP F 33 -38.52 51.92 40.26
C ASP F 33 -38.26 51.84 38.74
N VAL F 34 -37.08 52.28 38.31
CA VAL F 34 -36.61 52.14 36.90
C VAL F 34 -35.41 51.18 36.87
N ILE F 35 -35.45 50.20 35.97
CA ILE F 35 -34.29 49.32 35.62
C ILE F 35 -33.82 49.68 34.21
N VAL F 36 -32.56 50.10 34.08
CA VAL F 36 -31.87 50.23 32.76
C VAL F 36 -31.11 48.92 32.51
N VAL F 37 -31.42 48.23 31.42
CA VAL F 37 -30.74 46.97 31.02
C VAL F 37 -29.66 47.33 30.01
N GLY F 38 -28.39 47.32 30.44
CA GLY F 38 -27.24 47.58 29.56
C GLY F 38 -26.39 48.71 30.06
N ASN F 39 -25.07 48.54 29.97
CA ASN F 39 -24.08 49.44 30.61
C ASN F 39 -23.11 49.98 29.56
N GLY F 40 -23.59 50.12 28.32
CA GLY F 40 -22.87 50.87 27.28
C GLY F 40 -23.15 52.34 27.42
N VAL F 41 -22.77 53.13 26.41
CA VAL F 41 -23.00 54.59 26.39
C VAL F 41 -24.50 54.89 26.49
N LEU F 42 -25.37 54.12 25.83
CA LEU F 42 -26.81 54.47 25.75
C LEU F 42 -27.48 54.18 27.09
N GLY F 43 -27.25 53.00 27.67
CA GLY F 43 -27.78 52.63 29.00
C GLY F 43 -27.35 53.62 30.06
N LEU F 44 -26.05 53.89 30.13
CA LEU F 44 -25.48 54.79 31.16
C LEU F 44 -25.95 56.20 30.92
N SER F 45 -26.07 56.65 29.66
CA SER F 45 -26.47 58.03 29.33
C SER F 45 -27.93 58.24 29.77
N VAL F 46 -28.79 57.27 29.50
CA VAL F 46 -30.23 57.36 29.86
C VAL F 46 -30.34 57.20 31.38
N GLY F 47 -29.54 56.31 31.99
CA GLY F 47 -29.44 56.16 33.44
C GLY F 47 -29.12 57.47 34.12
N VAL F 48 -28.09 58.17 33.65
CA VAL F 48 -27.67 59.49 34.20
C VAL F 48 -28.83 60.49 34.09
N GLU F 49 -29.49 60.56 32.92
CA GLU F 49 -30.56 61.56 32.68
C GLU F 49 -31.79 61.23 33.54
N ILE F 50 -32.13 59.95 33.71
CA ILE F 50 -33.29 59.52 34.57
C ILE F 50 -32.96 59.86 36.02
N ALA F 51 -31.80 59.43 36.51
CA ALA F 51 -31.35 59.67 37.90
C ALA F 51 -31.36 61.17 38.19
N ARG F 52 -30.85 62.00 37.27
CA ARG F 52 -30.68 63.47 37.48
C ARG F 52 -32.05 64.17 37.49
N THR F 53 -33.03 63.70 36.72
CA THR F 53 -34.31 64.44 36.50
C THR F 53 -35.45 63.84 37.32
N ARG F 54 -35.28 62.65 37.90
CA ARG F 54 -36.27 61.99 38.79
C ARG F 54 -35.62 61.60 40.12
N PRO F 55 -35.20 62.59 40.96
CA PRO F 55 -34.48 62.28 42.20
C PRO F 55 -35.29 61.47 43.22
N ASP F 56 -36.62 61.46 43.07
CA ASP F 56 -37.60 60.75 43.93
C ASP F 56 -37.69 59.26 43.57
N VAL F 57 -37.07 58.81 42.46
CA VAL F 57 -37.18 57.39 41.99
C VAL F 57 -35.81 56.70 42.10
N ARG F 58 -35.85 55.41 42.41
CA ARG F 58 -34.71 54.48 42.38
C ARG F 58 -34.49 54.03 40.93
N VAL F 59 -33.35 54.36 40.35
CA VAL F 59 -32.92 53.82 39.03
C VAL F 59 -31.72 52.88 39.27
N THR F 60 -31.85 51.64 38.83
CA THR F 60 -30.86 50.56 38.89
C THR F 60 -30.39 50.23 37.45
N LEU F 61 -29.07 50.12 37.23
CA LEU F 61 -28.50 49.84 35.89
C LEU F 61 -27.78 48.48 35.93
N LEU F 62 -28.20 47.57 35.06
CA LEU F 62 -27.67 46.21 34.94
C LEU F 62 -26.57 46.16 33.87
N GLY F 63 -25.68 45.19 33.98
CA GLY F 63 -24.55 44.99 33.06
C GLY F 63 -23.26 44.79 33.84
N LYS F 64 -22.33 44.04 33.24
CA LYS F 64 -21.11 43.56 33.91
C LYS F 64 -19.90 44.37 33.44
N PRO F 65 -18.84 44.49 34.26
CA PRO F 65 -17.63 45.21 33.85
C PRO F 65 -16.97 44.64 32.58
N ALA F 66 -17.12 43.35 32.30
CA ALA F 66 -16.56 42.69 31.09
C ALA F 66 -17.14 43.33 29.81
N ARG F 67 -18.39 43.80 29.86
CA ARG F 67 -19.08 44.45 28.70
C ARG F 67 -18.90 43.56 27.48
N GLN F 68 -19.35 42.32 27.58
CA GLN F 68 -19.21 41.31 26.50
C GLN F 68 -19.86 41.87 25.24
N TYR F 69 -19.16 41.78 24.09
CA TYR F 69 -19.58 42.24 22.74
C TYR F 69 -19.82 43.74 22.71
N GLY F 70 -19.44 44.48 23.76
CA GLY F 70 -19.75 45.91 23.95
C GLY F 70 -19.19 46.77 22.82
N ALA F 71 -20.04 47.56 22.16
CA ALA F 71 -19.65 48.48 21.08
C ALA F 71 -18.85 49.64 21.65
N THR F 72 -19.32 50.23 22.76
CA THR F 72 -18.82 51.52 23.27
C THR F 72 -17.33 51.42 23.61
N PRO F 73 -16.85 50.39 24.33
CA PRO F 73 -15.42 50.30 24.70
C PRO F 73 -14.48 50.14 23.50
N ALA F 74 -14.98 49.65 22.35
CA ALA F 74 -14.17 49.44 21.12
C ALA F 74 -14.17 50.71 20.25
N ALA F 75 -14.90 51.75 20.64
CA ALA F 75 -15.06 53.00 19.86
C ALA F 75 -13.92 53.98 20.18
N GLY F 76 -13.58 54.83 19.23
CA GLY F 76 -12.45 55.77 19.31
C GLY F 76 -12.60 56.82 20.42
N ALA F 77 -13.63 57.66 20.34
CA ALA F 77 -14.67 57.61 19.32
C ALA F 77 -14.81 59.00 18.69
N MET F 78 -15.15 59.03 17.42
CA MET F 78 -15.44 60.27 16.69
C MET F 78 -16.85 60.75 17.05
N LEU F 79 -17.01 62.05 17.25
CA LEU F 79 -18.35 62.67 17.37
C LEU F 79 -18.81 63.00 15.95
N GLY F 80 -19.16 61.93 15.22
CA GLY F 80 -19.33 61.91 13.76
C GLY F 80 -20.72 62.37 13.38
N ALA F 81 -20.77 63.47 12.62
CA ALA F 81 -21.97 64.07 12.01
C ALA F 81 -21.70 64.27 10.52
N PHE F 82 -20.95 65.32 10.15
CA PHE F 82 -20.61 65.61 8.74
C PHE F 82 -19.66 64.54 8.19
N GLY F 83 -18.71 64.05 8.99
CA GLY F 83 -17.78 62.98 8.56
C GLY F 83 -18.52 61.71 8.19
N GLU F 84 -19.69 61.49 8.77
CA GLU F 84 -20.49 60.26 8.55
C GLU F 84 -21.37 60.37 7.30
N VAL F 85 -21.39 61.51 6.63
CA VAL F 85 -22.25 61.73 5.44
C VAL F 85 -21.78 60.81 4.30
N THR F 86 -22.72 60.08 3.70
CA THR F 86 -22.52 59.38 2.41
C THR F 86 -23.60 59.83 1.41
N ALA F 87 -23.26 59.80 0.12
CA ALA F 87 -24.24 60.05 -0.96
C ALA F 87 -25.45 59.13 -0.76
N HIS F 88 -25.25 57.84 -0.49
CA HIS F 88 -26.35 56.83 -0.35
C HIS F 88 -27.29 57.19 0.82
N ALA F 89 -26.74 57.56 1.98
CA ALA F 89 -27.54 57.94 3.18
C ALA F 89 -28.42 59.17 2.85
N LEU F 90 -27.84 60.22 2.28
CA LEU F 90 -28.55 61.50 2.00
C LEU F 90 -29.47 61.40 0.77
N ALA F 91 -29.50 60.27 0.08
CA ALA F 91 -30.42 60.00 -1.06
C ALA F 91 -31.78 59.47 -0.55
N SER F 92 -31.90 59.10 0.72
CA SER F 92 -33.18 58.59 1.29
C SER F 92 -33.71 59.59 2.33
N GLU F 93 -35.04 59.68 2.46
CA GLU F 93 -35.68 60.58 3.45
C GLU F 93 -35.23 60.16 4.86
N HIS F 94 -35.22 58.85 5.15
CA HIS F 94 -34.86 58.31 6.50
C HIS F 94 -33.39 58.68 6.80
N GLY F 95 -32.50 58.55 5.82
CA GLY F 95 -31.08 58.94 5.94
C GLY F 95 -30.92 60.44 6.21
N ARG F 96 -31.68 61.28 5.52
CA ARG F 96 -31.63 62.76 5.74
C ARG F 96 -32.11 63.06 7.18
N LYS F 97 -33.11 62.34 7.68
CA LYS F 97 -33.66 62.54 9.05
C LYS F 97 -32.57 62.17 10.08
N LYS F 98 -31.95 61.00 9.90
CA LYS F 98 -30.82 60.53 10.75
C LYS F 98 -29.73 61.59 10.78
N HIS F 99 -29.35 62.15 9.62
CA HIS F 99 -28.27 63.16 9.55
C HIS F 99 -28.63 64.39 10.38
N ALA F 100 -29.86 64.87 10.27
CA ALA F 100 -30.35 66.07 11.00
C ALA F 100 -30.14 65.86 12.52
N LEU F 101 -30.51 64.69 13.03
CA LEU F 101 -30.35 64.32 14.46
C LEU F 101 -28.87 64.33 14.85
N ALA F 102 -27.98 63.80 14.02
CA ALA F 102 -26.51 63.82 14.28
C ALA F 102 -26.05 65.27 14.43
N VAL F 103 -26.54 66.18 13.58
CA VAL F 103 -26.11 67.61 13.66
C VAL F 103 -26.64 68.23 14.96
N GLN F 104 -27.86 67.89 15.36
CA GLN F 104 -28.48 68.39 16.63
C GLN F 104 -27.70 67.87 17.84
N ALA F 105 -27.34 66.58 17.85
CA ALA F 105 -26.57 65.94 18.95
C ALA F 105 -25.24 66.66 19.18
N GLN F 106 -24.56 67.08 18.11
CA GLN F 106 -23.24 67.72 18.21
C GLN F 106 -23.30 68.93 19.14
N ARG F 107 -24.42 69.66 19.13
CA ARG F 107 -24.58 70.91 19.90
C ARG F 107 -24.66 70.61 21.41
N LEU F 108 -25.10 69.40 21.79
CA LEU F 108 -25.26 69.02 23.22
C LEU F 108 -23.95 68.63 23.88
N TRP F 109 -22.91 68.30 23.11
CA TRP F 109 -21.72 67.60 23.66
C TRP F 109 -20.94 68.48 24.64
N PRO F 110 -20.65 69.76 24.34
CA PRO F 110 -19.83 70.58 25.25
C PRO F 110 -20.38 70.65 26.69
N GLU F 111 -21.68 70.91 26.86
CA GLU F 111 -22.33 71.04 28.19
C GLU F 111 -22.46 69.65 28.82
N TRP F 112 -22.73 68.62 28.01
CA TRP F 112 -22.83 67.22 28.46
C TRP F 112 -21.50 66.81 29.12
N ILE F 113 -20.38 67.04 28.43
CA ILE F 113 -19.01 66.69 28.92
C ILE F 113 -18.76 67.48 30.22
N GLU F 114 -19.04 68.78 30.22
CA GLU F 114 -18.90 69.67 31.41
C GLU F 114 -19.60 69.03 32.63
N SER F 115 -20.85 68.58 32.44
CA SER F 115 -21.72 68.01 33.49
C SER F 115 -21.18 66.65 33.95
N LEU F 116 -20.42 65.92 33.12
CA LEU F 116 -19.88 64.59 33.48
C LEU F 116 -18.52 64.77 34.18
N GLU F 117 -17.69 65.68 33.70
CA GLU F 117 -16.36 65.95 34.29
C GLU F 117 -16.54 66.59 35.68
N ALA F 118 -17.64 67.34 35.88
CA ALA F 118 -17.97 68.06 37.14
C ALA F 118 -18.02 67.08 38.33
N THR F 119 -18.36 65.80 38.09
CA THR F 119 -18.53 64.77 39.14
C THR F 119 -17.20 64.11 39.47
N GLY F 120 -16.11 64.49 38.79
CA GLY F 120 -14.77 63.89 38.99
C GLY F 120 -13.73 64.90 39.36
N THR F 121 -12.46 64.48 39.33
CA THR F 121 -11.27 65.31 39.65
C THR F 121 -10.29 65.27 38.47
N ALA F 122 -9.33 66.20 38.44
CA ALA F 122 -8.34 66.36 37.35
C ALA F 122 -7.77 64.99 36.94
N ALA F 123 -7.53 64.11 37.92
CA ALA F 123 -6.81 62.83 37.74
C ALA F 123 -7.68 61.78 37.05
N ASP F 124 -8.99 62.05 36.88
CA ASP F 124 -9.92 61.18 36.12
C ASP F 124 -9.66 61.32 34.61
N GLY F 125 -8.98 62.40 34.19
CA GLY F 125 -8.63 62.60 32.78
C GLY F 125 -9.76 63.26 31.99
N ARG F 126 -9.52 63.60 30.74
CA ARG F 126 -10.41 64.47 29.94
C ARG F 126 -11.20 63.61 28.95
N ILE F 127 -12.50 63.85 28.85
CA ILE F 127 -13.39 63.09 27.93
C ILE F 127 -13.01 63.47 26.48
N LYS F 128 -12.88 64.75 26.17
CA LYS F 128 -12.63 65.27 24.80
C LYS F 128 -11.15 65.08 24.44
N THR F 129 -10.84 64.49 23.27
CA THR F 129 -9.44 64.26 22.84
C THR F 129 -9.11 65.08 21.59
N ALA F 130 -10.12 65.64 20.91
CA ALA F 130 -9.88 66.50 19.73
C ALA F 130 -11.13 67.34 19.48
N ASP F 131 -10.95 68.54 18.96
CA ASP F 131 -12.07 69.47 18.63
C ASP F 131 -12.40 69.38 17.13
N ASP F 132 -11.42 69.05 16.28
CA ASP F 132 -11.59 69.14 14.80
C ASP F 132 -11.28 67.79 14.13
N THR F 133 -11.72 67.66 12.88
CA THR F 133 -11.53 66.44 12.05
C THR F 133 -10.96 66.88 10.70
N VAL F 134 -10.01 66.13 10.17
CA VAL F 134 -9.59 66.25 8.73
C VAL F 134 -10.06 64.99 7.99
N VAL F 135 -10.82 65.16 6.92
CA VAL F 135 -11.28 64.06 6.00
C VAL F 135 -10.30 64.04 4.84
N LEU F 136 -9.73 62.87 4.56
CA LEU F 136 -8.71 62.69 3.51
C LEU F 136 -9.33 61.92 2.34
N LEU F 137 -9.02 62.33 1.12
CA LEU F 137 -9.40 61.60 -0.11
C LEU F 137 -8.14 61.05 -0.76
N ASN F 138 -8.03 59.73 -0.81
CA ASN F 138 -6.95 58.99 -1.50
C ASN F 138 -7.61 58.06 -2.53
N THR F 139 -6.82 57.31 -3.29
CA THR F 139 -7.35 56.43 -4.36
C THR F 139 -7.28 54.96 -3.94
N VAL F 140 -7.19 54.68 -2.63
CA VAL F 140 -7.19 53.28 -2.12
C VAL F 140 -8.64 52.91 -1.81
N GLY F 141 -9.45 52.90 -2.85
CA GLY F 141 -10.89 52.68 -2.71
C GLY F 141 -11.59 52.83 -4.03
N HIS F 142 -12.88 52.57 -4.02
CA HIS F 142 -13.77 52.65 -5.20
C HIS F 142 -14.12 54.12 -5.44
N SER F 143 -13.91 54.63 -6.66
CA SER F 143 -14.38 55.99 -7.05
C SER F 143 -15.88 56.15 -6.78
N ALA F 144 -16.68 55.12 -6.99
CA ALA F 144 -18.16 55.19 -6.85
C ALA F 144 -18.58 55.41 -5.40
N LEU F 145 -17.73 55.06 -4.42
CA LEU F 145 -17.99 55.39 -2.99
C LEU F 145 -17.21 56.64 -2.61
N ASP F 146 -15.88 56.57 -2.61
CA ASP F 146 -15.01 57.62 -2.01
C ASP F 146 -15.23 58.97 -2.73
N ASP F 147 -15.29 59.01 -4.07
CA ASP F 147 -15.43 60.31 -4.78
C ASP F 147 -16.84 60.87 -4.50
N ALA F 148 -17.88 60.03 -4.58
CA ALA F 148 -19.28 60.46 -4.33
C ALA F 148 -19.42 60.93 -2.88
N ASN F 149 -18.78 60.22 -1.93
CA ASN F 149 -18.96 60.50 -0.49
C ASN F 149 -18.24 61.81 -0.15
N PHE F 150 -17.03 62.05 -0.69
CA PHE F 150 -16.29 63.29 -0.44
C PHE F 150 -17.13 64.50 -0.90
N ALA F 151 -17.72 64.42 -2.10
CA ALA F 151 -18.60 65.47 -2.66
C ALA F 151 -19.82 65.66 -1.75
N ALA F 152 -20.41 64.58 -1.23
CA ALA F 152 -21.64 64.63 -0.39
C ALA F 152 -21.32 65.31 0.94
N VAL F 153 -20.12 65.08 1.50
CA VAL F 153 -19.67 65.71 2.78
C VAL F 153 -19.57 67.23 2.53
N LEU F 154 -18.86 67.63 1.47
CA LEU F 154 -18.66 69.05 1.10
C LEU F 154 -20.03 69.73 0.96
N THR F 155 -20.97 69.08 0.27
CA THR F 155 -22.32 69.62 -0.01
C THR F 155 -23.07 69.77 1.32
N ALA F 156 -23.05 68.75 2.17
CA ALA F 156 -23.79 68.76 3.46
C ALA F 156 -23.25 69.86 4.37
N LEU F 157 -21.93 70.09 4.38
CA LEU F 157 -21.29 71.19 5.17
C LEU F 157 -21.79 72.55 4.67
N LYS F 158 -21.75 72.79 3.35
CA LYS F 158 -22.20 74.07 2.72
C LYS F 158 -23.69 74.30 3.02
N GLU F 159 -24.54 73.29 2.82
CA GLU F 159 -25.99 73.36 3.08
C GLU F 159 -26.26 73.72 4.56
N ALA F 160 -25.46 73.23 5.50
CA ALA F 160 -25.65 73.47 6.96
C ALA F 160 -25.01 74.80 7.38
N ASN F 161 -24.28 75.47 6.48
CA ASN F 161 -23.45 76.65 6.82
C ASN F 161 -22.48 76.32 7.97
N ALA F 162 -21.99 75.07 8.01
CA ALA F 162 -21.06 74.57 9.05
C ALA F 162 -19.66 75.10 8.74
N PRO F 163 -18.85 75.46 9.74
CA PRO F 163 -17.49 75.92 9.48
C PRO F 163 -16.58 74.77 9.01
N HIS F 164 -15.86 74.98 7.90
CA HIS F 164 -15.00 73.97 7.24
C HIS F 164 -14.14 74.68 6.21
N GLU F 165 -13.07 74.04 5.75
CA GLU F 165 -12.20 74.54 4.66
C GLU F 165 -11.61 73.30 3.95
N GLU F 166 -11.67 73.27 2.62
CA GLU F 166 -10.81 72.38 1.83
C GLU F 166 -9.40 72.95 1.93
N ILE F 167 -8.45 72.13 2.35
CA ILE F 167 -7.07 72.57 2.64
C ILE F 167 -6.10 71.79 1.74
N ALA F 168 -4.93 72.36 1.53
CA ALA F 168 -3.80 71.68 0.85
C ALA F 168 -3.42 70.44 1.68
N VAL F 169 -3.16 69.32 1.03
CA VAL F 169 -2.76 68.08 1.73
C VAL F 169 -1.45 68.34 2.46
N GLU F 170 -0.55 69.11 1.85
CA GLU F 170 0.78 69.50 2.42
C GLU F 170 0.59 70.20 3.77
N SER F 171 -0.56 70.81 4.03
CA SER F 171 -0.83 71.58 5.28
C SER F 171 -1.39 70.65 6.38
N VAL F 172 -1.72 69.38 6.06
CA VAL F 172 -2.20 68.42 7.10
C VAL F 172 -0.98 68.00 7.93
N ASP F 173 -0.99 68.32 9.21
CA ASP F 173 0.18 68.06 10.07
C ASP F 173 0.25 66.57 10.38
N TRP F 174 1.44 66.11 10.74
CA TRP F 174 1.72 64.80 11.37
C TRP F 174 1.75 63.66 10.31
N ILE F 175 0.78 63.59 9.40
CA ILE F 175 0.60 62.41 8.50
C ILE F 175 1.88 62.15 7.71
N ASP F 176 2.17 60.89 7.44
CA ASP F 176 3.33 60.48 6.63
C ASP F 176 2.98 59.23 5.83
N PRO F 177 2.04 59.35 4.87
CA PRO F 177 1.56 58.19 4.13
C PRO F 177 2.60 57.67 3.14
N ASP F 178 2.46 56.40 2.77
CA ASP F 178 3.03 55.84 1.51
C ASP F 178 2.62 56.76 0.35
N PRO F 179 3.56 57.29 -0.45
CA PRO F 179 3.20 58.14 -1.59
C PRO F 179 2.14 57.55 -2.52
N ASN F 180 2.16 56.24 -2.76
CA ASN F 180 1.17 55.56 -3.65
C ASN F 180 -0.19 55.47 -2.95
N SER F 181 -0.28 55.74 -1.65
CA SER F 181 -1.53 55.67 -0.86
C SER F 181 -1.91 57.05 -0.32
N ARG F 182 -1.28 58.12 -0.77
CA ARG F 182 -1.38 59.46 -0.16
C ARG F 182 -2.69 60.13 -0.56
N PRO F 183 -3.20 61.05 0.27
CA PRO F 183 -4.39 61.81 -0.11
C PRO F 183 -3.99 62.88 -1.14
N LEU F 184 -4.92 63.25 -2.00
CA LEU F 184 -4.69 64.42 -2.91
C LEU F 184 -5.68 65.56 -2.57
N ARG F 185 -6.68 65.28 -1.75
CA ARG F 185 -7.60 66.32 -1.24
C ARG F 185 -7.80 66.10 0.26
N ALA F 186 -8.06 67.20 0.97
CA ALA F 186 -8.25 67.17 2.44
C ALA F 186 -9.26 68.26 2.81
N LEU F 187 -10.09 67.95 3.80
CA LEU F 187 -11.18 68.81 4.26
C LEU F 187 -11.06 68.93 5.80
N HIS F 188 -10.91 70.14 6.30
CA HIS F 188 -10.90 70.48 7.75
C HIS F 188 -12.34 70.81 8.20
N ILE F 189 -12.88 70.04 9.13
CA ILE F 189 -14.23 70.23 9.72
C ILE F 189 -14.04 70.75 11.16
N GLU F 190 -14.39 72.02 11.38
CA GLU F 190 -14.24 72.70 12.69
C GLU F 190 -15.35 72.22 13.63
N GLY F 191 -15.00 71.88 14.88
CA GLY F 191 -15.99 71.57 15.92
C GLY F 191 -16.60 70.20 15.76
N GLU F 192 -15.98 69.32 14.97
CA GLU F 192 -16.34 67.89 14.87
C GLU F 192 -15.12 67.11 15.38
N GLY F 193 -15.19 66.58 16.58
CA GLY F 193 -13.99 66.07 17.28
C GLY F 193 -14.15 64.64 17.71
N SER F 194 -13.59 64.31 18.87
CA SER F 194 -13.56 62.94 19.40
C SER F 194 -13.53 62.97 20.92
N VAL F 195 -13.94 61.86 21.51
CA VAL F 195 -13.90 61.62 22.97
C VAL F 195 -13.17 60.30 23.18
N ASP F 196 -12.60 60.11 24.37
CA ASP F 196 -12.04 58.83 24.83
C ASP F 196 -13.21 58.01 25.39
N SER F 197 -13.56 56.91 24.72
CA SER F 197 -14.77 56.11 25.06
C SER F 197 -14.61 55.51 26.46
N GLY F 198 -13.37 55.18 26.86
CA GLY F 198 -13.08 54.61 28.19
C GLY F 198 -13.29 55.64 29.29
N ILE F 199 -12.79 56.85 29.07
CA ILE F 199 -12.95 57.98 30.01
C ILE F 199 -14.42 58.40 30.06
N LEU F 200 -15.13 58.40 28.92
CA LEU F 200 -16.58 58.68 28.88
C LEU F 200 -17.34 57.65 29.73
N LEU F 201 -17.08 56.36 29.57
CA LEU F 201 -17.80 55.31 30.32
C LEU F 201 -17.55 55.48 31.83
N ALA F 202 -16.30 55.74 32.22
CA ALA F 202 -15.91 55.98 33.63
C ALA F 202 -16.66 57.20 34.16
N ALA F 203 -16.72 58.30 33.40
CA ALA F 203 -17.39 59.54 33.81
C ALA F 203 -18.89 59.30 33.94
N LEU F 204 -19.48 58.48 33.08
CA LEU F 204 -20.94 58.21 33.10
C LEU F 204 -21.28 57.39 34.35
N GLU F 205 -20.48 56.37 34.68
CA GLU F 205 -20.72 55.51 35.86
C GLU F 205 -20.66 56.35 37.13
N ARG F 206 -19.63 57.18 37.26
CA ARG F 206 -19.39 58.10 38.38
C ARG F 206 -20.55 59.10 38.48
N SER F 207 -20.99 59.66 37.37
CA SER F 207 -22.09 60.65 37.30
C SER F 207 -23.40 59.99 37.66
N PHE F 208 -23.56 58.73 37.29
CA PHE F 208 -24.78 57.95 37.60
C PHE F 208 -24.88 57.79 39.12
N LEU F 209 -23.78 57.41 39.77
CA LEU F 209 -23.72 57.20 41.24
C LEU F 209 -23.98 58.53 41.95
N GLN F 210 -23.33 59.61 41.51
CA GLN F 210 -23.49 60.97 42.07
C GLN F 210 -24.96 61.38 42.05
N ALA F 211 -25.71 60.96 41.04
CA ALA F 211 -27.13 61.35 40.84
C ALA F 211 -28.08 60.42 41.62
N GLY F 212 -27.56 59.40 42.31
CA GLY F 212 -28.38 58.51 43.13
C GLY F 212 -28.68 57.19 42.45
N GLY F 213 -28.08 56.92 41.30
CA GLY F 213 -28.24 55.65 40.59
C GLY F 213 -27.56 54.51 41.32
N ARG F 214 -28.05 53.28 41.18
CA ARG F 214 -27.34 52.10 41.72
C ARG F 214 -26.93 51.16 40.58
N LEU F 215 -25.66 50.73 40.59
CA LEU F 215 -25.09 49.76 39.63
C LEU F 215 -25.22 48.36 40.21
N HIS F 216 -25.86 47.46 39.49
CA HIS F 216 -26.03 46.04 39.86
C HIS F 216 -25.35 45.20 38.77
N PRO F 217 -24.11 44.71 39.00
CA PRO F 217 -23.31 44.10 37.95
C PRO F 217 -23.74 42.66 37.60
N VAL F 218 -24.99 42.51 37.16
CA VAL F 218 -25.54 41.23 36.62
C VAL F 218 -26.21 41.55 35.28
N ASP F 219 -26.54 40.52 34.51
CA ASP F 219 -27.28 40.65 33.23
C ASP F 219 -28.76 40.29 33.47
N ALA F 220 -29.67 40.99 32.79
CA ALA F 220 -31.08 40.60 32.65
C ALA F 220 -31.13 39.31 31.84
N THR F 221 -31.92 38.31 32.25
CA THR F 221 -32.22 37.10 31.44
C THR F 221 -33.62 37.21 30.85
N GLU F 222 -34.55 37.88 31.54
CA GLU F 222 -35.99 37.89 31.16
C GLU F 222 -36.63 39.20 31.61
N ILE F 223 -37.45 39.80 30.74
CA ILE F 223 -38.35 40.92 31.11
C ILE F 223 -39.68 40.28 31.53
N ARG F 224 -40.20 40.67 32.69
CA ARG F 224 -41.52 40.15 33.18
C ARG F 224 -42.59 41.20 32.90
N ALA F 225 -43.68 40.78 32.26
CA ALA F 225 -44.85 41.62 31.93
C ALA F 225 -46.13 40.79 32.02
N SER F 226 -47.21 41.42 32.46
CA SER F 226 -48.60 40.88 32.41
C SER F 226 -49.58 42.04 32.44
N HIS F 227 -50.78 41.83 31.89
CA HIS F 227 -51.86 42.85 31.84
C HIS F 227 -51.31 44.12 31.19
N GLY F 228 -50.50 43.93 30.12
CA GLY F 228 -49.98 44.96 29.20
C GLY F 228 -49.03 45.94 29.87
N ARG F 229 -48.28 45.51 30.90
CA ARG F 229 -47.47 46.41 31.74
C ARG F 229 -46.23 45.64 32.24
N VAL F 230 -45.07 46.30 32.35
CA VAL F 230 -43.82 45.66 32.88
C VAL F 230 -43.99 45.49 34.39
N GLU F 231 -43.51 44.35 34.90
CA GLU F 231 -43.43 44.02 36.36
C GLU F 231 -41.98 44.11 36.83
N GLY F 232 -41.02 43.78 35.97
CA GLY F 232 -39.58 43.94 36.26
C GLY F 232 -38.72 42.97 35.46
N VAL F 233 -37.58 42.58 36.05
CA VAL F 233 -36.49 41.84 35.33
C VAL F 233 -35.99 40.68 36.21
N VAL F 234 -35.91 39.48 35.63
CA VAL F 234 -35.14 38.34 36.20
C VAL F 234 -33.68 38.50 35.76
N THR F 235 -32.75 38.45 36.72
CA THR F 235 -31.28 38.57 36.51
C THR F 235 -30.66 37.18 36.40
N ASP F 236 -29.42 37.08 35.91
CA ASP F 236 -28.75 35.79 35.60
C ASP F 236 -28.16 35.17 36.89
N ASP F 237 -28.31 35.83 38.05
CA ASP F 237 -28.03 35.22 39.37
C ASP F 237 -29.34 34.71 40.02
N GLY F 238 -30.43 34.63 39.23
CA GLY F 238 -31.72 34.01 39.63
C GLY F 238 -32.70 34.98 40.27
N ASP F 239 -32.23 36.17 40.67
CA ASP F 239 -33.01 37.19 41.39
C ASP F 239 -34.13 37.75 40.49
N PHE F 240 -35.17 38.35 41.10
CA PHE F 240 -36.20 39.18 40.40
C PHE F 240 -36.15 40.60 40.97
N LEU F 241 -35.99 41.60 40.10
CA LEU F 241 -36.01 43.03 40.48
C LEU F 241 -37.31 43.64 39.97
N PRO F 242 -38.16 44.18 40.86
CA PRO F 242 -39.42 44.79 40.43
C PRO F 242 -39.16 46.19 39.85
N ALA F 243 -39.99 46.63 38.91
CA ALA F 243 -39.91 47.97 38.30
C ALA F 243 -41.22 48.34 37.63
N GLY F 244 -41.54 49.63 37.62
CA GLY F 244 -42.61 50.22 36.79
C GLY F 244 -42.10 50.60 35.41
N HIS F 245 -40.77 50.80 35.26
CA HIS F 245 -40.12 51.13 33.97
C HIS F 245 -38.88 50.25 33.74
N VAL F 246 -38.77 49.68 32.54
CA VAL F 246 -37.57 48.93 32.05
C VAL F 246 -37.15 49.55 30.71
N VAL F 247 -35.92 50.07 30.67
CA VAL F 247 -35.28 50.66 29.46
C VAL F 247 -34.24 49.65 28.97
N VAL F 248 -34.48 49.06 27.80
CA VAL F 248 -33.58 48.06 27.20
C VAL F 248 -32.58 48.82 26.32
N ALA F 249 -31.31 48.85 26.76
CA ALA F 249 -30.16 49.44 26.05
C ALA F 249 -29.01 48.45 26.09
N ALA F 250 -29.28 47.22 25.67
CA ALA F 250 -28.37 46.05 25.76
C ALA F 250 -27.62 45.86 24.44
N GLY F 251 -27.40 46.94 23.67
CA GLY F 251 -26.75 46.91 22.36
C GLY F 251 -27.34 45.82 21.47
N ALA F 252 -26.50 44.98 20.88
CA ALA F 252 -26.93 44.00 19.85
C ALA F 252 -27.83 42.92 20.47
N ARG F 253 -27.96 42.84 21.78
CA ARG F 253 -28.81 41.83 22.48
C ARG F 253 -30.22 42.36 22.73
N SER F 254 -30.50 43.64 22.44
CA SER F 254 -31.71 44.36 22.91
C SER F 254 -33.01 43.71 22.39
N GLN F 255 -33.08 43.41 21.08
CA GLN F 255 -34.33 42.86 20.48
C GLN F 255 -34.50 41.41 20.93
N ARG F 256 -33.42 40.63 21.01
CA ARG F 256 -33.48 39.21 21.46
C ARG F 256 -34.13 39.16 22.85
N LEU F 257 -33.88 40.18 23.68
CA LEU F 257 -34.36 40.22 25.09
C LEU F 257 -35.88 40.53 25.12
N VAL F 258 -36.36 41.46 24.30
CA VAL F 258 -37.78 41.91 24.24
C VAL F 258 -38.62 40.94 23.39
N ALA F 259 -38.03 40.26 22.41
CA ALA F 259 -38.70 39.36 21.45
C ALA F 259 -39.38 38.18 22.17
N ALA F 260 -38.96 37.83 23.39
CA ALA F 260 -39.55 36.74 24.21
C ALA F 260 -40.97 37.09 24.68
N LEU F 261 -41.31 38.38 24.80
CA LEU F 261 -42.65 38.87 25.25
C LEU F 261 -43.67 38.63 24.14
N PRO F 262 -44.97 38.42 24.48
CA PRO F 262 -45.97 37.97 23.50
C PRO F 262 -46.13 38.87 22.27
N GLY F 263 -46.01 38.28 21.07
CA GLY F 263 -46.22 38.97 19.78
C GLY F 263 -45.06 39.85 19.36
N LEU F 264 -44.07 40.06 20.23
CA LEU F 264 -43.03 41.10 20.00
C LEU F 264 -41.93 40.59 19.07
N ALA F 265 -41.86 39.28 18.80
CA ALA F 265 -40.83 38.68 17.91
C ALA F 265 -40.93 39.27 16.50
N HIS F 266 -42.13 39.65 16.05
CA HIS F 266 -42.38 40.14 14.67
C HIS F 266 -42.85 41.60 14.69
N ARG F 267 -42.74 42.28 15.83
CA ARG F 267 -43.15 43.71 15.98
C ARG F 267 -41.95 44.60 16.32
N ILE F 268 -40.86 44.02 16.86
CA ILE F 268 -39.58 44.74 17.11
C ILE F 268 -38.57 44.26 16.06
N PRO F 269 -38.14 45.12 15.13
CA PRO F 269 -37.15 44.73 14.13
C PRO F 269 -35.92 44.09 14.79
N ARG F 270 -35.45 43.00 14.23
CA ARG F 270 -34.21 42.32 14.67
C ARG F 270 -33.02 43.27 14.62
N ILE F 271 -32.09 43.05 15.54
CA ILE F 271 -30.79 43.79 15.62
C ILE F 271 -29.70 42.71 15.56
N TYR F 272 -28.75 42.86 14.64
CA TYR F 272 -27.60 41.93 14.49
C TYR F 272 -26.33 42.59 15.02
N ASP F 273 -25.23 41.85 15.03
CA ASP F 273 -23.89 42.30 15.50
C ASP F 273 -23.09 42.85 14.30
N GLY F 274 -22.91 44.16 14.24
CA GLY F 274 -21.93 44.80 13.35
C GLY F 274 -20.54 44.73 13.98
N VAL F 275 -19.87 43.58 13.84
CA VAL F 275 -18.59 43.30 14.54
C VAL F 275 -17.56 44.25 13.99
N GLY F 276 -16.95 45.01 14.88
CA GLY F 276 -15.94 46.01 14.52
C GLY F 276 -14.63 45.78 15.27
N VAL F 277 -13.53 45.92 14.56
CA VAL F 277 -12.15 45.74 15.12
C VAL F 277 -11.45 47.10 15.09
N SER F 278 -10.84 47.45 16.22
CA SER F 278 -10.03 48.67 16.39
C SER F 278 -8.76 48.29 17.15
N ALA F 279 -7.83 49.21 17.31
CA ALA F 279 -6.57 48.92 18.03
C ALA F 279 -6.06 50.18 18.71
N LEU F 280 -5.41 49.98 19.85
CA LEU F 280 -4.62 51.03 20.53
C LEU F 280 -3.14 50.76 20.19
N VAL F 281 -2.46 51.79 19.75
CA VAL F 281 -1.03 51.74 19.31
C VAL F 281 -0.28 52.81 20.11
N ASP F 282 0.83 52.42 20.75
CA ASP F 282 1.82 53.37 21.31
C ASP F 282 2.71 53.84 20.17
N THR F 283 2.66 55.11 19.82
CA THR F 283 3.38 55.62 18.64
C THR F 283 4.88 55.59 18.93
N TRP F 284 5.67 55.34 17.89
CA TRP F 284 7.15 55.23 17.90
C TRP F 284 7.77 56.38 18.70
N ASP F 285 7.24 57.60 18.65
CA ASP F 285 7.88 58.81 19.25
C ASP F 285 6.93 59.46 20.27
N GLY F 286 5.84 58.79 20.63
CA GLY F 286 4.85 59.34 21.58
C GLY F 286 4.00 60.44 20.97
N SER F 287 4.17 60.78 19.69
CA SER F 287 3.37 61.87 19.05
C SER F 287 1.99 61.36 18.66
N GLY F 288 1.12 62.30 18.30
CA GLY F 288 -0.20 62.04 17.69
C GLY F 288 -0.65 63.25 16.91
N PRO F 289 -1.67 63.12 16.04
CA PRO F 289 -2.23 64.27 15.36
C PRO F 289 -3.09 65.09 16.33
N ALA F 290 -3.24 66.38 16.05
CA ALA F 290 -4.02 67.34 16.85
C ALA F 290 -5.50 67.16 16.53
N THR F 291 -5.84 66.58 15.37
CA THR F 291 -7.23 66.38 14.94
C THR F 291 -7.51 64.88 14.76
N VAL F 292 -8.79 64.51 14.70
CA VAL F 292 -9.24 63.23 14.09
C VAL F 292 -8.71 63.22 12.65
N LEU F 293 -8.26 62.08 12.16
CA LEU F 293 -7.95 61.86 10.72
C LEU F 293 -8.86 60.74 10.24
N ARG F 294 -9.57 60.92 9.12
CA ARG F 294 -10.52 59.90 8.64
C ARG F 294 -10.64 59.97 7.13
N THR F 295 -11.06 58.87 6.53
CA THR F 295 -11.67 58.81 5.18
C THR F 295 -13.18 58.93 5.38
N SER F 296 -13.95 59.08 4.30
CA SER F 296 -15.41 58.85 4.35
C SER F 296 -15.67 57.37 4.62
N ASN F 297 -16.90 57.01 4.94
CA ASN F 297 -17.34 55.62 5.15
C ASN F 297 -17.06 54.86 3.85
N ARG F 298 -16.65 53.60 3.97
CA ARG F 298 -16.20 52.77 2.81
C ARG F 298 -17.03 51.48 2.78
N ALA F 299 -16.54 50.45 2.09
CA ALA F 299 -17.31 49.22 1.79
C ALA F 299 -18.02 48.71 3.05
N PHE F 300 -19.35 48.57 2.97
CA PHE F 300 -20.22 47.97 4.01
C PHE F 300 -19.97 48.65 5.37
N ALA F 301 -19.92 49.97 5.39
CA ALA F 301 -19.78 50.79 6.63
C ALA F 301 -18.51 50.44 7.42
N CYS F 302 -17.49 49.89 6.77
CA CYS F 302 -16.07 49.96 7.18
C CYS F 302 -15.62 51.43 6.98
N GLY F 303 -14.52 51.84 7.59
CA GLY F 303 -13.94 53.18 7.41
C GLY F 303 -12.59 53.26 8.10
N LEU F 304 -11.71 54.13 7.65
CA LEU F 304 -10.36 54.26 8.26
C LEU F 304 -10.34 55.56 9.04
N HIS F 305 -9.94 55.52 10.31
CA HIS F 305 -9.77 56.76 11.12
C HIS F 305 -8.74 56.55 12.21
N LEU F 306 -8.16 57.66 12.63
CA LEU F 306 -7.24 57.72 13.78
C LEU F 306 -7.82 58.78 14.72
N VAL F 307 -8.09 58.37 15.96
CA VAL F 307 -8.59 59.24 17.04
C VAL F 307 -7.46 59.47 18.04
N PRO F 308 -7.07 60.74 18.31
CA PRO F 308 -6.06 61.03 19.33
C PRO F 308 -6.46 60.51 20.71
N ARG F 309 -5.47 60.06 21.47
CA ARG F 309 -5.61 59.70 22.91
C ARG F 309 -4.50 60.40 23.70
N ALA F 310 -4.67 60.55 25.02
CA ALA F 310 -3.62 61.09 25.91
C ALA F 310 -2.50 60.06 26.09
N GLY F 311 -1.27 60.51 26.32
CA GLY F 311 -0.15 59.65 26.78
C GLY F 311 0.51 58.81 25.68
N GLY F 312 0.70 59.34 24.47
CA GLY F 312 1.51 58.65 23.44
C GLY F 312 0.82 57.43 22.84
N SER F 313 -0.48 57.29 23.06
CA SER F 313 -1.36 56.28 22.41
C SER F 313 -2.16 56.96 21.29
N VAL F 314 -2.47 56.22 20.23
CA VAL F 314 -3.50 56.59 19.23
C VAL F 314 -4.46 55.42 19.09
N TYR F 315 -5.72 55.72 18.80
CA TYR F 315 -6.75 54.72 18.41
C TYR F 315 -6.80 54.67 16.88
N ILE F 316 -6.78 53.48 16.32
CA ILE F 316 -7.03 53.28 14.87
C ILE F 316 -8.23 52.35 14.71
N GLY F 317 -9.11 52.72 13.79
CA GLY F 317 -10.31 51.92 13.50
C GLY F 317 -10.76 52.16 12.06
N ALA F 318 -11.84 51.51 11.66
CA ALA F 318 -12.46 50.43 12.39
C ALA F 318 -13.14 49.55 11.33
N THR F 319 -13.01 48.23 11.45
CA THR F 319 -13.63 47.31 10.49
C THR F 319 -15.12 47.22 10.84
N ASN F 320 -15.90 46.67 9.93
CA ASN F 320 -17.32 46.36 10.21
C ASN F 320 -17.69 45.13 9.41
N ALA F 321 -18.35 44.17 10.02
CA ALA F 321 -18.90 42.99 9.33
C ALA F 321 -20.16 42.61 10.09
N VAL F 322 -21.29 42.65 9.41
CA VAL F 322 -22.56 42.18 10.03
C VAL F 322 -22.48 40.67 10.16
N CYS F 323 -22.67 40.15 11.37
CA CYS F 323 -22.69 38.71 11.67
C CYS F 323 -24.08 38.34 12.22
N LEU F 324 -24.60 37.20 11.82
CA LEU F 324 -25.94 36.73 12.26
C LEU F 324 -25.83 36.16 13.68
N GLU F 325 -24.61 35.85 14.13
CA GLU F 325 -24.36 35.43 15.53
C GLU F 325 -23.20 36.25 16.06
N PRO F 326 -23.18 36.56 17.37
CA PRO F 326 -22.13 37.41 17.93
C PRO F 326 -20.74 36.77 17.85
N ARG F 327 -19.71 37.61 17.80
CA ARG F 327 -18.28 37.18 17.75
C ARG F 327 -17.50 38.18 18.58
N GLY F 328 -16.65 37.71 19.46
CA GLY F 328 -15.93 38.54 20.44
C GLY F 328 -14.44 38.59 20.19
N ALA F 329 -13.94 38.05 19.08
CA ALA F 329 -12.51 38.09 18.73
C ALA F 329 -12.34 38.55 17.28
N ALA F 330 -11.28 39.30 17.01
CA ALA F 330 -10.92 39.79 15.67
C ALA F 330 -10.53 38.59 14.82
N SER F 331 -10.88 38.62 13.54
CA SER F 331 -10.29 37.67 12.57
C SER F 331 -8.91 38.20 12.19
N ILE F 332 -8.05 37.32 11.71
CA ILE F 332 -6.73 37.67 11.16
C ILE F 332 -6.92 38.72 10.07
N GLU F 333 -7.87 38.47 9.15
CA GLU F 333 -8.13 39.35 7.98
C GLU F 333 -8.43 40.80 8.43
N GLU F 334 -9.26 40.96 9.45
CA GLU F 334 -9.72 42.29 9.97
C GLU F 334 -8.49 43.04 10.52
N THR F 335 -7.67 42.37 11.30
CA THR F 335 -6.44 42.94 11.90
C THR F 335 -5.49 43.40 10.81
N VAL F 336 -5.18 42.54 9.85
CA VAL F 336 -4.25 42.85 8.75
C VAL F 336 -4.80 44.04 7.95
N PHE F 337 -6.09 44.03 7.60
CA PHE F 337 -6.70 45.09 6.76
C PHE F 337 -6.58 46.43 7.49
N LEU F 338 -6.96 46.47 8.77
CA LEU F 338 -6.92 47.73 9.57
C LEU F 338 -5.49 48.27 9.62
N PHE F 339 -4.52 47.44 9.98
CA PHE F 339 -3.10 47.84 10.14
C PHE F 339 -2.56 48.30 8.80
N ASN F 340 -2.85 47.55 7.74
CA ASN F 340 -2.35 47.90 6.39
C ASN F 340 -2.87 49.28 5.97
N CYS F 341 -4.16 49.54 6.17
CA CYS F 341 -4.80 50.82 5.80
C CYS F 341 -4.12 51.96 6.57
N ALA F 342 -3.96 51.84 7.87
CA ALA F 342 -3.46 52.91 8.75
C ALA F 342 -1.99 53.23 8.43
N THR F 343 -1.16 52.20 8.22
CA THR F 343 0.29 52.38 8.01
C THR F 343 0.53 52.99 6.63
N HIS F 344 -0.26 52.66 5.61
CA HIS F 344 -0.07 53.18 4.24
C HIS F 344 -0.71 54.56 4.08
N GLN F 345 -1.94 54.72 4.57
CA GLN F 345 -2.81 55.86 4.19
C GLN F 345 -2.65 57.00 5.19
N LEU F 346 -2.24 56.73 6.42
CA LEU F 346 -2.12 57.78 7.49
C LEU F 346 -0.66 58.02 7.89
N HIS F 347 0.06 57.02 8.38
CA HIS F 347 1.43 57.25 8.90
C HIS F 347 2.25 55.97 8.90
N ARG F 348 3.31 55.94 8.10
CA ARG F 348 4.23 54.78 7.98
C ARG F 348 4.95 54.52 9.30
N GLY F 349 5.09 55.54 10.15
CA GLY F 349 5.61 55.42 11.52
C GLY F 349 4.83 54.42 12.35
N LEU F 350 3.54 54.25 12.08
CA LEU F 350 2.72 53.27 12.84
C LEU F 350 3.24 51.86 12.60
N ASN F 351 3.93 51.63 11.49
CA ASN F 351 4.47 50.28 11.16
C ASN F 351 5.44 49.82 12.25
N GLY F 352 6.29 50.72 12.75
CA GLY F 352 7.30 50.43 13.78
C GLY F 352 6.75 50.67 15.18
N SER F 353 5.47 51.03 15.30
CA SER F 353 4.85 51.37 16.59
C SER F 353 4.39 50.08 17.25
N GLU F 354 4.20 50.13 18.56
CA GLU F 354 3.85 48.94 19.37
C GLU F 354 2.33 48.81 19.44
N LEU F 355 1.85 47.61 19.14
CA LEU F 355 0.44 47.22 19.34
C LEU F 355 0.18 47.03 20.85
N ARG F 356 -0.69 47.85 21.42
CA ARG F 356 -1.08 47.75 22.86
C ARG F 356 -2.29 46.84 23.01
N LYS F 357 -3.29 46.95 22.14
CA LYS F 357 -4.56 46.21 22.33
C LYS F 357 -5.31 46.13 21.01
N VAL F 358 -5.81 44.95 20.65
CA VAL F 358 -6.84 44.74 19.60
C VAL F 358 -8.20 44.69 20.29
N GLN F 359 -9.12 45.56 19.90
CA GLN F 359 -10.45 45.71 20.52
C GLN F 359 -11.50 45.20 19.54
N VAL F 360 -12.54 44.55 20.06
CA VAL F 360 -13.66 44.01 19.26
C VAL F 360 -14.95 44.38 20.00
N GLY F 361 -15.91 44.94 19.29
CA GLY F 361 -17.25 45.22 19.83
C GLY F 361 -18.31 45.09 18.75
N SER F 362 -19.58 44.97 19.14
CA SER F 362 -20.71 44.72 18.21
C SER F 362 -21.56 45.99 18.08
N ARG F 363 -21.45 46.68 16.95
CA ARG F 363 -22.37 47.77 16.57
C ARG F 363 -23.78 47.15 16.47
N PRO F 364 -24.79 47.68 17.19
CA PRO F 364 -26.15 47.13 17.06
C PRO F 364 -26.66 47.47 15.66
N ALA F 365 -26.84 46.46 14.81
CA ALA F 365 -27.14 46.60 13.36
C ALA F 365 -28.62 46.26 13.13
N PRO F 366 -29.52 47.27 13.07
CA PRO F 366 -30.94 46.98 12.89
C PRO F 366 -31.21 46.42 11.49
N ILE F 367 -32.09 45.42 11.38
CA ILE F 367 -32.36 44.69 10.11
C ILE F 367 -32.92 45.63 9.03
N ASP F 368 -33.57 46.74 9.39
CA ASP F 368 -34.21 47.67 8.43
C ASP F 368 -33.37 48.95 8.33
N GLY F 369 -32.22 49.04 9.01
CA GLY F 369 -31.23 50.09 8.76
C GLY F 369 -31.43 51.33 9.61
N PHE F 370 -32.40 51.34 10.52
CA PHE F 370 -32.70 52.54 11.34
C PHE F 370 -32.84 52.13 12.80
N PRO F 371 -32.52 53.07 13.72
CA PRO F 371 -32.56 52.80 15.15
C PRO F 371 -33.93 52.44 15.70
N LEU F 372 -33.92 51.88 16.92
CA LEU F 372 -35.11 51.51 17.72
C LEU F 372 -35.09 52.34 19.00
N ILE F 373 -35.82 53.45 19.03
CA ILE F 373 -35.80 54.45 20.13
C ILE F 373 -37.24 54.76 20.53
N GLY F 374 -37.61 54.44 21.76
CA GLY F 374 -38.85 54.96 22.36
C GLY F 374 -39.66 53.84 22.97
N GLY F 375 -40.97 54.05 22.97
CA GLY F 375 -41.93 53.24 23.73
C GLY F 375 -42.41 52.07 22.92
N THR F 376 -43.19 51.22 23.58
CA THR F 376 -43.60 49.87 23.19
C THR F 376 -45.12 49.79 23.44
N SER F 377 -45.78 48.74 22.99
CA SER F 377 -47.19 48.39 23.33
C SER F 377 -47.30 47.90 24.78
N VAL F 378 -46.16 47.70 25.45
CA VAL F 378 -46.08 47.29 26.89
C VAL F 378 -45.79 48.54 27.72
N GLU F 379 -46.71 48.89 28.62
CA GLU F 379 -46.60 50.09 29.49
C GLU F 379 -45.30 49.98 30.31
N GLY F 380 -44.49 51.03 30.31
CA GLY F 380 -43.23 51.07 31.05
C GLY F 380 -42.07 50.36 30.38
N LEU F 381 -42.25 49.78 29.19
CA LEU F 381 -41.13 49.16 28.42
C LEU F 381 -40.64 50.13 27.34
N TRP F 382 -39.35 50.47 27.40
CA TRP F 382 -38.66 51.41 26.48
C TRP F 382 -37.44 50.70 25.87
N MET F 383 -37.06 51.11 24.67
CA MET F 383 -35.86 50.59 23.97
C MET F 383 -35.03 51.80 23.52
N LEU F 384 -33.70 51.65 23.61
CA LEU F 384 -32.68 52.59 23.08
C LEU F 384 -31.59 51.70 22.46
N SER F 385 -31.69 51.42 21.17
CA SER F 385 -30.80 50.46 20.49
C SER F 385 -30.82 50.64 18.97
N GLY F 386 -30.02 49.83 18.29
CA GLY F 386 -29.96 49.77 16.81
C GLY F 386 -29.29 50.98 16.22
N THR F 387 -28.33 51.57 16.92
CA THR F 387 -27.69 52.85 16.51
C THR F 387 -26.48 52.62 15.60
N TYR F 388 -26.05 51.37 15.43
CA TYR F 388 -25.02 50.99 14.42
C TYR F 388 -23.73 51.80 14.65
N ARG F 389 -23.43 52.77 13.78
CA ARG F 389 -22.13 53.49 13.76
C ARG F 389 -22.13 54.73 14.68
N ASP F 390 -23.27 55.24 15.16
CA ASP F 390 -23.27 56.60 15.75
C ASP F 390 -24.21 56.76 16.96
N GLY F 391 -24.45 55.71 17.71
CA GLY F 391 -25.19 55.78 18.98
C GLY F 391 -24.41 56.54 20.03
N LEU F 392 -23.08 56.39 20.08
CA LEU F 392 -22.24 57.14 21.04
C LEU F 392 -22.38 58.63 20.74
N HIS F 393 -22.19 59.04 19.48
CA HIS F 393 -22.34 60.47 19.10
C HIS F 393 -23.73 60.99 19.49
N MET F 394 -24.77 60.20 19.25
CA MET F 394 -26.17 60.68 19.42
C MET F 394 -26.63 60.54 20.87
N SER F 395 -25.84 59.87 21.73
CA SER F 395 -26.24 59.47 23.11
C SER F 395 -26.88 60.62 23.89
N PRO F 396 -26.33 61.84 24.00
CA PRO F 396 -26.97 62.86 24.84
C PRO F 396 -28.37 63.24 24.31
N LEU F 397 -28.53 63.31 22.99
CA LEU F 397 -29.83 63.61 22.35
C LEU F 397 -30.78 62.44 22.58
N LEU F 398 -30.32 61.20 22.37
CA LEU F 398 -31.21 60.01 22.47
C LEU F 398 -31.68 59.84 23.93
N ALA F 399 -30.79 60.05 24.89
CA ALA F 399 -31.09 59.94 26.33
C ALA F 399 -32.22 60.92 26.66
N ARG F 400 -32.06 62.19 26.27
CA ARG F 400 -33.00 63.29 26.57
C ARG F 400 -34.35 63.00 25.91
N HIS F 401 -34.35 62.44 24.70
CA HIS F 401 -35.58 62.05 23.99
C HIS F 401 -36.35 61.04 24.83
N VAL F 402 -35.71 59.94 25.21
CA VAL F 402 -36.42 58.83 25.92
C VAL F 402 -36.90 59.35 27.29
N VAL F 403 -36.11 60.16 27.97
CA VAL F 403 -36.47 60.71 29.31
C VAL F 403 -37.70 61.63 29.18
N SER F 404 -37.75 62.47 28.14
CA SER F 404 -38.93 63.31 27.81
C SER F 404 -40.16 62.41 27.58
N LEU F 405 -40.03 61.35 26.78
CA LEU F 405 -41.15 60.40 26.50
C LEU F 405 -41.63 59.78 27.81
N MET F 406 -40.72 59.38 28.69
CA MET F 406 -41.06 58.68 29.97
C MET F 406 -41.82 59.62 30.89
N ASP F 407 -41.60 60.93 30.75
CA ASP F 407 -42.21 61.99 31.59
C ASP F 407 -43.48 62.53 30.90
N GLY F 408 -43.94 61.88 29.83
CA GLY F 408 -45.18 62.25 29.10
C GLY F 408 -44.96 63.38 28.08
N GLY F 409 -43.71 63.77 27.81
CA GLY F 409 -43.36 64.74 26.77
C GLY F 409 -43.35 64.11 25.39
N THR F 410 -42.94 64.87 24.37
CA THR F 410 -42.83 64.38 22.96
C THR F 410 -41.35 64.30 22.55
N GLY F 411 -40.42 64.57 23.46
CA GLY F 411 -38.97 64.45 23.21
C GLY F 411 -38.54 65.27 22.01
N VAL F 412 -37.68 64.70 21.16
CA VAL F 412 -37.08 65.39 19.99
C VAL F 412 -37.93 65.08 18.76
N ASP F 413 -38.29 66.13 18.02
CA ASP F 413 -39.00 66.06 16.71
C ASP F 413 -38.11 65.25 15.77
N GLY F 414 -38.66 64.29 15.04
CA GLY F 414 -37.92 63.57 13.99
C GLY F 414 -37.43 62.20 14.42
N LEU F 415 -37.60 61.81 15.68
CA LEU F 415 -37.23 60.46 16.17
C LEU F 415 -38.45 59.54 16.26
N ARG F 416 -39.68 60.03 16.02
CA ARG F 416 -40.91 59.20 16.10
C ARG F 416 -40.91 58.11 15.02
N GLU F 417 -40.37 58.40 13.83
CA GLU F 417 -40.20 57.43 12.72
C GLU F 417 -39.42 56.19 13.20
N PHE F 418 -38.62 56.31 14.27
CA PHE F 418 -37.64 55.29 14.72
C PHE F 418 -38.15 54.58 15.98
N ARG F 419 -39.45 54.72 16.28
CA ARG F 419 -40.18 53.97 17.35
C ARG F 419 -39.84 52.49 17.18
N PRO F 420 -39.55 51.75 18.28
CA PRO F 420 -39.07 50.38 18.17
C PRO F 420 -40.10 49.36 17.69
N GLU F 421 -41.39 49.60 17.96
CA GLU F 421 -42.47 48.65 17.59
C GLU F 421 -43.05 49.14 16.27
N ARG F 422 -42.68 48.47 15.17
CA ARG F 422 -42.94 48.97 13.81
C ARG F 422 -42.81 47.80 12.84
N ASP F 423 -43.53 47.91 11.73
CA ASP F 423 -43.22 47.18 10.48
C ASP F 423 -41.77 47.57 10.10
N LEU F 424 -41.05 46.68 9.45
CA LEU F 424 -39.70 46.98 8.92
C LEU F 424 -39.80 48.16 7.97
N ILE F 425 -38.93 49.13 8.12
CA ILE F 425 -38.83 50.29 7.20
C ILE F 425 -38.28 49.79 5.86
N SER F 426 -38.78 50.33 4.75
CA SER F 426 -38.22 50.17 3.39
C SER F 426 -37.72 51.53 2.91
N ALA F 427 -36.50 51.92 3.30
CA ALA F 427 -35.95 53.26 3.03
C ALA F 427 -35.44 53.37 1.59
N TRP F 428 -35.22 52.23 0.93
CA TRP F 428 -34.68 52.17 -0.46
C TRP F 428 -35.46 51.15 -1.28
N SER F 429 -35.50 51.32 -2.60
CA SER F 429 -35.96 50.31 -3.58
C SER F 429 -35.01 49.13 -3.59
N ARG F 430 -35.52 47.94 -3.94
CA ARG F 430 -34.72 46.71 -4.14
C ARG F 430 -33.61 46.99 -5.15
N GLU F 431 -33.95 47.72 -6.22
CA GLU F 431 -32.99 48.11 -7.29
C GLU F 431 -31.83 48.93 -6.70
N GLU F 432 -32.14 49.92 -5.86
CA GLU F 432 -31.11 50.79 -5.21
C GLU F 432 -30.17 49.90 -4.40
N ILE F 433 -30.71 49.00 -3.59
CA ILE F 433 -29.92 48.14 -2.66
C ILE F 433 -29.04 47.19 -3.50
N LEU F 434 -29.57 46.63 -4.58
CA LEU F 434 -28.82 45.72 -5.48
C LEU F 434 -27.65 46.49 -6.13
N ASP F 435 -27.85 47.73 -6.60
CA ASP F 435 -26.72 48.56 -7.13
C ASP F 435 -25.68 48.74 -6.02
N ASP F 436 -26.13 49.09 -4.81
CA ASP F 436 -25.27 49.37 -3.63
C ASP F 436 -24.45 48.11 -3.28
N VAL F 437 -25.07 46.93 -3.22
CA VAL F 437 -24.38 45.73 -2.68
C VAL F 437 -23.28 45.31 -3.65
N VAL F 438 -23.50 45.44 -4.96
CA VAL F 438 -22.49 45.06 -5.98
C VAL F 438 -21.33 46.06 -5.88
N ARG F 439 -21.66 47.34 -5.79
CA ARG F 439 -20.67 48.43 -5.71
C ARG F 439 -19.80 48.27 -4.44
N HIS F 440 -20.43 47.98 -3.29
CA HIS F 440 -19.71 47.79 -2.00
C HIS F 440 -18.85 46.51 -2.09
N THR F 441 -19.35 45.44 -2.72
CA THR F 441 -18.55 44.20 -2.90
C THR F 441 -17.26 44.53 -3.69
N MET F 442 -17.40 45.23 -4.80
CA MET F 442 -16.26 45.64 -5.64
C MET F 442 -15.31 46.54 -4.82
N ALA F 443 -15.86 47.41 -3.97
CA ALA F 443 -15.09 48.34 -3.13
C ALA F 443 -14.17 47.56 -2.16
N THR F 444 -14.54 46.36 -1.71
CA THR F 444 -13.67 45.53 -0.84
C THR F 444 -12.38 45.21 -1.60
N GLY F 445 -12.46 45.09 -2.92
CA GLY F 445 -11.28 44.83 -3.77
C GLY F 445 -10.42 46.08 -3.87
N TYR F 446 -11.00 47.19 -4.23
CA TYR F 446 -10.25 48.47 -4.46
C TYR F 446 -9.66 48.98 -3.16
N GLU F 447 -10.25 48.65 -2.02
CA GLU F 447 -9.74 49.12 -0.70
C GLU F 447 -8.57 48.26 -0.22
N PHE F 448 -8.37 47.07 -0.76
CA PHE F 448 -7.35 46.11 -0.29
C PHE F 448 -5.95 46.73 -0.31
N PRO F 449 -5.44 47.36 -1.38
CA PRO F 449 -6.04 47.39 -2.71
C PRO F 449 -5.54 46.18 -3.50
N TRP F 450 -6.40 45.63 -4.34
CA TRP F 450 -6.00 44.46 -5.17
C TRP F 450 -5.18 44.93 -6.37
N ARG F 451 -4.52 43.98 -7.03
CA ARG F 451 -3.92 44.19 -8.36
C ARG F 451 -4.35 43.02 -9.24
N LEU F 452 -5.17 43.30 -10.25
CA LEU F 452 -5.90 42.32 -11.11
C LEU F 452 -5.67 42.70 -12.55
N PRO F 453 -5.86 41.75 -13.49
CA PRO F 453 -6.00 42.12 -14.91
C PRO F 453 -7.17 43.10 -15.09
N LEU F 454 -7.03 44.02 -16.03
CA LEU F 454 -7.96 45.17 -16.16
C LEU F 454 -9.36 44.71 -16.58
N GLU F 455 -9.52 43.53 -17.21
CA GLU F 455 -10.86 43.03 -17.63
C GLU F 455 -11.56 42.35 -16.45
N TRP F 456 -10.86 41.98 -15.40
CA TRP F 456 -11.46 41.14 -14.32
C TRP F 456 -12.56 41.90 -13.57
N PRO F 457 -12.37 43.18 -13.15
CA PRO F 457 -13.41 43.88 -12.40
C PRO F 457 -14.76 43.94 -13.13
N HIS F 458 -14.77 44.28 -14.42
CA HIS F 458 -16.02 44.32 -15.22
C HIS F 458 -16.66 42.93 -15.23
N MET F 459 -15.87 41.88 -15.42
CA MET F 459 -16.40 40.49 -15.42
C MET F 459 -17.03 40.20 -14.05
N MET F 460 -16.33 40.50 -12.95
N MET F 460 -16.34 40.51 -12.95
CA MET F 460 -16.82 40.20 -11.57
CA MET F 460 -16.87 40.15 -11.61
C MET F 460 -18.14 40.97 -11.34
C MET F 460 -18.14 40.97 -11.33
N GLU F 461 -18.20 42.25 -11.72
CA GLU F 461 -19.41 43.11 -11.57
C GLU F 461 -20.59 42.42 -12.25
N THR F 462 -20.43 41.97 -13.49
CA THR F 462 -21.51 41.34 -14.28
C THR F 462 -21.95 40.05 -13.58
N PHE F 463 -21.04 39.25 -13.01
CA PHE F 463 -21.37 37.92 -12.43
C PHE F 463 -21.84 38.02 -10.98
N LEU F 464 -21.69 39.18 -10.32
CA LEU F 464 -22.22 39.41 -8.95
C LEU F 464 -23.72 39.79 -9.01
N GLN F 465 -24.16 40.44 -10.09
CA GLN F 465 -25.52 41.04 -10.19
C GLN F 465 -26.58 39.96 -10.03
N GLY F 466 -26.45 38.86 -10.79
CA GLY F 466 -27.43 37.75 -10.84
C GLY F 466 -27.66 37.14 -9.46
N PRO F 467 -26.63 36.59 -8.79
CA PRO F 467 -26.78 35.96 -7.47
C PRO F 467 -27.36 36.87 -6.37
N PHE F 468 -27.10 38.17 -6.37
CA PHE F 468 -27.67 39.09 -5.36
C PHE F 468 -29.15 39.36 -5.71
N ALA F 469 -29.48 39.56 -6.98
CA ALA F 469 -30.88 39.71 -7.47
C ALA F 469 -31.68 38.46 -7.07
N GLU F 470 -31.14 37.27 -7.27
CA GLU F 470 -31.77 35.97 -6.94
C GLU F 470 -32.02 35.87 -5.43
N LEU F 471 -31.04 36.24 -4.61
CA LEU F 471 -31.19 36.17 -3.13
C LEU F 471 -32.30 37.14 -2.68
N ALA F 472 -32.26 38.40 -3.13
CA ALA F 472 -33.23 39.45 -2.76
C ALA F 472 -34.66 38.98 -3.11
N ASP F 473 -34.84 38.36 -4.29
CA ASP F 473 -36.17 37.91 -4.79
C ASP F 473 -36.67 36.73 -3.94
N ARG F 474 -35.77 35.87 -3.50
CA ARG F 474 -36.04 34.65 -2.71
C ARG F 474 -36.36 35.01 -1.25
N LEU F 475 -35.84 36.12 -0.72
CA LEU F 475 -35.93 36.39 0.74
C LEU F 475 -37.37 36.79 1.08
N SER F 476 -37.98 37.62 0.25
CA SER F 476 -39.30 38.24 0.51
C SER F 476 -39.78 38.95 -0.75
N ASP F 477 -41.10 39.05 -0.91
CA ASP F 477 -41.74 39.84 -2.00
C ASP F 477 -41.84 41.31 -1.61
N THR F 478 -41.68 41.67 -0.33
CA THR F 478 -41.87 43.09 0.10
C THR F 478 -40.58 43.67 0.70
N TYR F 479 -39.90 42.94 1.58
CA TYR F 479 -38.72 43.48 2.33
C TYR F 479 -37.43 43.15 1.58
N THR F 480 -36.51 44.12 1.56
CA THR F 480 -35.10 43.94 1.13
C THR F 480 -34.15 44.35 2.25
N PRO F 481 -33.25 43.46 2.70
CA PRO F 481 -32.24 43.85 3.69
C PRO F 481 -31.32 44.89 3.06
N PRO F 482 -30.87 45.91 3.84
CA PRO F 482 -29.87 46.85 3.38
C PRO F 482 -28.58 46.09 3.01
N ALA F 483 -27.74 46.71 2.19
CA ALA F 483 -26.54 46.09 1.56
C ALA F 483 -25.66 45.39 2.60
N ASP F 484 -25.39 46.05 3.74
CA ASP F 484 -24.48 45.55 4.81
C ASP F 484 -25.02 44.22 5.33
N LEU F 485 -26.35 44.08 5.46
CA LEU F 485 -26.97 42.82 5.92
C LEU F 485 -27.08 41.83 4.77
N MET F 486 -27.42 42.31 3.57
CA MET F 486 -27.59 41.42 2.39
C MET F 486 -26.32 40.61 2.14
N THR F 487 -25.13 41.23 2.24
CA THR F 487 -23.84 40.51 2.02
C THR F 487 -23.69 39.43 3.09
N ALA F 488 -23.98 39.72 4.35
CA ALA F 488 -23.88 38.71 5.42
C ALA F 488 -24.84 37.55 5.12
N ILE F 489 -26.04 37.84 4.62
CA ILE F 489 -27.05 36.76 4.36
C ILE F 489 -26.57 35.92 3.17
N MET F 490 -26.04 36.57 2.13
CA MET F 490 -25.50 35.89 0.91
C MET F 490 -24.52 34.79 1.34
N PHE F 491 -23.64 35.06 2.30
CA PHE F 491 -22.54 34.13 2.69
C PHE F 491 -22.86 33.40 3.99
N SER F 492 -24.10 33.43 4.45
CA SER F 492 -24.59 32.61 5.59
C SER F 492 -25.00 31.22 5.09
N GLU F 493 -25.20 30.26 5.99
CA GLU F 493 -25.69 28.89 5.69
C GLU F 493 -27.13 28.92 5.17
N ARG F 494 -27.52 27.91 4.40
CA ARG F 494 -28.86 27.81 3.77
C ARG F 494 -29.94 27.83 4.86
N GLU F 495 -29.68 27.18 6.01
CA GLU F 495 -30.60 27.10 7.17
C GLU F 495 -30.85 28.51 7.73
N GLN F 496 -29.80 29.35 7.80
CA GLN F 496 -29.89 30.75 8.29
C GLN F 496 -30.69 31.61 7.30
N GLN F 497 -30.53 31.38 6.00
CA GLN F 497 -31.29 32.11 4.95
C GLN F 497 -32.79 31.72 5.06
N ASP F 498 -33.06 30.43 5.24
CA ASP F 498 -34.44 29.87 5.34
C ASP F 498 -35.11 30.48 6.57
N GLU F 499 -34.42 30.51 7.72
CA GLU F 499 -34.93 31.13 8.96
C GLU F 499 -35.29 32.60 8.69
N LEU F 500 -34.49 33.34 7.91
CA LEU F 500 -34.76 34.77 7.60
C LEU F 500 -35.99 34.88 6.68
N ILE F 501 -36.15 33.94 5.75
CA ILE F 501 -37.35 33.92 4.83
C ILE F 501 -38.60 33.79 5.70
N ALA F 502 -38.57 32.88 6.68
CA ALA F 502 -39.66 32.66 7.67
C ALA F 502 -39.89 33.95 8.48
N TYR F 503 -38.84 34.55 9.02
CA TYR F 503 -38.92 35.82 9.80
C TYR F 503 -39.65 36.87 8.96
N TYR F 504 -39.22 37.14 7.73
CA TYR F 504 -39.79 38.21 6.89
C TYR F 504 -41.29 37.91 6.61
N ALA F 505 -41.63 36.63 6.42
CA ALA F 505 -43.00 36.17 6.13
C ALA F 505 -43.88 36.41 7.38
N ASP F 506 -43.40 36.06 8.58
CA ASP F 506 -44.10 36.28 9.87
C ASP F 506 -44.27 37.78 10.14
N VAL F 507 -43.32 38.64 9.77
CA VAL F 507 -43.43 40.10 9.95
C VAL F 507 -44.52 40.62 9.00
N HIS F 508 -44.55 40.11 7.77
CA HIS F 508 -45.53 40.58 6.75
C HIS F 508 -46.95 40.26 7.24
N ARG F 509 -47.12 39.05 7.76
CA ARG F 509 -48.36 38.49 8.37
C ARG F 509 -48.82 39.40 9.52
N GLU F 510 -47.90 39.81 10.39
CA GLU F 510 -48.22 40.61 11.60
C GLU F 510 -48.72 41.99 11.20
N TRP F 511 -48.13 42.61 10.18
CA TRP F 511 -48.34 44.06 9.92
C TRP F 511 -49.29 44.30 8.74
N HIS F 512 -49.62 43.26 7.95
CA HIS F 512 -50.45 43.42 6.72
C HIS F 512 -51.63 42.44 6.73
N GLN G 31 29.28 82.10 -51.99
CA GLN G 31 27.87 82.12 -52.50
C GLN G 31 27.01 82.95 -51.53
N THR G 32 25.76 83.22 -51.91
CA THR G 32 24.64 83.61 -51.01
C THR G 32 23.68 82.42 -50.84
N ASP G 33 24.11 81.24 -51.29
CA ASP G 33 23.37 79.94 -51.16
C ASP G 33 23.28 79.55 -49.68
N VAL G 34 22.14 79.01 -49.26
CA VAL G 34 21.95 78.46 -47.89
C VAL G 34 21.75 76.93 -47.96
N ILE G 35 22.50 76.20 -47.15
CA ILE G 35 22.29 74.75 -46.93
C ILE G 35 21.74 74.56 -45.51
N VAL G 36 20.56 73.93 -45.39
CA VAL G 36 20.02 73.43 -44.10
C VAL G 36 20.41 71.95 -44.00
N VAL G 37 21.15 71.59 -42.95
CA VAL G 37 21.54 70.18 -42.70
C VAL G 37 20.54 69.59 -41.69
N GLY G 38 19.62 68.74 -42.19
CA GLY G 38 18.67 68.01 -41.33
C GLY G 38 17.24 68.26 -41.77
N ASN G 39 16.41 67.23 -41.75
CA ASN G 39 15.05 67.24 -42.37
C ASN G 39 14.00 66.89 -41.31
N GLY G 40 14.29 67.19 -40.04
CA GLY G 40 13.28 67.10 -38.97
C GLY G 40 12.44 68.35 -38.95
N VAL G 41 11.67 68.57 -37.89
CA VAL G 41 10.84 69.78 -37.74
C VAL G 41 11.72 71.05 -37.78
N LEU G 42 12.90 71.04 -37.16
CA LEU G 42 13.73 72.24 -36.99
C LEU G 42 14.35 72.61 -38.34
N GLY G 43 14.97 71.66 -39.04
CA GLY G 43 15.55 71.89 -40.37
C GLY G 43 14.49 72.40 -41.36
N LEU G 44 13.37 71.71 -41.46
CA LEU G 44 12.28 72.07 -42.39
C LEU G 44 11.66 73.42 -42.00
N SER G 45 11.52 73.71 -40.70
CA SER G 45 10.90 74.96 -40.22
C SER G 45 11.81 76.15 -40.60
N VAL G 46 13.11 75.99 -40.42
CA VAL G 46 14.09 77.06 -40.74
C VAL G 46 14.20 77.16 -42.26
N GLY G 47 14.18 76.03 -42.97
CA GLY G 47 14.12 75.96 -44.44
C GLY G 47 12.97 76.78 -44.98
N VAL G 48 11.76 76.55 -44.46
CA VAL G 48 10.53 77.27 -44.88
C VAL G 48 10.72 78.78 -44.64
N GLU G 49 11.22 79.17 -43.47
CA GLU G 49 11.34 80.61 -43.12
C GLU G 49 12.40 81.29 -43.99
N ILE G 50 13.52 80.60 -44.27
CA ILE G 50 14.59 81.16 -45.14
C ILE G 50 14.05 81.30 -46.57
N ALA G 51 13.47 80.23 -47.12
CA ALA G 51 12.91 80.21 -48.49
C ALA G 51 11.88 81.32 -48.65
N ARG G 52 10.99 81.49 -47.66
CA ARG G 52 9.87 82.47 -47.75
C ARG G 52 10.39 83.91 -47.65
N THR G 53 11.46 84.18 -46.90
CA THR G 53 11.89 85.58 -46.59
C THR G 53 13.08 86.00 -47.46
N ARG G 54 13.75 85.07 -48.14
CA ARG G 54 14.87 85.34 -49.08
C ARG G 54 14.59 84.72 -50.45
N PRO G 55 13.56 85.18 -51.21
CA PRO G 55 13.20 84.55 -52.48
C PRO G 55 14.30 84.61 -53.56
N ASP G 56 15.26 85.53 -53.39
CA ASP G 56 16.40 85.77 -54.30
C ASP G 56 17.54 84.77 -54.06
N VAL G 57 17.48 83.94 -53.01
CA VAL G 57 18.57 83.00 -52.64
C VAL G 57 18.09 81.56 -52.80
N ARG G 58 19.03 80.69 -53.19
CA ARG G 58 18.86 79.22 -53.27
C ARG G 58 19.01 78.62 -51.87
N VAL G 59 17.96 78.01 -51.35
CA VAL G 59 18.04 77.24 -50.07
C VAL G 59 17.83 75.77 -50.41
N THR G 60 18.82 74.95 -50.04
CA THR G 60 18.84 73.48 -50.22
C THR G 60 18.78 72.82 -48.83
N LEU G 61 17.91 71.82 -48.66
CA LEU G 61 17.77 71.07 -47.39
C LEU G 61 18.21 69.61 -47.59
N LEU G 62 19.17 69.17 -46.77
CA LEU G 62 19.74 67.79 -46.78
C LEU G 62 18.99 66.90 -45.77
N GLY G 63 19.02 65.59 -46.00
CA GLY G 63 18.39 64.58 -45.11
C GLY G 63 17.59 63.57 -45.90
N LYS G 64 17.45 62.35 -45.39
CA LYS G 64 16.88 61.18 -46.09
C LYS G 64 15.49 60.86 -45.54
N PRO G 65 14.59 60.28 -46.37
CA PRO G 65 13.23 59.99 -45.95
C PRO G 65 13.14 59.05 -44.72
N ALA G 66 14.11 58.16 -44.52
CA ALA G 66 14.14 57.21 -43.38
C ALA G 66 14.17 57.97 -42.04
N ARG G 67 14.80 59.16 -42.01
CA ARG G 67 14.92 60.00 -40.77
C ARG G 67 15.39 59.11 -39.61
N GLN G 68 16.53 58.43 -39.77
CA GLN G 68 17.09 57.51 -38.76
C GLN G 68 17.22 58.24 -37.41
N TYR G 69 16.75 57.59 -36.32
CA TYR G 69 16.75 58.08 -34.92
C TYR G 69 15.94 59.38 -34.77
N GLY G 70 15.14 59.74 -35.79
CA GLY G 70 14.43 61.02 -35.85
C GLY G 70 13.46 61.20 -34.68
N ALA G 71 13.59 62.31 -33.95
CA ALA G 71 12.71 62.65 -32.82
C ALA G 71 11.32 63.01 -33.35
N THR G 72 11.25 63.85 -34.39
CA THR G 72 10.00 64.48 -34.86
C THR G 72 8.95 63.42 -35.20
N PRO G 73 9.26 62.37 -36.00
CA PRO G 73 8.24 61.39 -36.40
C PRO G 73 7.68 60.57 -35.23
N ALA G 74 8.43 60.46 -34.11
CA ALA G 74 8.02 59.68 -32.92
C ALA G 74 7.23 60.57 -31.94
N ALA G 75 7.06 61.85 -32.25
CA ALA G 75 6.39 62.85 -31.39
C ALA G 75 4.88 62.79 -31.67
N GLY G 76 4.09 63.14 -30.64
CA GLY G 76 2.62 63.07 -30.64
C GLY G 76 1.98 63.98 -31.67
N ALA G 77 2.17 65.30 -31.51
CA ALA G 77 3.08 65.90 -30.55
C ALA G 77 2.33 66.96 -29.79
N MET G 78 2.65 67.09 -28.50
CA MET G 78 2.08 68.16 -27.66
C MET G 78 2.79 69.47 -27.98
N LEU G 79 2.04 70.56 -28.06
CA LEU G 79 2.67 71.91 -28.13
C LEU G 79 2.86 72.35 -26.68
N GLY G 80 3.86 71.73 -26.04
CA GLY G 80 4.03 71.73 -24.58
C GLY G 80 4.76 72.99 -24.12
N ALA G 81 4.08 73.76 -23.28
CA ALA G 81 4.60 74.99 -22.65
C ALA G 81 4.32 74.91 -21.14
N PHE G 82 3.07 75.15 -20.74
CA PHE G 82 2.66 75.11 -19.32
C PHE G 82 2.65 73.65 -18.83
N GLY G 83 2.25 72.69 -19.67
CA GLY G 83 2.28 71.26 -19.29
C GLY G 83 3.68 70.78 -18.97
N GLU G 84 4.71 71.42 -19.54
CA GLU G 84 6.12 71.04 -19.37
C GLU G 84 6.73 71.66 -18.09
N VAL G 85 5.97 72.49 -17.38
CA VAL G 85 6.50 73.17 -16.17
C VAL G 85 6.80 72.14 -15.07
N THR G 86 7.99 72.23 -14.49
CA THR G 86 8.36 71.55 -13.24
C THR G 86 8.86 72.57 -12.21
N ALA G 87 8.65 72.28 -10.93
CA ALA G 87 9.21 73.06 -9.81
C ALA G 87 10.72 73.20 -10.02
N HIS G 88 11.44 72.13 -10.37
CA HIS G 88 12.90 72.11 -10.54
C HIS G 88 13.36 73.07 -11.66
N ALA G 89 12.69 73.04 -12.82
CA ALA G 89 13.01 73.93 -13.97
C ALA G 89 12.86 75.39 -13.56
N LEU G 90 11.73 75.76 -12.95
CA LEU G 90 11.39 77.16 -12.59
C LEU G 90 12.17 77.66 -11.35
N ALA G 91 12.96 76.81 -10.71
CA ALA G 91 13.85 77.17 -9.58
C ALA G 91 15.19 77.71 -10.08
N SER G 92 15.52 77.56 -11.37
CA SER G 92 16.80 78.05 -11.95
C SER G 92 16.51 79.20 -12.94
N GLU G 93 17.44 80.15 -13.05
CA GLU G 93 17.29 81.28 -14.01
C GLU G 93 17.22 80.71 -15.44
N HIS G 94 18.07 79.74 -15.78
CA HIS G 94 18.11 79.15 -17.16
C HIS G 94 16.77 78.46 -17.46
N GLY G 95 16.22 77.75 -16.49
CA GLY G 95 14.90 77.09 -16.62
C GLY G 95 13.79 78.10 -16.80
N ARG G 96 13.80 79.22 -16.08
CA ARG G 96 12.81 80.31 -16.25
C ARG G 96 12.93 80.88 -17.67
N LYS G 97 14.14 81.03 -18.19
CA LYS G 97 14.40 81.57 -19.56
C LYS G 97 13.82 80.61 -20.59
N LYS G 98 14.11 79.31 -20.47
CA LYS G 98 13.57 78.24 -21.35
C LYS G 98 12.04 78.33 -21.33
N HIS G 99 11.43 78.45 -20.16
CA HIS G 99 9.95 78.48 -20.03
C HIS G 99 9.40 79.70 -20.78
N ALA G 100 10.01 80.87 -20.64
CA ALA G 100 9.58 82.12 -21.30
C ALA G 100 9.52 81.89 -22.81
N LEU G 101 10.55 81.29 -23.38
CA LEU G 101 10.62 80.96 -24.84
C LEU G 101 9.48 80.01 -25.24
N ALA G 102 9.20 78.99 -24.43
CA ALA G 102 8.07 78.06 -24.71
C ALA G 102 6.77 78.86 -24.77
N VAL G 103 6.57 79.82 -23.86
CA VAL G 103 5.33 80.63 -23.82
C VAL G 103 5.26 81.52 -25.05
N GLN G 104 6.39 82.08 -25.49
CA GLN G 104 6.49 82.94 -26.69
C GLN G 104 6.18 82.12 -27.93
N ALA G 105 6.73 80.91 -28.05
CA ALA G 105 6.49 79.99 -29.19
C ALA G 105 5.01 79.66 -29.32
N GLN G 106 4.31 79.45 -28.20
CA GLN G 106 2.88 79.04 -28.20
C GLN G 106 2.07 80.08 -28.95
N ARG G 107 2.45 81.37 -28.88
CA ARG G 107 1.66 82.46 -29.51
C ARG G 107 1.82 82.40 -31.03
N LEU G 108 2.90 81.83 -31.55
CA LEU G 108 3.19 81.77 -33.00
C LEU G 108 2.41 80.64 -33.68
N TRP G 109 1.93 79.63 -32.94
CA TRP G 109 1.48 78.36 -33.56
C TRP G 109 0.24 78.55 -34.42
N PRO G 110 -0.81 79.28 -33.97
CA PRO G 110 -2.04 79.41 -34.77
C PRO G 110 -1.78 79.95 -36.20
N GLU G 111 -1.01 81.04 -36.32
CA GLU G 111 -0.70 81.68 -37.61
C GLU G 111 0.28 80.80 -38.41
N TRP G 112 1.22 80.15 -37.73
CA TRP G 112 2.20 79.24 -38.36
C TRP G 112 1.46 78.09 -39.05
N ILE G 113 0.52 77.45 -38.35
CA ILE G 113 -0.31 76.34 -38.89
C ILE G 113 -1.12 76.87 -40.09
N GLU G 114 -1.78 78.01 -39.93
CA GLU G 114 -2.56 78.69 -41.01
C GLU G 114 -1.69 78.82 -42.27
N SER G 115 -0.45 79.31 -42.13
CA SER G 115 0.50 79.57 -43.23
C SER G 115 0.95 78.25 -43.88
N LEU G 116 0.94 77.13 -43.14
CA LEU G 116 1.40 75.83 -43.69
C LEU G 116 0.23 75.12 -44.37
N GLU G 117 -0.96 75.18 -43.77
CA GLU G 117 -2.19 74.56 -44.34
C GLU G 117 -2.60 75.31 -45.61
N ALA G 118 -2.31 76.60 -45.70
CA ALA G 118 -2.62 77.48 -46.86
C ALA G 118 -2.01 76.95 -48.15
N THR G 119 -0.90 76.20 -48.09
CA THR G 119 -0.18 75.66 -49.27
C THR G 119 -0.77 74.31 -49.68
N GLY G 120 -1.76 73.80 -48.95
CA GLY G 120 -2.39 72.49 -49.22
C GLY G 120 -3.90 72.62 -49.41
N THR G 121 -4.61 71.49 -49.39
CA THR G 121 -6.08 71.39 -49.50
C THR G 121 -6.62 70.55 -48.32
N ALA G 122 -7.93 70.62 -48.06
CA ALA G 122 -8.62 69.90 -46.97
C ALA G 122 -8.15 68.44 -46.89
N ALA G 123 -7.91 67.81 -48.05
CA ALA G 123 -7.62 66.36 -48.19
C ALA G 123 -6.18 66.05 -47.76
N ASP G 124 -5.34 67.06 -47.51
CA ASP G 124 -3.98 66.88 -46.95
C ASP G 124 -4.06 66.56 -45.44
N GLY G 125 -5.21 66.78 -44.83
CA GLY G 125 -5.43 66.52 -43.40
C GLY G 125 -5.08 67.75 -42.60
N ARG G 126 -5.41 67.73 -41.31
CA ARG G 126 -5.28 68.91 -40.41
C ARG G 126 -4.05 68.69 -39.55
N ILE G 127 -3.23 69.73 -39.40
CA ILE G 127 -2.00 69.69 -38.57
C ILE G 127 -2.44 69.59 -37.09
N LYS G 128 -3.40 70.41 -36.67
CA LYS G 128 -3.86 70.50 -35.26
C LYS G 128 -4.80 69.33 -34.96
N THR G 129 -4.55 68.60 -33.87
CA THR G 129 -5.40 67.45 -33.45
C THR G 129 -6.13 67.75 -32.13
N ALA G 130 -5.71 68.79 -31.41
CA ALA G 130 -6.42 69.24 -30.20
C ALA G 130 -6.03 70.68 -29.92
N ASP G 131 -6.94 71.45 -29.33
CA ASP G 131 -6.71 72.87 -28.96
C ASP G 131 -6.28 73.00 -27.50
N ASP G 132 -6.75 72.08 -26.67
CA ASP G 132 -6.65 72.16 -25.20
C ASP G 132 -5.97 70.91 -24.64
N THR G 133 -5.49 71.03 -23.40
CA THR G 133 -4.80 69.97 -22.64
C THR G 133 -5.47 69.87 -21.27
N VAL G 134 -5.69 68.65 -20.78
CA VAL G 134 -6.03 68.40 -19.35
C VAL G 134 -4.82 67.74 -18.69
N VAL G 135 -4.33 68.32 -17.59
CA VAL G 135 -3.25 67.75 -16.74
C VAL G 135 -3.95 67.03 -15.59
N LEU G 136 -3.61 65.76 -15.39
CA LEU G 136 -4.23 64.90 -14.37
C LEU G 136 -3.22 64.69 -13.24
N LEU G 137 -3.71 64.71 -11.99
CA LEU G 137 -2.90 64.38 -10.82
C LEU G 137 -3.47 63.10 -10.21
N ASN G 138 -2.65 62.05 -10.23
CA ASN G 138 -2.97 60.75 -9.60
C ASN G 138 -1.83 60.46 -8.60
N THR G 139 -1.90 59.34 -7.90
CA THR G 139 -0.88 58.98 -6.87
C THR G 139 0.02 57.86 -7.37
N VAL G 140 0.12 57.65 -8.70
CA VAL G 140 1.05 56.66 -9.28
C VAL G 140 2.37 57.36 -9.58
N GLY G 141 2.99 57.86 -8.53
CA GLY G 141 4.20 58.66 -8.64
C GLY G 141 4.65 59.17 -7.31
N HIS G 142 5.80 59.85 -7.33
CA HIS G 142 6.44 60.45 -6.13
C HIS G 142 5.72 61.75 -5.81
N SER G 143 5.28 61.95 -4.56
CA SER G 143 4.71 63.24 -4.11
C SER G 143 5.71 64.38 -4.37
N ALA G 144 7.01 64.14 -4.18
CA ALA G 144 8.06 65.19 -4.31
C ALA G 144 8.20 65.68 -5.76
N LEU G 145 7.77 64.89 -6.75
CA LEU G 145 7.70 65.37 -8.15
C LEU G 145 6.27 65.82 -8.47
N ASP G 146 5.32 64.89 -8.49
CA ASP G 146 3.95 65.13 -9.04
C ASP G 146 3.24 66.25 -8.24
N ASP G 147 3.29 66.26 -6.91
CA ASP G 147 2.55 67.28 -6.11
C ASP G 147 3.24 68.64 -6.35
N ALA G 148 4.56 68.70 -6.29
CA ALA G 148 5.33 69.96 -6.49
C ALA G 148 5.11 70.47 -7.92
N ASN G 149 5.08 69.57 -8.90
CA ASN G 149 4.98 69.97 -10.33
C ASN G 149 3.57 70.48 -10.62
N PHE G 150 2.53 69.86 -10.08
CA PHE G 150 1.13 70.30 -10.29
C PHE G 150 0.97 71.75 -9.74
N ALA G 151 1.49 72.01 -8.54
CA ALA G 151 1.47 73.37 -7.91
C ALA G 151 2.25 74.36 -8.80
N ALA G 152 3.40 73.95 -9.36
CA ALA G 152 4.27 74.81 -10.19
C ALA G 152 3.56 75.17 -11.49
N VAL G 153 2.80 74.23 -12.08
CA VAL G 153 2.03 74.44 -13.33
C VAL G 153 0.96 75.51 -13.03
N LEU G 154 0.18 75.32 -11.97
CA LEU G 154 -0.90 76.26 -11.55
C LEU G 154 -0.31 77.66 -11.39
N THR G 155 0.83 77.76 -10.72
CA THR G 155 1.49 79.06 -10.42
C THR G 155 1.95 79.69 -11.75
N ALA G 156 2.60 78.93 -12.63
CA ALA G 156 3.13 79.43 -13.92
C ALA G 156 1.99 79.93 -14.81
N LEU G 157 0.84 79.25 -14.82
CA LEU G 157 -0.36 79.67 -15.58
C LEU G 157 -0.86 81.04 -15.06
N LYS G 158 -1.02 81.18 -13.74
CA LYS G 158 -1.50 82.44 -13.09
C LYS G 158 -0.51 83.58 -13.41
N GLU G 159 0.80 83.36 -13.23
CA GLU G 159 1.86 84.33 -13.50
C GLU G 159 1.80 84.81 -14.96
N ALA G 160 1.49 83.92 -15.92
CA ALA G 160 1.47 84.24 -17.37
C ALA G 160 0.12 84.82 -17.79
N ASN G 161 -0.86 84.89 -16.87
CA ASN G 161 -2.25 85.33 -17.20
C ASN G 161 -2.81 84.42 -18.32
N ALA G 162 -2.42 83.15 -18.35
CA ALA G 162 -2.90 82.16 -19.35
C ALA G 162 -4.29 81.70 -18.93
N PRO G 163 -5.22 81.46 -19.88
CA PRO G 163 -6.53 80.92 -19.55
C PRO G 163 -6.43 79.44 -19.15
N HIS G 164 -7.05 79.09 -18.02
CA HIS G 164 -6.99 77.73 -17.43
C HIS G 164 -8.04 77.65 -16.32
N GLU G 165 -8.39 76.44 -15.91
CA GLU G 165 -9.35 76.19 -14.81
C GLU G 165 -9.00 74.84 -14.19
N GLU G 166 -8.90 74.78 -12.86
CA GLU G 166 -8.95 73.50 -12.14
C GLU G 166 -10.39 73.01 -12.24
N ILE G 167 -10.59 71.79 -12.73
CA ILE G 167 -11.94 71.24 -13.00
C ILE G 167 -12.14 69.98 -12.15
N ALA G 168 -13.39 69.60 -11.96
CA ALA G 168 -13.76 68.33 -11.31
C ALA G 168 -13.27 67.19 -12.20
N VAL G 169 -12.69 66.15 -11.60
CA VAL G 169 -12.21 64.98 -12.37
C VAL G 169 -13.39 64.34 -13.09
N GLU G 170 -14.56 64.29 -12.47
CA GLU G 170 -15.80 63.71 -13.07
C GLU G 170 -16.15 64.44 -14.36
N SER G 171 -15.70 65.67 -14.57
CA SER G 171 -16.02 66.46 -15.79
C SER G 171 -15.01 66.17 -16.91
N VAL G 172 -13.92 65.43 -16.65
CA VAL G 172 -12.96 65.04 -17.71
C VAL G 172 -13.62 63.92 -18.53
N ASP G 173 -13.88 64.20 -19.80
CA ASP G 173 -14.63 63.24 -20.66
C ASP G 173 -13.68 62.12 -21.07
N TRP G 174 -14.27 61.00 -21.45
CA TRP G 174 -13.62 59.87 -22.16
C TRP G 174 -12.86 58.96 -21.19
N ILE G 175 -12.05 59.51 -20.27
CA ILE G 175 -11.11 58.70 -19.45
C ILE G 175 -11.88 57.61 -18.69
N ASP G 176 -11.24 56.46 -18.50
CA ASP G 176 -11.82 55.35 -17.72
C ASP G 176 -10.70 54.61 -16.99
N PRO G 177 -10.05 55.28 -16.02
CA PRO G 177 -8.89 54.71 -15.35
C PRO G 177 -9.29 53.59 -14.39
N ASP G 178 -8.32 52.74 -14.08
CA ASP G 178 -8.34 51.89 -12.86
C ASP G 178 -8.61 52.80 -11.65
N PRO G 179 -9.63 52.54 -10.83
CA PRO G 179 -9.90 53.35 -9.65
C PRO G 179 -8.67 53.59 -8.73
N ASN G 180 -7.79 52.59 -8.59
CA ASN G 180 -6.59 52.70 -7.73
C ASN G 180 -5.55 53.59 -8.43
N SER G 181 -5.72 53.91 -9.71
CA SER G 181 -4.78 54.74 -10.50
C SER G 181 -5.43 56.04 -10.96
N ARG G 182 -6.60 56.39 -10.43
CA ARG G 182 -7.45 57.47 -10.99
C ARG G 182 -6.92 58.83 -10.54
N PRO G 183 -7.20 59.90 -11.30
CA PRO G 183 -6.80 61.24 -10.88
C PRO G 183 -7.78 61.72 -9.81
N LEU G 184 -7.33 62.56 -8.90
CA LEU G 184 -8.23 63.23 -7.92
C LEU G 184 -8.25 64.74 -8.16
N ARG G 185 -7.32 65.25 -8.98
CA ARG G 185 -7.34 66.67 -9.42
C ARG G 185 -7.06 66.72 -10.93
N ALA G 186 -7.60 67.74 -11.58
CA ALA G 186 -7.47 67.93 -13.04
C ALA G 186 -7.43 69.43 -13.35
N LEU G 187 -6.64 69.78 -14.35
CA LEU G 187 -6.41 71.17 -14.75
C LEU G 187 -6.61 71.26 -16.27
N HIS G 188 -7.54 72.10 -16.72
CA HIS G 188 -7.80 72.41 -18.14
C HIS G 188 -6.96 73.62 -18.56
N ILE G 189 -6.07 73.43 -19.53
CA ILE G 189 -5.20 74.49 -20.12
C ILE G 189 -5.74 74.83 -21.50
N GLU G 190 -6.31 76.02 -21.64
CA GLU G 190 -6.92 76.49 -22.91
C GLU G 190 -5.82 76.91 -23.88
N GLY G 191 -5.88 76.47 -25.14
CA GLY G 191 -4.98 76.94 -26.20
C GLY G 191 -3.60 76.32 -26.09
N GLU G 192 -3.46 75.21 -25.35
CA GLU G 192 -2.24 74.37 -25.35
C GLU G 192 -2.67 73.00 -25.89
N GLY G 193 -2.30 72.72 -27.14
CA GLY G 193 -2.89 71.60 -27.87
C GLY G 193 -1.84 70.63 -28.36
N SER G 194 -2.14 70.07 -29.52
CA SER G 194 -1.29 69.05 -30.14
C SER G 194 -1.42 69.14 -31.66
N VAL G 195 -0.41 68.63 -32.33
CA VAL G 195 -0.34 68.52 -33.81
C VAL G 195 -0.05 67.07 -34.14
N ASP G 196 -0.42 66.64 -35.34
CA ASP G 196 0.01 65.37 -35.96
C ASP G 196 1.37 65.62 -36.58
N SER G 197 2.43 65.02 -36.01
CA SER G 197 3.83 65.30 -36.40
C SER G 197 4.05 64.89 -37.86
N GLY G 198 3.36 63.83 -38.32
CA GLY G 198 3.45 63.35 -39.72
C GLY G 198 2.84 64.34 -40.70
N ILE G 199 1.65 64.85 -40.36
CA ILE G 199 0.95 65.86 -41.18
C ILE G 199 1.72 67.19 -41.15
N LEU G 200 2.31 67.55 -40.01
CA LEU G 200 3.18 68.76 -39.90
C LEU G 200 4.39 68.60 -40.84
N LEU G 201 5.10 67.47 -40.82
CA LEU G 201 6.29 67.26 -41.67
C LEU G 201 5.89 67.35 -43.16
N ALA G 202 4.77 66.73 -43.54
CA ALA G 202 4.23 66.78 -44.92
C ALA G 202 3.93 68.24 -45.29
N ALA G 203 3.27 69.00 -44.41
CA ALA G 203 2.90 70.41 -44.68
C ALA G 203 4.18 71.27 -44.81
N LEU G 204 5.21 70.97 -44.03
CA LEU G 204 6.48 71.76 -44.06
C LEU G 204 7.20 71.51 -45.38
N GLU G 205 7.28 70.25 -45.82
CA GLU G 205 7.95 69.86 -47.10
C GLU G 205 7.24 70.55 -48.28
N ARG G 206 5.91 70.48 -48.31
CA ARG G 206 5.02 71.10 -49.34
C ARG G 206 5.25 72.62 -49.34
N SER G 207 5.27 73.25 -48.15
CA SER G 207 5.43 74.71 -48.00
C SER G 207 6.84 75.11 -48.43
N PHE G 208 7.83 74.26 -48.17
CA PHE G 208 9.25 74.50 -48.52
C PHE G 208 9.36 74.56 -50.04
N LEU G 209 8.78 73.58 -50.73
CA LEU G 209 8.82 73.48 -52.22
C LEU G 209 8.07 74.67 -52.83
N GLN G 210 6.89 75.00 -52.31
CA GLN G 210 6.07 76.16 -52.78
C GLN G 210 6.90 77.44 -52.73
N ALA G 211 7.80 77.57 -51.74
CA ALA G 211 8.59 78.80 -51.49
C ALA G 211 9.89 78.80 -52.32
N GLY G 212 10.14 77.74 -53.09
CA GLY G 212 11.30 77.66 -53.99
C GLY G 212 12.43 76.85 -53.41
N GLY G 213 12.22 76.18 -52.26
CA GLY G 213 13.28 75.39 -51.61
C GLY G 213 13.57 74.15 -52.42
N ARG G 214 14.81 73.64 -52.36
CA ARG G 214 15.15 72.36 -53.04
C ARG G 214 15.57 71.32 -51.99
N LEU G 215 14.97 70.13 -52.10
CA LEU G 215 15.26 68.95 -51.24
C LEU G 215 16.31 68.11 -51.96
N HIS G 216 17.43 67.86 -51.28
CA HIS G 216 18.52 66.97 -51.76
C HIS G 216 18.64 65.82 -50.77
N PRO G 217 18.07 64.63 -51.08
CA PRO G 217 17.97 63.54 -50.10
C PRO G 217 19.29 62.78 -49.88
N VAL G 218 20.31 63.51 -49.41
CA VAL G 218 21.62 62.93 -48.97
C VAL G 218 21.93 63.50 -47.58
N ASP G 219 22.90 62.92 -46.90
CA ASP G 219 23.38 63.40 -45.57
C ASP G 219 24.68 64.19 -45.77
N ALA G 220 24.84 65.29 -45.04
CA ALA G 220 26.12 66.00 -44.86
C ALA G 220 27.07 65.07 -44.11
N THR G 221 28.32 64.92 -44.55
CA THR G 221 29.39 64.21 -43.80
C THR G 221 30.33 65.22 -43.16
N GLU G 222 30.50 66.41 -43.74
CA GLU G 222 31.54 67.37 -43.31
C GLU G 222 31.09 68.81 -43.65
N ILE G 223 31.28 69.74 -42.72
CA ILE G 223 31.18 71.20 -43.01
C ILE G 223 32.57 71.68 -43.41
N ARG G 224 32.65 72.40 -44.53
CA ARG G 224 33.93 72.98 -45.02
C ARG G 224 34.00 74.45 -44.62
N ALA G 225 35.10 74.84 -43.98
CA ALA G 225 35.38 76.23 -43.56
C ALA G 225 36.88 76.51 -43.66
N SER G 226 37.23 77.75 -43.99
CA SER G 226 38.61 78.29 -43.93
C SER G 226 38.52 79.81 -43.81
N HIS G 227 39.56 80.43 -43.24
CA HIS G 227 39.64 81.90 -43.04
C HIS G 227 38.38 82.36 -42.29
N GLY G 228 37.97 81.57 -41.29
CA GLY G 228 36.90 81.86 -40.31
C GLY G 228 35.52 81.98 -40.94
N ARG G 229 35.25 81.28 -42.03
CA ARG G 229 33.99 81.44 -42.81
C ARG G 229 33.60 80.09 -43.44
N VAL G 230 32.30 79.78 -43.54
CA VAL G 230 31.82 78.52 -44.17
C VAL G 230 32.02 78.64 -45.69
N GLU G 231 32.43 77.53 -46.31
CA GLU G 231 32.53 77.37 -47.78
C GLU G 231 31.40 76.47 -48.28
N GLY G 232 30.97 75.49 -47.49
CA GLY G 232 29.82 74.61 -47.81
C GLY G 232 29.91 73.26 -47.14
N VAL G 233 29.36 72.22 -47.79
CA VAL G 233 29.10 70.89 -47.18
C VAL G 233 29.51 69.79 -48.15
N VAL G 234 30.31 68.82 -47.67
CA VAL G 234 30.54 67.51 -48.35
C VAL G 234 29.38 66.58 -47.97
N THR G 235 28.73 65.96 -48.96
CA THR G 235 27.61 65.00 -48.79
C THR G 235 28.15 63.57 -48.81
N ASP G 236 27.34 62.59 -48.39
CA ASP G 236 27.77 61.17 -48.19
C ASP G 236 27.79 60.43 -49.54
N ASP G 237 27.42 61.08 -50.65
CA ASP G 237 27.63 60.55 -52.02
C ASP G 237 28.89 61.19 -52.63
N GLY G 238 29.73 61.84 -51.81
CA GLY G 238 31.08 62.34 -52.20
C GLY G 238 31.06 63.77 -52.71
N ASP G 239 29.89 64.30 -53.05
CA ASP G 239 29.71 65.63 -53.70
C ASP G 239 30.10 66.76 -52.73
N PHE G 240 30.39 67.95 -53.24
CA PHE G 240 30.57 69.20 -52.46
C PHE G 240 29.53 70.24 -52.91
N LEU G 241 28.75 70.76 -51.96
CA LEU G 241 27.74 71.82 -52.22
C LEU G 241 28.28 73.12 -51.62
N PRO G 242 28.48 74.19 -52.41
CA PRO G 242 28.96 75.46 -51.88
C PRO G 242 27.83 76.23 -51.20
N ALA G 243 28.15 77.06 -50.20
CA ALA G 243 27.17 77.91 -49.49
C ALA G 243 27.88 79.03 -48.73
N GLY G 244 27.20 80.17 -48.60
CA GLY G 244 27.58 81.27 -47.71
C GLY G 244 27.00 81.07 -46.31
N HIS G 245 25.93 80.28 -46.17
CA HIS G 245 25.30 79.94 -44.86
C HIS G 245 25.04 78.43 -44.77
N VAL G 246 25.40 77.83 -43.63
CA VAL G 246 25.06 76.43 -43.27
C VAL G 246 24.37 76.46 -41.90
N VAL G 247 23.12 75.98 -41.86
CA VAL G 247 22.33 75.82 -40.60
C VAL G 247 22.31 74.33 -40.26
N VAL G 248 22.94 73.97 -39.15
CA VAL G 248 23.00 72.55 -38.68
C VAL G 248 21.78 72.31 -37.79
N ALA G 249 20.84 71.51 -38.26
CA ALA G 249 19.65 71.05 -37.50
C ALA G 249 19.51 69.53 -37.70
N ALA G 250 20.59 68.82 -37.38
CA ALA G 250 20.75 67.37 -37.61
C ALA G 250 20.42 66.57 -36.34
N GLY G 251 19.55 67.12 -35.48
CA GLY G 251 19.16 66.52 -34.19
C GLY G 251 20.37 66.08 -33.40
N ALA G 252 20.39 64.83 -32.90
CA ALA G 252 21.39 64.38 -31.92
C ALA G 252 22.77 64.27 -32.57
N ARG G 253 22.86 64.41 -33.90
CA ARG G 253 24.15 64.30 -34.65
C ARG G 253 24.79 65.71 -34.84
N SER G 254 24.11 66.79 -34.44
CA SER G 254 24.48 68.19 -34.79
C SER G 254 25.85 68.59 -34.23
N GLN G 255 26.16 68.28 -32.96
CA GLN G 255 27.46 68.66 -32.33
C GLN G 255 28.58 67.83 -32.95
N ARG G 256 28.36 66.54 -33.20
CA ARG G 256 29.38 65.62 -33.78
C ARG G 256 29.80 66.21 -35.13
N LEU G 257 28.88 66.85 -35.86
CA LEU G 257 29.12 67.38 -37.22
C LEU G 257 29.97 68.64 -37.17
N VAL G 258 29.72 69.54 -36.21
CA VAL G 258 30.42 70.86 -36.08
C VAL G 258 31.74 70.68 -35.30
N ALA G 259 31.83 69.67 -34.42
CA ALA G 259 32.99 69.45 -33.53
C ALA G 259 34.26 69.14 -34.34
N ALA G 260 34.12 68.71 -35.61
CA ALA G 260 35.24 68.37 -36.53
C ALA G 260 36.02 69.64 -36.93
N LEU G 261 35.40 70.82 -36.89
CA LEU G 261 36.06 72.12 -37.24
C LEU G 261 37.04 72.52 -36.15
N PRO G 262 38.12 73.28 -36.48
CA PRO G 262 39.21 73.54 -35.54
C PRO G 262 38.79 74.19 -34.20
N GLY G 263 39.18 73.58 -33.09
CA GLY G 263 38.95 74.10 -31.73
C GLY G 263 37.54 73.81 -31.22
N LEU G 264 36.62 73.39 -32.09
CA LEU G 264 35.18 73.37 -31.76
C LEU G 264 34.80 72.13 -30.92
N ALA G 265 35.67 71.13 -30.80
CA ALA G 265 35.43 69.88 -30.04
C ALA G 265 35.10 70.18 -28.58
N HIS G 266 35.70 71.22 -27.99
CA HIS G 266 35.50 71.56 -26.56
C HIS G 266 34.86 72.94 -26.41
N ARG G 267 34.29 73.48 -27.50
CA ARG G 267 33.58 74.79 -27.50
C ARG G 267 32.09 74.61 -27.80
N ILE G 268 31.69 73.49 -28.39
CA ILE G 268 30.26 73.14 -28.63
C ILE G 268 29.87 72.03 -27.65
N PRO G 269 28.99 72.29 -26.65
CA PRO G 269 28.56 71.24 -25.72
C PRO G 269 28.06 69.99 -26.46
N ARG G 270 28.49 68.84 -25.99
CA ARG G 270 28.04 67.53 -26.53
C ARG G 270 26.52 67.39 -26.42
N ILE G 271 25.96 66.66 -27.39
CA ILE G 271 24.52 66.29 -27.44
C ILE G 271 24.46 64.76 -27.45
N TYR G 272 23.66 64.16 -26.57
CA TYR G 272 23.44 62.69 -26.52
C TYR G 272 22.02 62.36 -27.03
N ASP G 273 21.70 61.07 -27.14
CA ASP G 273 20.38 60.56 -27.61
C ASP G 273 19.44 60.33 -26.43
N GLY G 274 18.43 61.19 -26.27
CA GLY G 274 17.31 61.00 -25.33
C GLY G 274 16.28 60.06 -25.95
N VAL G 275 16.55 58.76 -25.91
CA VAL G 275 15.74 57.73 -26.63
C VAL G 275 14.35 57.73 -26.01
N GLY G 276 13.35 57.94 -26.84
CA GLY G 276 11.95 58.00 -26.39
C GLY G 276 11.09 57.02 -27.16
N VAL G 277 10.21 56.36 -26.43
CA VAL G 277 9.29 55.34 -27.00
C VAL G 277 7.87 55.89 -26.90
N SER G 278 7.14 55.76 -27.99
CA SER G 278 5.71 56.11 -28.10
C SER G 278 5.01 55.00 -28.86
N ALA G 279 3.69 55.04 -28.95
CA ALA G 279 2.93 53.98 -29.64
C ALA G 279 1.67 54.59 -30.26
N LEU G 280 1.29 54.05 -31.41
CA LEU G 280 -0.02 54.31 -32.04
C LEU G 280 -0.91 53.12 -31.74
N VAL G 281 -2.10 53.40 -31.25
CA VAL G 281 -3.10 52.39 -30.82
C VAL G 281 -4.41 52.72 -31.55
N ASP G 282 -5.00 51.72 -32.21
CA ASP G 282 -6.39 51.81 -32.73
C ASP G 282 -7.33 51.50 -31.56
N THR G 283 -8.12 52.47 -31.13
CA THR G 283 -8.97 52.29 -29.94
C THR G 283 -10.08 51.29 -30.25
N TRP G 284 -10.46 50.52 -29.24
CA TRP G 284 -11.49 49.45 -29.28
C TRP G 284 -12.75 49.91 -30.03
N ASP G 285 -13.17 51.16 -29.88
CA ASP G 285 -14.46 51.68 -30.43
C ASP G 285 -14.22 52.85 -31.38
N GLY G 286 -12.97 53.10 -31.77
CA GLY G 286 -12.64 54.21 -32.66
C GLY G 286 -12.71 55.58 -31.99
N SER G 287 -13.04 55.66 -30.70
CA SER G 287 -13.16 56.96 -29.97
C SER G 287 -11.78 57.50 -29.60
N GLY G 288 -11.75 58.76 -29.18
CA GLY G 288 -10.56 59.41 -28.60
C GLY G 288 -10.99 60.59 -27.75
N PRO G 289 -10.13 61.13 -26.87
CA PRO G 289 -10.46 62.32 -26.10
C PRO G 289 -10.42 63.56 -27.00
N ALA G 290 -11.16 64.60 -26.62
CA ALA G 290 -11.27 65.88 -27.34
C ALA G 290 -10.03 66.73 -27.04
N THR G 291 -9.33 66.45 -25.93
CA THR G 291 -8.12 67.21 -25.52
C THR G 291 -6.93 66.27 -25.42
N VAL G 292 -5.72 66.82 -25.39
CA VAL G 292 -4.51 66.13 -24.86
C VAL G 292 -4.83 65.74 -23.42
N LEU G 293 -4.39 64.54 -23.01
CA LEU G 293 -4.43 64.10 -21.59
C LEU G 293 -2.99 63.85 -21.18
N ARG G 294 -2.54 64.41 -20.06
CA ARG G 294 -1.14 64.26 -19.63
C ARG G 294 -1.05 64.35 -18.11
N THR G 295 0.01 63.77 -17.56
CA THR G 295 0.55 64.09 -16.21
C THR G 295 1.58 65.18 -16.40
N SER G 296 2.11 65.73 -15.30
CA SER G 296 3.34 66.57 -15.36
C SER G 296 4.51 65.65 -15.71
N ASN G 297 5.66 66.24 -16.06
CA ASN G 297 6.91 65.48 -16.31
C ASN G 297 7.23 64.66 -15.07
N ARG G 298 7.73 63.45 -15.26
CA ARG G 298 7.99 62.48 -14.17
C ARG G 298 9.45 62.07 -14.20
N ALA G 299 9.79 60.95 -13.56
CA ALA G 299 11.20 60.52 -13.33
C ALA G 299 12.02 60.67 -14.63
N PHE G 300 13.10 61.46 -14.54
CA PHE G 300 14.11 61.62 -15.61
C PHE G 300 13.45 62.00 -16.95
N ALA G 301 12.52 62.96 -16.91
CA ALA G 301 11.86 63.56 -18.10
C ALA G 301 11.13 62.48 -18.92
N CYS G 302 10.76 61.35 -18.30
CA CYS G 302 9.61 60.51 -18.70
C CYS G 302 8.34 61.31 -18.41
N GLY G 303 7.20 60.89 -18.97
CA GLY G 303 5.88 61.49 -18.73
C GLY G 303 4.82 60.66 -19.41
N LEU G 304 3.58 60.72 -18.94
CA LEU G 304 2.47 59.97 -19.57
C LEU G 304 1.60 60.98 -20.29
N HIS G 305 1.30 60.74 -21.55
CA HIS G 305 0.32 61.56 -22.29
C HIS G 305 -0.35 60.77 -23.40
N LEU G 306 -1.53 61.22 -23.77
CA LEU G 306 -2.31 60.70 -24.91
C LEU G 306 -2.66 61.91 -25.76
N VAL G 307 -2.26 61.86 -27.03
CA VAL G 307 -2.52 62.90 -28.06
C VAL G 307 -3.55 62.34 -29.03
N PRO G 308 -4.69 63.02 -29.23
CA PRO G 308 -5.68 62.60 -30.21
C PRO G 308 -5.09 62.58 -31.62
N ARG G 309 -5.54 61.62 -32.43
CA ARG G 309 -5.26 61.54 -33.89
C ARG G 309 -6.58 61.32 -34.62
N ALA G 310 -6.64 61.64 -35.92
CA ALA G 310 -7.81 61.36 -36.77
C ALA G 310 -7.90 59.86 -37.06
N GLY G 311 -9.12 59.34 -37.27
CA GLY G 311 -9.36 57.98 -37.79
C GLY G 311 -9.21 56.86 -36.75
N GLY G 312 -9.69 57.07 -35.53
CA GLY G 312 -9.77 55.98 -34.53
C GLY G 312 -8.42 55.58 -33.96
N SER G 313 -7.38 56.37 -34.19
CA SER G 313 -6.02 56.15 -33.63
C SER G 313 -5.82 57.12 -32.44
N VAL G 314 -5.06 56.70 -31.44
CA VAL G 314 -4.51 57.63 -30.40
C VAL G 314 -2.99 57.39 -30.33
N TYR G 315 -2.25 58.44 -30.04
CA TYR G 315 -0.82 58.41 -29.75
C TYR G 315 -0.66 58.36 -28.23
N ILE G 316 0.14 57.45 -27.73
CA ILE G 316 0.50 57.39 -26.28
C ILE G 316 2.02 57.52 -26.18
N GLY G 317 2.46 58.32 -25.25
CA GLY G 317 3.90 58.47 -24.95
C GLY G 317 4.07 58.85 -23.47
N ALA G 318 5.32 59.06 -23.07
CA ALA G 318 6.49 58.79 -23.87
C ALA G 318 7.63 58.52 -22.88
N THR G 319 8.41 57.47 -23.11
CA THR G 319 9.56 57.16 -22.24
C THR G 319 10.69 58.12 -22.62
N ASN G 320 11.67 58.20 -21.77
CA ASN G 320 12.92 58.93 -22.07
C ASN G 320 14.05 58.21 -21.35
N ALA G 321 15.14 57.98 -22.06
CA ALA G 321 16.38 57.51 -21.43
C ALA G 321 17.50 58.18 -22.21
N VAL G 322 18.34 58.94 -21.53
CA VAL G 322 19.59 59.45 -22.13
C VAL G 322 20.52 58.25 -22.30
N CYS G 323 20.97 58.02 -23.54
CA CYS G 323 21.92 56.95 -23.89
C CYS G 323 23.19 57.60 -24.45
N LEU G 324 24.34 57.03 -24.09
CA LEU G 324 25.67 57.58 -24.48
C LEU G 324 25.94 57.18 -25.94
N GLU G 325 25.23 56.18 -26.48
CA GLU G 325 25.24 55.89 -27.94
C GLU G 325 23.79 55.78 -28.42
N PRO G 326 23.50 56.10 -29.69
CA PRO G 326 22.12 56.02 -30.20
C PRO G 326 21.57 54.57 -30.16
N ARG G 327 20.25 54.47 -30.09
CA ARG G 327 19.51 53.18 -30.05
C ARG G 327 18.24 53.42 -30.86
N GLY G 328 17.90 52.49 -31.75
CA GLY G 328 16.77 52.65 -32.68
C GLY G 328 15.61 51.72 -32.39
N ALA G 329 15.63 50.97 -31.28
CA ALA G 329 14.53 50.04 -30.94
C ALA G 329 14.18 50.22 -29.46
N ALA G 330 12.89 50.10 -29.13
CA ALA G 330 12.35 50.13 -27.78
C ALA G 330 12.88 48.93 -27.01
N SER G 331 13.16 49.12 -25.73
CA SER G 331 13.40 48.00 -24.80
C SER G 331 12.04 47.43 -24.41
N ILE G 332 12.04 46.16 -23.97
CA ILE G 332 10.82 45.51 -23.42
C ILE G 332 10.30 46.38 -22.26
N GLU G 333 11.16 46.80 -21.37
CA GLU G 333 10.81 47.58 -20.15
C GLU G 333 10.04 48.87 -20.53
N GLU G 334 10.52 49.59 -21.54
CA GLU G 334 9.93 50.88 -22.01
C GLU G 334 8.51 50.64 -22.51
N THR G 335 8.33 49.61 -23.33
CA THR G 335 7.02 49.20 -23.90
C THR G 335 6.05 48.86 -22.78
N VAL G 336 6.45 47.98 -21.86
CA VAL G 336 5.56 47.53 -20.74
C VAL G 336 5.20 48.76 -19.90
N PHE G 337 6.16 49.61 -19.55
CA PHE G 337 5.92 50.76 -18.64
C PHE G 337 4.92 51.70 -19.32
N LEU G 338 5.11 52.04 -20.58
CA LEU G 338 4.21 52.95 -21.32
C LEU G 338 2.77 52.38 -21.36
N PHE G 339 2.63 51.11 -21.75
CA PHE G 339 1.31 50.46 -21.88
C PHE G 339 0.64 50.38 -20.51
N ASN G 340 1.40 50.00 -19.50
CA ASN G 340 0.85 49.86 -18.13
C ASN G 340 0.33 51.21 -17.62
N CYS G 341 1.10 52.28 -17.81
CA CYS G 341 0.72 53.64 -17.38
C CYS G 341 -0.57 54.06 -18.07
N ALA G 342 -0.65 53.91 -19.39
CA ALA G 342 -1.79 54.40 -20.20
C ALA G 342 -3.06 53.61 -19.86
N THR G 343 -2.97 52.29 -19.75
CA THR G 343 -4.16 51.43 -19.53
C THR G 343 -4.71 51.66 -18.12
N HIS G 344 -3.86 51.91 -17.11
CA HIS G 344 -4.33 52.11 -15.72
C HIS G 344 -4.79 53.55 -15.49
N GLN G 345 -3.99 54.52 -15.95
CA GLN G 345 -4.08 55.94 -15.51
C GLN G 345 -4.99 56.72 -16.45
N LEU G 346 -5.14 56.28 -17.72
CA LEU G 346 -5.98 57.02 -18.70
C LEU G 346 -7.25 56.25 -19.08
N HIS G 347 -7.12 55.04 -19.65
CA HIS G 347 -8.32 54.32 -20.14
C HIS G 347 -8.06 52.82 -20.22
N ARG G 348 -8.82 52.05 -19.44
CA ARG G 348 -8.72 50.58 -19.37
C ARG G 348 -9.12 49.95 -20.71
N GLY G 349 -9.95 50.65 -21.50
CA GLY G 349 -10.29 50.25 -22.87
C GLY G 349 -9.07 50.09 -23.76
N LEU G 350 -7.97 50.79 -23.47
CA LEU G 350 -6.74 50.66 -24.30
C LEU G 350 -6.18 49.25 -24.15
N ASN G 351 -6.49 48.56 -23.06
CA ASN G 351 -5.99 47.19 -22.80
C ASN G 351 -6.43 46.26 -23.93
N GLY G 352 -7.68 46.38 -24.39
CA GLY G 352 -8.26 45.55 -25.45
C GLY G 352 -8.08 46.15 -26.82
N SER G 353 -7.38 47.29 -26.91
CA SER G 353 -7.19 48.01 -28.19
C SER G 353 -6.00 47.39 -28.92
N GLU G 354 -5.93 47.61 -30.23
CA GLU G 354 -4.89 47.02 -31.09
C GLU G 354 -3.68 47.96 -31.15
N LEU G 355 -2.51 47.39 -30.91
CA LEU G 355 -1.20 48.05 -31.10
C LEU G 355 -0.92 48.15 -32.59
N ARG G 356 -0.82 49.36 -33.13
CA ARG G 356 -0.50 49.61 -34.57
C ARG G 356 1.01 49.73 -34.74
N LYS G 357 1.71 50.42 -33.85
CA LYS G 357 3.14 50.74 -34.06
C LYS G 357 3.77 51.17 -32.74
N VAL G 358 4.93 50.62 -32.42
CA VAL G 358 5.87 51.14 -31.40
C VAL G 358 6.89 52.02 -32.12
N GLN G 359 6.99 53.28 -31.72
CA GLN G 359 7.85 54.29 -32.38
C GLN G 359 8.99 54.62 -31.44
N VAL G 360 10.17 54.84 -32.00
CA VAL G 360 11.40 55.22 -31.27
C VAL G 360 12.03 56.39 -32.01
N GLY G 361 12.36 57.47 -31.28
CA GLY G 361 13.17 58.61 -31.80
C GLY G 361 14.12 59.11 -30.73
N SER G 362 15.12 59.90 -31.13
CA SER G 362 16.18 60.41 -30.21
C SER G 362 15.96 61.89 -29.98
N ARG G 363 15.52 62.25 -28.79
CA ARG G 363 15.56 63.66 -28.30
C ARG G 363 17.01 64.10 -28.25
N PRO G 364 17.42 65.19 -28.93
CA PRO G 364 18.79 65.71 -28.79
C PRO G 364 18.97 66.21 -27.35
N ALA G 365 19.82 65.52 -26.58
CA ALA G 365 19.97 65.73 -25.11
C ALA G 365 21.29 66.47 -24.85
N PRO G 366 21.29 67.80 -24.69
CA PRO G 366 22.54 68.54 -24.49
C PRO G 366 23.16 68.21 -23.11
N ILE G 367 24.47 68.05 -23.04
CA ILE G 367 25.18 67.62 -21.79
C ILE G 367 24.97 68.62 -20.65
N ASP G 368 24.70 69.91 -20.92
CA ASP G 368 24.54 70.96 -19.87
C ASP G 368 23.06 71.30 -19.70
N GLY G 369 22.15 70.62 -20.40
CA GLY G 369 20.70 70.67 -20.12
C GLY G 369 19.98 71.78 -20.86
N PHE G 370 20.66 72.50 -21.74
CA PHE G 370 20.05 73.65 -22.44
C PHE G 370 20.38 73.58 -23.92
N PRO G 371 19.48 74.11 -24.78
CA PRO G 371 19.67 74.04 -26.22
C PRO G 371 20.89 74.79 -26.74
N LEU G 372 21.23 74.49 -27.99
CA LEU G 372 22.32 75.13 -28.78
C LEU G 372 21.65 75.84 -29.97
N ILE G 373 21.46 77.16 -29.84
CA ILE G 373 20.68 77.98 -30.81
C ILE G 373 21.50 79.22 -31.14
N GLY G 374 21.91 79.35 -32.40
CA GLY G 374 22.41 80.63 -32.91
C GLY G 374 23.72 80.47 -33.62
N GLY G 375 24.52 81.53 -33.54
CA GLY G 375 25.77 81.68 -34.30
C GLY G 375 26.94 81.07 -33.61
N THR G 376 28.04 81.07 -34.34
CA THR G 376 29.28 80.32 -34.08
C THR G 376 30.43 81.33 -34.28
N SER G 377 31.67 80.97 -33.93
CA SER G 377 32.88 81.76 -34.26
C SER G 377 33.21 81.65 -35.76
N VAL G 378 32.50 80.80 -36.49
CA VAL G 378 32.63 80.63 -37.97
C VAL G 378 31.50 81.40 -38.65
N GLU G 379 31.86 82.39 -39.48
CA GLU G 379 30.91 83.26 -40.22
C GLU G 379 30.01 82.37 -41.09
N GLY G 380 28.70 82.56 -41.01
CA GLY G 380 27.73 81.81 -41.84
C GLY G 380 27.40 80.41 -41.27
N LEU G 381 27.98 80.02 -40.13
CA LEU G 381 27.65 78.70 -39.50
C LEU G 381 26.69 78.94 -38.33
N TRP G 382 25.52 78.29 -38.40
CA TRP G 382 24.42 78.39 -37.41
C TRP G 382 24.06 76.99 -36.93
N MET G 383 23.57 76.91 -35.69
CA MET G 383 23.11 75.63 -35.09
C MET G 383 21.72 75.83 -34.51
N LEU G 384 20.89 74.79 -34.66
CA LEU G 384 19.53 74.71 -34.08
C LEU G 384 19.36 73.27 -33.58
N SER G 385 19.71 73.02 -32.31
CA SER G 385 19.79 71.65 -31.78
C SER G 385 19.78 71.63 -30.25
N GLY G 386 19.75 70.43 -29.68
CA GLY G 386 19.79 70.20 -28.22
C GLY G 386 18.49 70.60 -27.56
N THR G 387 17.39 70.42 -28.27
CA THR G 387 16.05 70.90 -27.83
C THR G 387 15.33 69.84 -26.98
N TYR G 388 15.87 68.62 -26.89
CA TYR G 388 15.40 67.59 -25.92
C TYR G 388 13.89 67.36 -26.11
N ARG G 389 13.03 67.81 -25.19
CA ARG G 389 11.58 67.48 -25.16
C ARG G 389 10.73 68.43 -26.01
N ASP G 390 11.24 69.59 -26.46
CA ASP G 390 10.33 70.66 -26.97
C ASP G 390 10.94 71.46 -28.13
N GLY G 391 11.75 70.83 -28.97
CA GLY G 391 12.21 71.39 -30.25
C GLY G 391 11.06 71.61 -31.23
N LEU G 392 10.18 70.64 -31.31
CA LEU G 392 8.97 70.72 -32.17
C LEU G 392 8.13 71.91 -31.73
N HIS G 393 7.81 72.01 -30.44
CA HIS G 393 7.01 73.14 -29.91
C HIS G 393 7.70 74.48 -30.23
N MET G 394 9.00 74.57 -30.07
CA MET G 394 9.72 75.87 -30.19
C MET G 394 10.08 76.16 -31.65
N SER G 395 9.88 75.22 -32.56
CA SER G 395 10.32 75.29 -33.99
C SER G 395 9.99 76.65 -34.64
N PRO G 396 8.75 77.19 -34.60
CA PRO G 396 8.47 78.44 -35.31
C PRO G 396 9.29 79.61 -34.75
N LEU G 397 9.45 79.66 -33.42
CA LEU G 397 10.24 80.70 -32.74
C LEU G 397 11.72 80.51 -33.09
N LEU G 398 12.24 79.29 -33.04
CA LEU G 398 13.69 79.03 -33.27
C LEU G 398 14.05 79.36 -34.72
N ALA G 399 13.18 79.01 -35.65
CA ALA G 399 13.36 79.31 -37.09
C ALA G 399 13.51 80.84 -37.28
N ARG G 400 12.57 81.60 -36.72
CA ARG G 400 12.50 83.08 -36.84
C ARG G 400 13.72 83.71 -36.18
N HIS G 401 14.18 83.15 -35.06
CA HIS G 401 15.39 83.62 -34.35
C HIS G 401 16.59 83.51 -35.29
N VAL G 402 16.84 82.31 -35.83
CA VAL G 402 18.04 82.08 -36.68
C VAL G 402 17.95 82.94 -37.95
N VAL G 403 16.76 83.07 -38.55
CA VAL G 403 16.57 83.87 -39.79
C VAL G 403 16.87 85.36 -39.49
N SER G 404 16.43 85.88 -38.35
CA SER G 404 16.74 87.25 -37.89
C SER G 404 18.27 87.41 -37.75
N LEU G 405 18.94 86.46 -37.10
CA LEU G 405 20.43 86.50 -36.92
C LEU G 405 21.12 86.51 -38.29
N MET G 406 20.67 85.69 -39.22
CA MET G 406 21.29 85.57 -40.57
C MET G 406 21.13 86.86 -41.38
N ASP G 407 20.11 87.66 -41.05
CA ASP G 407 19.78 88.95 -41.72
C ASP G 407 20.41 90.11 -40.95
N GLY G 408 21.29 89.83 -39.98
CA GLY G 408 22.01 90.82 -39.18
C GLY G 408 21.21 91.37 -38.01
N GLY G 409 20.03 90.80 -37.72
CA GLY G 409 19.19 91.17 -36.56
C GLY G 409 19.71 90.54 -35.28
N THR G 410 18.98 90.72 -34.17
CA THR G 410 19.31 90.13 -32.85
C THR G 410 18.28 89.04 -32.49
N GLY G 411 17.37 88.70 -33.40
CA GLY G 411 16.38 87.63 -33.21
C GLY G 411 15.57 87.82 -31.94
N VAL G 412 15.36 86.75 -31.18
CA VAL G 412 14.48 86.73 -29.99
C VAL G 412 15.34 87.01 -28.75
N ASP G 413 14.87 87.96 -27.92
CA ASP G 413 15.43 88.28 -26.59
C ASP G 413 15.38 87.02 -25.75
N GLY G 414 16.47 86.67 -25.05
CA GLY G 414 16.47 85.58 -24.07
C GLY G 414 17.02 84.28 -24.63
N LEU G 415 17.54 84.29 -25.86
CA LEU G 415 18.23 83.09 -26.45
C LEU G 415 19.76 83.18 -26.27
N ARG G 416 20.32 84.27 -25.76
CA ARG G 416 21.78 84.55 -25.77
C ARG G 416 22.54 83.52 -24.90
N GLU G 417 21.98 83.16 -23.75
CA GLU G 417 22.61 82.15 -22.84
C GLU G 417 22.74 80.81 -23.55
N PHE G 418 21.98 80.59 -24.62
CA PHE G 418 21.84 79.26 -25.29
C PHE G 418 22.60 79.24 -26.63
N ARG G 419 23.46 80.23 -26.84
CA ARG G 419 24.41 80.30 -27.99
C ARG G 419 25.17 78.98 -28.02
N PRO G 420 25.39 78.38 -29.19
CA PRO G 420 25.98 77.03 -29.29
C PRO G 420 27.45 76.93 -28.90
N GLU G 421 28.22 78.01 -29.07
CA GLU G 421 29.66 78.01 -28.72
C GLU G 421 29.79 78.63 -27.33
N ARG G 422 30.00 77.80 -26.32
CA ARG G 422 29.89 78.23 -24.90
C ARG G 422 30.62 77.22 -24.02
N ASP G 423 31.11 77.71 -22.89
CA ASP G 423 31.41 76.88 -21.70
C ASP G 423 30.13 76.14 -21.34
N LEU G 424 30.23 74.93 -20.79
CA LEU G 424 29.03 74.20 -20.27
C LEU G 424 28.35 75.09 -19.24
N ILE G 425 27.04 75.22 -19.34
CA ILE G 425 26.22 75.94 -18.33
C ILE G 425 26.22 75.12 -17.03
N SER G 426 26.26 75.81 -15.89
CA SER G 426 26.02 75.23 -14.55
C SER G 426 24.76 75.86 -13.97
N ALA G 427 23.59 75.36 -14.36
CA ALA G 427 22.28 75.98 -14.04
C ALA G 427 21.85 75.70 -12.60
N TRP G 428 22.47 74.69 -11.97
CA TRP G 428 22.13 74.25 -10.60
C TRP G 428 23.42 74.00 -9.82
N SER G 429 23.34 74.11 -8.49
CA SER G 429 24.40 73.62 -7.56
C SER G 429 24.48 72.09 -7.64
N ARG G 430 25.65 71.54 -7.34
CA ARG G 430 25.88 70.08 -7.26
C ARG G 430 24.90 69.50 -6.23
N GLU G 431 24.68 70.19 -5.12
CA GLU G 431 23.75 69.79 -4.03
C GLU G 431 22.32 69.66 -4.59
N GLU G 432 21.86 70.64 -5.38
CA GLU G 432 20.51 70.63 -6.00
C GLU G 432 20.38 69.39 -6.90
N ILE G 433 21.38 69.12 -7.73
CA ILE G 433 21.35 68.00 -8.71
C ILE G 433 21.34 66.68 -7.95
N LEU G 434 22.14 66.56 -6.89
CA LEU G 434 22.21 65.35 -6.06
C LEU G 434 20.85 65.10 -5.40
N ASP G 435 20.17 66.10 -4.85
CA ASP G 435 18.80 65.94 -4.31
C ASP G 435 17.87 65.44 -5.43
N ASP G 436 17.95 66.06 -6.62
CA ASP G 436 17.10 65.75 -7.80
C ASP G 436 17.34 64.28 -8.23
N VAL G 437 18.58 63.83 -8.35
CA VAL G 437 18.87 62.50 -8.95
C VAL G 437 18.36 61.40 -8.01
N VAL G 438 18.49 61.59 -6.69
CA VAL G 438 17.99 60.59 -5.70
C VAL G 438 16.46 60.56 -5.76
N ARG G 439 15.85 61.74 -5.79
CA ARG G 439 14.37 61.90 -5.84
C ARG G 439 13.82 61.27 -7.13
N HIS G 440 14.46 61.49 -8.29
CA HIS G 440 14.01 60.91 -9.58
C HIS G 440 14.23 59.39 -9.56
N THR G 441 15.32 58.90 -8.97
CA THR G 441 15.57 57.45 -8.83
C THR G 441 14.42 56.82 -8.03
N MET G 442 14.07 57.39 -6.89
CA MET G 442 12.98 56.92 -6.03
C MET G 442 11.65 56.98 -6.80
N ALA G 443 11.47 58.02 -7.63
CA ALA G 443 10.25 58.23 -8.44
C ALA G 443 10.07 57.07 -9.43
N THR G 444 11.13 56.44 -9.93
CA THR G 444 11.01 55.27 -10.84
C THR G 444 10.28 54.15 -10.10
N GLY G 445 10.45 54.06 -8.78
CA GLY G 445 9.76 53.07 -7.95
C GLY G 445 8.29 53.40 -7.81
N TYR G 446 7.98 54.62 -7.39
CA TYR G 446 6.59 55.04 -7.12
C TYR G 446 5.77 55.07 -8.41
N GLU G 447 6.42 55.28 -9.55
CA GLU G 447 5.70 55.35 -10.85
C GLU G 447 5.41 53.95 -11.39
N PHE G 448 6.06 52.91 -10.88
CA PHE G 448 5.92 51.52 -11.42
C PHE G 448 4.47 51.06 -11.39
N PRO G 449 3.68 51.12 -10.30
CA PRO G 449 4.14 51.49 -8.96
C PRO G 449 4.60 50.23 -8.21
N TRP G 450 5.62 50.35 -7.39
CA TRP G 450 6.12 49.18 -6.63
C TRP G 450 5.22 48.94 -5.42
N ARG G 451 5.39 47.77 -4.80
CA ARG G 451 4.83 47.45 -3.47
C ARG G 451 5.99 46.87 -2.64
N LEU G 452 6.41 47.59 -1.59
CA LEU G 452 7.64 47.29 -0.79
C LEU G 452 7.24 47.35 0.67
N PRO G 453 8.03 46.74 1.60
CA PRO G 453 7.90 47.05 3.02
C PRO G 453 8.10 48.55 3.25
N LEU G 454 7.37 49.12 4.22
CA LEU G 454 7.28 50.59 4.39
C LEU G 454 8.64 51.20 4.78
N GLU G 455 9.55 50.44 5.36
CA GLU G 455 10.88 50.98 5.79
C GLU G 455 11.84 51.01 4.59
N TRP G 456 11.57 50.27 3.51
CA TRP G 456 12.56 50.09 2.43
C TRP G 456 12.85 51.41 1.71
N PRO G 457 11.84 52.22 1.32
CA PRO G 457 12.12 53.47 0.60
C PRO G 457 13.09 54.41 1.35
N HIS G 458 12.90 54.63 2.64
CA HIS G 458 13.81 55.49 3.44
C HIS G 458 15.23 54.89 3.43
N MET G 459 15.36 53.57 3.58
CA MET G 459 16.67 52.91 3.53
C MET G 459 17.32 53.15 2.15
N MET G 460 16.57 52.94 1.07
CA MET G 460 17.13 53.10 -0.30
C MET G 460 17.57 54.56 -0.49
N GLU G 461 16.77 55.53 -0.06
CA GLU G 461 17.08 56.98 -0.18
C GLU G 461 18.43 57.25 0.48
N THR G 462 18.64 56.76 1.70
CA THR G 462 19.88 56.99 2.48
C THR G 462 21.06 56.36 1.72
N PHE G 463 20.92 55.19 1.13
CA PHE G 463 22.05 54.44 0.50
C PHE G 463 22.29 54.85 -0.96
N LEU G 464 21.39 55.63 -1.56
CA LEU G 464 21.59 56.20 -2.92
C LEU G 464 22.44 57.48 -2.86
N GLN G 465 22.38 58.22 -1.75
CA GLN G 465 23.03 59.54 -1.63
C GLN G 465 24.54 59.44 -1.84
N GLY G 466 25.19 58.50 -1.15
CA GLY G 466 26.65 58.31 -1.16
C GLY G 466 27.20 58.05 -2.55
N PRO G 467 26.76 56.98 -3.25
CA PRO G 467 27.28 56.67 -4.58
C PRO G 467 27.08 57.77 -5.65
N PHE G 468 26.01 58.57 -5.59
CA PHE G 468 25.80 59.68 -6.55
C PHE G 468 26.73 60.85 -6.18
N ALA G 469 26.87 61.17 -4.89
CA ALA G 469 27.81 62.19 -4.39
C ALA G 469 29.24 61.84 -4.84
N GLU G 470 29.63 60.57 -4.71
CA GLU G 470 30.97 60.05 -5.09
C GLU G 470 31.18 60.22 -6.60
N LEU G 471 30.18 59.88 -7.42
CA LEU G 471 30.29 60.00 -8.90
C LEU G 471 30.46 61.48 -9.28
N ALA G 472 29.61 62.35 -8.76
CA ALA G 472 29.61 63.80 -9.07
C ALA G 472 30.98 64.41 -8.72
N ASP G 473 31.55 64.02 -7.57
CA ASP G 473 32.86 64.55 -7.08
C ASP G 473 34.00 64.05 -7.98
N ARG G 474 33.90 62.83 -8.48
CA ARG G 474 34.91 62.15 -9.33
C ARG G 474 34.86 62.70 -10.77
N LEU G 475 33.72 63.19 -11.25
CA LEU G 475 33.55 63.53 -12.68
C LEU G 475 34.34 64.80 -13.00
N SER G 476 34.27 65.79 -12.11
CA SER G 476 34.83 67.15 -12.31
C SER G 476 34.74 67.94 -11.01
N ASP G 477 35.62 68.91 -10.82
CA ASP G 477 35.59 69.87 -9.70
C ASP G 477 34.65 71.03 -10.01
N THR G 478 34.24 71.23 -11.27
CA THR G 478 33.43 72.43 -11.63
C THR G 478 32.08 72.00 -12.23
N TYR G 479 32.07 71.03 -13.15
CA TYR G 479 30.83 70.64 -13.88
C TYR G 479 30.13 69.48 -13.17
N THR G 480 28.80 69.57 -13.12
CA THR G 480 27.90 68.48 -12.70
C THR G 480 26.88 68.21 -13.80
N PRO G 481 26.80 66.96 -14.32
CA PRO G 481 25.79 66.61 -15.29
C PRO G 481 24.41 66.75 -14.64
N PRO G 482 23.39 67.21 -15.41
CA PRO G 482 22.02 67.21 -14.92
C PRO G 482 21.57 65.78 -14.59
N ALA G 483 20.55 65.64 -13.76
CA ALA G 483 20.07 64.35 -13.19
C ALA G 483 19.89 63.30 -14.30
N ASP G 484 19.22 63.66 -15.40
CA ASP G 484 18.88 62.74 -16.52
C ASP G 484 20.17 62.14 -17.09
N LEU G 485 21.24 62.92 -17.19
CA LEU G 485 22.55 62.43 -17.70
C LEU G 485 23.30 61.72 -16.57
N MET G 486 23.24 62.23 -15.35
CA MET G 486 23.98 61.64 -14.20
C MET G 486 23.57 60.18 -14.02
N THR G 487 22.28 59.85 -14.11
CA THR G 487 21.81 58.45 -13.94
C THR G 487 22.39 57.58 -15.07
N ALA G 488 22.40 58.05 -16.32
CA ALA G 488 22.98 57.28 -17.43
C ALA G 488 24.48 57.06 -17.17
N ILE G 489 25.18 58.05 -16.64
CA ILE G 489 26.65 57.92 -16.40
C ILE G 489 26.87 56.93 -15.25
N MET G 490 26.06 57.01 -14.19
CA MET G 490 26.14 56.10 -13.01
C MET G 490 26.15 54.65 -13.48
N PHE G 491 25.30 54.30 -14.44
CA PHE G 491 25.11 52.89 -14.88
C PHE G 491 25.83 52.60 -16.21
N SER G 492 26.72 53.48 -16.65
CA SER G 492 27.58 53.24 -17.83
C SER G 492 28.85 52.50 -17.38
N GLU G 493 29.63 51.97 -18.33
CA GLU G 493 30.93 51.29 -18.08
C GLU G 493 31.98 52.30 -17.54
N ARG G 494 32.96 51.79 -16.81
CA ARG G 494 34.05 52.61 -16.21
C ARG G 494 34.80 53.37 -17.31
N GLU G 495 34.98 52.75 -18.49
CA GLU G 495 35.67 53.38 -19.67
C GLU G 495 34.89 54.62 -20.14
N GLN G 496 33.55 54.53 -20.15
CA GLN G 496 32.66 55.65 -20.57
C GLN G 496 32.71 56.77 -19.52
N GLN G 497 32.80 56.43 -18.23
CA GLN G 497 32.91 57.44 -17.14
C GLN G 497 34.25 58.17 -17.27
N ASP G 498 35.32 57.41 -17.52
CA ASP G 498 36.70 57.93 -17.66
C ASP G 498 36.74 58.91 -18.84
N GLU G 499 36.18 58.51 -19.98
CA GLU G 499 36.09 59.36 -21.19
C GLU G 499 35.37 60.68 -20.83
N LEU G 500 34.31 60.65 -20.01
CA LEU G 500 33.57 61.88 -19.62
C LEU G 500 34.44 62.75 -18.71
N ILE G 501 35.21 62.13 -17.81
CA ILE G 501 36.15 62.87 -16.91
C ILE G 501 37.13 63.67 -17.79
N ALA G 502 37.69 63.02 -18.82
CA ALA G 502 38.61 63.63 -19.80
C ALA G 502 37.90 64.77 -20.55
N TYR G 503 36.67 64.52 -21.06
CA TYR G 503 35.89 65.56 -21.79
C TYR G 503 35.74 66.79 -20.89
N TYR G 504 35.26 66.64 -19.65
CA TYR G 504 35.01 67.78 -18.74
C TYR G 504 36.32 68.54 -18.48
N ALA G 505 37.43 67.82 -18.36
CA ALA G 505 38.78 68.40 -18.11
C ALA G 505 39.22 69.22 -19.33
N ASP G 506 39.04 68.70 -20.55
CA ASP G 506 39.36 69.41 -21.83
C ASP G 506 38.49 70.66 -21.99
N VAL G 507 37.23 70.61 -21.58
CA VAL G 507 36.32 71.79 -21.66
C VAL G 507 36.82 72.85 -20.66
N HIS G 508 37.22 72.42 -19.45
CA HIS G 508 37.66 73.36 -18.39
C HIS G 508 38.91 74.11 -18.88
N ARG G 509 39.84 73.35 -19.48
CA ARG G 509 41.10 73.81 -20.10
C ARG G 509 40.80 74.87 -21.17
N GLU G 510 39.83 74.61 -22.04
CA GLU G 510 39.49 75.51 -23.17
C GLU G 510 38.94 76.83 -22.65
N TRP G 511 38.11 76.82 -21.61
CA TRP G 511 37.30 78.00 -21.24
C TRP G 511 37.87 78.74 -20.01
N HIS G 512 38.84 78.16 -19.30
CA HIS G 512 39.38 78.74 -18.04
C HIS G 512 40.91 78.83 -18.09
N VAL H 34 -2.65 18.95 -59.57
CA VAL H 34 -2.98 19.16 -58.14
C VAL H 34 -2.82 20.65 -57.80
N ILE H 35 -3.83 21.21 -57.14
CA ILE H 35 -3.76 22.58 -56.53
C ILE H 35 -3.72 22.43 -55.00
N VAL H 36 -2.67 22.95 -54.37
CA VAL H 36 -2.62 23.12 -52.88
C VAL H 36 -3.07 24.56 -52.58
N VAL H 37 -4.14 24.71 -51.80
CA VAL H 37 -4.66 26.04 -51.37
C VAL H 37 -4.07 26.35 -49.99
N GLY H 38 -3.09 27.25 -49.94
CA GLY H 38 -2.47 27.72 -48.68
C GLY H 38 -0.97 27.52 -48.67
N ASN H 39 -0.24 28.50 -48.15
CA ASN H 39 1.24 28.58 -48.25
C ASN H 39 1.85 28.64 -46.85
N GLY H 40 1.19 28.06 -45.87
CA GLY H 40 1.75 27.83 -44.53
C GLY H 40 2.59 26.57 -44.54
N VAL H 41 2.98 26.10 -43.35
CA VAL H 41 3.78 24.86 -43.20
C VAL H 41 3.04 23.66 -43.79
N LEU H 42 1.71 23.56 -43.61
CA LEU H 42 0.95 22.36 -44.00
C LEU H 42 0.81 22.32 -45.52
N GLY H 43 0.39 23.42 -46.14
CA GLY H 43 0.30 23.54 -47.62
C GLY H 43 1.62 23.24 -48.29
N LEU H 44 2.69 23.91 -47.84
CA LEU H 44 4.04 23.75 -48.44
C LEU H 44 4.56 22.34 -48.17
N SER H 45 4.31 21.76 -46.99
CA SER H 45 4.81 20.41 -46.64
C SER H 45 4.15 19.37 -47.53
N VAL H 46 2.85 19.50 -47.76
CA VAL H 46 2.10 18.54 -48.62
C VAL H 46 2.49 18.81 -50.08
N GLY H 47 2.66 20.07 -50.46
CA GLY H 47 3.19 20.48 -51.79
C GLY H 47 4.50 19.80 -52.09
N VAL H 48 5.47 19.87 -51.16
CA VAL H 48 6.81 19.25 -51.31
C VAL H 48 6.65 17.74 -51.49
N GLU H 49 5.82 17.09 -50.66
CA GLU H 49 5.68 15.61 -50.68
C GLU H 49 4.98 15.17 -51.97
N ILE H 50 3.98 15.91 -52.46
CA ILE H 50 3.28 15.60 -53.74
C ILE H 50 4.27 15.78 -54.89
N ALA H 51 4.94 16.93 -54.97
CA ALA H 51 5.90 17.25 -56.05
C ALA H 51 7.00 16.18 -56.10
N ARG H 52 7.52 15.78 -54.94
CA ARG H 52 8.66 14.83 -54.86
C ARG H 52 8.23 13.41 -55.25
N THR H 53 6.99 12.99 -54.96
CA THR H 53 6.57 11.57 -55.11
C THR H 53 5.73 11.36 -56.37
N ARG H 54 5.27 12.43 -57.03
CA ARG H 54 4.50 12.39 -58.31
C ARG H 54 5.17 13.29 -59.35
N PRO H 55 6.40 12.98 -59.83
CA PRO H 55 7.13 13.86 -60.74
C PRO H 55 6.42 14.06 -62.10
N ASP H 56 5.49 13.16 -62.44
CA ASP H 56 4.70 13.16 -63.70
C ASP H 56 3.52 14.14 -63.62
N VAL H 57 3.22 14.72 -62.44
CA VAL H 57 2.03 15.61 -62.25
C VAL H 57 2.47 17.04 -61.93
N ARG H 58 1.70 17.99 -62.43
CA ARG H 58 1.83 19.44 -62.15
C ARG H 58 1.17 19.73 -60.80
N VAL H 59 1.95 20.21 -59.83
CA VAL H 59 1.38 20.68 -58.53
C VAL H 59 1.63 22.19 -58.45
N THR H 60 0.55 22.94 -58.27
CA THR H 60 0.51 24.42 -58.10
C THR H 60 0.08 24.75 -56.67
N LEU H 61 0.78 25.66 -56.01
CA LEU H 61 0.47 26.09 -54.61
C LEU H 61 0.07 27.57 -54.61
N LEU H 62 -1.13 27.84 -54.09
CA LEU H 62 -1.72 29.20 -53.97
C LEU H 62 -1.39 29.80 -52.60
N GLY H 63 -1.42 31.13 -52.52
CA GLY H 63 -1.13 31.90 -51.29
C GLY H 63 -0.14 33.02 -51.55
N LYS H 64 -0.23 34.10 -50.78
CA LYS H 64 0.50 35.37 -51.01
C LYS H 64 1.66 35.50 -50.04
N PRO H 65 2.72 36.25 -50.41
CA PRO H 65 3.88 36.43 -49.53
C PRO H 65 3.53 37.08 -48.18
N ALA H 66 2.49 37.92 -48.11
CA ALA H 66 2.03 38.60 -46.88
C ALA H 66 1.61 37.57 -45.82
N ARG H 67 1.09 36.41 -46.25
CA ARG H 67 0.61 35.33 -45.34
C ARG H 67 -0.29 35.96 -44.26
N GLN H 68 -1.34 36.67 -44.69
CA GLN H 68 -2.29 37.35 -43.78
C GLN H 68 -2.84 36.32 -42.78
N TYR H 69 -2.85 36.68 -41.48
CA TYR H 69 -3.32 35.86 -40.33
C TYR H 69 -2.51 34.57 -40.19
N GLY H 70 -1.39 34.45 -40.89
CA GLY H 70 -0.60 33.19 -40.98
C GLY H 70 -0.09 32.72 -39.62
N ALA H 71 -0.40 31.49 -39.23
CA ALA H 71 0.05 30.88 -37.96
C ALA H 71 1.56 30.62 -38.03
N THR H 72 2.01 30.02 -39.13
CA THR H 72 3.37 29.45 -39.25
C THR H 72 4.43 30.54 -39.01
N PRO H 73 4.36 31.73 -39.65
CA PRO H 73 5.39 32.75 -39.46
C PRO H 73 5.47 33.30 -38.02
N ALA H 74 4.40 33.19 -37.23
CA ALA H 74 4.34 33.69 -35.83
C ALA H 74 4.82 32.61 -34.85
N ALA H 75 5.14 31.41 -35.34
CA ALA H 75 5.56 30.25 -34.50
C ALA H 75 7.07 30.31 -34.24
N GLY H 76 7.51 29.75 -33.13
CA GLY H 76 8.90 29.80 -32.64
C GLY H 76 9.89 29.10 -33.57
N ALA H 77 9.72 27.79 -33.76
CA ALA H 77 8.61 27.01 -33.24
C ALA H 77 9.19 25.81 -32.50
N MET H 78 8.50 25.39 -31.44
CA MET H 78 8.86 24.17 -30.68
C MET H 78 8.36 22.97 -31.48
N LEU H 79 9.16 21.91 -31.54
CA LEU H 79 8.70 20.60 -32.04
C LEU H 79 8.08 19.87 -30.85
N GLY H 80 6.89 20.34 -30.47
CA GLY H 80 6.22 20.04 -29.19
C GLY H 80 5.47 18.73 -29.28
N ALA H 81 5.87 17.78 -28.44
CA ALA H 81 5.23 16.47 -28.25
C ALA H 81 4.98 16.27 -26.75
N PHE H 82 6.03 15.92 -25.99
CA PHE H 82 5.93 15.70 -24.54
C PHE H 82 5.68 17.04 -23.82
N GLY H 83 6.29 18.14 -24.28
CA GLY H 83 6.07 19.49 -23.70
C GLY H 83 4.61 19.91 -23.80
N GLU H 84 3.88 19.38 -24.79
CA GLU H 84 2.46 19.74 -25.04
C GLU H 84 1.51 18.91 -24.20
N VAL H 85 2.01 17.96 -23.42
CA VAL H 85 1.14 17.06 -22.62
C VAL H 85 0.43 17.86 -21.52
N THR H 86 -0.90 17.69 -21.43
CA THR H 86 -1.70 18.14 -20.27
C THR H 86 -2.47 16.97 -19.68
N ALA H 87 -2.71 17.01 -18.37
CA ALA H 87 -3.57 16.03 -17.68
C ALA H 87 -4.92 15.95 -18.42
N HIS H 88 -5.52 17.08 -18.78
CA HIS H 88 -6.85 17.15 -19.42
C HIS H 88 -6.85 16.45 -20.79
N ALA H 89 -5.83 16.69 -21.62
CA ALA H 89 -5.69 16.08 -22.96
C ALA H 89 -5.58 14.55 -22.83
N LEU H 90 -4.72 14.05 -21.95
CA LEU H 90 -4.44 12.60 -21.79
C LEU H 90 -5.55 11.87 -21.01
N ALA H 91 -6.57 12.59 -20.53
CA ALA H 91 -7.75 12.02 -19.85
C ALA H 91 -8.81 11.59 -20.87
N SER H 92 -8.70 12.01 -22.14
CA SER H 92 -9.66 11.64 -23.22
C SER H 92 -8.97 10.72 -24.23
N GLU H 93 -9.74 9.81 -24.83
CA GLU H 93 -9.22 8.88 -25.87
C GLU H 93 -8.69 9.71 -27.06
N HIS H 94 -9.41 10.74 -27.48
CA HIS H 94 -9.04 11.60 -28.65
C HIS H 94 -7.72 12.33 -28.34
N GLY H 95 -7.57 12.82 -27.12
CA GLY H 95 -6.32 13.47 -26.68
C GLY H 95 -5.15 12.50 -26.66
N ARG H 96 -5.35 11.27 -26.19
CA ARG H 96 -4.29 10.24 -26.20
C ARG H 96 -3.89 9.93 -27.66
N LYS H 97 -4.84 9.90 -28.58
CA LYS H 97 -4.59 9.62 -30.02
C LYS H 97 -3.74 10.76 -30.60
N LYS H 98 -4.14 12.01 -30.36
CA LYS H 98 -3.39 13.21 -30.79
C LYS H 98 -1.96 13.13 -30.26
N HIS H 99 -1.78 12.78 -28.99
CA HIS H 99 -0.42 12.71 -28.37
C HIS H 99 0.43 11.66 -29.11
N ALA H 100 -0.13 10.50 -29.40
CA ALA H 100 0.58 9.39 -30.09
C ALA H 100 1.13 9.89 -31.42
N LEU H 101 0.31 10.61 -32.19
CA LEU H 101 0.71 11.20 -33.51
C LEU H 101 1.87 12.18 -33.32
N ALA H 102 1.81 13.04 -32.29
CA ALA H 102 2.90 14.00 -31.99
C ALA H 102 4.19 13.22 -31.75
N VAL H 103 4.14 12.11 -31.01
CA VAL H 103 5.36 11.30 -30.70
C VAL H 103 5.90 10.68 -32.00
N GLN H 104 5.01 10.21 -32.88
CA GLN H 104 5.38 9.62 -34.20
C GLN H 104 6.03 10.67 -35.09
N ALA H 105 5.45 11.87 -35.15
CA ALA H 105 5.95 13.00 -35.97
C ALA H 105 7.39 13.36 -35.57
N GLN H 106 7.70 13.33 -34.26
CA GLN H 106 9.03 13.73 -33.75
C GLN H 106 10.12 12.90 -34.43
N ARG H 107 9.84 11.63 -34.73
CA ARG H 107 10.85 10.69 -35.29
C ARG H 107 11.16 11.07 -36.75
N LEU H 108 10.24 11.74 -37.45
CA LEU H 108 10.43 12.10 -38.89
C LEU H 108 11.31 13.34 -39.05
N TRP H 109 11.47 14.17 -38.02
CA TRP H 109 12.01 15.54 -38.19
C TRP H 109 13.46 15.55 -38.66
N PRO H 110 14.38 14.74 -38.07
CA PRO H 110 15.79 14.82 -38.46
C PRO H 110 16.03 14.61 -39.97
N GLU H 111 15.42 13.58 -40.57
CA GLU H 111 15.57 13.26 -42.01
C GLU H 111 14.81 14.29 -42.86
N TRP H 112 13.66 14.75 -42.38
CA TRP H 112 12.86 15.79 -43.07
C TRP H 112 13.69 17.07 -43.22
N ILE H 113 14.32 17.53 -42.14
CA ILE H 113 15.19 18.74 -42.13
C ILE H 113 16.36 18.51 -43.10
N GLU H 114 17.02 17.36 -43.00
CA GLU H 114 18.15 16.95 -43.89
C GLU H 114 17.73 17.13 -45.37
N SER H 115 16.55 16.62 -45.72
CA SER H 115 16.00 16.63 -47.10
C SER H 115 15.66 18.05 -47.56
N LEU H 116 15.36 18.96 -46.62
CA LEU H 116 15.00 20.37 -46.97
C LEU H 116 16.28 21.22 -47.09
N GLU H 117 17.22 21.02 -46.17
CA GLU H 117 18.52 21.76 -46.18
C GLU H 117 19.34 21.34 -47.40
N ALA H 118 19.18 20.10 -47.87
CA ALA H 118 19.92 19.52 -49.03
C ALA H 118 19.70 20.37 -50.29
N THR H 119 18.56 21.07 -50.41
CA THR H 119 18.19 21.87 -51.60
C THR H 119 18.77 23.28 -51.51
N GLY H 120 19.46 23.61 -50.41
CA GLY H 120 20.03 24.95 -50.18
C GLY H 120 21.51 24.90 -49.91
N THR H 121 22.07 26.03 -49.44
CA THR H 121 23.51 26.21 -49.12
C THR H 121 23.63 26.74 -47.69
N ALA H 122 24.83 26.66 -47.10
CA ALA H 122 25.17 27.11 -45.72
C ALA H 122 24.53 28.48 -45.44
N ALA H 123 24.52 29.37 -46.43
CA ALA H 123 24.12 30.79 -46.29
C ALA H 123 22.58 30.92 -46.18
N ASP H 124 21.83 29.85 -46.43
CA ASP H 124 20.36 29.83 -46.25
C ASP H 124 20.02 29.71 -44.75
N GLY H 125 20.99 29.34 -43.91
CA GLY H 125 20.79 29.22 -42.46
C GLY H 125 20.26 27.84 -42.09
N ARG H 126 20.18 27.56 -40.80
CA ARG H 126 19.87 26.21 -40.27
C ARG H 126 18.42 26.19 -39.79
N ILE H 127 17.68 25.15 -40.15
CA ILE H 127 16.25 24.99 -39.76
C ILE H 127 16.21 24.72 -38.25
N LYS H 128 17.03 23.82 -37.73
CA LYS H 128 17.02 23.39 -36.31
C LYS H 128 17.73 24.45 -35.46
N THR H 129 17.10 24.92 -34.38
CA THR H 129 17.70 25.94 -33.47
C THR H 129 17.98 25.35 -32.09
N ALA H 130 17.42 24.18 -31.76
CA ALA H 130 17.71 23.51 -30.48
C ALA H 130 17.33 22.04 -30.58
N ASP H 131 18.03 21.18 -29.87
CA ASP H 131 17.79 19.71 -29.86
C ASP H 131 16.94 19.31 -28.66
N ASP H 132 17.05 20.04 -27.55
CA ASP H 132 16.46 19.65 -26.25
C ASP H 132 15.56 20.77 -25.71
N THR H 133 14.71 20.41 -24.76
CA THR H 133 13.73 21.31 -24.09
C THR H 133 13.91 21.14 -22.58
N VAL H 134 13.88 22.25 -21.83
CA VAL H 134 13.72 22.22 -20.36
C VAL H 134 12.33 22.78 -20.03
N VAL H 135 11.53 22.00 -19.27
CA VAL H 135 10.19 22.40 -18.76
C VAL H 135 10.41 22.89 -17.33
N LEU H 136 9.95 24.10 -17.05
CA LEU H 136 10.11 24.73 -15.72
C LEU H 136 8.77 24.73 -15.00
N LEU H 137 8.78 24.44 -13.71
CA LEU H 137 7.60 24.56 -12.84
C LEU H 137 7.86 25.70 -11.84
N ASN H 138 7.05 26.74 -11.94
CA ASN H 138 7.06 27.90 -11.00
C ASN H 138 5.65 28.02 -10.42
N THR H 139 5.41 28.98 -9.54
CA THR H 139 4.09 29.16 -8.88
C THR H 139 3.35 30.36 -9.46
N VAL H 140 3.71 30.81 -10.66
CA VAL H 140 3.01 31.94 -11.34
C VAL H 140 1.91 31.33 -12.20
N GLY H 141 0.98 30.65 -11.55
CA GLY H 141 -0.07 29.92 -12.24
C GLY H 141 -0.93 29.17 -11.25
N HIS H 142 -1.96 28.52 -11.77
CA HIS H 142 -2.92 27.71 -10.99
C HIS H 142 -2.29 26.34 -10.70
N SER H 143 -2.28 25.91 -9.45
CA SER H 143 -1.86 24.53 -9.07
C SER H 143 -2.66 23.48 -9.86
N ALA H 144 -3.96 23.71 -10.09
CA ALA H 144 -4.84 22.73 -10.77
C ALA H 144 -4.44 22.52 -12.23
N LEU H 145 -3.74 23.47 -12.84
CA LEU H 145 -3.18 23.26 -14.20
C LEU H 145 -1.70 22.87 -14.10
N ASP H 146 -0.85 23.78 -13.62
CA ASP H 146 0.63 23.63 -13.68
C ASP H 146 1.08 22.36 -12.94
N ASP H 147 0.59 22.10 -11.72
CA ASP H 147 1.06 20.93 -10.92
C ASP H 147 0.57 19.65 -11.63
N ALA H 148 -0.70 19.59 -12.05
CA ALA H 148 -1.28 18.41 -12.73
C ALA H 148 -0.55 18.17 -14.04
N ASN H 149 -0.22 19.24 -14.78
CA ASN H 149 0.38 19.13 -16.13
C ASN H 149 1.82 18.64 -16.00
N PHE H 150 2.58 19.14 -15.03
CA PHE H 150 3.97 18.71 -14.82
C PHE H 150 4.02 17.19 -14.52
N ALA H 151 3.13 16.70 -13.65
CA ALA H 151 3.00 15.27 -13.30
C ALA H 151 2.64 14.47 -14.58
N ALA H 152 1.73 14.99 -15.42
CA ALA H 152 1.25 14.31 -16.64
C ALA H 152 2.38 14.20 -17.66
N VAL H 153 3.25 15.22 -17.76
CA VAL H 153 4.43 15.24 -18.68
C VAL H 153 5.38 14.13 -18.22
N LEU H 154 5.74 14.10 -16.93
CA LEU H 154 6.65 13.10 -16.35
C LEU H 154 6.11 11.69 -16.67
N THR H 155 4.82 11.48 -16.47
CA THR H 155 4.16 10.17 -16.67
C THR H 155 4.24 9.79 -18.16
N ALA H 156 3.90 10.71 -19.06
CA ALA H 156 3.86 10.45 -20.52
C ALA H 156 5.26 10.12 -21.03
N LEU H 157 6.31 10.79 -20.51
CA LEU H 157 7.72 10.49 -20.87
C LEU H 157 8.08 9.04 -20.46
N LYS H 158 7.78 8.66 -19.21
CA LYS H 158 8.08 7.32 -18.67
C LYS H 158 7.33 6.24 -19.49
N GLU H 159 6.03 6.45 -19.72
CA GLU H 159 5.17 5.54 -20.51
C GLU H 159 5.75 5.34 -21.92
N ALA H 160 6.32 6.37 -22.55
CA ALA H 160 6.87 6.31 -23.93
C ALA H 160 8.30 5.80 -23.93
N ASN H 161 8.91 5.56 -22.78
CA ASN H 161 10.35 5.19 -22.65
C ASN H 161 11.21 6.27 -23.33
N ALA H 162 10.78 7.53 -23.29
CA ALA H 162 11.52 8.67 -23.89
C ALA H 162 12.67 9.05 -22.98
N PRO H 163 13.84 9.44 -23.52
CA PRO H 163 14.94 9.92 -22.68
C PRO H 163 14.63 11.30 -22.07
N HIS H 164 14.81 11.43 -20.76
CA HIS H 164 14.50 12.66 -19.98
C HIS H 164 15.11 12.52 -18.59
N GLU H 165 15.24 13.62 -17.85
CA GLU H 165 15.49 13.57 -16.40
C GLU H 165 15.08 14.87 -15.73
N GLU H 166 14.51 14.72 -14.54
CA GLU H 166 14.24 15.85 -13.64
C GLU H 166 15.59 16.31 -13.12
N ILE H 167 15.88 17.60 -13.26
CA ILE H 167 17.20 18.18 -12.93
C ILE H 167 17.03 19.26 -11.86
N ALA H 168 18.10 19.55 -11.14
CA ALA H 168 18.17 20.68 -10.19
C ALA H 168 17.98 21.98 -10.99
N VAL H 169 17.18 22.89 -10.46
CA VAL H 169 16.91 24.18 -11.14
C VAL H 169 18.24 24.94 -11.26
N GLU H 170 19.12 24.85 -10.25
CA GLU H 170 20.46 25.47 -10.25
C GLU H 170 21.29 25.03 -11.46
N SER H 171 20.99 23.86 -12.04
CA SER H 171 21.76 23.32 -13.19
C SER H 171 21.20 23.81 -14.51
N VAL H 172 20.04 24.51 -14.53
CA VAL H 172 19.51 25.09 -15.79
C VAL H 172 20.36 26.32 -16.13
N ASP H 173 21.05 26.29 -17.25
CA ASP H 173 21.99 27.38 -17.63
C ASP H 173 21.16 28.58 -18.12
N TRP H 174 21.78 29.75 -18.10
CA TRP H 174 21.33 30.98 -18.81
C TRP H 174 20.25 31.71 -18.00
N ILE H 175 19.21 31.02 -17.52
CA ILE H 175 18.00 31.66 -16.94
C ILE H 175 18.42 32.57 -15.78
N ASP H 176 17.68 33.66 -15.60
CA ASP H 176 17.90 34.60 -14.48
C ASP H 176 16.57 35.20 -14.04
N PRO H 177 15.68 34.36 -13.48
CA PRO H 177 14.33 34.81 -13.15
C PRO H 177 14.33 35.72 -11.93
N ASP H 178 13.27 36.52 -11.81
CA ASP H 178 12.85 37.11 -10.51
C ASP H 178 12.73 35.99 -9.48
N PRO H 179 13.42 36.06 -8.33
CA PRO H 179 13.31 35.03 -7.29
C PRO H 179 11.88 34.66 -6.90
N ASN H 180 10.96 35.63 -6.85
CA ASN H 180 9.53 35.37 -6.51
C ASN H 180 8.82 34.66 -7.66
N SER H 181 9.42 34.59 -8.85
CA SER H 181 8.82 33.95 -10.05
C SER H 181 9.64 32.74 -10.50
N ARG H 182 10.60 32.27 -9.68
CA ARG H 182 11.62 31.30 -10.11
C ARG H 182 11.02 29.90 -10.12
N PRO H 183 11.58 28.98 -10.94
CA PRO H 183 11.12 27.60 -10.93
C PRO H 183 11.70 26.90 -9.70
N LEU H 184 10.98 25.91 -9.18
CA LEU H 184 11.51 25.04 -8.09
C LEU H 184 11.70 23.60 -8.59
N ARG H 185 11.16 23.28 -9.76
CA ARG H 185 11.40 21.98 -10.44
C ARG H 185 11.67 22.25 -11.92
N ALA H 186 12.46 21.37 -12.53
CA ALA H 186 12.87 21.47 -13.93
C ALA H 186 13.03 20.07 -14.52
N LEU H 187 12.69 19.92 -15.79
CA LEU H 187 12.67 18.62 -16.48
C LEU H 187 13.39 18.81 -17.83
N HIS H 188 14.45 18.06 -18.08
CA HIS H 188 15.19 18.02 -19.36
C HIS H 188 14.60 16.92 -20.26
N ILE H 189 14.08 17.30 -21.42
CA ILE H 189 13.52 16.38 -22.45
C ILE H 189 14.51 16.32 -23.60
N GLU H 190 15.17 15.17 -23.77
CA GLU H 190 16.19 14.94 -24.82
C GLU H 190 15.50 14.73 -26.16
N GLY H 191 15.97 15.41 -27.22
CA GLY H 191 15.51 15.17 -28.61
C GLY H 191 14.16 15.79 -28.88
N GLU H 192 13.71 16.72 -28.03
CA GLU H 192 12.51 17.55 -28.30
C GLU H 192 13.00 19.00 -28.39
N GLY H 193 13.06 19.53 -29.60
CA GLY H 193 13.78 20.79 -29.85
C GLY H 193 12.91 21.83 -30.52
N SER H 194 13.50 22.59 -31.44
CA SER H 194 12.83 23.72 -32.09
C SER H 194 13.45 23.97 -33.47
N VAL H 195 12.67 24.61 -34.32
CA VAL H 195 13.09 25.05 -35.67
C VAL H 195 12.80 26.54 -35.77
N ASP H 196 13.53 27.22 -36.67
CA ASP H 196 13.22 28.60 -37.10
C ASP H 196 12.13 28.53 -38.17
N SER H 197 10.93 28.99 -37.86
CA SER H 197 9.73 28.85 -38.72
C SER H 197 9.95 29.61 -40.03
N GLY H 198 10.70 30.72 -40.00
CA GLY H 198 11.02 31.52 -41.19
C GLY H 198 11.96 30.78 -42.12
N ILE H 199 13.00 30.18 -41.56
CA ILE H 199 14.00 29.38 -42.33
C ILE H 199 13.32 28.10 -42.83
N LEU H 200 12.42 27.49 -42.04
CA LEU H 200 11.63 26.31 -42.49
C LEU H 200 10.77 26.69 -43.71
N LEU H 201 10.03 27.81 -43.66
CA LEU H 201 9.15 28.24 -44.78
C LEU H 201 10.00 28.49 -46.03
N ALA H 202 11.14 29.16 -45.89
CA ALA H 202 12.08 29.43 -47.00
C ALA H 202 12.58 28.09 -47.58
N ALA H 203 12.98 27.14 -46.73
CA ALA H 203 13.49 25.82 -47.16
C ALA H 203 12.38 25.03 -47.88
N LEU H 204 11.13 25.16 -47.43
CA LEU H 204 9.99 24.42 -48.03
C LEU H 204 9.71 24.97 -49.43
N GLU H 205 9.71 26.30 -49.58
CA GLU H 205 9.44 26.96 -50.88
C GLU H 205 10.51 26.55 -51.89
N ARG H 206 11.78 26.63 -51.49
CA ARG H 206 12.97 26.26 -52.31
C ARG H 206 12.88 24.78 -52.69
N SER H 207 12.53 23.91 -51.74
CA SER H 207 12.44 22.44 -51.96
C SER H 207 11.27 22.14 -52.90
N PHE H 208 10.19 22.92 -52.80
CA PHE H 208 8.99 22.77 -53.63
C PHE H 208 9.37 23.07 -55.09
N LEU H 209 10.07 24.18 -55.31
CA LEU H 209 10.50 24.62 -56.68
C LEU H 209 11.47 23.60 -57.26
N GLN H 210 12.45 23.14 -56.47
CA GLN H 210 13.45 22.13 -56.90
C GLN H 210 12.75 20.86 -57.38
N ALA H 211 11.60 20.51 -56.79
CA ALA H 211 10.86 19.26 -57.08
C ALA H 211 9.89 19.45 -58.25
N GLY H 212 9.81 20.66 -58.82
CA GLY H 212 9.00 20.95 -60.01
C GLY H 212 7.68 21.60 -59.67
N GLY H 213 7.48 22.00 -58.41
CA GLY H 213 6.24 22.69 -57.99
C GLY H 213 6.18 24.09 -58.56
N ARG H 214 4.99 24.63 -58.79
CA ARG H 214 4.85 26.05 -59.21
C ARG H 214 4.10 26.84 -58.14
N LEU H 215 4.66 27.99 -57.75
CA LEU H 215 4.05 28.95 -56.79
C LEU H 215 3.25 29.98 -57.59
N HIS H 216 1.97 30.11 -57.31
CA HIS H 216 1.06 31.11 -57.92
C HIS H 216 0.55 32.01 -56.80
N PRO H 217 1.13 33.22 -56.62
CA PRO H 217 0.86 34.07 -55.46
C PRO H 217 -0.49 34.78 -55.53
N VAL H 218 -1.58 34.01 -55.58
CA VAL H 218 -2.98 34.51 -55.49
C VAL H 218 -3.70 33.65 -54.45
N ASP H 219 -4.88 34.10 -54.02
CA ASP H 219 -5.75 33.36 -53.08
C ASP H 219 -6.88 32.68 -53.87
N ALA H 220 -7.23 31.45 -53.50
CA ALA H 220 -8.47 30.78 -53.93
C ALA H 220 -9.66 31.56 -53.37
N THR H 221 -10.68 31.85 -54.18
CA THR H 221 -11.96 32.44 -53.72
C THR H 221 -13.03 31.34 -53.66
N GLU H 222 -12.96 30.32 -54.53
CA GLU H 222 -14.02 29.30 -54.67
C GLU H 222 -13.42 27.97 -55.14
N ILE H 223 -13.86 26.87 -54.54
CA ILE H 223 -13.59 25.50 -55.06
C ILE H 223 -14.74 25.16 -56.01
N ARG H 224 -14.43 24.71 -57.22
CA ARG H 224 -15.45 24.29 -58.22
C ARG H 224 -15.57 22.77 -58.20
N ALA H 225 -16.81 22.28 -58.05
CA ALA H 225 -17.14 20.84 -58.04
C ALA H 225 -18.51 20.63 -58.69
N SER H 226 -18.67 19.52 -59.39
CA SER H 226 -19.96 19.02 -59.92
C SER H 226 -19.85 17.51 -60.14
N HIS H 227 -20.98 16.80 -60.10
CA HIS H 227 -21.05 15.33 -60.29
C HIS H 227 -20.09 14.68 -59.29
N GLY H 228 -20.07 15.20 -58.06
CA GLY H 228 -19.37 14.65 -56.86
C GLY H 228 -17.85 14.63 -57.01
N ARG H 229 -17.27 15.57 -57.75
CA ARG H 229 -15.83 15.55 -58.09
C ARG H 229 -15.33 17.00 -58.23
N VAL H 230 -14.09 17.28 -57.82
CA VAL H 230 -13.47 18.64 -57.96
C VAL H 230 -13.16 18.88 -59.44
N GLU H 231 -13.39 20.10 -59.91
CA GLU H 231 -13.02 20.60 -61.27
C GLU H 231 -11.82 21.55 -61.17
N GLY H 232 -11.73 22.32 -60.08
CA GLY H 232 -10.57 23.19 -59.81
C GLY H 232 -10.93 24.37 -58.92
N VAL H 233 -10.24 25.49 -59.09
CA VAL H 233 -10.26 26.65 -58.15
C VAL H 233 -10.37 27.96 -58.94
N VAL H 234 -11.33 28.81 -58.55
CA VAL H 234 -11.38 30.25 -58.97
C VAL H 234 -10.45 31.04 -58.02
N THR H 235 -9.54 31.84 -58.57
CA THR H 235 -8.58 32.69 -57.82
C THR H 235 -9.14 34.11 -57.70
N ASP H 236 -8.56 34.93 -56.82
CA ASP H 236 -9.08 36.28 -56.48
C ASP H 236 -8.65 37.31 -57.55
N ASP H 237 -7.91 36.91 -58.57
CA ASP H 237 -7.65 37.74 -59.79
C ASP H 237 -8.61 37.31 -60.91
N GLY H 238 -9.65 36.53 -60.61
CA GLY H 238 -10.76 36.19 -61.52
C GLY H 238 -10.52 34.91 -62.32
N ASP H 239 -9.29 34.41 -62.34
CA ASP H 239 -8.85 33.24 -63.17
C ASP H 239 -9.52 31.96 -62.65
N PHE H 240 -9.60 30.92 -63.50
CA PHE H 240 -9.97 29.53 -63.10
C PHE H 240 -8.80 28.60 -63.41
N LEU H 241 -8.35 27.84 -62.40
CA LEU H 241 -7.28 26.83 -62.55
C LEU H 241 -7.93 25.45 -62.45
N PRO H 242 -7.81 24.60 -63.50
CA PRO H 242 -8.39 23.26 -63.46
C PRO H 242 -7.51 22.31 -62.64
N ALA H 243 -8.11 21.30 -62.00
CA ALA H 243 -7.38 20.28 -61.22
C ALA H 243 -8.25 19.04 -60.99
N GLY H 244 -7.61 17.88 -60.91
CA GLY H 244 -8.21 16.62 -60.46
C GLY H 244 -8.13 16.46 -58.96
N HIS H 245 -7.21 17.17 -58.30
CA HIS H 245 -7.04 17.17 -56.81
C HIS H 245 -6.90 18.61 -56.29
N VAL H 246 -7.65 18.94 -55.24
CA VAL H 246 -7.51 20.21 -54.46
C VAL H 246 -7.30 19.84 -52.99
N VAL H 247 -6.15 20.25 -52.44
CA VAL H 247 -5.81 20.10 -51.00
C VAL H 247 -5.98 21.47 -50.33
N VAL H 248 -6.95 21.58 -49.42
CA VAL H 248 -7.22 22.83 -48.69
C VAL H 248 -6.37 22.83 -47.42
N ALA H 249 -5.36 23.70 -47.37
CA ALA H 249 -4.50 23.93 -46.19
C ALA H 249 -4.37 25.44 -45.98
N ALA H 250 -5.53 26.10 -45.89
CA ALA H 250 -5.66 27.58 -45.84
C ALA H 250 -5.77 28.06 -44.39
N GLY H 251 -5.20 27.32 -43.44
CA GLY H 251 -5.27 27.61 -42.00
C GLY H 251 -6.70 27.89 -41.56
N ALA H 252 -6.90 28.99 -40.83
CA ALA H 252 -8.19 29.29 -40.17
C ALA H 252 -9.29 29.57 -41.21
N ARG H 253 -8.95 29.72 -42.49
CA ARG H 253 -9.92 30.01 -43.57
C ARG H 253 -10.43 28.71 -44.24
N SER H 254 -9.87 27.55 -43.89
CA SER H 254 -10.03 26.27 -44.64
C SER H 254 -11.50 25.81 -44.70
N GLN H 255 -12.21 25.81 -43.57
CA GLN H 255 -13.62 25.32 -43.53
C GLN H 255 -14.53 26.33 -44.23
N ARG H 256 -14.30 27.63 -44.04
CA ARG H 256 -15.12 28.69 -44.70
C ARG H 256 -15.05 28.48 -46.23
N LEU H 257 -13.92 28.00 -46.74
CA LEU H 257 -13.69 27.83 -48.20
C LEU H 257 -14.47 26.61 -48.72
N VAL H 258 -14.49 25.50 -47.98
CA VAL H 258 -15.13 24.21 -48.39
C VAL H 258 -16.63 24.24 -48.05
N ALA H 259 -17.05 25.02 -47.04
CA ALA H 259 -18.45 25.08 -46.54
C ALA H 259 -19.41 25.59 -47.63
N ALA H 260 -18.91 26.28 -48.66
CA ALA H 260 -19.70 26.82 -49.79
C ALA H 260 -20.25 25.68 -50.67
N LEU H 261 -19.58 24.53 -50.71
CA LEU H 261 -19.99 23.35 -51.53
C LEU H 261 -21.23 22.69 -50.91
N PRO H 262 -22.10 22.05 -51.73
CA PRO H 262 -23.42 21.61 -51.26
C PRO H 262 -23.37 20.64 -50.06
N GLY H 263 -24.11 20.97 -48.99
CA GLY H 263 -24.28 20.12 -47.80
C GLY H 263 -23.09 20.19 -46.85
N LEU H 264 -21.98 20.80 -47.26
CA LEU H 264 -20.70 20.70 -46.51
C LEU H 264 -20.66 21.69 -45.34
N ALA H 265 -21.59 22.67 -45.28
CA ALA H 265 -21.65 23.68 -44.21
C ALA H 265 -21.82 23.03 -42.84
N HIS H 266 -22.52 21.89 -42.76
CA HIS H 266 -22.83 21.22 -41.47
C HIS H 266 -22.17 19.83 -41.41
N ARG H 267 -21.25 19.54 -42.33
CA ARG H 267 -20.52 18.24 -42.38
C ARG H 267 -19.02 18.43 -42.13
N ILE H 268 -18.49 19.64 -42.33
CA ILE H 268 -17.08 20.01 -42.01
C ILE H 268 -17.10 20.88 -40.77
N PRO H 269 -16.58 20.41 -39.61
CA PRO H 269 -16.53 21.23 -38.40
C PRO H 269 -15.91 22.60 -38.67
N ARG H 270 -16.53 23.64 -38.15
CA ARG H 270 -16.00 25.03 -38.22
C ARG H 270 -14.60 25.10 -37.60
N ILE H 271 -13.79 26.00 -38.15
CA ILE H 271 -12.44 26.34 -37.66
C ILE H 271 -12.45 27.85 -37.36
N TYR H 272 -12.04 28.25 -36.15
CA TYR H 272 -11.94 29.67 -35.75
C TYR H 272 -10.47 30.10 -35.68
N ASP H 273 -10.22 31.38 -35.38
CA ASP H 273 -8.86 31.98 -35.25
C ASP H 273 -8.40 31.92 -33.80
N GLY H 274 -7.45 31.04 -33.48
CA GLY H 274 -6.71 31.07 -32.22
C GLY H 274 -5.60 32.11 -32.29
N VAL H 275 -5.95 33.39 -32.10
CA VAL H 275 -5.01 34.52 -32.31
C VAL H 275 -3.91 34.39 -31.28
N GLY H 276 -2.67 34.35 -31.77
CA GLY H 276 -1.49 34.20 -30.91
C GLY H 276 -0.50 35.33 -31.15
N VAL H 277 0.09 35.82 -30.07
CA VAL H 277 1.09 36.91 -30.10
C VAL H 277 2.42 36.33 -29.65
N SER H 278 3.48 36.63 -30.37
CA SER H 278 4.88 36.26 -30.05
C SER H 278 5.75 37.47 -30.35
N ALA H 279 7.03 37.40 -30.00
CA ALA H 279 7.95 38.53 -30.24
C ALA H 279 9.36 38.02 -30.50
N LEU H 280 10.09 38.74 -31.34
CA LEU H 280 11.54 38.56 -31.52
C LEU H 280 12.22 39.68 -30.72
N VAL H 281 13.20 39.29 -29.92
CA VAL H 281 13.95 40.17 -29.00
C VAL H 281 15.44 39.97 -29.31
N ASP H 282 16.17 41.06 -29.53
CA ASP H 282 17.66 41.06 -29.56
C ASP H 282 18.13 41.13 -28.12
N THR H 283 18.80 40.08 -27.64
CA THR H 283 19.18 40.00 -26.21
C THR H 283 20.27 41.04 -25.94
N TRP H 284 20.25 41.58 -24.72
CA TRP H 284 21.17 42.63 -24.20
C TRP H 284 22.62 42.29 -24.55
N ASP H 285 23.04 41.02 -24.51
CA ASP H 285 24.46 40.61 -24.67
C ASP H 285 24.63 39.66 -25.85
N GLY H 286 23.60 39.51 -26.70
CA GLY H 286 23.63 38.59 -27.83
C GLY H 286 23.56 37.12 -27.43
N SER H 287 23.44 36.78 -26.14
CA SER H 287 23.37 35.37 -25.68
C SER H 287 21.97 34.80 -25.89
N GLY H 288 21.86 33.48 -25.73
CA GLY H 288 20.58 32.76 -25.72
C GLY H 288 20.78 31.42 -25.00
N PRO H 289 19.69 30.74 -24.59
CA PRO H 289 19.81 29.41 -24.01
C PRO H 289 20.13 28.38 -25.11
N ALA H 290 20.77 27.28 -24.72
CA ALA H 290 21.16 26.16 -25.60
C ALA H 290 19.91 25.30 -25.88
N THR H 291 18.90 25.35 -25.01
CA THR H 291 17.66 24.56 -25.15
C THR H 291 16.45 25.49 -25.30
N VAL H 292 15.34 24.94 -25.77
CA VAL H 292 13.99 25.51 -25.57
C VAL H 292 13.79 25.62 -24.04
N LEU H 293 13.18 26.73 -23.60
CA LEU H 293 12.72 26.88 -22.20
C LEU H 293 11.21 27.07 -22.25
N ARG H 294 10.45 26.32 -21.45
CA ARG H 294 8.97 26.41 -21.51
C ARG H 294 8.39 26.03 -20.15
N THR H 295 7.17 26.50 -19.91
CA THR H 295 6.23 25.97 -18.91
C THR H 295 5.37 24.94 -19.64
N SER H 296 4.55 24.18 -18.92
CA SER H 296 3.44 23.41 -19.53
C SER H 296 2.41 24.39 -20.07
N ASN H 297 1.47 23.90 -20.88
CA ASN H 297 0.35 24.71 -21.43
C ASN H 297 -0.43 25.29 -20.25
N ARG H 298 -0.90 26.52 -20.37
CA ARG H 298 -1.56 27.27 -19.26
C ARG H 298 -2.95 27.70 -19.72
N ALA H 299 -3.55 28.67 -19.04
CA ALA H 299 -4.96 29.08 -19.21
C ALA H 299 -5.30 29.20 -20.71
N PHE H 300 -6.30 28.43 -21.14
CA PHE H 300 -6.89 28.48 -22.50
C PHE H 300 -5.80 28.35 -23.57
N ALA H 301 -4.89 27.38 -23.40
CA ALA H 301 -3.83 27.03 -24.38
C ALA H 301 -2.92 28.24 -24.68
N CYS H 302 -2.84 29.21 -23.77
CA CYS H 302 -1.67 30.11 -23.60
C CYS H 302 -0.51 29.26 -23.06
N GLY H 303 0.72 29.75 -23.14
CA GLY H 303 1.89 29.11 -22.54
C GLY H 303 3.10 30.01 -22.68
N LEU H 304 4.10 29.84 -21.84
CA LEU H 304 5.30 30.69 -21.89
C LEU H 304 6.44 29.83 -22.43
N HIS H 305 7.14 30.30 -23.45
CA HIS H 305 8.34 29.59 -23.96
C HIS H 305 9.30 30.59 -24.61
N LEU H 306 10.57 30.20 -24.61
CA LEU H 306 11.64 30.91 -25.33
C LEU H 306 12.31 29.86 -26.24
N VAL H 307 12.31 30.18 -27.54
CA VAL H 307 12.94 29.34 -28.60
C VAL H 307 14.20 30.06 -29.06
N PRO H 308 15.38 29.41 -29.01
CA PRO H 308 16.62 30.01 -29.50
C PRO H 308 16.51 30.35 -30.99
N ARG H 309 17.16 31.41 -31.42
CA ARG H 309 17.36 31.78 -32.85
C ARG H 309 18.83 32.11 -33.07
N ALA H 310 19.31 32.07 -34.32
CA ALA H 310 20.70 32.46 -34.68
C ALA H 310 20.84 33.98 -34.57
N GLY H 311 22.04 34.47 -34.26
CA GLY H 311 22.40 35.90 -34.39
C GLY H 311 21.90 36.81 -33.26
N GLY H 312 21.92 36.35 -32.02
CA GLY H 312 21.63 37.23 -30.86
C GLY H 312 20.15 37.59 -30.74
N SER H 313 19.27 36.88 -31.44
CA SER H 313 17.80 36.98 -31.34
C SER H 313 17.28 35.82 -30.49
N VAL H 314 16.20 36.02 -29.74
CA VAL H 314 15.38 34.93 -29.15
C VAL H 314 13.93 35.18 -29.55
N TYR H 315 13.17 34.09 -29.69
CA TYR H 315 11.71 34.12 -29.86
C TYR H 315 11.08 33.90 -28.49
N ILE H 316 10.11 34.73 -28.13
CA ILE H 316 9.30 34.50 -26.91
C ILE H 316 7.83 34.40 -27.34
N GLY H 317 7.14 33.43 -26.77
CA GLY H 317 5.71 33.24 -27.01
C GLY H 317 5.06 32.57 -25.82
N ALA H 318 3.76 32.33 -25.92
CA ALA H 318 2.91 32.83 -26.99
C ALA H 318 1.52 32.88 -26.41
N THR H 319 0.78 33.95 -26.69
CA THR H 319 -0.59 34.13 -26.17
C THR H 319 -1.52 33.30 -27.06
N ASN H 320 -2.73 33.07 -26.59
CA ASN H 320 -3.76 32.42 -27.41
C ASN H 320 -5.10 33.00 -26.98
N ALA H 321 -5.92 33.39 -27.92
CA ALA H 321 -7.32 33.79 -27.67
C ALA H 321 -8.11 33.35 -28.88
N VAL H 322 -9.10 32.48 -28.67
CA VAL H 322 -10.02 32.10 -29.76
C VAL H 322 -10.90 33.32 -30.04
N CYS H 323 -10.93 33.76 -31.29
CA CYS H 323 -11.77 34.87 -31.78
C CYS H 323 -12.73 34.34 -32.84
N LEU H 324 -13.98 34.80 -32.82
CA LEU H 324 -15.02 34.33 -33.77
C LEU H 324 -14.80 35.01 -35.12
N GLU H 325 -14.03 36.11 -35.15
CA GLU H 325 -13.61 36.76 -36.42
C GLU H 325 -12.10 36.99 -36.36
N PRO H 326 -11.39 36.95 -37.50
CA PRO H 326 -9.94 37.09 -37.50
C PRO H 326 -9.47 38.46 -37.00
N ARG H 327 -8.25 38.50 -36.44
CA ARG H 327 -7.62 39.74 -35.94
C ARG H 327 -6.13 39.65 -36.28
N GLY H 328 -5.57 40.71 -36.86
CA GLY H 328 -4.20 40.71 -37.37
C GLY H 328 -3.24 41.60 -36.58
N ALA H 329 -3.68 42.15 -35.45
CA ALA H 329 -2.80 42.98 -34.58
C ALA H 329 -2.92 42.51 -33.13
N ALA H 330 -1.82 42.59 -32.39
CA ALA H 330 -1.74 42.25 -30.96
C ALA H 330 -2.56 43.29 -30.19
N SER H 331 -3.26 42.87 -29.14
CA SER H 331 -3.80 43.81 -28.15
C SER H 331 -2.66 44.24 -27.22
N ILE H 332 -2.84 45.41 -26.59
CA ILE H 332 -1.88 45.90 -25.56
C ILE H 332 -1.75 44.81 -24.48
N GLU H 333 -2.86 44.28 -24.01
CA GLU H 333 -2.89 43.28 -22.89
C GLU H 333 -2.02 42.06 -23.23
N GLU H 334 -2.10 41.54 -24.46
CA GLU H 334 -1.36 40.34 -24.92
C GLU H 334 0.15 40.62 -24.87
N THR H 335 0.55 41.78 -25.38
CA THR H 335 1.97 42.22 -25.41
C THR H 335 2.50 42.34 -23.98
N VAL H 336 1.79 43.05 -23.11
CA VAL H 336 2.23 43.25 -21.70
C VAL H 336 2.35 41.88 -21.02
N PHE H 337 1.34 41.02 -21.16
CA PHE H 337 1.30 39.70 -20.47
C PHE H 337 2.52 38.87 -20.90
N LEU H 338 2.77 38.79 -22.22
CA LEU H 338 3.88 37.99 -22.76
C LEU H 338 5.23 38.50 -22.21
N PHE H 339 5.46 39.82 -22.28
CA PHE H 339 6.73 40.45 -21.84
C PHE H 339 6.89 40.26 -20.34
N ASN H 340 5.82 40.47 -19.59
CA ASN H 340 5.88 40.33 -18.11
C ASN H 340 6.26 38.90 -17.73
N CYS H 341 5.64 37.89 -18.36
CA CYS H 341 5.90 36.46 -18.08
C CYS H 341 7.38 36.16 -18.37
N ALA H 342 7.89 36.55 -19.53
CA ALA H 342 9.24 36.20 -19.99
C ALA H 342 10.30 36.86 -19.10
N THR H 343 10.13 38.14 -18.77
CA THR H 343 11.14 38.90 -18.00
C THR H 343 11.19 38.39 -16.57
N HIS H 344 10.07 37.98 -15.97
CA HIS H 344 10.05 37.52 -14.56
C HIS H 344 10.46 36.05 -14.46
N GLN H 345 9.92 35.21 -15.35
CA GLN H 345 9.93 33.73 -15.15
C GLN H 345 11.13 33.12 -15.85
N LEU H 346 11.68 33.78 -16.88
CA LEU H 346 12.84 33.23 -17.65
C LEU H 346 14.11 34.04 -17.43
N HIS H 347 14.13 35.33 -17.78
CA HIS H 347 15.40 36.11 -17.72
C HIS H 347 15.10 37.61 -17.61
N ARG H 348 15.51 38.21 -16.50
CA ARG H 348 15.32 39.64 -16.21
C ARG H 348 16.10 40.51 -17.21
N GLY H 349 17.17 39.96 -17.79
CA GLY H 349 17.93 40.59 -18.87
C GLY H 349 17.08 40.93 -20.07
N LEU H 350 15.98 40.20 -20.31
CA LEU H 350 15.09 40.52 -21.46
C LEU H 350 14.46 41.89 -21.25
N ASN H 351 14.35 42.34 -20.02
CA ASN H 351 13.72 43.66 -19.71
C ASN H 351 14.49 44.79 -20.42
N GLY H 352 15.82 44.72 -20.42
CA GLY H 352 16.69 45.72 -21.04
C GLY H 352 16.99 45.40 -22.50
N SER H 353 16.42 44.33 -23.03
CA SER H 353 16.70 43.88 -24.41
C SER H 353 15.79 44.64 -25.37
N GLU H 354 16.18 44.69 -26.63
CA GLU H 354 15.49 45.45 -27.68
C GLU H 354 14.40 44.59 -28.31
N LEU H 355 13.19 45.15 -28.39
CA LEU H 355 12.05 44.55 -29.11
C LEU H 355 12.29 44.73 -30.61
N ARG H 356 12.44 43.63 -31.35
CA ARG H 356 12.62 43.67 -32.83
C ARG H 356 11.25 43.60 -33.52
N LYS H 357 10.35 42.75 -33.06
CA LYS H 357 9.10 42.48 -33.80
C LYS H 357 8.08 41.86 -32.87
N VAL H 358 6.85 42.37 -32.90
CA VAL H 358 5.64 41.72 -32.35
C VAL H 358 4.96 40.99 -33.52
N GLN H 359 4.77 39.69 -33.37
CA GLN H 359 4.19 38.82 -34.43
C GLN H 359 2.80 38.39 -33.99
N VAL H 360 1.88 38.33 -34.94
CA VAL H 360 0.48 37.89 -34.72
C VAL H 360 0.14 36.88 -35.83
N GLY H 361 -0.39 35.72 -35.45
CA GLY H 361 -0.90 34.71 -36.38
C GLY H 361 -2.10 33.99 -35.82
N SER H 362 -2.88 33.31 -36.66
CA SER H 362 -4.14 32.63 -36.25
C SER H 362 -3.94 31.12 -36.26
N ARG H 363 -3.84 30.52 -35.08
CA ARG H 363 -3.91 29.04 -34.92
C ARG H 363 -5.28 28.59 -35.44
N PRO H 364 -5.35 27.66 -36.41
CA PRO H 364 -6.65 27.14 -36.84
C PRO H 364 -7.27 26.34 -35.68
N ALA H 365 -8.36 26.86 -35.12
CA ALA H 365 -8.99 26.37 -33.88
C ALA H 365 -10.27 25.61 -34.22
N PRO H 366 -10.24 24.26 -34.33
CA PRO H 366 -11.44 23.51 -34.71
C PRO H 366 -12.49 23.57 -33.59
N ILE H 367 -13.77 23.73 -33.95
CA ILE H 367 -14.88 23.90 -32.97
C ILE H 367 -15.00 22.69 -32.05
N ASP H 368 -14.59 21.48 -32.45
CA ASP H 368 -14.74 20.24 -31.64
C ASP H 368 -13.38 19.84 -31.05
N GLY H 369 -12.33 20.62 -31.27
CA GLY H 369 -11.05 20.48 -30.53
C GLY H 369 -10.07 19.53 -31.19
N PHE H 370 -10.39 19.01 -32.38
CA PHE H 370 -9.48 18.04 -33.05
C PHE H 370 -9.32 18.43 -34.51
N PRO H 371 -8.17 18.06 -35.12
CA PRO H 371 -7.86 18.44 -36.49
C PRO H 371 -8.81 17.85 -37.54
N LEU H 372 -8.73 18.42 -38.75
CA LEU H 372 -9.47 18.00 -39.96
C LEU H 372 -8.44 17.57 -41.01
N ILE H 373 -8.19 16.26 -41.11
CA ILE H 373 -7.12 15.68 -41.96
C ILE H 373 -7.72 14.55 -42.80
N GLY H 374 -7.71 14.70 -44.11
CA GLY H 374 -7.95 13.58 -45.03
C GLY H 374 -8.99 13.94 -46.07
N GLY H 375 -9.71 12.92 -46.52
CA GLY H 375 -10.61 12.99 -47.68
C GLY H 375 -11.99 13.44 -47.29
N THR H 376 -12.81 13.63 -48.32
CA THR H 376 -14.12 14.32 -48.29
C THR H 376 -15.08 13.41 -49.08
N SER H 377 -16.39 13.70 -49.06
CA SER H 377 -17.41 13.05 -49.92
C SER H 377 -17.29 13.55 -51.37
N VAL H 378 -16.43 14.55 -51.62
CA VAL H 378 -16.13 15.10 -52.98
C VAL H 378 -14.81 14.47 -53.46
N GLU H 379 -14.85 13.74 -54.57
CA GLU H 379 -13.67 13.04 -55.15
C GLU H 379 -12.59 14.09 -55.45
N GLY H 380 -11.36 13.85 -55.01
CA GLY H 380 -10.21 14.74 -55.27
C GLY H 380 -10.16 15.94 -54.32
N LEU H 381 -11.09 16.09 -53.36
CA LEU H 381 -11.04 17.18 -52.36
C LEU H 381 -10.47 16.65 -51.05
N TRP H 382 -9.38 17.26 -50.58
CA TRP H 382 -8.64 16.89 -49.35
C TRP H 382 -8.52 18.13 -48.45
N MET H 383 -8.45 17.90 -47.13
CA MET H 383 -8.26 18.99 -46.14
C MET H 383 -7.10 18.62 -45.22
N LEU H 384 -6.30 19.62 -44.88
CA LEU H 384 -5.21 19.54 -43.87
C LEU H 384 -5.28 20.82 -43.04
N SER H 385 -6.01 20.80 -41.92
CA SER H 385 -6.31 22.02 -41.16
C SER H 385 -6.79 21.68 -39.74
N GLY H 386 -7.01 22.74 -38.95
CA GLY H 386 -7.56 22.64 -37.58
C GLY H 386 -6.52 22.09 -36.62
N THR H 387 -5.25 22.38 -36.86
CA THR H 387 -4.12 21.80 -36.08
C THR H 387 -3.79 22.65 -34.85
N TYR H 388 -4.39 23.83 -34.71
CA TYR H 388 -4.33 24.64 -33.46
C TYR H 388 -2.86 24.90 -33.08
N ARG H 389 -2.35 24.26 -32.03
CA ARG H 389 -1.02 24.55 -31.44
C ARG H 389 0.11 23.76 -32.11
N ASP H 390 -0.14 22.71 -32.91
CA ASP H 390 0.95 21.76 -33.25
C ASP H 390 0.84 21.19 -34.67
N GLY H 391 0.29 21.95 -35.61
CA GLY H 391 0.31 21.62 -37.05
C GLY H 391 1.72 21.63 -37.61
N LEU H 392 2.53 22.61 -37.20
CA LEU H 392 3.93 22.71 -37.65
C LEU H 392 4.68 21.45 -37.19
N HIS H 393 4.59 21.08 -35.92
CA HIS H 393 5.27 19.88 -35.38
C HIS H 393 4.81 18.64 -36.17
N MET H 394 3.52 18.52 -36.46
CA MET H 394 2.97 17.28 -37.04
C MET H 394 3.11 17.28 -38.57
N SER H 395 3.53 18.41 -39.18
CA SER H 395 3.53 18.64 -40.64
C SER H 395 4.14 17.47 -41.42
N PRO H 396 5.34 16.92 -41.11
CA PRO H 396 5.90 15.87 -41.97
C PRO H 396 5.03 14.60 -41.95
N LEU H 397 4.47 14.25 -40.78
CA LEU H 397 3.57 13.10 -40.62
C LEU H 397 2.26 13.37 -41.37
N LEU H 398 1.68 14.56 -41.20
CA LEU H 398 0.35 14.88 -41.81
C LEU H 398 0.49 14.90 -43.34
N ALA H 399 1.57 15.46 -43.85
CA ALA H 399 1.85 15.55 -45.30
C ALA H 399 1.87 14.13 -45.87
N ARG H 400 2.64 13.23 -45.26
CA ARG H 400 2.84 11.83 -45.71
C ARG H 400 1.53 11.08 -45.63
N HIS H 401 0.71 11.32 -44.60
CA HIS H 401 -0.62 10.70 -44.45
C HIS H 401 -1.48 11.07 -45.67
N VAL H 402 -1.63 12.37 -45.96
CA VAL H 402 -2.55 12.81 -47.04
C VAL H 402 -2.02 12.31 -48.39
N VAL H 403 -0.70 12.32 -48.60
CA VAL H 403 -0.08 11.87 -49.88
C VAL H 403 -0.33 10.37 -50.07
N SER H 404 -0.22 9.57 -49.00
CA SER H 404 -0.57 8.13 -49.01
C SER H 404 -2.04 7.96 -49.40
N LEU H 405 -2.95 8.71 -48.79
CA LEU H 405 -4.42 8.64 -49.09
C LEU H 405 -4.65 8.97 -50.57
N MET H 406 -3.98 10.00 -51.09
CA MET H 406 -4.19 10.47 -52.48
C MET H 406 -3.70 9.41 -53.49
N ASP H 407 -2.76 8.56 -53.07
CA ASP H 407 -2.15 7.48 -53.90
C ASP H 407 -2.90 6.16 -53.66
N GLY H 408 -4.04 6.18 -52.95
CA GLY H 408 -4.89 5.01 -52.68
C GLY H 408 -4.41 4.18 -51.50
N GLY H 409 -3.43 4.66 -50.73
CA GLY H 409 -2.95 4.02 -49.49
C GLY H 409 -3.88 4.29 -48.32
N THR H 410 -3.51 3.86 -47.11
CA THR H 410 -4.29 4.08 -45.87
C THR H 410 -3.53 5.05 -44.94
N GLY H 411 -2.39 5.58 -45.39
CA GLY H 411 -1.60 6.58 -44.62
C GLY H 411 -1.26 6.07 -43.21
N VAL H 412 -1.40 6.94 -42.21
CA VAL H 412 -1.01 6.64 -40.80
C VAL H 412 -2.25 6.13 -40.04
N ASP H 413 -2.06 5.03 -39.32
CA ASP H 413 -3.12 4.25 -38.62
C ASP H 413 -3.98 5.08 -37.65
N GLY H 414 -3.52 6.21 -37.10
CA GLY H 414 -4.16 6.81 -35.92
C GLY H 414 -5.05 8.00 -36.25
N LEU H 415 -5.25 8.31 -37.53
CA LEU H 415 -5.75 9.63 -38.00
C LEU H 415 -7.24 9.54 -38.38
N ARG H 416 -7.87 8.36 -38.35
CA ARG H 416 -9.22 8.13 -38.96
C ARG H 416 -10.30 8.96 -38.23
N GLU H 417 -10.21 9.04 -36.91
CA GLU H 417 -11.15 9.83 -36.05
C GLU H 417 -11.13 11.30 -36.48
N PHE H 418 -10.08 11.75 -37.17
CA PHE H 418 -9.83 13.19 -37.46
C PHE H 418 -10.13 13.51 -38.93
N ARG H 419 -10.82 12.59 -39.63
CA ARG H 419 -11.36 12.80 -41.00
C ARG H 419 -12.17 14.09 -40.99
N PRO H 420 -12.04 14.96 -42.02
CA PRO H 420 -12.64 16.28 -41.99
C PRO H 420 -14.17 16.32 -42.07
N GLU H 421 -14.78 15.32 -42.71
CA GLU H 421 -16.25 15.27 -42.87
C GLU H 421 -16.80 14.37 -41.76
N ARG H 422 -17.38 14.97 -40.72
CA ARG H 422 -17.71 14.25 -39.48
C ARG H 422 -18.73 15.06 -38.69
N ASP H 423 -19.55 14.36 -37.91
CA ASP H 423 -20.27 14.93 -36.76
C ASP H 423 -19.21 15.54 -35.84
N LEU H 424 -19.57 16.61 -35.12
CA LEU H 424 -18.65 17.22 -34.12
C LEU H 424 -18.29 16.14 -33.10
N ILE H 425 -17.01 16.00 -32.79
CA ILE H 425 -16.53 15.09 -31.72
C ILE H 425 -16.99 15.65 -30.37
N SER H 426 -17.38 14.76 -29.45
CA SER H 426 -17.63 15.06 -28.03
C SER H 426 -16.60 14.29 -27.20
N ALA H 427 -15.38 14.83 -27.06
CA ALA H 427 -14.24 14.12 -26.44
C ALA H 427 -14.35 14.14 -24.91
N TRP H 428 -15.18 15.03 -24.36
CA TRP H 428 -15.35 15.22 -22.90
C TRP H 428 -16.85 15.36 -22.57
N SER H 429 -17.22 15.00 -21.34
CA SER H 429 -18.55 15.32 -20.76
C SER H 429 -18.69 16.83 -20.58
N ARG H 430 -19.92 17.32 -20.61
CA ARG H 430 -20.26 18.74 -20.33
C ARG H 430 -19.72 19.11 -18.94
N GLU H 431 -19.85 18.21 -17.97
CA GLU H 431 -19.37 18.39 -16.57
C GLU H 431 -17.84 18.61 -16.58
N GLU H 432 -17.09 17.79 -17.33
CA GLU H 432 -15.61 17.92 -17.44
C GLU H 432 -15.27 19.31 -17.99
N ILE H 433 -15.94 19.73 -19.06
CA ILE H 433 -15.64 21.02 -19.75
C ILE H 433 -15.97 22.19 -18.81
N LEU H 434 -17.08 22.10 -18.08
CA LEU H 434 -17.49 23.14 -17.12
C LEU H 434 -16.45 23.25 -15.99
N ASP H 435 -15.94 22.15 -15.45
CA ASP H 435 -14.84 22.19 -14.45
C ASP H 435 -13.62 22.88 -15.07
N ASP H 436 -13.27 22.50 -16.30
CA ASP H 436 -12.09 23.02 -17.04
C ASP H 436 -12.25 24.54 -17.26
N VAL H 437 -13.40 25.02 -17.71
CA VAL H 437 -13.53 26.45 -18.12
C VAL H 437 -13.43 27.34 -16.87
N VAL H 438 -13.98 26.90 -15.73
CA VAL H 438 -13.90 27.69 -14.47
C VAL H 438 -12.44 27.72 -14.01
N ARG H 439 -11.79 26.56 -14.04
CA ARG H 439 -10.39 26.40 -13.62
C ARG H 439 -9.47 27.27 -14.50
N HIS H 440 -9.65 27.26 -15.83
CA HIS H 440 -8.84 28.05 -16.78
C HIS H 440 -9.13 29.54 -16.56
N THR H 441 -10.38 29.94 -16.30
CA THR H 441 -10.73 31.35 -16.01
C THR H 441 -9.94 31.82 -14.77
N MET H 442 -9.96 31.04 -13.71
CA MET H 442 -9.24 31.33 -12.45
C MET H 442 -7.74 31.39 -12.74
N ALA H 443 -7.24 30.52 -13.61
CA ALA H 443 -5.81 30.44 -13.99
C ALA H 443 -5.37 31.75 -14.64
N THR H 444 -6.23 32.47 -15.36
CA THR H 444 -5.87 33.79 -15.96
C THR H 444 -5.48 34.77 -14.84
N GLY H 445 -6.08 34.61 -13.65
CA GLY H 445 -5.75 35.43 -12.48
C GLY H 445 -4.41 35.04 -11.91
N TYR H 446 -4.22 33.76 -11.63
CA TYR H 446 -2.99 33.25 -10.97
C TYR H 446 -1.78 33.44 -11.88
N GLU H 447 -1.98 33.48 -13.20
CA GLU H 447 -0.86 33.64 -14.16
C GLU H 447 -0.45 35.11 -14.30
N PHE H 448 -1.28 36.05 -13.88
CA PHE H 448 -1.03 37.51 -14.08
C PHE H 448 0.30 37.93 -13.46
N PRO H 449 0.67 37.63 -12.19
CA PRO H 449 -0.22 37.04 -11.20
C PRO H 449 -0.94 38.15 -10.43
N TRP H 450 -2.18 37.90 -10.05
CA TRP H 450 -2.96 38.93 -9.32
C TRP H 450 -2.55 38.93 -7.85
N ARG H 451 -2.97 39.98 -7.13
CA ARG H 451 -2.91 40.02 -5.65
C ARG H 451 -4.30 40.48 -5.18
N LEU H 452 -5.03 39.59 -4.51
CA LEU H 452 -6.46 39.74 -4.13
C LEU H 452 -6.60 39.44 -2.66
N PRO H 453 -7.68 39.89 -2.00
CA PRO H 453 -8.04 39.36 -0.68
C PRO H 453 -8.25 37.84 -0.78
N LEU H 454 -7.89 37.10 0.26
CA LEU H 454 -7.82 35.63 0.19
C LEU H 454 -9.20 34.99 0.00
N GLU H 455 -10.28 35.66 0.35
CA GLU H 455 -11.66 35.12 0.20
C GLU H 455 -12.15 35.30 -1.25
N TRP H 456 -11.54 36.20 -2.03
CA TRP H 456 -12.10 36.58 -3.35
C TRP H 456 -12.06 35.41 -4.33
N PRO H 457 -10.95 34.64 -4.48
CA PRO H 457 -10.92 33.54 -5.45
C PRO H 457 -12.03 32.51 -5.25
N HIS H 458 -12.29 32.07 -4.02
CA HIS H 458 -13.39 31.10 -3.74
C HIS H 458 -14.73 31.73 -4.15
N MET H 459 -14.96 33.01 -3.84
CA MET H 459 -16.21 33.70 -4.23
C MET H 459 -16.32 33.71 -5.77
N MET H 460 -15.26 34.08 -6.48
CA MET H 460 -15.29 34.17 -7.96
C MET H 460 -15.58 32.77 -8.53
N GLU H 461 -14.92 31.72 -8.01
CA GLU H 461 -15.13 30.31 -8.45
C GLU H 461 -16.62 29.97 -8.36
N THR H 462 -17.25 30.25 -7.22
CA THR H 462 -18.67 29.92 -6.98
C THR H 462 -19.54 30.69 -7.98
N PHE H 463 -19.24 31.96 -8.29
CA PHE H 463 -20.11 32.81 -9.14
C PHE H 463 -19.81 32.64 -10.64
N LEU H 464 -18.73 31.94 -11.01
CA LEU H 464 -18.43 31.61 -12.42
C LEU H 464 -19.21 30.36 -12.85
N GLN H 465 -19.49 29.44 -11.93
CA GLN H 465 -20.05 28.09 -12.23
C GLN H 465 -21.42 28.24 -12.90
N GLY H 466 -22.31 29.05 -12.33
CA GLY H 466 -23.70 29.24 -12.79
C GLY H 466 -23.76 29.73 -14.23
N PRO H 467 -23.18 30.92 -14.55
CA PRO H 467 -23.22 31.45 -15.90
C PRO H 467 -22.62 30.56 -17.01
N PHE H 468 -21.60 29.77 -16.72
CA PHE H 468 -21.01 28.85 -17.74
C PHE H 468 -21.94 27.63 -17.91
N ALA H 469 -22.48 27.09 -16.82
CA ALA H 469 -23.49 25.99 -16.86
C ALA H 469 -24.70 26.43 -17.70
N GLU H 470 -25.19 27.65 -17.48
CA GLU H 470 -26.34 28.24 -18.20
C GLU H 470 -26.03 28.36 -19.70
N LEU H 471 -24.84 28.84 -20.05
CA LEU H 471 -24.43 29.01 -21.48
C LEU H 471 -24.38 27.64 -22.14
N ALA H 472 -23.70 26.66 -21.54
CA ALA H 472 -23.52 25.30 -22.09
C ALA H 472 -24.89 24.66 -22.35
N ASP H 473 -25.84 24.83 -21.41
CA ASP H 473 -27.20 24.23 -21.51
C ASP H 473 -28.01 24.90 -22.62
N ARG H 474 -27.81 26.19 -22.82
CA ARG H 474 -28.50 27.03 -23.82
C ARG H 474 -27.96 26.77 -25.24
N LEU H 475 -26.70 26.36 -25.38
CA LEU H 475 -26.06 26.29 -26.72
C LEU H 475 -26.63 25.11 -27.50
N SER H 476 -26.81 23.97 -26.83
CA SER H 476 -27.19 22.69 -27.47
C SER H 476 -27.48 21.66 -26.38
N ASP H 477 -28.33 20.67 -26.68
CA ASP H 477 -28.62 19.51 -25.80
C ASP H 477 -27.55 18.43 -25.97
N THR H 478 -26.74 18.46 -27.03
CA THR H 478 -25.78 17.36 -27.31
C THR H 478 -24.34 17.88 -27.33
N TYR H 479 -24.07 19.00 -28.00
CA TYR H 479 -22.69 19.51 -28.19
C TYR H 479 -22.33 20.49 -27.08
N THR H 480 -21.08 20.39 -26.60
CA THR H 480 -20.43 21.38 -25.72
C THR H 480 -19.12 21.84 -26.36
N PRO H 481 -18.94 23.16 -26.58
CA PRO H 481 -17.67 23.68 -27.07
C PRO H 481 -16.59 23.41 -26.03
N PRO H 482 -15.35 23.09 -26.47
CA PRO H 482 -14.22 22.98 -25.56
C PRO H 482 -14.01 24.32 -24.83
N ALA H 483 -13.33 24.29 -23.67
CA ALA H 483 -13.17 25.44 -22.75
C ALA H 483 -12.68 26.68 -23.52
N ASP H 484 -11.66 26.53 -24.38
CA ASP H 484 -11.00 27.63 -25.11
C ASP H 484 -12.05 28.37 -25.96
N LEU H 485 -12.98 27.64 -26.57
CA LEU H 485 -14.06 28.24 -27.40
C LEU H 485 -15.19 28.71 -26.50
N MET H 486 -15.53 27.97 -25.45
CA MET H 486 -16.64 28.33 -24.54
C MET H 486 -16.40 29.74 -23.97
N THR H 487 -15.18 30.07 -23.55
CA THR H 487 -14.87 31.41 -22.98
C THR H 487 -15.10 32.47 -24.05
N ALA H 488 -14.65 32.25 -25.29
CA ALA H 488 -14.85 33.21 -26.39
C ALA H 488 -16.37 33.40 -26.63
N ILE H 489 -17.16 32.34 -26.55
CA ILE H 489 -18.62 32.43 -26.81
C ILE H 489 -19.27 33.20 -25.65
N MET H 490 -18.87 32.93 -24.40
CA MET H 490 -19.39 33.61 -23.18
C MET H 490 -19.30 35.13 -23.37
N PHE H 491 -18.20 35.64 -23.92
CA PHE H 491 -17.93 37.10 -24.03
C PHE H 491 -18.16 37.62 -25.45
N SER H 492 -18.81 36.83 -26.31
CA SER H 492 -19.25 37.30 -27.66
C SER H 492 -20.62 37.97 -27.54
N GLU H 493 -21.05 38.68 -28.58
CA GLU H 493 -22.40 39.34 -28.68
C GLU H 493 -23.51 38.28 -28.69
N ARG H 494 -24.72 38.66 -28.25
CA ARG H 494 -25.89 37.75 -28.16
C ARG H 494 -26.21 37.19 -29.56
N GLU H 495 -26.05 37.99 -30.61
CA GLU H 495 -26.29 37.61 -32.03
C GLU H 495 -25.33 36.49 -32.43
N GLN H 496 -24.07 36.57 -32.00
CA GLN H 496 -23.03 35.54 -32.29
C GLN H 496 -23.34 34.24 -31.53
N GLN H 497 -23.85 34.33 -30.31
CA GLN H 497 -24.26 33.14 -29.51
C GLN H 497 -25.46 32.46 -30.21
N ASP H 498 -26.43 33.26 -30.66
CA ASP H 498 -27.66 32.78 -31.33
C ASP H 498 -27.27 32.06 -32.62
N GLU H 499 -26.38 32.66 -33.41
CA GLU H 499 -25.86 32.05 -34.66
C GLU H 499 -25.21 30.69 -34.33
N LEU H 500 -24.48 30.55 -33.22
CA LEU H 500 -23.84 29.26 -32.84
C LEU H 500 -24.91 28.25 -32.42
N ILE H 501 -25.98 28.69 -31.74
CA ILE H 501 -27.11 27.80 -31.35
C ILE H 501 -27.71 27.20 -32.62
N ALA H 502 -27.93 28.03 -33.64
CA ALA H 502 -28.44 27.64 -34.98
C ALA H 502 -27.46 26.65 -35.63
N TYR H 503 -26.17 26.97 -35.66
CA TYR H 503 -25.12 26.09 -36.24
C TYR H 503 -25.21 24.70 -35.58
N TYR H 504 -25.18 24.63 -34.25
CA TYR H 504 -25.19 23.33 -33.53
C TYR H 504 -26.47 22.54 -33.85
N ALA H 505 -27.59 23.23 -33.99
CA ALA H 505 -28.91 22.64 -34.30
C ALA H 505 -28.89 22.05 -35.72
N ASP H 506 -28.35 22.80 -36.71
CA ASP H 506 -28.20 22.35 -38.11
C ASP H 506 -27.24 21.15 -38.21
N VAL H 507 -26.18 21.12 -37.40
CA VAL H 507 -25.23 19.97 -37.38
C VAL H 507 -25.97 18.75 -36.83
N HIS H 508 -26.77 18.92 -35.78
CA HIS H 508 -27.49 17.80 -35.12
C HIS H 508 -28.45 17.17 -36.12
N ARG H 509 -29.17 18.03 -36.85
CA ARG H 509 -30.13 17.72 -37.94
C ARG H 509 -29.44 16.89 -39.02
N GLU H 510 -28.24 17.31 -39.44
CA GLU H 510 -27.49 16.67 -40.55
C GLU H 510 -27.07 15.26 -40.14
N TRP H 511 -26.63 15.06 -38.90
CA TRP H 511 -25.91 13.81 -38.51
C TRP H 511 -26.81 12.87 -37.69
N HIS H 512 -27.95 13.33 -37.17
CA HIS H 512 -28.82 12.51 -36.29
C HIS H 512 -30.27 12.50 -36.82
PA FAD I . 9.30 -60.81 -27.18
O1A FAD I . 10.53 -60.12 -26.66
O2A FAD I . 7.88 -60.50 -26.85
O5B FAD I . 9.45 -60.96 -28.76
C5B FAD I . 8.42 -61.46 -29.63
C4B FAD I . 8.38 -60.58 -30.86
O4B FAD I . 7.65 -61.25 -31.91
C3B FAD I . 7.72 -59.21 -30.64
O3B FAD I . 8.52 -58.17 -31.17
C2B FAD I . 6.38 -59.34 -31.36
O2B FAD I . 5.92 -58.12 -31.92
C1B FAD I . 6.73 -60.34 -32.46
N9A FAD I . 5.59 -61.05 -32.97
C8A FAD I . 4.41 -61.41 -32.35
N7A FAD I . 3.57 -62.03 -33.16
C5A FAD I . 4.27 -62.11 -34.37
C6A FAD I . 3.98 -62.69 -35.62
N6A FAD I . 2.84 -63.32 -35.90
N1A FAD I . 4.91 -62.56 -36.61
C2A FAD I . 6.08 -61.97 -36.32
N3A FAD I . 6.46 -61.38 -35.19
C4A FAD I . 5.50 -61.49 -34.25
N1 FAD I . 14.21 -60.76 -19.02
C2 FAD I . 15.33 -60.90 -18.31
O2 FAD I . 16.13 -61.80 -18.54
N3 FAD I . 15.74 -60.00 -17.39
C4 FAD I . 14.95 -58.94 -17.03
O4 FAD I . 15.38 -58.15 -16.19
C4X FAD I . 13.71 -58.80 -17.68
N5 FAD I . 12.93 -57.80 -17.34
C5X FAD I . 11.73 -57.69 -18.01
C6 FAD I . 10.85 -56.64 -17.65
C7 FAD I . 9.63 -56.49 -18.25
C7M FAD I . 8.73 -55.36 -17.85
C8 FAD I . 9.24 -57.44 -19.27
C8M FAD I . 7.93 -57.34 -19.99
C9 FAD I . 10.13 -58.41 -19.65
C9A FAD I . 11.35 -58.59 -19.01
N10 FAD I . 12.21 -59.64 -19.34
C10 FAD I . 13.41 -59.77 -18.70
C1' FAD I . 11.91 -60.44 -20.55
C2' FAD I . 11.77 -61.92 -20.41
O2' FAD I . 13.03 -62.54 -20.31
C3' FAD I . 11.02 -62.47 -21.63
O3' FAD I . 10.73 -63.84 -21.32
C4' FAD I . 11.72 -62.44 -23.00
O4' FAD I . 12.01 -61.11 -23.46
C5' FAD I . 10.88 -63.09 -24.07
O5' FAD I . 11.57 -62.92 -25.33
P FAD I . 10.82 -63.28 -26.66
O1P FAD I . 11.78 -62.97 -27.77
O2P FAD I . 10.31 -64.67 -26.49
O3P FAD I . 9.54 -62.34 -26.73
N SAR J . 13.18 -60.62 -14.75
CA SAR J . 12.71 -59.29 -14.36
C SAR J . 11.29 -59.08 -14.88
O SAR J . 10.67 -58.08 -14.50
CN SAR J . 14.56 -60.99 -14.51
OXT SAR J . 10.78 -59.91 -15.70
PA FAD K . 1.14 -21.64 -25.47
O1A FAD K . -0.15 -22.37 -25.55
O2A FAD K . 2.34 -22.04 -24.70
O5B FAD K . 1.54 -21.22 -26.94
C5B FAD K . 2.84 -20.61 -27.22
C4B FAD K . 3.35 -21.24 -28.49
O4B FAD K . 4.40 -20.41 -29.04
C3B FAD K . 3.96 -22.64 -28.28
O3B FAD K . 3.44 -23.59 -29.22
C2B FAD K . 5.45 -22.38 -28.39
O2B FAD K . 6.22 -23.46 -28.87
C1B FAD K . 5.49 -21.23 -29.38
N9A FAD K . 6.72 -20.44 -29.32
C8A FAD K . 7.60 -20.28 -28.29
N7A FAD K . 8.64 -19.55 -28.63
C5A FAD K . 8.42 -19.21 -29.95
C6A FAD K . 9.17 -18.46 -30.89
N6A FAD K . 10.32 -17.85 -30.58
N1A FAD K . 8.67 -18.34 -32.15
C2A FAD K . 7.51 -18.96 -32.44
N3A FAD K . 6.75 -19.71 -31.64
C4A FAD K . 7.26 -19.79 -30.40
N1 FAD K . -6.55 -22.94 -19.81
C2 FAD K . -7.87 -22.89 -19.57
O2 FAD K . -8.53 -21.90 -19.87
N3 FAD K . -8.54 -23.95 -19.04
C4 FAD K . -7.90 -25.08 -18.60
O4 FAD K . -8.54 -26.03 -18.13
C4X FAD K . -6.51 -25.14 -18.76
N5 FAD K . -5.86 -26.21 -18.33
C5X FAD K . -4.49 -26.21 -18.48
C6 FAD K . -3.77 -27.33 -18.02
C7 FAD K . -2.40 -27.39 -18.14
C7M FAD K . -1.62 -28.56 -17.61
C8 FAD K . -1.71 -26.31 -18.74
C8M FAD K . -0.21 -26.35 -18.87
C9 FAD K . -2.41 -25.25 -19.26
C9A FAD K . -3.80 -25.14 -19.10
N10 FAD K . -4.52 -24.05 -19.56
C10 FAD K . -5.88 -24.00 -19.40
C1' FAD K . -3.83 -23.06 -20.43
C2' FAD K . -3.78 -21.61 -19.97
O2' FAD K . -4.97 -20.96 -20.27
C3' FAD K . -2.66 -20.87 -20.73
O3' FAD K . -2.57 -19.57 -20.14
C4' FAD K . -2.85 -20.70 -22.25
O4' FAD K . -2.91 -21.96 -22.97
C5' FAD K . -1.73 -19.88 -22.84
O5' FAD K . -1.75 -19.96 -24.29
P FAD K . -0.59 -19.27 -25.16
O1P FAD K . -1.12 -19.29 -26.57
O2P FAD K . -0.27 -17.94 -24.53
O3P FAD K . 0.71 -20.17 -24.92
N SAR L . -7.20 -23.83 -15.86
CA SAR L . -6.82 -25.15 -15.39
C SAR L . -5.31 -25.35 -15.29
O SAR L . -4.49 -24.44 -15.65
CN SAR L . -8.63 -23.50 -15.75
OXT SAR L . -4.94 -26.45 -14.85
PA FAD M . -26.71 -50.96 34.38
O1A FAD M . -26.20 -49.55 34.31
O2A FAD M . -25.83 -52.10 33.93
O5B FAD M . -27.24 -51.21 35.88
C5B FAD M . -27.41 -52.54 36.43
C4B FAD M . -26.88 -52.54 37.84
O4B FAD M . -27.31 -53.77 38.50
C3B FAD M . -25.34 -52.49 37.96
O3B FAD M . -24.95 -51.40 38.78
C2B FAD M . -24.97 -53.89 38.48
O2B FAD M . -23.82 -53.91 39.30
C1B FAD M . -26.23 -54.29 39.25
N9A FAD M . -26.45 -55.74 39.41
C8A FAD M . -26.10 -56.75 38.56
N7A FAD M . -26.48 -57.93 38.98
C5A FAD M . -27.13 -57.68 40.18
C6A FAD M . -27.77 -58.52 41.11
N6A FAD M . -27.87 -59.84 40.97
N1A FAD M . -28.33 -57.93 42.20
C2A FAD M . -28.24 -56.61 42.32
N3A FAD M . -27.67 -55.72 41.51
C4A FAD M . -27.13 -56.33 40.44
N1 FAD M . -27.13 -44.33 27.55
C2 FAD M . -27.63 -43.19 27.02
O2 FAD M . -28.86 -42.98 27.07
N3 FAD M . -26.82 -42.25 26.43
C4 FAD M . -25.47 -42.45 26.27
O4 FAD M . -24.76 -41.59 25.76
C4X FAD M . -24.91 -43.67 26.77
N5 FAD M . -23.62 -43.89 26.63
C5X FAD M . -23.14 -45.09 27.11
C6 FAD M . -21.76 -45.36 26.95
C7 FAD M . -21.20 -46.52 27.42
C7M FAD M . -19.72 -46.76 27.23
C8 FAD M . -22.03 -47.49 28.08
C8M FAD M . -21.48 -48.79 28.62
C9 FAD M . -23.37 -47.23 28.25
C9A FAD M . -23.96 -46.03 27.77
N10 FAD M . -25.33 -45.76 27.90
C10 FAD M . -25.84 -44.57 27.42
C1' FAD M . -26.21 -46.64 28.71
C2' FAD M . -27.36 -47.34 28.03
O2' FAD M . -28.52 -46.52 27.90
C3' FAD M . -27.68 -48.52 28.95
O3' FAD M . -28.53 -49.40 28.28
C4' FAD M . -28.31 -48.16 30.31
O4' FAD M . -27.42 -47.37 31.12
C5' FAD M . -28.69 -49.41 31.08
O5' FAD M . -29.15 -49.07 32.41
P FAD M . -29.43 -50.25 33.49
O1P FAD M . -29.61 -49.57 34.82
O2P FAD M . -30.47 -51.17 32.91
O3P FAD M . -28.05 -51.08 33.50
N SAR N . -26.08 -43.71 23.45
CA SAR N . -24.63 -43.60 23.29
C SAR N . -23.87 -44.90 23.56
O SAR N . -24.40 -45.84 24.17
CN SAR N . -26.94 -42.53 23.22
OXT SAR N . -22.70 -45.04 23.17
PA FAD O . 11.78 -42.21 42.49
O1A FAD O . 11.42 -43.61 42.14
O2A FAD O . 10.98 -41.08 41.92
O5B FAD O . 11.77 -42.07 44.11
C5B FAD O . 11.66 -40.76 44.76
C4B FAD O . 10.61 -40.84 45.83
O4B FAD O . 10.75 -39.68 46.69
C3B FAD O . 9.15 -40.84 45.33
O3B FAD O . 8.39 -41.93 45.86
C2B FAD O . 8.60 -39.50 45.82
O2B FAD O . 7.23 -39.53 46.15
C1B FAD O . 9.45 -39.24 47.05
N9A FAD O . 9.54 -37.85 47.43
C8A FAD O . 9.47 -36.73 46.63
N7A FAD O . 9.58 -35.62 47.32
C5A FAD O . 9.73 -36.04 48.64
C6A FAD O . 9.90 -35.33 49.84
N6A FAD O . 9.94 -34.01 49.92
N1A FAD O . 10.02 -36.07 50.97
C2A FAD O . 9.97 -37.41 50.89
N3A FAD O . 9.82 -38.17 49.81
C4A FAD O . 9.71 -37.41 48.71
N1 FAD O . 15.15 -47.77 35.47
C2 FAD O . 15.83 -48.84 35.03
O2 FAD O . 16.93 -49.12 35.50
N3 FAD O . 15.32 -49.67 34.06
C4 FAD O . 14.11 -49.43 33.44
O4 FAD O . 13.72 -50.23 32.59
C4X FAD O . 13.40 -48.27 33.84
N5 FAD O . 12.25 -47.99 33.26
C5X FAD O . 11.60 -46.84 33.65
C6 FAD O . 10.38 -46.50 33.03
C7 FAD O . 9.68 -45.39 33.39
C7M FAD O . 8.38 -45.06 32.69
C8 FAD O . 10.19 -44.53 34.40
C8M FAD O . 9.45 -43.28 34.81
C9 FAD O . 11.36 -44.85 35.03
C9A FAD O . 12.10 -46.00 34.67
N10 FAD O . 13.31 -46.33 35.28
C10 FAD O . 13.99 -47.48 34.90
C1' FAD O . 13.76 -45.54 36.43
C2' FAD O . 15.13 -44.91 36.35
O2' FAD O . 16.12 -45.87 36.63
C3' FAD O . 15.16 -43.79 37.40
O3' FAD O . 16.38 -43.10 37.30
C4' FAD O . 14.98 -44.26 38.85
O4' FAD O . 13.73 -44.93 39.03
C5' FAD O . 15.02 -43.11 39.83
O5' FAD O . 14.81 -43.67 41.14
P FAD O . 14.72 -42.69 42.40
O1P FAD O . 14.56 -43.60 43.58
O2P FAD O . 15.81 -41.70 42.25
O3P FAD O . 13.33 -41.93 42.15
N SAR P . 15.33 -47.71 31.20
CA SAR P . 14.05 -47.70 30.53
C SAR P . 13.33 -46.35 30.64
O SAR P . 12.40 -46.12 29.87
CN SAR P . 16.27 -48.78 30.85
OXT SAR P . 13.65 -45.47 31.46
PA FAD Q . 13.36 32.77 28.93
O1A FAD Q . 12.47 31.68 28.42
O2A FAD Q . 13.42 34.19 28.49
O5B FAD Q . 13.34 32.70 30.53
C5B FAD Q . 14.01 33.69 31.33
C4B FAD Q . 13.10 34.01 32.51
O4B FAD Q . 13.86 34.65 33.57
C3B FAD Q . 11.93 34.95 32.16
O3B FAD Q . 10.71 34.46 32.70
C2B FAD Q . 12.34 36.27 32.81
O2B FAD Q . 11.24 37.05 33.25
C1B FAD Q . 13.15 35.78 34.01
N9A FAD Q . 14.05 36.78 34.50
C8A FAD Q . 14.70 37.80 33.83
N7A FAD Q . 15.44 38.55 34.64
C5A FAD Q . 15.29 37.96 35.90
C6A FAD Q . 15.83 38.26 37.16
N6A FAD Q . 16.68 39.25 37.40
N1A FAD Q . 15.43 37.47 38.20
C2A FAD Q . 14.63 36.43 37.96
N3A FAD Q . 14.06 36.06 36.81
C4A FAD Q . 14.43 36.88 35.81
N1 FAD Q . 12.81 27.44 21.10
C2 FAD Q . 12.78 26.26 20.45
O2 FAD Q . 13.51 25.34 20.79
N3 FAD Q . 11.89 25.98 19.50
C4 FAD Q . 11.03 26.93 19.01
O4 FAD Q . 10.23 26.60 18.13
C4X FAD Q . 11.09 28.23 19.58
N5 FAD Q . 10.29 29.16 19.14
C5X FAD Q . 10.41 30.40 19.70
C6 FAD Q . 9.59 31.43 19.21
C7 FAD Q . 9.65 32.71 19.74
C7M FAD Q . 8.74 33.78 19.19
C8 FAD Q . 10.60 32.98 20.77
C8M FAD Q . 10.74 34.34 21.41
C9 FAD Q . 11.34 31.96 21.30
C9A FAD Q . 11.30 30.67 20.74
N10 FAD Q . 12.11 29.64 21.22
C10 FAD Q . 12.04 28.39 20.66
C1' FAD Q . 12.88 29.86 22.45
C2' FAD Q . 14.36 29.66 22.40
O2' FAD Q . 14.70 28.30 22.39
C3' FAD Q . 14.99 30.33 23.63
O3' FAD Q . 16.39 30.27 23.41
C4' FAD Q . 14.72 29.76 25.02
O4' FAD Q . 13.33 29.75 25.37
C5' FAD Q . 15.44 30.55 26.08
O5' FAD Q . 15.03 30.05 27.37
P FAD Q . 15.49 30.79 28.68
O1P FAD Q . 14.93 29.99 29.83
O2P FAD Q . 16.97 31.01 28.60
O3P FAD Q . 14.84 32.23 28.61
N SAR R . 13.07 28.11 16.84
CA SAR R . 11.96 28.83 16.22
C SAR R . 12.01 30.28 16.67
O SAR R . 11.19 31.08 16.19
CN SAR R . 13.27 26.69 16.57
OXT SAR R . 12.86 30.64 17.53
PA FAD S . -22.98 48.70 23.80
O1A FAD S . -22.00 49.81 23.85
O2A FAD S . -22.80 47.38 23.13
O5B FAD S . -23.56 48.49 25.26
C5B FAD S . -24.45 47.38 25.58
C4B FAD S . -24.02 46.83 26.92
O4B FAD S . -25.08 46.00 27.45
C3B FAD S . -22.76 45.94 26.85
O3B FAD S . -21.78 46.26 27.83
C2B FAD S . -23.34 44.53 27.00
O2B FAD S . -22.43 43.62 27.58
C1B FAD S . -24.53 44.79 27.90
N9A FAD S . -25.53 43.73 27.89
C8A FAD S . -25.82 42.86 26.89
N7A FAD S . -26.77 42.02 27.23
C5A FAD S . -27.15 42.39 28.52
C6A FAD S . -28.10 41.89 29.43
N6A FAD S . -28.93 40.87 29.15
N1A FAD S . -28.20 42.50 30.65
C2A FAD S . -27.38 43.51 30.91
N3A FAD S . -26.44 44.05 30.13
C4A FAD S . -26.37 43.44 28.93
N1 FAD S . -19.77 55.45 17.79
C2 FAD S . -19.56 56.73 17.46
O2 FAD S . -20.43 57.58 17.64
N3 FAD S . -18.34 57.15 16.99
C4 FAD S . -17.33 56.26 16.65
O4 FAD S . -16.25 56.68 16.25
C4X FAD S . -17.56 54.91 16.91
N5 FAD S . -16.62 54.03 16.60
C5X FAD S . -16.90 52.70 16.83
C6 FAD S . -15.92 51.74 16.50
C7 FAD S . -16.16 50.40 16.69
C7M FAD S . -15.13 49.36 16.33
C8 FAD S . -17.39 49.99 17.26
C8M FAD S . -17.69 48.53 17.47
C9 FAD S . -18.31 50.92 17.65
C9A FAD S . -18.12 52.28 17.41
N10 FAD S . -19.07 53.24 17.74
C10 FAD S . -18.83 54.58 17.50
C1' FAD S . -20.23 52.87 18.58
C2' FAD S . -21.62 53.10 18.02
O2' FAD S . -22.07 54.42 18.19
C3' FAD S . -22.58 52.20 18.80
O3' FAD S . -23.83 52.33 18.13
C4' FAD S . -22.82 52.53 20.29
O4' FAD S . -21.63 52.42 21.09
C5' FAD S . -23.89 51.64 20.88
O5' FAD S . -23.90 51.73 22.34
P FAD S . -24.90 50.83 23.21
O1P FAD S . -24.86 51.44 24.60
O2P FAD S . -26.20 50.76 22.49
O3P FAD S . -24.30 49.35 23.14
N SAR T . -18.47 55.66 13.85
CA SAR T . -17.23 54.99 13.50
C SAR T . -17.36 53.47 13.51
O SAR T . -18.43 52.88 13.89
CN SAR T . -18.50 57.12 13.67
OXT SAR T . -16.34 52.84 13.16
PA FAD U . 15.17 65.27 -35.29
O1A FAD U . 13.70 65.02 -35.23
O2A FAD U . 16.13 64.23 -34.79
O5B FAD U . 15.54 65.65 -36.82
C5B FAD U . 16.91 65.61 -37.30
C4B FAD U . 16.92 64.95 -38.65
O4B FAD U . 18.25 65.06 -39.21
C3B FAD U . 16.55 63.46 -38.66
O3B FAD U . 15.50 63.21 -39.60
C2B FAD U . 17.89 62.76 -38.97
O2B FAD U . 17.76 61.53 -39.66
C1B FAD U . 18.61 63.82 -39.80
N9A FAD U . 20.08 63.74 -39.82
C8A FAD U . 20.93 63.28 -38.83
N7A FAD U . 22.20 63.36 -39.16
C5A FAD U . 22.19 63.93 -40.42
C6A FAD U . 23.23 64.29 -41.32
N6A FAD U . 24.52 64.13 -41.06
N1A FAD U . 22.87 64.84 -42.50
C2A FAD U . 21.56 65.02 -42.75
N3A FAD U . 20.51 64.72 -42.00
C4A FAD U . 20.90 64.17 -40.83
N1 FAD U . 8.28 67.58 -29.01
C2 FAD U . 7.27 68.34 -28.59
O2 FAD U . 7.33 69.57 -28.73
N3 FAD U . 6.14 67.79 -28.02
C4 FAD U . 6.04 66.44 -27.75
O4 FAD U . 5.03 65.95 -27.25
C4X FAD U . 7.14 65.62 -28.13
N5 FAD U . 7.08 64.33 -27.89
C5X FAD U . 8.18 63.59 -28.25
C6 FAD U . 8.14 62.21 -27.98
C7 FAD U . 9.20 61.38 -28.31
C7M FAD U . 9.09 59.91 -27.99
C8 FAD U . 10.34 61.94 -28.97
C8M FAD U . 11.51 61.08 -29.37
C9 FAD U . 10.36 63.28 -29.26
C9A FAD U . 9.30 64.14 -28.90
N10 FAD U . 9.32 65.51 -29.13
C10 FAD U . 8.24 66.30 -28.78
C1' FAD U . 10.40 66.14 -29.94
C2' FAD U . 11.31 67.15 -29.26
O2' FAD U . 10.80 68.48 -29.26
C3' FAD U . 12.59 67.12 -30.09
O3' FAD U . 13.57 67.86 -29.42
C4' FAD U . 12.48 67.66 -31.53
O4' FAD U . 11.62 66.84 -32.34
C5' FAD U . 13.84 67.74 -32.19
O5' FAD U . 13.70 68.17 -33.56
P FAD U . 14.97 68.14 -34.56
O1P FAD U . 14.41 68.39 -35.94
O2P FAD U . 16.05 69.00 -33.99
O3P FAD U . 15.49 66.62 -34.47
N SAR V . 7.30 66.86 -24.80
CA SAR V . 6.84 65.47 -24.67
C SAR V . 7.98 64.45 -24.74
O SAR V . 9.06 64.70 -25.30
CN SAR V . 6.31 67.97 -24.81
OXT SAR V . 7.84 63.33 -24.21
PA FAD W . -1.08 28.95 -41.68
O1A FAD W . 0.33 28.97 -41.19
O2A FAD W . -2.04 30.00 -41.20
O5B FAD W . -1.05 28.96 -43.30
C5B FAD W . -2.27 29.14 -44.06
C4B FAD W . -1.98 30.13 -45.17
O4B FAD W . -3.12 30.17 -46.08
C3B FAD W . -1.74 31.58 -44.73
O3B FAD W . -0.47 32.07 -45.14
C2B FAD W . -2.90 32.37 -45.36
O2B FAD W . -2.55 33.67 -45.78
C1B FAD W . -3.24 31.48 -46.56
N9A FAD W . -4.57 31.67 -47.09
C8A FAD W . -5.70 32.14 -46.45
N7A FAD W . -6.74 32.20 -47.25
C5A FAD W . -6.26 31.76 -48.47
C6A FAD W . -6.87 31.59 -49.73
N6A FAD W . -8.15 31.87 -49.97
N1A FAD W . -6.10 31.12 -50.74
C2A FAD W . -4.81 30.85 -50.50
N3A FAD W . -4.13 30.97 -49.36
C4A FAD W . -4.93 31.43 -48.38
N1 FAD W . 3.27 25.08 -34.05
C2 FAD W . 4.15 24.23 -33.49
O2 FAD W . 4.23 23.06 -33.88
N3 FAD W . 5.00 24.62 -32.49
C4 FAD W . 4.97 25.89 -31.96
O4 FAD W . 5.77 26.19 -31.08
C4X FAD W . 4.00 26.80 -32.49
N5 FAD W . 3.92 28.01 -31.99
C5X FAD W . 2.96 28.85 -32.51
C6 FAD W . 2.85 30.15 -31.99
C7 FAD W . 1.92 31.04 -32.46
C7M FAD W . 1.83 32.42 -31.87
C8 FAD W . 1.03 30.64 -33.51
C8M FAD W . -0.01 31.58 -34.06
C9 FAD W . 1.16 29.39 -34.04
C9A FAD W . 2.10 28.47 -33.56
N10 FAD W . 2.22 27.17 -34.07
C10 FAD W . 3.18 26.30 -33.57
C1' FAD W . 1.41 26.81 -35.27
C2' FAD W . 0.54 25.60 -35.16
O2' FAD W . 1.29 24.43 -35.31
C3' FAD W . -0.50 25.71 -36.29
O3' FAD W . -1.47 24.71 -36.10
C4' FAD W . 0.10 25.60 -37.70
O4' FAD W . 1.08 26.62 -37.93
C5' FAD W . -0.97 25.73 -38.76
O5' FAD W . -0.32 25.92 -40.05
P FAD W . -1.20 26.00 -41.38
O1P FAD W . -0.21 25.87 -42.50
O2P FAD W . -2.36 25.09 -41.22
O3P FAD W . -1.74 27.52 -41.37
N SAR X . 3.01 25.17 -29.80
CA SAR X . 3.18 26.44 -29.13
C SAR X . 2.05 27.43 -29.45
O SAR X . 2.03 28.52 -28.89
CN SAR X . 3.80 24.02 -29.33
OXT SAR X . 1.14 27.15 -30.27
#